data_1RZI
#
_entry.id   1RZI
#
_cell.length_a   73.430
_cell.length_b   111.645
_cell.length_c   133.309
_cell.angle_alpha   85.48
_cell.angle_beta   90.00
_cell.angle_gamma   89.71
#
_symmetry.space_group_name_H-M   'P 1'
#
loop_
_entity.id
_entity.type
_entity.pdbx_description
1 polymer 'Fab 47e light chain'
2 polymer 'Fab 47e heavy chain'
3 water water
#
loop_
_entity_poly.entity_id
_entity_poly.type
_entity_poly.pdbx_seq_one_letter_code
_entity_poly.pdbx_strand_id
1 'polypeptide(L)'
;DIQMTQSPSLSASVGDRVTITCRASQSISSYLNWYQQKPGKVPKLLIYAASSLQSGVPSRFSGSGSGTDFTLTISSLQPE
DFATYYCQQSYSTSHTFGQGTKLEIKRTVAAPSVFIFPPSDEQLKSGTASVVCLLNNFYPREAKVQWKVDNALQSGNSQE
SVTEQDSKDSTYSLSSTLTLSKADYEKHKVYACEVTHQGLSSPVTKSFNRGE
;
A,C,E,G,I,K,M,O
2 'polypeptide(L)'
;QVQLLQSGAEVKKPGSSVKVSCKASGGTFSSYAISWVRQAPGQGLEWMGGIIPVFGSANYAQKFQGRVTITADEATSTTY
MELSSLRSEDTAVYFCAKGGEDGDYLSDPFYYNHGMDVWGQGTTVTVASASTKGPSVFPLAPSSKSTSGGTAALGCLVKD
YFPEPVTVSWNSGALTSGVHTFPAVLQSSGLYSLSSVVTVPSSSLGTQTYICNVNHKPSNTKVDKKVEPK
;
B,D,F,H,J,L,N,P
#
# COMPACT_ATOMS: atom_id res chain seq x y z
N ILE A 2 -44.95 23.86 -4.15
CA ILE A 2 -45.72 22.82 -3.45
C ILE A 2 -45.67 23.05 -1.98
N GLN A 3 -44.50 23.43 -1.48
CA GLN A 3 -44.41 23.54 -0.06
C GLN A 3 -44.46 24.92 0.31
N MET A 4 -44.40 25.05 1.58
CA MET A 4 -44.46 26.42 2.01
C MET A 4 -43.62 26.55 3.21
N THR A 5 -42.82 27.60 3.25
CA THR A 5 -41.92 27.72 4.37
C THR A 5 -42.20 28.85 5.38
N GLN A 6 -42.44 28.49 6.65
CA GLN A 6 -42.69 29.44 7.78
C GLN A 6 -41.84 29.05 9.05
N SER A 7 -41.16 29.96 9.76
CA SER A 7 -40.56 29.57 11.07
C SER A 7 -41.92 29.72 11.92
N PRO A 8 -42.28 28.91 13.10
CA PRO A 8 -42.74 28.16 14.28
C PRO A 8 -43.34 29.00 15.38
N SER A 9 -42.56 29.95 15.87
CA SER A 9 -42.79 30.92 16.94
C SER A 9 -42.40 32.39 16.55
N LEU A 10 -42.04 33.17 17.59
CA LEU A 10 -41.73 34.62 17.61
C LEU A 10 -42.37 35.07 18.94
N SER A 11 -41.71 35.96 19.66
CA SER A 11 -42.24 36.53 20.89
C SER A 11 -42.06 38.02 20.72
N ALA A 12 -43.15 38.76 20.92
CA ALA A 12 -43.12 40.22 20.78
C ALA A 12 -43.85 40.86 21.97
N SER A 13 -43.83 42.19 22.05
CA SER A 13 -44.49 42.91 23.14
C SER A 13 -45.80 43.50 22.58
N VAL A 14 -46.49 44.32 23.37
CA VAL A 14 -47.72 44.93 22.86
C VAL A 14 -47.30 46.25 22.23
N GLY A 15 -47.76 46.49 21.01
CA GLY A 15 -47.41 47.70 20.31
C GLY A 15 -46.33 47.44 19.26
N ASP A 16 -45.45 46.49 19.57
CA ASP A 16 -44.35 46.13 18.69
C ASP A 16 -44.88 45.94 17.29
N ARG A 17 -44.01 46.11 16.29
CA ARG A 17 -44.39 45.89 14.89
C ARG A 17 -43.75 44.58 14.43
N VAL A 18 -44.47 43.82 13.61
CA VAL A 18 -43.94 42.57 13.14
C VAL A 18 -44.22 42.28 11.69
N THR A 19 -43.58 41.22 11.22
CA THR A 19 -43.78 40.75 9.86
C THR A 19 -43.47 39.26 9.88
N ILE A 20 -44.49 38.48 9.55
CA ILE A 20 -44.40 37.05 9.46
C ILE A 20 -44.12 36.78 7.97
N THR A 21 -42.93 36.27 7.65
CA THR A 21 -42.61 35.97 6.28
C THR A 21 -42.97 34.51 5.95
N CYS A 22 -43.69 34.26 4.85
CA CYS A 22 -43.99 32.90 4.38
C CYS A 22 -43.48 32.87 2.97
N ARG A 23 -42.47 32.02 2.74
CA ARG A 23 -41.88 31.86 1.41
C ARG A 23 -42.44 30.61 0.78
N ALA A 24 -42.29 30.51 -0.54
CA ALA A 24 -42.77 29.35 -1.28
C ALA A 24 -41.70 28.70 -2.14
N SER A 25 -41.76 27.38 -2.28
CA SER A 25 -40.80 26.58 -3.08
C SER A 25 -40.67 26.98 -4.58
N GLN A 26 -41.80 26.84 -5.26
CA GLN A 26 -42.05 27.21 -6.66
C GLN A 26 -42.95 28.43 -6.63
N SER A 27 -43.08 29.19 -7.71
CA SER A 27 -43.82 30.43 -7.62
C SER A 27 -45.34 30.33 -7.66
N ILE A 28 -46.00 31.14 -6.85
CA ILE A 28 -47.44 31.07 -6.81
C ILE A 28 -48.14 32.32 -7.25
N SER A 29 -47.36 33.38 -7.48
CA SER A 29 -47.94 34.64 -7.92
C SER A 29 -48.56 35.34 -6.71
N SER A 30 -49.88 35.33 -6.66
CA SER A 30 -50.62 35.97 -5.58
C SER A 30 -51.77 35.09 -5.12
N TYR A 31 -51.52 33.80 -5.00
CA TYR A 31 -52.54 32.87 -4.57
C TYR A 31 -52.12 32.30 -3.25
N LEU A 32 -51.80 33.20 -2.34
CA LEU A 32 -51.36 32.89 -0.99
C LEU A 32 -52.44 33.46 -0.12
N ASN A 33 -52.73 32.84 0.99
CA ASN A 33 -53.76 33.39 1.86
C ASN A 33 -53.27 33.29 3.26
N TRP A 34 -53.85 34.08 4.15
CA TRP A 34 -53.47 34.06 5.55
C TRP A 34 -54.69 33.83 6.42
N TYR A 35 -54.52 33.06 7.49
CA TYR A 35 -55.60 32.78 8.42
C TYR A 35 -55.13 32.99 9.84
N GLN A 36 -56.05 33.37 10.72
CA GLN A 36 -55.70 33.58 12.11
C GLN A 36 -56.51 32.59 12.93
N GLN A 37 -55.85 31.90 13.86
CA GLN A 37 -56.52 30.95 14.73
C GLN A 37 -55.94 30.92 16.14
N LYS A 38 -56.78 31.09 17.15
CA LYS A 38 -56.37 31.01 18.55
C LYS A 38 -56.90 29.64 19.01
N PRO A 39 -56.32 29.06 20.07
CA PRO A 39 -56.70 27.76 20.63
C PRO A 39 -58.19 27.41 20.67
N GLY A 40 -58.49 26.12 20.78
CA GLY A 40 -59.87 25.66 20.84
C GLY A 40 -60.87 26.37 19.95
N LYS A 41 -60.38 27.23 19.05
CA LYS A 41 -61.23 27.99 18.13
C LYS A 41 -60.98 27.63 16.67
N VAL A 42 -61.83 28.12 15.77
CA VAL A 42 -61.71 27.80 14.36
C VAL A 42 -60.98 28.86 13.56
N PRO A 43 -60.29 28.46 12.48
CA PRO A 43 -59.56 29.44 11.66
C PRO A 43 -60.45 30.57 11.11
N LYS A 44 -60.01 31.82 11.31
CA LYS A 44 -60.73 33.00 10.82
C LYS A 44 -59.86 33.56 9.68
N LEU A 45 -60.41 33.65 8.46
CA LEU A 45 -59.61 34.16 7.35
C LEU A 45 -59.30 35.63 7.52
N LEU A 46 -58.00 35.95 7.48
CA LEU A 46 -57.53 37.33 7.63
C LEU A 46 -57.28 37.92 6.25
N ILE A 47 -56.26 37.40 5.56
CA ILE A 47 -55.94 37.91 4.23
C ILE A 47 -56.02 36.83 3.14
N TYR A 48 -56.13 37.31 1.91
CA TYR A 48 -56.25 36.50 0.71
C TYR A 48 -55.87 37.43 -0.43
N ALA A 49 -55.62 36.86 -1.60
CA ALA A 49 -55.21 37.64 -2.77
C ALA A 49 -53.83 38.24 -2.50
N ALA A 50 -53.01 37.51 -1.73
CA ALA A 50 -51.69 38.00 -1.36
C ALA A 50 -51.76 39.25 -0.43
N SER A 51 -52.55 40.28 -0.80
CA SER A 51 -52.65 41.54 -0.02
C SER A 51 -54.06 42.06 0.31
N SER A 52 -55.14 41.26 0.22
CA SER A 52 -56.51 41.82 0.40
C SER A 52 -57.30 41.46 1.68
N LEU A 53 -57.30 42.37 2.66
CA LEU A 53 -57.99 42.20 3.95
C LEU A 53 -59.43 41.68 3.93
N GLN A 54 -59.65 40.59 4.65
CA GLN A 54 -60.98 40.02 4.72
C GLN A 54 -61.88 41.05 5.36
N SER A 55 -63.18 40.82 5.33
CA SER A 55 -64.08 41.77 5.93
C SER A 55 -64.01 41.68 7.46
N GLY A 56 -64.02 42.84 8.10
CA GLY A 56 -63.95 42.92 9.55
C GLY A 56 -62.54 42.95 10.12
N VAL A 57 -61.53 43.06 9.26
CA VAL A 57 -60.15 43.05 9.74
C VAL A 57 -59.53 44.42 10.03
N PRO A 58 -59.05 44.61 11.27
CA PRO A 58 -58.43 45.84 11.76
C PRO A 58 -57.34 46.32 10.81
N SER A 59 -57.18 47.64 10.68
CA SER A 59 -56.20 48.23 9.75
C SER A 59 -54.73 48.02 10.08
N ARG A 60 -54.47 47.35 11.20
CA ARG A 60 -53.09 47.10 11.55
C ARG A 60 -52.59 45.93 10.71
N PHE A 61 -53.55 45.14 10.26
CA PHE A 61 -53.26 43.99 9.41
C PHE A 61 -53.12 44.39 7.95
N SER A 62 -52.04 43.92 7.33
CA SER A 62 -51.76 44.17 5.93
C SER A 62 -50.90 43.05 5.37
N GLY A 63 -51.32 42.54 4.21
CA GLY A 63 -50.60 41.52 3.44
C GLY A 63 -49.83 42.31 2.33
N SER A 64 -48.84 41.69 1.66
CA SER A 64 -47.89 42.32 0.70
C SER A 64 -47.03 41.24 0.03
N GLY A 65 -46.60 41.41 -1.22
CA GLY A 65 -45.71 40.38 -1.79
C GLY A 65 -46.27 39.47 -2.88
N SER A 66 -45.36 39.10 -3.78
CA SER A 66 -45.58 38.25 -4.93
C SER A 66 -44.64 37.07 -5.03
N GLY A 67 -44.72 36.58 -6.25
CA GLY A 67 -43.98 35.47 -6.79
C GLY A 67 -43.94 34.28 -5.87
N THR A 68 -42.84 34.21 -5.14
CA THR A 68 -42.62 33.09 -4.25
C THR A 68 -42.54 33.45 -2.77
N ASP A 69 -42.44 34.74 -2.46
CA ASP A 69 -42.29 35.14 -1.08
C ASP A 69 -43.35 36.15 -0.64
N PHE A 70 -43.95 35.92 0.53
CA PHE A 70 -45.00 36.83 1.00
C PHE A 70 -44.89 37.30 2.46
N THR A 71 -45.58 38.38 2.77
CA THR A 71 -45.51 38.98 4.11
C THR A 71 -46.80 39.41 4.84
N LEU A 72 -46.99 38.93 6.06
CA LEU A 72 -48.12 39.39 6.85
C LEU A 72 -47.51 40.40 7.79
N THR A 73 -47.90 41.65 7.63
CA THR A 73 -47.29 42.67 8.45
C THR A 73 -48.23 43.28 9.44
N ILE A 74 -47.94 43.19 10.73
CA ILE A 74 -48.87 43.97 11.49
C ILE A 74 -48.22 45.18 12.15
N SER A 75 -48.99 46.28 11.94
CA SER A 75 -48.85 47.72 12.34
C SER A 75 -48.43 48.05 13.75
N SER A 76 -49.31 47.78 14.71
CA SER A 76 -49.00 47.97 16.12
C SER A 76 -49.62 46.70 16.64
N LEU A 77 -49.28 46.25 17.82
CA LEU A 77 -49.74 44.92 18.21
C LEU A 77 -50.73 44.79 19.33
N GLN A 78 -51.74 43.95 19.34
CA GLN A 78 -52.66 44.00 20.52
C GLN A 78 -52.92 42.68 21.25
N PRO A 79 -53.48 42.74 22.46
CA PRO A 79 -53.67 41.51 23.21
C PRO A 79 -54.21 40.25 22.51
N GLU A 80 -54.96 40.60 21.47
CA GLU A 80 -55.82 39.80 20.63
C GLU A 80 -55.13 39.15 19.43
N ASP A 81 -54.11 39.85 18.90
CA ASP A 81 -53.28 39.49 17.74
C ASP A 81 -52.29 38.39 18.02
N PHE A 82 -52.14 38.10 19.31
CA PHE A 82 -51.27 37.02 19.75
C PHE A 82 -52.06 35.72 19.59
N ALA A 83 -51.94 35.18 18.37
CA ALA A 83 -52.61 33.97 17.99
C ALA A 83 -51.57 33.22 17.20
N THR A 84 -52.03 32.37 16.30
CA THR A 84 -51.14 31.60 15.43
C THR A 84 -51.58 31.94 14.04
N TYR A 85 -50.65 32.36 13.21
CA TYR A 85 -50.99 32.72 11.85
C TYR A 85 -50.41 31.64 10.93
N TYR A 86 -51.24 31.15 10.02
CA TYR A 86 -50.89 30.09 9.06
C TYR A 86 -51.04 30.64 7.64
N CYS A 87 -50.06 30.39 6.78
CA CYS A 87 -50.23 30.87 5.43
C CYS A 87 -50.63 29.67 4.61
N GLN A 88 -51.29 29.92 3.50
CA GLN A 88 -51.75 28.85 2.66
C GLN A 88 -51.64 29.19 1.19
N GLN A 89 -51.00 28.29 0.46
CA GLN A 89 -50.83 28.41 -0.97
C GLN A 89 -52.16 27.91 -1.56
N SER A 90 -52.79 28.76 -2.37
CA SER A 90 -54.09 28.44 -2.99
C SER A 90 -53.98 28.59 -4.51
N TYR A 91 -52.79 28.26 -5.01
CA TYR A 91 -52.46 28.37 -6.43
C TYR A 91 -52.51 27.05 -7.19
N SER A 92 -51.82 26.04 -6.66
CA SER A 92 -51.78 24.73 -7.31
C SER A 92 -53.13 24.04 -7.24
N THR A 93 -53.11 22.73 -7.47
CA THR A 93 -54.31 21.89 -7.41
C THR A 93 -54.58 21.57 -5.95
N SER A 94 -53.48 21.35 -5.22
CA SER A 94 -53.51 21.03 -3.80
C SER A 94 -53.06 22.17 -2.90
N HIS A 95 -54.00 22.88 -2.29
CA HIS A 95 -53.66 24.00 -1.41
C HIS A 95 -52.69 23.47 -0.38
N THR A 96 -51.70 24.29 -0.02
CA THR A 96 -50.71 23.88 0.95
C THR A 96 -50.57 24.89 2.05
N PHE A 97 -50.35 24.41 3.26
CA PHE A 97 -50.18 25.31 4.39
C PHE A 97 -48.73 25.37 4.86
N GLY A 98 -48.40 26.47 5.54
CA GLY A 98 -47.07 26.63 6.11
C GLY A 98 -47.24 26.04 7.50
N GLN A 99 -46.18 25.75 8.23
CA GLN A 99 -46.35 25.15 9.55
C GLN A 99 -46.99 26.03 10.64
N GLY A 100 -47.10 27.35 10.40
CA GLY A 100 -47.70 28.24 11.36
C GLY A 100 -46.77 29.02 12.27
N THR A 101 -47.14 30.25 12.64
CA THR A 101 -46.30 31.09 13.50
C THR A 101 -47.02 31.61 14.73
N LYS A 102 -46.76 31.01 15.88
CA LYS A 102 -47.39 31.43 17.12
C LYS A 102 -46.74 32.68 17.71
N LEU A 103 -47.47 33.79 17.74
CA LEU A 103 -46.94 35.00 18.32
C LEU A 103 -47.33 34.92 19.76
N GLU A 104 -46.37 34.99 20.68
CA GLU A 104 -46.69 34.97 22.09
C GLU A 104 -46.19 36.27 22.68
N ILE A 105 -46.74 36.66 23.83
CA ILE A 105 -46.36 37.91 24.48
C ILE A 105 -45.03 37.89 25.23
N LYS A 106 -44.16 38.82 24.87
CA LYS A 106 -42.85 38.94 25.51
C LYS A 106 -43.08 39.60 26.88
N ARG A 107 -42.13 39.45 27.79
CA ARG A 107 -42.27 40.04 29.12
C ARG A 107 -41.02 39.75 29.91
N THR A 108 -40.97 40.14 31.19
CA THR A 108 -39.74 39.89 31.96
C THR A 108 -39.61 38.54 32.62
N VAL A 109 -38.39 38.02 32.58
CA VAL A 109 -38.06 36.72 33.14
C VAL A 109 -38.77 36.49 34.45
N ALA A 110 -39.16 35.23 34.63
CA ALA A 110 -39.86 34.75 35.81
C ALA A 110 -39.38 33.33 36.07
N ALA A 111 -38.45 33.19 37.02
CA ALA A 111 -37.91 31.89 37.41
C ALA A 111 -39.06 31.06 38.00
N PRO A 112 -39.21 29.81 37.53
CA PRO A 112 -40.28 28.94 38.03
C PRO A 112 -40.13 28.55 39.49
N SER A 113 -41.26 28.26 40.12
CA SER A 113 -41.28 27.84 41.52
C SER A 113 -41.70 26.38 41.50
N VAL A 114 -40.74 25.52 41.78
CA VAL A 114 -40.93 24.06 41.76
C VAL A 114 -41.81 23.45 42.84
N PHE A 115 -42.33 22.27 42.52
CA PHE A 115 -43.19 21.50 43.40
C PHE A 115 -43.04 20.04 43.05
N ILE A 116 -42.93 19.20 44.08
CA ILE A 116 -42.74 17.77 43.89
C ILE A 116 -43.69 16.90 44.72
N PHE A 117 -44.87 16.62 44.16
CA PHE A 117 -45.89 15.82 44.82
C PHE A 117 -45.59 14.32 44.79
N PRO A 118 -45.07 13.75 45.89
CA PRO A 118 -44.82 12.30 45.81
C PRO A 118 -46.15 11.57 45.51
N PRO A 119 -46.09 10.30 45.06
CA PRO A 119 -47.31 9.54 44.74
C PRO A 119 -48.36 9.53 45.82
N SER A 120 -49.58 9.31 45.38
CA SER A 120 -50.71 9.25 46.29
C SER A 120 -50.61 7.94 47.06
N ASP A 121 -51.75 7.29 47.26
CA ASP A 121 -51.81 6.01 47.96
C ASP A 121 -52.68 5.10 47.12
N GLU A 122 -53.80 5.63 46.65
CA GLU A 122 -54.76 4.87 45.84
C GLU A 122 -54.14 4.43 44.52
N GLN A 123 -53.16 5.22 44.07
CA GLN A 123 -52.49 4.86 42.85
C GLN A 123 -51.57 3.71 43.19
N LEU A 124 -50.69 3.91 44.17
CA LEU A 124 -49.72 2.89 44.59
C LEU A 124 -50.40 1.55 44.77
N LYS A 125 -51.58 1.58 45.37
CA LYS A 125 -52.32 0.36 45.59
C LYS A 125 -52.99 -0.14 44.33
N SER A 126 -53.11 0.74 43.34
CA SER A 126 -53.74 0.36 42.07
C SER A 126 -52.76 -0.46 41.23
N GLY A 127 -51.47 -0.31 41.49
CA GLY A 127 -50.49 -1.07 40.74
C GLY A 127 -49.35 -0.25 40.17
N THR A 128 -49.51 1.08 40.16
CA THR A 128 -48.47 1.96 39.62
C THR A 128 -48.16 3.18 40.50
N ALA A 129 -47.34 4.10 39.98
CA ALA A 129 -46.94 5.32 40.70
C ALA A 129 -46.39 6.45 39.82
N SER A 130 -47.15 7.55 39.74
CA SER A 130 -46.75 8.72 38.98
C SER A 130 -46.16 9.66 40.00
N VAL A 131 -45.13 10.39 39.61
CA VAL A 131 -44.50 11.34 40.53
C VAL A 131 -44.56 12.68 39.84
N VAL A 132 -45.36 13.59 40.40
CA VAL A 132 -45.55 14.92 39.81
C VAL A 132 -44.65 16.04 40.29
N CYS A 133 -43.87 16.59 39.37
CA CYS A 133 -42.93 17.68 39.63
C CYS A 133 -43.47 18.91 38.88
N LEU A 134 -44.21 19.80 39.56
CA LEU A 134 -44.79 20.99 38.92
C LEU A 134 -43.90 22.23 38.86
N LEU A 135 -44.16 23.10 37.88
CA LEU A 135 -43.42 24.36 37.71
C LEU A 135 -44.44 25.45 37.47
N ASN A 136 -44.59 26.32 38.47
CA ASN A 136 -45.58 27.38 38.42
C ASN A 136 -45.11 28.78 38.02
N ASN A 137 -45.82 29.34 37.04
CA ASN A 137 -45.62 30.67 36.50
C ASN A 137 -44.21 31.16 36.22
N PHE A 138 -43.71 30.82 35.04
CA PHE A 138 -42.37 31.20 34.64
C PHE A 138 -42.42 31.69 33.20
N TYR A 139 -41.35 32.37 32.80
CA TYR A 139 -41.20 32.89 31.43
C TYR A 139 -39.73 33.14 31.25
N PRO A 140 -39.19 32.84 30.05
CA PRO A 140 -39.87 32.29 28.88
C PRO A 140 -40.43 30.89 29.06
N ARG A 141 -40.88 30.28 27.96
CA ARG A 141 -41.47 28.94 27.96
C ARG A 141 -40.54 27.71 27.86
N GLU A 142 -39.24 27.93 27.71
CA GLU A 142 -38.33 26.80 27.57
C GLU A 142 -37.59 26.46 28.83
N ALA A 143 -38.28 25.86 29.79
CA ALA A 143 -37.65 25.45 31.05
C ALA A 143 -37.37 23.96 30.98
N LYS A 144 -36.13 23.56 31.18
CA LYS A 144 -35.74 22.15 31.12
C LYS A 144 -35.85 21.41 32.47
N VAL A 145 -36.30 20.17 32.43
CA VAL A 145 -36.47 19.37 33.64
C VAL A 145 -35.76 18.01 33.60
N GLN A 146 -34.77 17.82 34.45
CA GLN A 146 -34.06 16.55 34.47
C GLN A 146 -34.64 15.67 35.55
N TRP A 147 -34.89 14.41 35.23
CA TRP A 147 -35.42 13.50 36.24
C TRP A 147 -34.31 12.55 36.65
N LYS A 148 -34.07 12.47 37.96
CA LYS A 148 -33.05 11.63 38.55
C LYS A 148 -33.64 10.69 39.57
N VAL A 149 -33.19 9.44 39.57
CA VAL A 149 -33.69 8.48 40.52
C VAL A 149 -32.48 7.78 41.11
N ASP A 150 -32.42 7.74 42.44
CA ASP A 150 -31.28 7.13 43.11
C ASP A 150 -29.99 7.62 42.47
N ASN A 151 -29.96 8.92 42.14
CA ASN A 151 -28.80 9.53 41.52
C ASN A 151 -28.59 9.13 40.06
N ALA A 152 -29.54 8.38 39.50
CA ALA A 152 -29.45 7.93 38.12
C ALA A 152 -30.25 8.85 37.20
N LEU A 153 -29.73 9.10 35.99
CA LEU A 153 -30.41 9.95 35.03
C LEU A 153 -31.46 9.20 34.20
N GLN A 154 -32.70 9.64 34.33
CA GLN A 154 -33.83 9.04 33.63
C GLN A 154 -34.06 9.61 32.23
N SER A 155 -34.97 8.96 31.48
CA SER A 155 -35.36 9.34 30.11
C SER A 155 -36.30 8.32 29.46
N GLY A 156 -37.57 8.68 29.29
CA GLY A 156 -38.55 7.81 28.66
C GLY A 156 -39.78 7.51 29.50
N ASN A 157 -39.57 7.56 30.81
CA ASN A 157 -40.59 7.29 31.83
C ASN A 157 -41.33 8.51 32.34
N SER A 158 -40.82 9.68 31.96
CA SER A 158 -41.34 10.99 32.37
C SER A 158 -42.04 11.76 31.25
N GLN A 159 -43.26 12.22 31.52
CA GLN A 159 -43.97 12.99 30.52
C GLN A 159 -44.29 14.38 31.05
N GLU A 160 -44.07 15.38 30.18
CA GLU A 160 -44.26 16.79 30.50
C GLU A 160 -45.43 17.39 29.75
N SER A 161 -45.89 18.53 30.23
CA SER A 161 -47.00 19.25 29.62
C SER A 161 -46.94 20.71 30.00
N VAL A 162 -47.47 21.55 29.13
CA VAL A 162 -47.42 22.99 29.37
C VAL A 162 -48.71 23.77 29.12
N THR A 163 -49.11 24.51 30.14
CA THR A 163 -50.32 25.33 30.11
C THR A 163 -50.15 26.40 29.04
N GLU A 164 -51.23 26.76 28.36
CA GLU A 164 -51.13 27.81 27.34
C GLU A 164 -50.95 29.14 28.06
N GLN A 165 -50.13 30.01 27.48
CA GLN A 165 -49.83 31.30 28.08
C GLN A 165 -51.07 32.04 28.58
N ASP A 166 -50.92 32.59 29.79
CA ASP A 166 -51.97 33.32 30.48
C ASP A 166 -52.12 34.80 30.12
N SER A 167 -53.37 35.17 29.84
CA SER A 167 -53.74 36.53 29.45
C SER A 167 -53.36 37.62 30.45
N LYS A 168 -53.57 37.35 31.74
CA LYS A 168 -53.28 38.34 32.78
C LYS A 168 -51.80 38.68 32.99
N ASP A 169 -51.01 37.73 33.49
CA ASP A 169 -49.57 37.96 33.75
C ASP A 169 -48.65 37.35 32.71
N SER A 170 -49.26 36.65 31.75
CA SER A 170 -48.51 36.03 30.67
C SER A 170 -47.32 35.23 31.16
N THR A 171 -47.59 34.17 31.91
CA THR A 171 -46.52 33.31 32.39
C THR A 171 -46.83 31.92 31.89
N TYR A 172 -46.02 30.96 32.33
CA TYR A 172 -46.21 29.57 31.95
C TYR A 172 -46.13 28.69 33.17
N SER A 173 -46.77 27.54 33.08
CA SER A 173 -46.74 26.55 34.15
C SER A 173 -46.60 25.21 33.48
N LEU A 174 -45.52 24.51 33.80
CA LEU A 174 -45.22 23.20 33.23
C LEU A 174 -45.57 22.10 34.22
N SER A 175 -45.43 20.84 33.82
CA SER A 175 -45.75 19.73 34.72
C SER A 175 -45.24 18.39 34.24
N SER A 176 -44.11 17.98 34.78
CA SER A 176 -43.48 16.71 34.43
C SER A 176 -44.12 15.64 35.31
N THR A 177 -44.44 14.49 34.74
CA THR A 177 -45.07 13.46 35.54
C THR A 177 -44.37 12.14 35.27
N LEU A 178 -43.55 11.71 36.22
CA LEU A 178 -42.79 10.48 36.09
C LEU A 178 -43.52 9.28 36.69
N THR A 179 -44.00 8.42 35.79
CA THR A 179 -44.73 7.22 36.18
C THR A 179 -43.88 5.95 36.17
N LEU A 180 -44.08 5.10 37.18
CA LEU A 180 -43.36 3.82 37.33
C LEU A 180 -44.34 2.74 37.78
N SER A 181 -43.84 1.51 37.94
CA SER A 181 -44.68 0.39 38.37
C SER A 181 -44.44 0.13 39.85
N LYS A 182 -45.51 -0.18 40.58
CA LYS A 182 -45.40 -0.40 42.01
C LYS A 182 -44.04 -0.93 42.43
N ALA A 183 -43.70 -2.13 41.97
CA ALA A 183 -42.41 -2.75 42.31
C ALA A 183 -41.29 -1.77 42.01
N ASP A 184 -41.12 -1.50 40.72
CA ASP A 184 -40.12 -0.58 40.22
C ASP A 184 -39.93 0.58 41.18
N TYR A 185 -41.04 1.25 41.51
CA TYR A 185 -41.05 2.39 42.41
C TYR A 185 -40.56 2.13 43.82
N GLU A 186 -41.01 1.03 44.42
CA GLU A 186 -40.62 0.68 45.79
C GLU A 186 -39.16 0.27 45.88
N LYS A 187 -38.51 0.10 44.75
CA LYS A 187 -37.12 -0.31 44.72
C LYS A 187 -36.15 0.81 44.32
N HIS A 188 -36.25 1.95 45.03
CA HIS A 188 -35.41 3.13 44.81
C HIS A 188 -35.61 4.10 46.01
N LYS A 189 -34.58 4.85 46.38
CA LYS A 189 -34.69 5.75 47.53
C LYS A 189 -35.07 7.22 47.23
N VAL A 190 -34.14 8.00 46.66
CA VAL A 190 -34.39 9.41 46.34
C VAL A 190 -35.20 9.62 45.05
N TYR A 191 -35.87 10.76 44.97
CA TYR A 191 -36.68 11.11 43.82
C TYR A 191 -36.70 12.60 43.59
N ALA A 192 -35.74 13.08 42.78
CA ALA A 192 -35.64 14.50 42.50
C ALA A 192 -35.76 14.85 41.02
N CYS A 193 -36.05 16.12 40.77
CA CYS A 193 -36.17 16.62 39.43
C CYS A 193 -35.50 17.99 39.38
N GLU A 194 -34.26 18.01 38.91
CA GLU A 194 -33.51 19.24 38.79
C GLU A 194 -34.00 20.06 37.60
N VAL A 195 -34.25 21.34 37.83
CA VAL A 195 -34.75 22.23 36.78
C VAL A 195 -33.78 23.34 36.38
N THR A 196 -33.35 23.37 35.12
CA THR A 196 -32.46 24.41 34.68
C THR A 196 -33.40 25.35 33.96
N HIS A 197 -33.22 26.66 34.17
CA HIS A 197 -34.13 27.63 33.58
C HIS A 197 -33.50 28.97 33.27
N GLN A 198 -33.95 29.57 32.17
CA GLN A 198 -33.46 30.87 31.73
C GLN A 198 -33.47 31.87 32.86
N GLY A 199 -34.15 31.53 33.94
CA GLY A 199 -34.24 32.43 35.08
C GLY A 199 -33.44 32.03 36.30
N LEU A 200 -32.87 30.83 36.29
CA LEU A 200 -32.11 30.36 37.42
C LEU A 200 -30.64 30.17 37.13
N SER A 201 -29.82 30.97 37.80
CA SER A 201 -28.37 30.89 37.65
C SER A 201 -27.89 29.53 38.17
N SER A 202 -28.77 28.86 38.90
CA SER A 202 -28.47 27.56 39.48
C SER A 202 -29.71 26.66 39.48
N PRO A 203 -29.62 25.50 38.81
CA PRO A 203 -30.71 24.52 38.71
C PRO A 203 -31.28 24.15 40.07
N VAL A 204 -32.57 24.39 40.26
CA VAL A 204 -33.22 24.08 41.53
C VAL A 204 -33.63 22.60 41.60
N THR A 205 -33.46 21.98 42.77
CA THR A 205 -33.82 20.57 42.94
C THR A 205 -34.88 20.33 44.00
N LYS A 206 -35.84 19.48 43.65
CA LYS A 206 -36.96 19.12 44.51
C LYS A 206 -36.97 17.59 44.60
N SER A 207 -37.17 17.04 45.81
CA SER A 207 -37.18 15.57 45.98
C SER A 207 -37.82 15.06 47.26
N PHE A 208 -37.84 13.74 47.41
CA PHE A 208 -38.39 13.08 48.59
C PHE A 208 -38.00 11.61 48.55
N ASN A 209 -37.51 11.09 49.66
CA ASN A 209 -37.08 9.69 49.74
C ASN A 209 -38.29 8.81 50.06
N ARG A 210 -38.88 8.20 49.03
CA ARG A 210 -40.06 7.35 49.21
C ARG A 210 -40.07 6.65 50.55
N GLY A 211 -41.28 6.30 51.02
CA GLY A 211 -41.38 5.66 52.31
C GLY A 211 -40.91 6.63 53.38
N GLU A 212 -41.72 7.66 53.61
CA GLU A 212 -41.43 8.69 54.60
C GLU A 212 -42.69 9.48 54.94
N GLN B 1 -75.21 33.32 8.87
CA GLN B 1 -75.61 33.16 7.47
C GLN B 1 -75.39 31.72 6.99
N VAL B 2 -74.46 31.52 6.05
CA VAL B 2 -74.17 30.17 5.56
C VAL B 2 -73.44 29.46 6.70
N GLN B 3 -73.79 28.22 6.95
CA GLN B 3 -73.20 27.49 8.05
C GLN B 3 -72.75 26.09 7.67
N LEU B 4 -71.64 25.65 8.25
CA LEU B 4 -71.10 24.33 7.99
C LEU B 4 -71.32 23.47 9.20
N LEU B 5 -72.00 22.37 8.83
CA LEU B 5 -72.31 21.48 9.90
C LEU B 5 -71.72 20.12 9.72
N GLN B 6 -70.80 19.96 10.66
CA GLN B 6 -70.04 18.75 10.58
C GLN B 6 -70.63 17.62 11.40
N SER B 7 -70.10 16.41 11.21
CA SER B 7 -70.54 15.21 11.93
C SER B 7 -70.06 15.11 13.38
N GLY B 8 -70.49 14.06 14.06
CA GLY B 8 -70.12 13.86 15.45
C GLY B 8 -68.75 13.25 15.63
N ALA B 9 -68.16 13.47 16.81
CA ALA B 9 -66.83 12.96 17.15
C ALA B 9 -66.78 11.44 16.99
N GLU B 10 -65.72 10.94 16.37
CA GLU B 10 -65.57 9.51 16.13
C GLU B 10 -64.33 8.83 16.69
N VAL B 11 -64.52 7.67 17.32
CA VAL B 11 -63.44 6.88 17.89
C VAL B 11 -63.33 5.55 17.12
N LYS B 12 -62.56 5.56 16.04
CA LYS B 12 -62.36 4.40 15.18
C LYS B 12 -61.11 3.63 15.57
N LYS B 13 -61.16 2.30 15.45
CA LYS B 13 -60.01 1.45 15.78
C LYS B 13 -58.95 1.63 14.72
N PRO B 14 -57.67 1.54 15.11
CA PRO B 14 -56.50 1.68 14.23
C PRO B 14 -56.55 0.72 13.07
N GLY B 15 -57.40 1.01 12.08
CA GLY B 15 -57.53 0.14 10.93
C GLY B 15 -58.88 0.33 10.27
N SER B 16 -59.87 0.77 11.04
CA SER B 16 -61.17 0.98 10.45
C SER B 16 -61.10 2.07 9.37
N SER B 17 -62.25 2.63 9.03
CA SER B 17 -62.33 3.69 8.03
C SER B 17 -63.22 4.74 8.64
N VAL B 18 -63.56 5.77 7.86
CA VAL B 18 -64.43 6.80 8.39
C VAL B 18 -64.93 7.78 7.33
N LYS B 19 -66.21 8.10 7.38
CA LYS B 19 -66.81 9.04 6.45
C LYS B 19 -67.31 10.17 7.34
N VAL B 20 -67.21 11.41 6.86
CA VAL B 20 -67.65 12.57 7.64
C VAL B 20 -68.53 13.53 6.85
N SER B 21 -69.61 14.00 7.49
CA SER B 21 -70.55 14.95 6.87
C SER B 21 -70.02 16.37 7.00
N CYS B 22 -70.85 17.35 6.69
CA CYS B 22 -70.46 18.74 6.73
C CYS B 22 -71.55 19.47 5.96
N LYS B 23 -72.76 19.39 6.47
CA LYS B 23 -73.92 20.02 5.85
C LYS B 23 -73.65 21.51 5.71
N ALA B 24 -74.23 22.14 4.69
CA ALA B 24 -74.06 23.57 4.42
C ALA B 24 -75.42 24.28 4.33
N SER B 25 -75.83 24.94 5.41
CA SER B 25 -77.11 25.63 5.47
C SER B 25 -77.05 27.15 5.43
N GLY B 26 -76.84 27.71 4.25
CA GLY B 26 -76.79 29.15 4.12
C GLY B 26 -77.50 29.64 2.88
N GLY B 27 -76.76 29.68 1.77
CA GLY B 27 -77.33 30.13 0.52
C GLY B 27 -77.26 29.05 -0.54
N THR B 28 -76.30 29.19 -1.44
CA THR B 28 -76.14 28.21 -2.51
C THR B 28 -75.29 27.04 -2.02
N PHE B 29 -74.84 26.22 -2.96
CA PHE B 29 -73.98 25.08 -2.67
C PHE B 29 -73.18 25.01 -3.97
N SER B 30 -73.75 24.33 -4.96
CA SER B 30 -73.16 24.17 -6.28
C SER B 30 -71.79 24.82 -6.55
N SER B 31 -71.66 26.10 -6.24
CA SER B 31 -70.40 26.81 -6.47
C SER B 31 -69.44 26.84 -5.27
N TYR B 32 -69.99 26.88 -4.06
CA TYR B 32 -69.16 26.89 -2.84
C TYR B 32 -68.12 25.77 -2.97
N ALA B 33 -66.84 26.12 -2.95
CA ALA B 33 -65.76 25.14 -3.07
C ALA B 33 -65.40 24.52 -1.72
N ILE B 34 -65.94 23.34 -1.42
CA ILE B 34 -65.63 22.68 -0.14
C ILE B 34 -64.20 22.18 -0.13
N SER B 35 -63.59 22.22 1.06
CA SER B 35 -62.22 21.77 1.20
C SER B 35 -62.10 21.08 2.56
N TRP B 36 -61.25 20.07 2.67
CA TRP B 36 -61.08 19.37 3.93
C TRP B 36 -59.70 19.45 4.52
N VAL B 37 -59.59 20.12 5.67
CA VAL B 37 -58.31 20.29 6.35
C VAL B 37 -58.39 19.64 7.73
N ARG B 38 -57.33 18.91 8.10
CA ARG B 38 -57.29 18.27 9.42
C ARG B 38 -56.16 18.85 10.22
N GLN B 39 -56.26 18.75 11.54
CA GLN B 39 -55.24 19.31 12.41
C GLN B 39 -54.99 18.46 13.65
N ALA B 40 -53.89 17.70 13.63
CA ALA B 40 -53.51 16.86 14.75
C ALA B 40 -53.37 17.71 16.01
N PRO B 41 -53.04 17.09 17.14
CA PRO B 41 -52.87 17.87 18.38
C PRO B 41 -51.75 18.94 18.30
N GLY B 42 -52.13 20.21 18.43
CA GLY B 42 -51.13 21.25 18.35
C GLY B 42 -50.25 21.05 17.13
N GLN B 43 -50.89 21.05 15.96
CA GLN B 43 -50.21 20.90 14.68
C GLN B 43 -50.86 21.82 13.66
N GLY B 44 -50.09 22.16 12.64
CA GLY B 44 -50.62 23.03 11.60
C GLY B 44 -51.79 22.38 10.88
N LEU B 45 -52.54 23.19 10.15
CA LEU B 45 -53.66 22.70 9.40
C LEU B 45 -53.05 21.88 8.30
N GLU B 46 -53.83 20.97 7.74
CA GLU B 46 -53.32 20.07 6.72
C GLU B 46 -54.43 19.81 5.73
N TRP B 47 -54.31 20.38 4.56
CA TRP B 47 -55.33 20.23 3.54
C TRP B 47 -55.37 18.84 2.94
N MET B 48 -56.39 18.08 3.31
CA MET B 48 -56.55 16.73 2.82
C MET B 48 -57.08 16.65 1.39
N GLY B 49 -57.91 17.63 1.02
CA GLY B 49 -58.48 17.67 -0.32
C GLY B 49 -59.80 18.42 -0.42
N GLY B 50 -60.10 18.93 -1.61
CA GLY B 50 -61.35 19.65 -1.81
C GLY B 50 -62.11 19.20 -3.05
N ILE B 51 -63.11 19.98 -3.46
CA ILE B 51 -63.90 19.61 -4.61
C ILE B 51 -64.88 20.72 -4.99
N ILE B 52 -65.66 20.49 -6.04
CA ILE B 52 -66.67 21.45 -6.49
C ILE B 52 -67.80 20.69 -7.13
N PRO B 53 -68.99 20.71 -6.50
CA PRO B 53 -70.22 20.03 -6.94
C PRO B 53 -70.43 20.05 -8.44
N VAL B 54 -70.86 21.21 -8.93
CA VAL B 54 -71.10 21.42 -10.35
C VAL B 54 -70.04 20.76 -11.23
N PHE B 55 -68.92 20.36 -10.63
CA PHE B 55 -67.85 19.73 -11.38
C PHE B 55 -67.64 18.30 -10.94
N GLY B 56 -68.34 17.92 -9.87
CA GLY B 56 -68.28 16.56 -9.35
C GLY B 56 -66.94 15.97 -8.91
N SER B 57 -65.90 16.13 -9.72
CA SER B 57 -64.59 15.57 -9.39
C SER B 57 -63.82 16.41 -8.40
N ALA B 58 -62.97 15.73 -7.64
CA ALA B 58 -62.12 16.35 -6.64
C ALA B 58 -60.69 15.84 -6.78
N ASN B 59 -59.78 16.51 -6.08
CA ASN B 59 -58.37 16.14 -6.06
C ASN B 59 -57.93 16.15 -4.61
N TYR B 60 -57.04 15.23 -4.27
CA TYR B 60 -56.55 15.14 -2.92
C TYR B 60 -55.04 15.32 -2.93
N ALA B 61 -54.47 15.77 -1.81
CA ALA B 61 -53.04 15.96 -1.72
C ALA B 61 -52.33 14.61 -1.63
N GLN B 62 -51.15 14.55 -2.24
CA GLN B 62 -50.29 13.35 -2.31
C GLN B 62 -50.45 12.29 -1.21
N LYS B 63 -49.70 12.43 -0.13
CA LYS B 63 -49.75 11.43 0.94
C LYS B 63 -51.15 10.96 1.25
N PHE B 64 -52.16 11.74 0.88
CA PHE B 64 -53.52 11.32 1.18
C PHE B 64 -54.21 10.64 0.05
N GLN B 65 -53.46 10.33 -1.00
CA GLN B 65 -54.02 9.68 -2.19
C GLN B 65 -54.20 8.16 -2.08
N GLY B 66 -55.39 7.69 -2.47
CA GLY B 66 -55.65 6.28 -2.42
C GLY B 66 -56.40 5.86 -1.18
N ARG B 67 -56.18 6.57 -0.08
CA ARG B 67 -56.84 6.26 1.18
C ARG B 67 -57.89 7.30 1.57
N VAL B 68 -58.03 8.34 0.76
CA VAL B 68 -59.00 9.41 1.03
C VAL B 68 -60.02 9.55 -0.09
N THR B 69 -61.22 10.00 0.26
CA THR B 69 -62.28 10.18 -0.73
C THR B 69 -63.37 11.13 -0.25
N ILE B 70 -63.30 12.37 -0.74
CA ILE B 70 -64.26 13.42 -0.39
C ILE B 70 -65.31 13.59 -1.46
N THR B 71 -66.58 13.45 -1.10
CA THR B 71 -67.69 13.64 -2.04
C THR B 71 -68.62 14.78 -1.65
N ALA B 72 -69.62 15.02 -2.50
CA ALA B 72 -70.60 16.06 -2.25
C ALA B 72 -71.92 15.68 -2.90
N ASP B 73 -72.99 15.69 -2.11
CA ASP B 73 -74.31 15.35 -2.61
C ASP B 73 -75.17 16.60 -2.54
N GLU B 74 -74.98 17.49 -3.51
CA GLU B 74 -75.71 18.75 -3.61
C GLU B 74 -77.21 18.59 -3.35
N ALA B 75 -77.76 17.47 -3.80
CA ALA B 75 -79.17 17.19 -3.60
C ALA B 75 -79.46 17.28 -2.10
N THR B 76 -78.39 17.45 -1.32
CA THR B 76 -78.50 17.60 0.13
C THR B 76 -77.60 18.74 0.58
N SER B 77 -76.85 19.31 -0.36
CA SER B 77 -75.95 20.42 -0.05
C SER B 77 -74.91 20.04 1.01
N THR B 78 -74.49 18.79 0.99
CA THR B 78 -73.53 18.30 1.95
C THR B 78 -72.28 17.72 1.30
N THR B 79 -71.23 17.57 2.11
CA THR B 79 -69.97 17.04 1.64
C THR B 79 -69.56 15.87 2.51
N TYR B 80 -68.89 14.90 1.92
CA TYR B 80 -68.46 13.73 2.68
C TYR B 80 -66.98 13.43 2.54
N MET B 81 -66.34 13.23 3.67
CA MET B 81 -64.92 12.93 3.68
C MET B 81 -64.73 11.46 4.07
N GLU B 82 -64.18 10.69 3.15
CA GLU B 82 -63.94 9.26 3.36
C GLU B 82 -62.45 8.91 3.59
N LEU B 83 -62.08 8.51 4.81
CA LEU B 83 -60.68 8.17 5.11
C LEU B 83 -60.49 6.72 5.60
N SER B 84 -59.98 5.87 4.71
CA SER B 84 -59.74 4.45 4.97
C SER B 84 -58.55 4.04 5.85
N SER B 85 -57.92 2.91 5.51
CA SER B 85 -56.75 2.39 6.21
C SER B 85 -56.28 3.26 7.36
N LEU B 86 -57.04 3.32 8.43
CA LEU B 86 -56.65 4.18 9.54
C LEU B 86 -55.46 3.76 10.40
N ARG B 87 -54.74 4.78 10.84
CA ARG B 87 -53.57 4.63 11.69
C ARG B 87 -53.76 5.48 12.94
N SER B 88 -52.68 5.70 13.68
CA SER B 88 -52.77 6.50 14.89
C SER B 88 -52.50 7.99 14.64
N GLU B 89 -51.75 8.31 13.59
CA GLU B 89 -51.49 9.72 13.30
C GLU B 89 -52.58 10.33 12.48
N ASP B 90 -53.66 9.60 12.25
CA ASP B 90 -54.75 10.18 11.47
C ASP B 90 -55.69 10.85 12.47
N THR B 91 -55.40 10.71 13.76
CA THR B 91 -56.20 11.30 14.84
C THR B 91 -56.10 12.82 14.85
N ALA B 92 -57.24 13.50 14.77
CA ALA B 92 -57.21 14.95 14.77
C ALA B 92 -58.57 15.59 14.59
N VAL B 93 -58.60 16.92 14.61
CA VAL B 93 -59.82 17.69 14.41
C VAL B 93 -59.99 17.97 12.92
N TYR B 94 -60.93 17.29 12.29
CA TYR B 94 -61.14 17.44 10.87
C TYR B 94 -62.11 18.53 10.50
N PHE B 95 -61.63 19.52 9.75
CA PHE B 95 -62.45 20.64 9.29
C PHE B 95 -62.76 20.52 7.81
N CYS B 96 -63.85 21.18 7.40
CA CYS B 96 -64.30 21.23 6.01
C CYS B 96 -64.69 22.69 5.79
N ALA B 97 -63.91 23.40 4.99
CA ALA B 97 -64.18 24.80 4.74
C ALA B 97 -64.91 25.04 3.42
N LYS B 98 -65.23 26.30 3.17
CA LYS B 98 -65.93 26.71 1.98
C LYS B 98 -65.31 28.02 1.51
N GLY B 99 -65.44 28.34 0.24
CA GLY B 99 -64.85 29.57 -0.29
C GLY B 99 -65.68 30.33 -1.34
N GLY B 100 -66.83 29.78 -1.71
CA GLY B 100 -67.69 30.42 -2.69
C GLY B 100 -67.92 31.92 -2.47
N HIS B 114 -58.45 32.87 -4.47
CA HIS B 114 -59.27 32.10 -3.54
C HIS B 114 -59.46 32.83 -2.21
N GLY B 115 -59.37 32.10 -1.11
CA GLY B 115 -59.53 32.71 0.19
C GLY B 115 -59.92 31.76 1.28
N MET B 116 -61.12 31.18 1.13
CA MET B 116 -61.73 30.24 2.08
C MET B 116 -62.34 30.90 3.33
N ASP B 117 -63.50 31.50 3.08
CA ASP B 117 -64.33 32.22 4.02
C ASP B 117 -64.63 31.50 5.30
N VAL B 118 -65.79 30.85 5.28
CA VAL B 118 -66.39 30.10 6.38
C VAL B 118 -65.85 28.69 6.53
N TRP B 119 -65.83 28.23 7.78
CA TRP B 119 -65.36 26.89 8.10
C TRP B 119 -66.41 26.16 8.96
N GLY B 120 -66.11 24.94 9.36
CA GLY B 120 -67.03 24.18 10.19
C GLY B 120 -66.64 24.28 11.65
N GLN B 121 -67.31 23.51 12.50
CA GLN B 121 -67.03 23.50 13.93
C GLN B 121 -65.89 22.55 14.17
N GLY B 122 -65.65 21.70 13.19
CA GLY B 122 -64.59 20.71 13.26
C GLY B 122 -65.14 19.33 13.52
N THR B 123 -64.26 18.34 13.66
CA THR B 123 -64.62 16.94 13.93
C THR B 123 -63.47 16.23 14.64
N THR B 124 -63.75 15.62 15.79
CA THR B 124 -62.71 14.92 16.54
C THR B 124 -62.73 13.41 16.28
N VAL B 125 -61.79 12.93 15.49
CA VAL B 125 -61.66 11.51 15.18
C VAL B 125 -60.41 10.94 15.85
N THR B 126 -60.57 10.25 16.97
CA THR B 126 -59.41 9.67 17.62
C THR B 126 -59.30 8.26 17.12
N VAL B 127 -58.10 7.88 16.73
CA VAL B 127 -57.84 6.56 16.23
C VAL B 127 -56.81 6.00 17.18
N ALA B 128 -57.05 4.80 17.70
CA ALA B 128 -56.11 4.16 18.62
C ALA B 128 -56.74 2.87 19.12
N SER B 129 -55.91 1.84 19.26
CA SER B 129 -56.36 0.52 19.69
C SER B 129 -56.61 0.43 21.19
N ALA B 130 -57.47 1.29 21.70
CA ALA B 130 -57.81 1.30 23.11
C ALA B 130 -59.30 1.59 23.20
N SER B 131 -59.95 1.09 24.25
CA SER B 131 -61.39 1.29 24.42
C SER B 131 -61.72 2.41 25.39
N THR B 132 -62.93 2.95 25.28
CA THR B 132 -63.36 4.02 26.16
C THR B 132 -63.16 3.67 27.63
N LYS B 133 -62.97 4.68 28.47
CA LYS B 133 -62.74 4.42 29.87
C LYS B 133 -62.70 5.70 30.73
N GLY B 134 -63.55 5.74 31.76
CA GLY B 134 -63.55 6.90 32.64
C GLY B 134 -62.20 6.91 33.30
N PRO B 135 -61.71 8.06 33.77
CA PRO B 135 -60.39 8.14 34.43
C PRO B 135 -60.37 7.95 35.94
N SER B 136 -59.21 7.56 36.45
CA SER B 136 -59.06 7.40 37.89
C SER B 136 -58.88 8.84 38.39
N VAL B 137 -58.56 9.04 39.67
CA VAL B 137 -58.39 10.39 40.17
C VAL B 137 -57.58 10.36 41.46
N PHE B 138 -56.46 11.07 41.50
CA PHE B 138 -55.64 11.03 42.71
C PHE B 138 -55.17 12.37 43.28
N PRO B 139 -55.40 12.56 44.59
CA PRO B 139 -55.05 13.76 45.35
C PRO B 139 -53.56 14.07 45.37
N LEU B 140 -53.19 15.18 44.72
CA LEU B 140 -51.80 15.62 44.67
C LEU B 140 -51.45 16.32 45.95
N ALA B 141 -51.95 15.77 47.04
CA ALA B 141 -51.76 16.29 48.40
C ALA B 141 -50.68 17.34 48.63
N PRO B 142 -51.01 18.37 49.44
CA PRO B 142 -50.13 19.50 49.79
C PRO B 142 -49.32 19.28 51.09
N SER B 143 -48.00 19.20 50.96
CA SER B 143 -47.14 19.02 52.14
C SER B 143 -45.88 19.89 52.04
N SER B 144 -44.81 19.52 52.76
CA SER B 144 -43.58 20.30 52.74
C SER B 144 -43.14 20.62 51.31
N LYS B 145 -42.98 19.55 50.52
CA LYS B 145 -42.56 19.65 49.12
C LYS B 145 -43.78 20.03 48.28
N SER B 146 -44.30 21.22 48.57
CA SER B 146 -45.48 21.74 47.88
C SER B 146 -45.78 23.16 48.35
N THR B 147 -44.74 23.88 48.79
CA THR B 147 -44.91 25.25 49.29
C THR B 147 -43.68 26.14 49.16
N SER B 148 -43.89 27.43 49.38
CA SER B 148 -42.83 28.44 49.34
C SER B 148 -43.46 29.80 49.70
N GLY B 149 -42.90 30.44 50.72
CA GLY B 149 -43.42 31.72 51.17
C GLY B 149 -44.71 31.42 51.92
N GLY B 150 -45.77 32.14 51.55
CA GLY B 150 -47.05 31.91 52.19
C GLY B 150 -47.97 31.22 51.20
N THR B 151 -47.38 30.53 50.22
CA THR B 151 -48.16 29.83 49.20
C THR B 151 -47.86 28.35 49.07
N ALA B 152 -48.90 27.55 49.29
CA ALA B 152 -48.84 26.11 49.16
C ALA B 152 -49.74 25.84 47.98
N ALA B 153 -49.55 24.72 47.29
CA ALA B 153 -50.39 24.39 46.13
C ALA B 153 -50.75 22.93 46.01
N LEU B 154 -52.04 22.64 46.02
CA LEU B 154 -52.47 21.27 45.88
C LEU B 154 -52.74 21.05 44.39
N GLY B 155 -53.50 20.01 44.07
CA GLY B 155 -53.80 19.69 42.69
C GLY B 155 -54.43 18.32 42.57
N CYS B 156 -54.98 18.03 41.39
CA CYS B 156 -55.62 16.73 41.12
C CYS B 156 -55.03 16.02 39.89
N LEU B 157 -54.54 14.81 40.10
CA LEU B 157 -53.98 13.99 39.01
C LEU B 157 -55.05 13.06 38.41
N VAL B 158 -55.57 13.41 37.24
CA VAL B 158 -56.56 12.56 36.57
C VAL B 158 -55.73 11.62 35.70
N LYS B 159 -56.12 10.34 35.59
CA LYS B 159 -55.30 9.40 34.82
C LYS B 159 -56.00 8.21 34.14
N ASP B 160 -55.40 7.78 33.03
CA ASP B 160 -55.87 6.65 32.23
C ASP B 160 -57.30 6.67 31.70
N TYR B 161 -57.59 7.60 30.80
CA TYR B 161 -58.93 7.66 30.22
C TYR B 161 -58.88 7.66 28.68
N PHE B 162 -60.03 7.56 28.03
CA PHE B 162 -60.09 7.53 26.58
C PHE B 162 -61.54 7.61 26.11
N PRO B 163 -61.85 8.50 25.18
CA PRO B 163 -60.91 9.43 24.54
C PRO B 163 -61.04 10.82 25.16
N GLU B 164 -60.59 11.84 24.43
CA GLU B 164 -60.69 13.21 24.88
C GLU B 164 -62.16 13.58 24.85
N PRO B 165 -62.60 14.55 25.68
CA PRO B 165 -61.83 15.33 26.65
C PRO B 165 -62.40 15.14 28.06
N VAL B 166 -61.85 15.84 29.04
CA VAL B 166 -62.32 15.72 30.42
C VAL B 166 -62.30 17.09 31.09
N THR B 167 -63.42 17.53 31.63
CA THR B 167 -63.43 18.83 32.28
C THR B 167 -63.03 18.72 33.75
N VAL B 168 -62.65 19.84 34.35
CA VAL B 168 -62.21 19.87 35.75
C VAL B 168 -62.50 21.19 36.45
N SER B 169 -63.55 21.23 37.26
CA SER B 169 -63.91 22.44 38.01
C SER B 169 -63.67 22.20 39.50
N TRP B 170 -63.08 23.17 40.20
CA TRP B 170 -62.85 23.02 41.64
C TRP B 170 -64.01 23.57 42.48
N ASN B 171 -64.13 23.02 43.69
CA ASN B 171 -65.20 23.40 44.61
C ASN B 171 -66.43 23.74 43.80
N SER B 172 -66.69 22.90 42.80
CA SER B 172 -67.85 23.02 41.93
C SER B 172 -68.02 24.42 41.36
N GLY B 173 -66.97 24.94 40.74
CA GLY B 173 -67.07 26.26 40.16
C GLY B 173 -66.58 27.41 41.01
N ALA B 174 -66.69 27.27 42.32
CA ALA B 174 -66.25 28.33 43.24
C ALA B 174 -64.82 28.78 42.98
N LEU B 175 -63.84 27.94 43.33
CA LEU B 175 -62.43 28.26 43.14
C LEU B 175 -62.19 28.64 41.69
N THR B 176 -61.55 29.78 41.49
CA THR B 176 -61.32 30.25 40.13
C THR B 176 -59.91 30.75 39.87
N SER B 177 -59.30 31.34 40.89
CA SER B 177 -57.96 31.88 40.76
C SER B 177 -56.85 30.85 40.94
N GLY B 178 -55.73 31.07 40.24
CA GLY B 178 -54.57 30.20 40.32
C GLY B 178 -54.77 28.71 40.14
N VAL B 179 -55.56 28.35 39.13
CA VAL B 179 -55.86 26.95 38.84
C VAL B 179 -55.45 26.64 37.43
N HIS B 180 -54.36 25.90 37.29
CA HIS B 180 -53.84 25.54 35.97
C HIS B 180 -54.27 24.16 35.49
N THR B 181 -55.27 24.10 34.60
CA THR B 181 -55.68 22.79 34.09
C THR B 181 -54.88 22.42 32.86
N PHE B 182 -53.77 21.72 33.09
CA PHE B 182 -52.89 21.31 32.02
C PHE B 182 -53.53 20.61 30.82
N PRO B 183 -52.82 20.62 29.68
CA PRO B 183 -53.34 19.98 28.48
C PRO B 183 -53.24 18.49 28.71
N ALA B 184 -54.00 17.70 27.95
CA ALA B 184 -53.95 16.25 28.11
C ALA B 184 -52.64 15.71 27.60
N VAL B 185 -52.36 14.45 27.91
CA VAL B 185 -51.14 13.82 27.47
C VAL B 185 -51.47 12.44 26.96
N LEU B 186 -50.96 12.11 25.78
CA LEU B 186 -51.20 10.81 25.18
C LEU B 186 -50.16 9.85 25.73
N GLN B 187 -50.58 8.67 26.16
CA GLN B 187 -49.64 7.68 26.70
C GLN B 187 -49.39 6.51 25.75
N SER B 188 -48.26 5.83 25.95
CA SER B 188 -47.93 4.68 25.13
C SER B 188 -49.15 3.76 25.21
N SER B 189 -49.60 3.54 26.45
CA SER B 189 -50.75 2.72 26.79
C SER B 189 -51.94 2.94 25.84
N GLY B 190 -52.18 4.19 25.48
CA GLY B 190 -53.27 4.49 24.56
C GLY B 190 -54.16 5.58 25.11
N LEU B 191 -54.28 5.54 26.44
CA LEU B 191 -55.10 6.49 27.18
C LEU B 191 -54.32 7.75 27.51
N TYR B 192 -55.06 8.84 27.68
CA TYR B 192 -54.49 10.14 28.01
C TYR B 192 -54.47 10.35 29.51
N SER B 193 -53.96 11.50 29.93
CA SER B 193 -53.87 11.82 31.34
C SER B 193 -53.45 13.28 31.52
N LEU B 194 -53.98 13.95 32.53
CA LEU B 194 -53.61 15.33 32.83
C LEU B 194 -53.78 15.56 34.30
N SER B 195 -53.69 16.81 34.71
CA SER B 195 -53.86 17.18 36.12
C SER B 195 -54.13 18.66 36.26
N SER B 196 -54.60 19.08 37.41
CA SER B 196 -54.86 20.50 37.64
C SER B 196 -54.39 20.96 39.01
N VAL B 197 -53.30 21.72 39.03
CA VAL B 197 -52.80 22.23 40.30
C VAL B 197 -53.45 23.58 40.55
N VAL B 198 -53.58 23.92 41.82
CA VAL B 198 -54.14 25.20 42.21
C VAL B 198 -53.29 25.68 43.36
N THR B 199 -52.49 26.70 43.09
CA THR B 199 -51.62 27.29 44.09
C THR B 199 -52.45 28.30 44.89
N VAL B 200 -52.76 27.93 46.14
CA VAL B 200 -53.57 28.76 47.02
C VAL B 200 -52.72 29.16 48.23
N PRO B 201 -53.35 29.81 49.22
CA PRO B 201 -52.70 30.28 50.46
C PRO B 201 -52.36 29.16 51.43
N SER B 202 -51.14 29.16 51.93
CA SER B 202 -50.70 28.16 52.88
C SER B 202 -51.72 28.06 54.00
N SER B 203 -51.90 29.17 54.69
CA SER B 203 -52.84 29.26 55.79
C SER B 203 -54.20 28.58 55.51
N SER B 204 -54.80 28.91 54.37
CA SER B 204 -56.11 28.37 53.96
C SER B 204 -56.22 26.86 53.79
N LEU B 205 -55.35 26.09 54.44
CA LEU B 205 -55.41 24.64 54.33
C LEU B 205 -56.28 23.99 55.39
N GLY B 206 -56.02 24.34 56.64
CA GLY B 206 -56.80 23.78 57.73
C GLY B 206 -58.15 24.46 57.84
N THR B 207 -58.32 25.53 57.07
CA THR B 207 -59.56 26.30 57.09
C THR B 207 -60.58 26.01 56.00
N GLN B 208 -60.15 25.93 54.74
CA GLN B 208 -61.10 25.69 53.65
C GLN B 208 -61.11 24.27 53.10
N THR B 209 -62.13 23.95 52.31
CA THR B 209 -62.29 22.62 51.70
C THR B 209 -61.77 22.62 50.26
N TYR B 210 -61.05 21.56 49.89
CA TYR B 210 -60.53 21.47 48.54
C TYR B 210 -60.90 20.19 47.82
N ILE B 211 -61.85 20.32 46.88
CA ILE B 211 -62.39 19.23 46.07
C ILE B 211 -62.40 19.54 44.56
N CYS B 212 -61.83 18.65 43.74
CA CYS B 212 -61.83 18.86 42.30
C CYS B 212 -62.99 18.09 41.67
N ASN B 213 -63.52 18.64 40.57
CA ASN B 213 -64.66 18.06 39.84
C ASN B 213 -64.36 17.57 38.44
N VAL B 214 -63.72 16.43 38.33
CA VAL B 214 -63.42 15.85 37.04
C VAL B 214 -64.69 15.28 36.44
N ASN B 215 -64.76 15.22 35.13
CA ASN B 215 -65.93 14.66 34.49
C ASN B 215 -65.61 14.24 33.06
N HIS B 216 -65.90 12.98 32.75
CA HIS B 216 -65.66 12.45 31.42
C HIS B 216 -66.96 11.89 30.88
N LYS B 217 -67.65 12.70 30.08
CA LYS B 217 -68.93 12.29 29.51
C LYS B 217 -68.86 11.20 28.43
N PRO B 218 -67.72 11.07 27.73
CA PRO B 218 -67.65 10.02 26.70
C PRO B 218 -67.90 8.66 27.34
N SER B 219 -67.83 8.62 28.67
CA SER B 219 -68.06 7.40 29.43
C SER B 219 -68.91 7.70 30.64
N ASN B 220 -69.82 8.67 30.52
CA ASN B 220 -70.70 9.05 31.63
C ASN B 220 -70.00 8.87 32.96
N THR B 221 -69.35 9.92 33.44
CA THR B 221 -68.64 9.83 34.70
C THR B 221 -68.46 11.21 35.26
N LYS B 222 -68.46 11.30 36.59
CA LYS B 222 -68.30 12.58 37.27
C LYS B 222 -67.65 12.36 38.63
N VAL B 223 -66.49 11.73 38.63
CA VAL B 223 -65.77 11.47 39.86
C VAL B 223 -65.49 12.76 40.60
N ASP B 224 -65.38 12.67 41.92
CA ASP B 224 -65.07 13.80 42.79
C ASP B 224 -64.16 13.31 43.92
N LYS B 225 -63.02 13.97 44.07
CA LYS B 225 -62.06 13.60 45.09
C LYS B 225 -61.88 14.80 46.01
N LYS B 226 -60.89 14.73 46.88
CA LYS B 226 -60.58 15.80 47.82
C LYS B 226 -59.10 15.77 48.17
N VAL B 227 -58.37 16.81 47.82
CA VAL B 227 -56.95 16.83 48.13
C VAL B 227 -56.72 17.30 49.58
N GLU B 228 -55.80 16.64 50.29
CA GLU B 228 -55.50 16.99 51.68
C GLU B 228 -54.06 16.63 52.05
N PRO B 229 -53.51 17.22 53.13
CA PRO B 229 -52.14 16.97 53.58
C PRO B 229 -51.92 15.61 54.25
N ASP C 1 -28.72 16.62 -25.60
CA ASP C 1 -29.20 17.89 -26.25
C ASP C 1 -29.48 17.66 -27.75
N ILE C 2 -29.84 18.73 -28.46
CA ILE C 2 -30.09 18.63 -29.88
C ILE C 2 -28.80 18.94 -30.63
N GLN C 3 -28.68 18.41 -31.84
CA GLN C 3 -27.48 18.62 -32.63
C GLN C 3 -27.83 19.23 -33.98
N MET C 4 -27.31 20.43 -34.22
CA MET C 4 -27.56 21.06 -35.50
C MET C 4 -26.39 20.71 -36.38
N THR C 5 -26.67 19.86 -37.36
CA THR C 5 -25.68 19.39 -38.30
C THR C 5 -25.82 20.13 -39.61
N GLN C 6 -24.68 20.57 -40.13
CA GLN C 6 -24.67 21.34 -41.35
C GLN C 6 -23.27 21.38 -42.04
N SER C 7 -23.20 21.53 -43.38
CA SER C 7 -21.92 21.68 -44.27
C SER C 7 -20.60 21.61 -43.44
N PRO C 8 -19.36 22.26 -43.40
CA PRO C 8 -18.13 23.08 -43.50
C PRO C 8 -17.83 24.39 -44.20
N SER C 9 -17.64 24.07 -45.47
CA SER C 9 -17.24 24.76 -46.68
C SER C 9 -18.09 24.54 -47.94
N LEU C 10 -18.22 25.62 -48.70
CA LEU C 10 -18.95 25.60 -49.95
C LEU C 10 -18.28 26.61 -50.88
N SER C 11 -17.57 26.10 -51.87
CA SER C 11 -16.92 26.97 -52.82
C SER C 11 -17.97 27.20 -53.87
N ALA C 12 -18.28 28.45 -54.13
CA ALA C 12 -19.29 28.80 -55.11
C ALA C 12 -18.76 29.91 -55.99
N SER C 13 -19.59 30.41 -56.90
CA SER C 13 -19.18 31.49 -57.77
C SER C 13 -20.21 32.59 -57.64
N VAL C 14 -19.99 33.71 -58.30
CA VAL C 14 -20.96 34.81 -58.26
C VAL C 14 -22.00 34.52 -59.35
N GLY C 15 -23.27 34.66 -58.99
CA GLY C 15 -24.34 34.39 -59.94
C GLY C 15 -24.88 32.99 -59.74
N ASP C 16 -24.10 32.19 -59.01
CA ASP C 16 -24.43 30.80 -58.69
C ASP C 16 -25.70 30.69 -57.84
N ARG C 17 -26.20 29.47 -57.65
CA ARG C 17 -27.35 29.26 -56.79
C ARG C 17 -26.88 28.30 -55.69
N VAL C 18 -27.15 28.66 -54.44
CA VAL C 18 -26.72 27.84 -53.31
C VAL C 18 -27.77 27.45 -52.27
N THR C 19 -27.81 26.17 -51.92
CA THR C 19 -28.76 25.71 -50.93
C THR C 19 -28.01 25.03 -49.79
N ILE C 20 -27.92 25.75 -48.67
CA ILE C 20 -27.24 25.27 -47.48
C ILE C 20 -28.28 24.63 -46.57
N THR C 21 -28.16 23.33 -46.33
CA THR C 21 -29.14 22.65 -45.47
C THR C 21 -28.54 22.42 -44.11
N CYS C 22 -29.36 22.43 -43.07
CA CYS C 22 -28.87 22.19 -41.72
C CYS C 22 -29.86 21.28 -41.05
N ARG C 23 -29.48 20.03 -40.85
CA ARG C 23 -30.38 19.05 -40.25
C ARG C 23 -30.31 18.94 -38.71
N ALA C 24 -31.50 18.75 -38.13
CA ALA C 24 -31.65 18.63 -36.69
C ALA C 24 -31.67 17.17 -36.24
N SER C 25 -31.33 16.95 -34.96
CA SER C 25 -31.31 15.60 -34.40
C SER C 25 -32.70 15.17 -33.95
N GLN C 26 -33.53 16.16 -33.63
CA GLN C 26 -34.90 15.92 -33.19
C GLN C 26 -35.80 17.12 -33.52
N SER C 27 -37.01 16.85 -34.02
CA SER C 27 -38.00 17.85 -34.41
C SER C 27 -37.92 19.26 -33.85
N ILE C 28 -37.47 20.22 -34.65
CA ILE C 28 -37.39 21.61 -34.19
C ILE C 28 -38.50 22.42 -34.89
N SER C 29 -39.62 21.76 -35.13
CA SER C 29 -40.77 22.38 -35.77
C SER C 29 -40.34 23.37 -36.83
N SER C 30 -40.20 24.63 -36.44
CA SER C 30 -39.81 25.67 -37.37
C SER C 30 -38.83 26.71 -36.78
N TYR C 31 -38.62 26.66 -35.47
CA TYR C 31 -37.74 27.61 -34.82
C TYR C 31 -36.28 27.59 -35.28
N LEU C 32 -36.04 27.35 -36.56
CA LEU C 32 -34.70 27.34 -37.07
C LEU C 32 -34.36 28.75 -37.55
N ASN C 33 -33.18 29.26 -37.19
CA ASN C 33 -32.78 30.61 -37.61
C ASN C 33 -31.41 30.59 -38.26
N TRP C 34 -31.27 31.33 -39.35
CA TRP C 34 -30.01 31.38 -40.06
C TRP C 34 -29.30 32.69 -39.81
N TYR C 35 -28.08 32.61 -39.28
CA TYR C 35 -27.33 33.81 -39.02
C TYR C 35 -26.23 33.93 -40.06
N GLN C 36 -25.57 35.08 -40.07
CA GLN C 36 -24.47 35.30 -41.00
C GLN C 36 -23.35 36.00 -40.26
N GLN C 37 -22.13 35.80 -40.73
CA GLN C 37 -20.98 36.43 -40.11
C GLN C 37 -19.88 36.57 -41.15
N LYS C 38 -18.97 37.49 -40.89
CA LYS C 38 -17.84 37.75 -41.78
C LYS C 38 -16.58 37.94 -40.95
N PRO C 39 -15.40 37.93 -41.60
CA PRO C 39 -14.14 38.11 -40.87
C PRO C 39 -14.15 39.34 -39.96
N GLY C 40 -14.16 39.09 -38.65
CA GLY C 40 -14.14 40.18 -37.70
C GLY C 40 -15.47 40.82 -37.31
N LYS C 41 -16.41 40.90 -38.24
CA LYS C 41 -17.68 41.53 -37.93
C LYS C 41 -18.73 40.68 -37.21
N VAL C 42 -19.55 41.37 -36.42
CA VAL C 42 -20.63 40.78 -35.62
C VAL C 42 -21.52 39.83 -36.44
N PRO C 43 -22.16 38.86 -35.76
CA PRO C 43 -23.04 37.90 -36.43
C PRO C 43 -24.33 38.61 -36.80
N LYS C 44 -25.06 38.08 -37.76
CA LYS C 44 -26.31 38.73 -38.13
C LYS C 44 -27.45 37.71 -38.27
N LEU C 45 -28.63 38.07 -37.76
CA LEU C 45 -29.78 37.18 -37.87
C LEU C 45 -30.37 37.53 -39.20
N LEU C 46 -30.31 36.62 -40.16
CA LEU C 46 -30.86 36.90 -41.46
C LEU C 46 -32.20 36.23 -41.61
N ILE C 47 -32.40 35.15 -40.89
CA ILE C 47 -33.65 34.42 -40.99
C ILE C 47 -33.98 33.75 -39.67
N TYR C 48 -35.25 33.86 -39.28
CA TYR C 48 -35.75 33.23 -38.06
C TYR C 48 -37.06 32.56 -38.44
N ALA C 49 -37.51 31.65 -37.60
CA ALA C 49 -38.75 30.94 -37.86
C ALA C 49 -38.65 30.25 -39.22
N ALA C 50 -37.69 29.36 -39.37
CA ALA C 50 -37.51 28.65 -40.62
C ALA C 50 -37.56 29.63 -41.79
N SER C 51 -38.68 29.63 -42.48
CA SER C 51 -38.89 30.48 -43.65
C SER C 51 -39.18 31.95 -43.38
N SER C 52 -39.26 32.36 -42.11
CA SER C 52 -39.60 33.75 -41.82
C SER C 52 -38.46 34.77 -41.86
N LEU C 53 -38.24 35.30 -43.07
CA LEU C 53 -37.20 36.29 -43.34
C LEU C 53 -37.18 37.41 -42.30
N GLN C 54 -36.12 38.22 -42.33
CA GLN C 54 -35.97 39.33 -41.39
C GLN C 54 -35.75 40.64 -42.12
N SER C 55 -36.21 41.71 -41.49
CA SER C 55 -36.10 43.05 -42.05
C SER C 55 -34.68 43.48 -42.36
N GLY C 56 -34.51 44.14 -43.49
CA GLY C 56 -33.21 44.60 -43.88
C GLY C 56 -32.45 43.46 -44.51
N VAL C 57 -33.16 42.58 -45.23
CA VAL C 57 -32.51 41.45 -45.88
C VAL C 57 -32.81 41.41 -47.37
N PRO C 58 -31.78 41.13 -48.19
CA PRO C 58 -32.01 41.07 -49.62
C PRO C 58 -32.98 39.95 -49.97
N SER C 59 -33.43 39.94 -51.21
CA SER C 59 -34.37 38.91 -51.65
C SER C 59 -33.66 37.78 -52.37
N ARG C 60 -32.34 37.69 -52.22
CA ARG C 60 -31.62 36.62 -52.87
C ARG C 60 -31.65 35.40 -51.93
N PHE C 61 -31.87 35.68 -50.65
CA PHE C 61 -31.94 34.64 -49.63
C PHE C 61 -33.31 34.00 -49.61
N SER C 62 -33.56 33.17 -48.61
CA SER C 62 -34.84 32.48 -48.45
C SER C 62 -34.60 31.19 -47.74
N GLY C 63 -35.45 30.96 -46.74
CA GLY C 63 -35.38 29.76 -45.95
C GLY C 63 -36.64 28.94 -46.10
N SER C 64 -36.48 27.62 -46.07
CA SER C 64 -37.60 26.72 -46.19
C SER C 64 -37.39 25.52 -45.27
N GLY C 65 -38.36 24.64 -45.21
CA GLY C 65 -38.23 23.47 -44.38
C GLY C 65 -39.02 23.59 -43.10
N SER C 66 -38.86 22.58 -42.24
CA SER C 66 -39.54 22.53 -40.96
C SER C 66 -39.43 21.13 -40.39
N GLY C 67 -39.39 21.04 -39.06
CA GLY C 67 -39.29 19.74 -38.44
C GLY C 67 -37.86 19.25 -38.19
N THR C 68 -37.10 19.00 -39.26
CA THR C 68 -35.73 18.49 -39.11
C THR C 68 -34.78 18.76 -40.28
N ASP C 69 -35.36 18.94 -41.46
CA ASP C 69 -34.63 19.16 -42.72
C ASP C 69 -34.81 20.59 -43.28
N PHE C 70 -34.13 21.55 -42.67
CA PHE C 70 -34.21 22.95 -43.07
C PHE C 70 -33.25 23.38 -44.18
N THR C 71 -33.60 24.47 -44.86
CA THR C 71 -32.81 24.98 -45.98
C THR C 71 -32.75 26.51 -46.15
N LEU C 72 -31.52 27.03 -46.31
CA LEU C 72 -31.30 28.44 -46.58
C LEU C 72 -30.72 28.52 -47.98
N THR C 73 -31.51 28.99 -48.96
CA THR C 73 -30.98 29.07 -50.32
C THR C 73 -30.64 30.49 -50.71
N ILE C 74 -29.76 30.66 -51.71
CA ILE C 74 -29.39 31.99 -52.20
C ILE C 74 -29.44 32.08 -53.72
N SER C 75 -30.51 32.72 -54.20
CA SER C 75 -30.83 32.93 -55.60
C SER C 75 -29.68 33.14 -56.58
N SER C 76 -28.80 34.09 -56.29
CA SER C 76 -27.69 34.35 -57.18
C SER C 76 -26.59 35.17 -56.51
N LEU C 77 -25.86 34.50 -55.62
CA LEU C 77 -24.76 35.07 -54.85
C LEU C 77 -24.15 36.40 -55.32
N GLN C 78 -23.84 37.25 -54.34
CA GLN C 78 -23.25 38.55 -54.59
C GLN C 78 -21.92 38.53 -53.88
N PRO C 79 -20.90 39.22 -54.41
CA PRO C 79 -19.58 39.30 -53.78
C PRO C 79 -19.60 39.47 -52.26
N GLU C 80 -20.67 40.07 -51.73
CA GLU C 80 -20.75 40.26 -50.30
C GLU C 80 -21.53 39.15 -49.57
N ASP C 81 -22.02 38.16 -50.31
CA ASP C 81 -22.72 37.07 -49.69
C ASP C 81 -21.74 35.99 -49.23
N PHE C 82 -20.48 36.11 -49.62
CA PHE C 82 -19.47 35.15 -49.19
C PHE C 82 -19.05 35.38 -47.74
N ALA C 83 -19.43 34.43 -46.89
CA ALA C 83 -19.14 34.47 -45.46
C ALA C 83 -19.77 33.27 -44.77
N THR C 84 -19.39 33.03 -43.53
CA THR C 84 -19.92 31.90 -42.78
C THR C 84 -21.44 32.01 -42.58
N TYR C 85 -22.14 30.87 -42.50
CA TYR C 85 -23.58 30.88 -42.27
C TYR C 85 -23.97 29.88 -41.21
N TYR C 86 -24.38 30.37 -40.04
CA TYR C 86 -24.77 29.48 -38.95
C TYR C 86 -26.24 29.16 -38.93
N CYS C 87 -26.61 28.11 -38.22
CA CYS C 87 -28.01 27.71 -38.07
C CYS C 87 -28.25 27.40 -36.62
N GLN C 88 -29.50 27.43 -36.20
CA GLN C 88 -29.77 27.18 -34.82
C GLN C 88 -31.20 26.81 -34.53
N GLN C 89 -31.34 25.90 -33.56
CA GLN C 89 -32.63 25.41 -33.14
C GLN C 89 -33.05 26.23 -31.92
N SER C 90 -34.11 27.01 -32.11
CA SER C 90 -34.67 27.85 -31.07
C SER C 90 -35.92 27.09 -30.69
N TYR C 91 -35.75 25.79 -30.47
CA TYR C 91 -36.86 24.90 -30.13
C TYR C 91 -36.74 24.36 -28.73
N SER C 92 -35.51 24.15 -28.26
CA SER C 92 -35.28 23.61 -26.93
C SER C 92 -35.05 24.65 -25.85
N THR C 93 -35.17 24.18 -24.61
CA THR C 93 -34.97 25.05 -23.46
C THR C 93 -33.48 25.39 -23.33
N SER C 94 -32.76 25.25 -24.43
CA SER C 94 -31.31 25.54 -24.51
C SER C 94 -30.90 25.55 -25.99
N HIS C 95 -30.93 26.74 -26.59
CA HIS C 95 -30.60 26.89 -28.00
C HIS C 95 -29.25 26.29 -28.39
N THR C 96 -29.14 25.92 -29.66
CA THR C 96 -27.94 25.29 -30.22
C THR C 96 -27.70 25.82 -31.63
N PHE C 97 -26.44 25.91 -32.04
CA PHE C 97 -26.10 26.40 -33.39
C PHE C 97 -25.66 25.28 -34.32
N GLY C 98 -24.99 25.71 -35.38
CA GLY C 98 -24.43 24.81 -36.36
C GLY C 98 -22.98 25.29 -36.41
N GLN C 99 -22.08 24.48 -36.91
CA GLN C 99 -20.70 24.90 -36.97
C GLN C 99 -20.52 25.98 -38.01
N GLY C 100 -21.61 26.27 -38.73
CA GLY C 100 -21.57 27.28 -39.77
C GLY C 100 -20.94 26.73 -41.03
N THR C 101 -21.19 27.39 -42.16
CA THR C 101 -20.64 26.99 -43.47
C THR C 101 -20.03 28.23 -44.11
N LYS C 102 -18.74 28.20 -44.39
CA LYS C 102 -18.09 29.35 -45.03
C LYS C 102 -18.31 29.38 -46.55
N LEU C 103 -18.91 30.46 -47.05
CA LEU C 103 -19.16 30.62 -48.48
C LEU C 103 -17.90 31.20 -49.16
N GLU C 104 -17.15 30.38 -49.91
CA GLU C 104 -15.94 30.88 -50.56
C GLU C 104 -16.13 31.12 -52.09
N ILE C 105 -15.19 31.86 -52.69
CA ILE C 105 -15.23 32.23 -54.12
C ILE C 105 -14.51 31.30 -55.08
N LYS C 106 -15.29 30.50 -55.79
CA LYS C 106 -14.78 29.54 -56.74
C LYS C 106 -14.12 30.22 -57.95
N ARG C 107 -12.80 30.37 -57.94
CA ARG C 107 -12.11 30.98 -59.08
C ARG C 107 -11.14 29.99 -59.69
N THR C 108 -10.60 30.32 -60.86
CA THR C 108 -9.68 29.41 -61.56
C THR C 108 -8.38 29.14 -60.81
N VAL C 109 -7.88 27.93 -60.92
CA VAL C 109 -6.65 27.49 -60.23
C VAL C 109 -5.38 28.29 -60.56
N ALA C 110 -4.61 28.59 -59.51
CA ALA C 110 -3.36 29.33 -59.61
C ALA C 110 -2.30 28.67 -58.77
N ALA C 111 -1.30 28.08 -59.41
CA ALA C 111 -0.20 27.44 -58.67
C ALA C 111 0.58 28.56 -58.03
N PRO C 112 1.16 28.30 -56.86
CA PRO C 112 1.89 29.41 -56.28
C PRO C 112 3.31 29.54 -56.81
N SER C 113 4.07 30.34 -56.08
CA SER C 113 5.47 30.63 -56.34
C SER C 113 6.02 30.57 -54.92
N VAL C 114 6.99 29.70 -54.70
CA VAL C 114 7.52 29.53 -53.37
C VAL C 114 8.79 30.32 -53.08
N PHE C 115 8.96 30.70 -51.81
CA PHE C 115 10.11 31.47 -51.33
C PHE C 115 10.63 30.85 -50.04
N ILE C 116 11.95 30.80 -49.86
CA ILE C 116 12.51 30.22 -48.64
C ILE C 116 13.43 31.19 -47.92
N PHE C 117 13.23 31.31 -46.62
CA PHE C 117 13.99 32.24 -45.78
C PHE C 117 14.80 31.57 -44.70
N PRO C 118 16.14 31.56 -44.82
CA PRO C 118 17.04 30.95 -43.84
C PRO C 118 16.94 31.66 -42.50
N PRO C 119 17.36 31.01 -41.42
CA PRO C 119 17.22 31.78 -40.19
C PRO C 119 18.22 32.93 -40.17
N SER C 120 17.90 33.92 -39.32
CA SER C 120 18.70 35.12 -39.14
C SER C 120 19.85 34.84 -38.18
N ASP C 121 20.87 35.69 -38.24
CA ASP C 121 22.02 35.57 -37.36
C ASP C 121 21.52 35.95 -35.98
N GLU C 122 20.88 37.11 -35.90
CA GLU C 122 20.34 37.62 -34.65
C GLU C 122 19.63 36.54 -33.85
N GLN C 123 18.69 35.85 -34.49
CA GLN C 123 17.91 34.81 -33.84
C GLN C 123 18.74 33.63 -33.32
N LEU C 124 19.88 33.37 -33.95
CA LEU C 124 20.70 32.26 -33.50
C LEU C 124 21.45 32.74 -32.30
N LYS C 125 21.79 34.02 -32.32
CA LYS C 125 22.49 34.68 -31.22
C LYS C 125 21.62 34.45 -29.98
N SER C 126 20.32 34.26 -30.21
CA SER C 126 19.32 34.02 -29.17
C SER C 126 19.25 32.57 -28.74
N GLY C 127 19.88 31.69 -29.51
CA GLY C 127 19.87 30.28 -29.15
C GLY C 127 18.75 29.44 -29.75
N THR C 128 18.23 29.86 -30.90
CA THR C 128 17.19 29.10 -31.57
C THR C 128 17.00 29.57 -33.02
N ALA C 129 16.62 28.67 -33.91
CA ALA C 129 16.47 29.02 -35.31
C ALA C 129 15.09 28.77 -35.87
N SER C 130 14.71 29.65 -36.81
CA SER C 130 13.40 29.63 -37.49
C SER C 130 13.58 29.63 -39.00
N VAL C 131 13.00 28.66 -39.71
CA VAL C 131 13.10 28.64 -41.19
C VAL C 131 11.71 28.84 -41.78
N VAL C 132 11.55 29.84 -42.66
CA VAL C 132 10.24 30.11 -43.23
C VAL C 132 10.05 29.85 -44.73
N CYS C 133 9.04 29.04 -45.06
CA CYS C 133 8.70 28.72 -46.44
C CYS C 133 7.53 29.64 -46.67
N LEU C 134 7.18 29.88 -47.93
CA LEU C 134 6.05 30.76 -48.26
C LEU C 134 5.50 30.41 -49.63
N LEU C 135 4.23 30.03 -49.65
CA LEU C 135 3.50 29.68 -50.88
C LEU C 135 2.70 30.92 -51.16
N ASN C 136 3.14 31.71 -52.13
CA ASN C 136 2.49 32.98 -52.42
C ASN C 136 1.37 33.08 -53.45
N ASN C 137 0.26 33.68 -53.04
CA ASN C 137 -0.92 33.90 -53.89
C ASN C 137 -1.35 32.76 -54.80
N PHE C 138 -1.98 31.75 -54.19
CA PHE C 138 -2.43 30.56 -54.91
C PHE C 138 -3.90 30.29 -54.74
N TYR C 139 -4.33 29.17 -55.31
CA TYR C 139 -5.72 28.72 -55.26
C TYR C 139 -5.87 27.40 -56.05
N PRO C 140 -6.65 26.44 -55.53
CA PRO C 140 -7.45 26.36 -54.29
C PRO C 140 -6.71 26.55 -52.98
N ARG C 141 -7.45 26.54 -51.89
CA ARG C 141 -6.88 26.75 -50.57
C ARG C 141 -5.87 25.72 -50.13
N GLU C 142 -6.28 24.46 -50.03
CA GLU C 142 -5.41 23.37 -49.59
C GLU C 142 -4.02 23.36 -50.24
N ALA C 143 -3.00 23.18 -49.42
CA ALA C 143 -1.62 23.15 -49.91
C ALA C 143 -0.86 22.04 -49.19
N LYS C 144 0.38 21.79 -49.60
CA LYS C 144 1.14 20.74 -48.95
C LYS C 144 2.63 21.04 -48.78
N VAL C 145 3.00 21.71 -47.70
CA VAL C 145 4.39 21.97 -47.48
C VAL C 145 4.92 20.80 -46.68
N GLN C 146 5.95 20.16 -47.21
CA GLN C 146 6.60 19.03 -46.57
C GLN C 146 8.06 19.40 -46.33
N TRP C 147 8.43 19.51 -45.05
CA TRP C 147 9.80 19.84 -44.65
C TRP C 147 10.65 18.57 -44.56
N LYS C 148 11.91 18.70 -44.97
CA LYS C 148 12.89 17.62 -44.96
C LYS C 148 14.20 18.29 -44.59
N VAL C 149 14.97 17.61 -43.78
CA VAL C 149 16.23 18.14 -43.34
C VAL C 149 17.19 16.98 -43.43
N ASP C 150 18.13 17.05 -44.37
CA ASP C 150 19.08 15.97 -44.58
C ASP C 150 18.26 14.76 -44.98
N ASN C 151 17.18 15.06 -45.70
CA ASN C 151 16.24 14.05 -46.19
C ASN C 151 15.32 13.46 -45.14
N ALA C 152 15.58 13.75 -43.87
CA ALA C 152 14.67 13.26 -42.84
C ALA C 152 13.39 14.09 -42.99
N LEU C 153 12.31 13.44 -43.42
CA LEU C 153 11.06 14.16 -43.60
C LEU C 153 10.66 14.62 -42.24
N GLN C 154 10.15 15.84 -42.14
CA GLN C 154 9.72 16.38 -40.85
C GLN C 154 8.21 16.47 -40.68
N SER C 155 7.82 16.86 -39.48
CA SER C 155 6.44 17.01 -39.12
C SER C 155 6.30 17.33 -37.63
N GLY C 156 5.42 18.28 -37.33
CA GLY C 156 5.17 18.67 -35.94
C GLY C 156 6.09 19.73 -35.38
N ASN C 157 7.22 19.95 -36.04
CA ASN C 157 8.19 20.94 -35.62
C ASN C 157 8.00 22.26 -36.37
N SER C 158 6.84 22.43 -37.01
CA SER C 158 6.57 23.64 -37.79
C SER C 158 5.10 24.01 -37.85
N GLN C 159 4.81 25.30 -37.75
CA GLN C 159 3.44 25.77 -37.80
C GLN C 159 3.19 26.58 -39.06
N GLU C 160 1.94 26.94 -39.30
CA GLU C 160 1.64 27.71 -40.49
C GLU C 160 0.32 28.43 -40.44
N SER C 161 0.27 29.60 -41.06
CA SER C 161 -0.93 30.37 -41.05
C SER C 161 -1.33 30.73 -42.49
N VAL C 162 -2.61 30.96 -42.69
CA VAL C 162 -3.05 31.26 -44.01
C VAL C 162 -3.65 32.62 -44.05
N THR C 163 -3.93 33.09 -45.26
CA THR C 163 -4.48 34.41 -45.53
C THR C 163 -5.95 34.31 -45.95
N GLU C 164 -6.84 34.99 -45.24
CA GLU C 164 -8.26 34.95 -45.60
C GLU C 164 -8.44 35.35 -47.06
N GLN C 165 -9.16 34.51 -47.80
CA GLN C 165 -9.40 34.70 -49.21
C GLN C 165 -9.37 36.14 -49.65
N ASP C 166 -8.33 36.49 -50.40
CA ASP C 166 -8.13 37.84 -50.90
C ASP C 166 -9.39 38.38 -51.62
N SER C 167 -9.62 39.68 -51.49
CA SER C 167 -10.78 40.33 -52.10
C SER C 167 -10.58 40.46 -53.59
N LYS C 168 -9.52 41.17 -53.93
CA LYS C 168 -9.17 41.45 -55.31
C LYS C 168 -8.94 40.28 -56.28
N ASP C 169 -8.36 39.17 -55.81
CA ASP C 169 -8.07 38.03 -56.68
C ASP C 169 -8.53 36.70 -56.13
N SER C 170 -9.09 36.72 -54.93
CA SER C 170 -9.60 35.52 -54.29
C SER C 170 -8.57 34.46 -53.88
N THR C 171 -7.29 34.76 -54.04
CA THR C 171 -6.23 33.83 -53.67
C THR C 171 -5.83 33.93 -52.21
N TYR C 172 -5.02 32.97 -51.77
CA TYR C 172 -4.51 32.92 -50.40
C TYR C 172 -3.01 32.92 -50.48
N SER C 173 -2.39 33.05 -49.32
CA SER C 173 -0.94 33.05 -49.22
C SER C 173 -0.69 32.23 -47.97
N LEU C 174 0.33 31.36 -47.99
CA LEU C 174 0.63 30.51 -46.83
C LEU C 174 2.04 30.65 -46.26
N SER C 175 2.07 30.75 -44.94
CA SER C 175 3.30 30.88 -44.19
C SER C 175 3.48 29.61 -43.43
N SER C 176 4.70 29.11 -43.40
CA SER C 176 5.04 27.89 -42.69
C SER C 176 6.39 28.09 -42.05
N THR C 177 6.44 28.10 -40.72
CA THR C 177 7.70 28.30 -40.04
C THR C 177 8.24 27.05 -39.35
N LEU C 178 9.39 26.58 -39.82
CA LEU C 178 10.02 25.43 -39.21
C LEU C 178 10.90 26.02 -38.11
N THR C 179 10.74 25.54 -36.88
CA THR C 179 11.52 26.07 -35.79
C THR C 179 12.41 25.04 -35.13
N LEU C 180 13.65 25.45 -34.86
CA LEU C 180 14.67 24.59 -34.27
C LEU C 180 15.55 25.39 -33.31
N SER C 181 16.14 24.70 -32.32
CA SER C 181 17.05 25.36 -31.39
C SER C 181 18.34 25.47 -32.18
N LYS C 182 19.25 26.37 -31.79
CA LYS C 182 20.48 26.56 -32.56
C LYS C 182 21.21 25.27 -32.90
N ALA C 183 21.25 24.36 -31.95
CA ALA C 183 21.91 23.09 -32.19
C ALA C 183 21.23 22.39 -33.36
N ASP C 184 20.22 21.59 -33.03
CA ASP C 184 19.45 20.84 -34.03
C ASP C 184 19.72 21.47 -35.39
N TYR C 185 19.35 22.74 -35.52
CA TYR C 185 19.55 23.45 -36.76
C TYR C 185 20.97 23.25 -37.21
N GLU C 186 21.89 23.94 -36.56
CA GLU C 186 23.30 23.81 -36.92
C GLU C 186 23.69 22.36 -37.17
N LYS C 187 23.09 21.43 -36.42
CA LYS C 187 23.36 20.01 -36.56
C LYS C 187 23.34 19.50 -38.01
N HIS C 188 22.38 19.98 -38.80
CA HIS C 188 22.23 19.50 -40.17
C HIS C 188 22.70 20.47 -41.22
N LYS C 189 22.74 20.04 -42.47
CA LYS C 189 23.23 20.88 -43.57
C LYS C 189 22.24 21.23 -44.67
N VAL C 190 21.14 20.50 -44.78
CA VAL C 190 20.19 20.79 -45.85
C VAL C 190 18.77 20.92 -45.33
N TYR C 191 18.10 21.99 -45.74
CA TYR C 191 16.73 22.23 -45.31
C TYR C 191 15.91 22.49 -46.54
N ALA C 192 14.78 21.81 -46.67
CA ALA C 192 13.95 21.98 -47.85
C ALA C 192 12.45 21.91 -47.66
N CYS C 193 11.73 22.72 -48.40
CA CYS C 193 10.29 22.62 -48.32
C CYS C 193 9.72 22.44 -49.72
N GLU C 194 9.13 21.26 -49.91
CA GLU C 194 8.48 20.83 -51.14
C GLU C 194 6.99 21.07 -50.97
N VAL C 195 6.39 21.66 -51.99
CA VAL C 195 4.97 21.99 -52.03
C VAL C 195 4.23 21.24 -53.12
N THR C 196 3.22 20.46 -52.72
CA THR C 196 2.42 19.69 -53.67
C THR C 196 1.08 20.39 -53.73
N HIS C 197 0.77 20.99 -54.87
CA HIS C 197 -0.48 21.71 -55.03
C HIS C 197 -1.18 21.50 -56.37
N GLN C 198 -2.51 21.49 -56.29
CA GLN C 198 -3.41 21.32 -57.43
C GLN C 198 -2.80 21.99 -58.65
N GLY C 199 -2.74 23.32 -58.62
CA GLY C 199 -2.19 24.08 -59.72
C GLY C 199 -0.84 23.70 -60.30
N LEU C 200 -0.09 22.82 -59.63
CA LEU C 200 1.21 22.41 -60.15
C LEU C 200 1.17 20.94 -60.55
N SER C 201 1.87 20.60 -61.62
CA SER C 201 1.87 19.22 -62.08
C SER C 201 2.95 18.41 -61.39
N SER C 202 3.92 19.10 -60.81
CA SER C 202 5.00 18.40 -60.11
C SER C 202 5.51 19.16 -58.90
N PRO C 203 5.53 18.51 -57.71
CA PRO C 203 5.98 19.03 -56.41
C PRO C 203 7.18 20.00 -56.42
N VAL C 204 6.91 21.28 -56.17
CA VAL C 204 7.93 22.33 -56.16
C VAL C 204 8.89 22.20 -54.98
N THR C 205 10.12 22.71 -55.14
CA THR C 205 11.07 22.60 -54.04
C THR C 205 12.20 23.61 -53.90
N LYS C 206 12.02 24.49 -52.92
CA LYS C 206 12.99 25.50 -52.55
C LYS C 206 13.69 24.96 -51.28
N SER C 207 15.02 25.04 -51.25
CA SER C 207 15.81 24.56 -50.12
C SER C 207 17.13 25.29 -50.08
N PHE C 208 17.98 24.90 -49.13
CA PHE C 208 19.28 25.51 -49.03
C PHE C 208 20.19 24.76 -48.08
N ASN C 209 21.48 25.02 -48.22
CA ASN C 209 22.51 24.41 -47.42
C ASN C 209 22.95 25.39 -46.35
N ARG C 210 22.56 25.10 -45.11
CA ARG C 210 22.89 25.92 -43.96
C ARG C 210 24.32 26.35 -43.97
N GLY C 211 24.51 27.67 -43.90
CA GLY C 211 25.84 28.24 -43.91
C GLY C 211 26.14 28.88 -45.26
N GLU C 212 26.00 30.20 -45.35
CA GLU C 212 26.27 30.97 -46.57
C GLU C 212 25.77 32.40 -46.42
N GLN D 1 -31.84 49.46 -32.57
CA GLN D 1 -31.45 50.31 -31.45
C GLN D 1 -30.99 49.48 -30.25
N VAL D 2 -31.14 50.07 -29.06
CA VAL D 2 -30.74 49.47 -27.77
C VAL D 2 -29.49 48.61 -27.81
N GLN D 3 -28.42 49.14 -28.39
CA GLN D 3 -27.16 48.42 -28.47
C GLN D 3 -26.84 47.78 -27.12
N LEU D 4 -25.92 46.82 -27.09
CA LEU D 4 -25.52 46.15 -25.85
C LEU D 4 -24.11 46.60 -25.44
N LEU D 5 -23.81 46.53 -24.15
CA LEU D 5 -22.48 46.93 -23.69
C LEU D 5 -21.87 45.92 -22.74
N GLN D 6 -20.67 45.47 -23.08
CA GLN D 6 -19.97 44.48 -22.28
C GLN D 6 -18.69 45.02 -21.71
N SER D 7 -18.08 44.24 -20.84
CA SER D 7 -16.82 44.60 -20.20
C SER D 7 -15.72 44.65 -21.25
N GLY D 8 -14.48 44.82 -20.80
CA GLY D 8 -13.36 44.90 -21.71
C GLY D 8 -12.48 43.65 -21.75
N ALA D 9 -11.49 43.65 -22.63
CA ALA D 9 -10.59 42.51 -22.76
C ALA D 9 -9.99 42.16 -21.42
N GLU D 10 -10.26 40.93 -20.99
CA GLU D 10 -9.76 40.42 -19.73
C GLU D 10 -8.79 39.26 -20.03
N VAL D 11 -7.79 39.11 -19.17
CA VAL D 11 -6.78 38.07 -19.31
C VAL D 11 -6.72 37.41 -17.94
N LYS D 12 -7.15 36.17 -17.86
CA LYS D 12 -7.17 35.47 -16.59
C LYS D 12 -6.26 34.26 -16.50
N LYS D 13 -5.18 34.42 -15.75
CA LYS D 13 -4.22 33.35 -15.53
C LYS D 13 -5.09 32.14 -15.21
N PRO D 14 -4.76 30.98 -15.77
CA PRO D 14 -5.57 29.79 -15.51
C PRO D 14 -5.85 29.54 -14.03
N GLY D 15 -6.99 28.92 -13.76
CA GLY D 15 -7.39 28.64 -12.40
C GLY D 15 -8.40 29.69 -12.00
N SER D 16 -8.07 30.95 -12.31
CA SER D 16 -8.94 32.07 -11.98
C SER D 16 -10.33 31.92 -12.60
N SER D 17 -11.19 32.88 -12.31
CA SER D 17 -12.55 32.89 -12.81
C SER D 17 -12.92 34.33 -13.09
N VAL D 18 -13.06 34.67 -14.37
CA VAL D 18 -13.41 36.02 -14.73
C VAL D 18 -14.91 36.16 -14.88
N LYS D 19 -15.36 37.42 -14.93
CA LYS D 19 -16.78 37.74 -15.05
C LYS D 19 -16.90 38.78 -16.15
N VAL D 20 -17.85 38.57 -17.06
CA VAL D 20 -18.08 39.48 -18.16
C VAL D 20 -19.43 40.15 -17.93
N SER D 21 -19.59 41.38 -18.43
CA SER D 21 -20.83 42.13 -18.26
C SER D 21 -21.50 42.57 -19.57
N CYS D 22 -22.83 42.72 -19.52
CA CYS D 22 -23.64 43.14 -20.67
C CYS D 22 -24.68 44.13 -20.15
N LYS D 23 -24.47 45.42 -20.44
CA LYS D 23 -25.36 46.49 -19.97
C LYS D 23 -26.34 47.02 -21.02
N ALA D 24 -27.62 46.97 -20.66
CA ALA D 24 -28.71 47.41 -21.52
C ALA D 24 -28.90 48.92 -21.52
N SER D 25 -29.31 49.47 -22.66
CA SER D 25 -29.55 50.90 -22.78
C SER D 25 -30.50 51.17 -23.94
N GLY D 26 -31.81 51.21 -23.66
CA GLY D 26 -32.75 51.49 -24.73
C GLY D 26 -33.88 50.52 -24.96
N GLY D 27 -33.73 49.29 -24.48
CA GLY D 27 -34.78 48.30 -24.65
C GLY D 27 -35.01 47.58 -23.34
N THR D 28 -36.22 47.69 -22.80
CA THR D 28 -36.57 47.03 -21.54
C THR D 28 -35.97 45.63 -21.50
N PHE D 29 -34.78 45.54 -20.91
CA PHE D 29 -34.03 44.29 -20.80
C PHE D 29 -34.67 43.20 -19.95
N SER D 30 -35.33 43.60 -18.87
CA SER D 30 -35.95 42.64 -17.96
C SER D 30 -37.09 41.85 -18.57
N SER D 31 -37.02 41.60 -19.88
CA SER D 31 -38.05 40.85 -20.59
C SER D 31 -37.54 40.37 -21.94
N TYR D 32 -36.22 40.22 -22.06
CA TYR D 32 -35.63 39.76 -23.30
C TYR D 32 -35.04 38.37 -23.16
N ALA D 33 -34.67 37.78 -24.30
CA ALA D 33 -34.08 36.45 -24.29
C ALA D 33 -32.56 36.54 -24.22
N ILE D 34 -32.05 37.25 -23.21
CA ILE D 34 -30.61 37.40 -23.04
C ILE D 34 -29.95 36.04 -22.92
N SER D 35 -28.74 35.93 -23.45
CA SER D 35 -28.00 34.69 -23.41
C SER D 35 -26.58 34.94 -23.86
N TRP D 36 -25.63 34.32 -23.19
CA TRP D 36 -24.23 34.50 -23.52
C TRP D 36 -23.76 33.52 -24.59
N VAL D 37 -22.95 34.01 -25.53
CA VAL D 37 -22.45 33.17 -26.60
C VAL D 37 -21.01 33.42 -27.03
N ARG D 38 -20.13 32.44 -26.79
CA ARG D 38 -18.73 32.61 -27.16
C ARG D 38 -18.29 32.08 -28.53
N GLN D 39 -17.22 32.69 -29.01
CA GLN D 39 -16.64 32.36 -30.28
C GLN D 39 -15.16 32.19 -30.09
N ALA D 40 -14.71 30.95 -30.01
CA ALA D 40 -13.28 30.68 -29.82
C ALA D 40 -12.61 30.89 -31.17
N PRO D 41 -11.38 31.44 -31.17
CA PRO D 41 -10.64 31.68 -32.42
C PRO D 41 -10.78 30.59 -33.48
N GLY D 42 -11.31 30.98 -34.64
CA GLY D 42 -11.50 30.04 -35.74
C GLY D 42 -12.66 29.07 -35.58
N GLN D 43 -13.31 29.15 -34.42
CA GLN D 43 -14.44 28.29 -34.14
C GLN D 43 -15.72 29.07 -34.28
N GLY D 44 -16.85 28.36 -34.22
CA GLY D 44 -18.14 29.00 -34.35
C GLY D 44 -18.81 29.30 -33.02
N LEU D 45 -20.06 29.76 -33.11
CA LEU D 45 -20.85 30.11 -31.93
C LEU D 45 -21.13 28.91 -31.03
N GLU D 46 -21.21 29.15 -29.73
CA GLU D 46 -21.49 28.07 -28.78
C GLU D 46 -22.33 28.59 -27.60
N TRP D 47 -23.61 28.80 -27.87
CA TRP D 47 -24.57 29.26 -26.88
C TRP D 47 -24.22 28.60 -25.56
N MET D 48 -24.18 29.37 -24.48
CA MET D 48 -23.84 28.79 -23.18
C MET D 48 -25.08 28.69 -22.30
N GLY D 49 -26.01 29.61 -22.50
CA GLY D 49 -27.24 29.65 -21.73
C GLY D 49 -28.04 30.93 -21.87
N GLY D 50 -29.05 31.12 -21.02
CA GLY D 50 -29.86 32.31 -21.09
C GLY D 50 -30.57 32.67 -19.78
N ILE D 51 -31.09 33.89 -19.70
CA ILE D 51 -31.80 34.35 -18.52
C ILE D 51 -32.90 35.35 -18.87
N ILE D 52 -33.69 35.72 -17.88
CA ILE D 52 -34.74 36.68 -18.09
C ILE D 52 -35.04 37.30 -16.74
N PRO D 53 -34.38 38.43 -16.44
CA PRO D 53 -34.51 39.18 -15.19
C PRO D 53 -35.85 38.93 -14.54
N VAL D 54 -36.89 38.86 -15.36
CA VAL D 54 -38.23 38.57 -14.87
C VAL D 54 -38.12 37.64 -13.68
N PHE D 55 -38.14 36.34 -13.95
CA PHE D 55 -38.03 35.33 -12.90
C PHE D 55 -36.58 34.86 -12.75
N GLY D 56 -35.80 35.65 -12.02
CA GLY D 56 -34.40 35.33 -11.80
C GLY D 56 -34.07 33.86 -11.71
N SER D 57 -33.54 33.31 -12.80
CA SER D 57 -33.15 31.91 -12.89
C SER D 57 -32.40 31.70 -14.19
N ALA D 58 -31.16 31.24 -14.10
CA ALA D 58 -30.33 31.02 -15.28
C ALA D 58 -30.50 29.64 -15.90
N ASN D 59 -30.23 29.55 -17.20
CA ASN D 59 -30.37 28.30 -17.96
C ASN D 59 -29.16 28.02 -18.85
N TYR D 60 -28.17 27.33 -18.30
CA TYR D 60 -26.97 26.96 -19.02
C TYR D 60 -27.29 25.65 -19.70
N ALA D 61 -26.42 25.18 -20.58
CA ALA D 61 -26.71 23.93 -21.28
C ALA D 61 -26.35 22.64 -20.56
N GLN D 62 -25.31 21.99 -21.06
CA GLN D 62 -24.87 20.71 -20.51
C GLN D 62 -23.50 20.72 -19.82
N LYS D 63 -22.45 20.72 -20.64
CA LYS D 63 -21.07 20.73 -20.17
C LYS D 63 -20.83 21.85 -19.14
N PHE D 64 -21.47 23.00 -19.36
CA PHE D 64 -21.34 24.14 -18.46
C PHE D 64 -22.27 23.94 -17.26
N GLN D 65 -22.22 22.74 -16.71
CA GLN D 65 -23.03 22.38 -15.55
C GLN D 65 -22.22 22.72 -14.30
N GLY D 66 -22.74 23.61 -13.47
CA GLY D 66 -22.04 24.02 -12.28
C GLY D 66 -20.96 25.03 -12.62
N ARG D 67 -20.37 24.88 -13.81
CA ARG D 67 -19.30 25.77 -14.27
C ARG D 67 -19.69 27.24 -14.49
N VAL D 68 -20.66 27.46 -15.37
CA VAL D 68 -21.09 28.83 -15.71
C VAL D 68 -22.15 29.47 -14.79
N THR D 69 -22.11 30.80 -14.71
CA THR D 69 -23.03 31.58 -13.87
C THR D 69 -23.57 32.83 -14.62
N ILE D 70 -24.89 32.88 -14.79
CA ILE D 70 -25.55 34.00 -15.47
C ILE D 70 -26.52 34.74 -14.55
N THR D 71 -26.18 35.97 -14.18
CA THR D 71 -27.03 36.79 -13.31
C THR D 71 -27.37 38.12 -14.01
N ALA D 72 -28.19 38.93 -13.35
CA ALA D 72 -28.60 40.23 -13.88
C ALA D 72 -29.38 41.05 -12.86
N ASP D 73 -29.13 42.35 -12.84
CA ASP D 73 -29.83 43.26 -11.92
C ASP D 73 -30.43 44.42 -12.73
N GLU D 74 -31.76 44.51 -12.73
CA GLU D 74 -32.45 45.57 -13.47
C GLU D 74 -32.08 46.94 -12.89
N ALA D 75 -31.58 46.94 -11.65
CA ALA D 75 -31.17 48.18 -10.99
C ALA D 75 -30.05 48.81 -11.80
N THR D 76 -29.59 48.08 -12.80
CA THR D 76 -28.53 48.53 -13.69
C THR D 76 -28.87 48.10 -15.12
N SER D 77 -29.74 47.10 -15.22
CA SER D 77 -30.19 46.52 -16.48
C SER D 77 -29.07 45.63 -17.03
N THR D 78 -28.25 45.11 -16.12
CA THR D 78 -27.11 44.29 -16.48
C THR D 78 -27.26 42.79 -16.22
N THR D 79 -26.53 42.02 -17.02
CA THR D 79 -26.46 40.55 -16.93
C THR D 79 -25.00 40.21 -16.82
N TYR D 80 -24.60 39.61 -15.70
CA TYR D 80 -23.21 39.24 -15.55
C TYR D 80 -23.04 37.77 -15.94
N MET D 81 -21.83 37.41 -16.34
CA MET D 81 -21.49 36.06 -16.74
C MET D 81 -20.21 35.71 -16.01
N GLU D 82 -20.33 34.83 -15.02
CA GLU D 82 -19.20 34.42 -14.20
C GLU D 82 -18.77 32.99 -14.48
N LEU D 83 -17.47 32.80 -14.71
CA LEU D 83 -16.95 31.48 -14.97
C LEU D 83 -15.72 31.22 -14.09
N SER D 84 -15.77 30.13 -13.33
CA SER D 84 -14.71 29.75 -12.43
C SER D 84 -13.79 28.69 -13.02
N SER D 85 -12.61 28.54 -12.40
CA SER D 85 -11.59 27.56 -12.82
C SER D 85 -11.38 27.50 -14.33
N LEU D 86 -11.16 28.67 -14.94
CA LEU D 86 -10.93 28.78 -16.38
C LEU D 86 -9.67 28.07 -16.82
N ARG D 87 -9.78 27.30 -17.88
CA ARG D 87 -8.65 26.60 -18.43
C ARG D 87 -8.48 27.06 -19.87
N SER D 88 -7.41 26.61 -20.52
CA SER D 88 -7.07 26.98 -21.90
C SER D 88 -8.25 27.11 -22.88
N GLU D 89 -8.92 26.01 -23.15
CA GLU D 89 -10.02 25.99 -24.09
C GLU D 89 -11.24 26.86 -23.72
N ASP D 90 -10.99 27.92 -22.96
CA ASP D 90 -12.05 28.85 -22.56
C ASP D 90 -11.81 30.17 -23.27
N THR D 91 -10.55 30.43 -23.64
CA THR D 91 -10.18 31.66 -24.34
C THR D 91 -11.11 31.90 -25.53
N ALA D 92 -11.73 33.07 -25.57
CA ALA D 92 -12.63 33.35 -26.66
C ALA D 92 -13.22 34.74 -26.59
N VAL D 93 -14.13 35.01 -27.52
CA VAL D 93 -14.82 36.27 -27.53
C VAL D 93 -16.19 35.91 -27.00
N TYR D 94 -16.67 36.71 -26.05
CA TYR D 94 -17.98 36.47 -25.47
C TYR D 94 -18.91 37.61 -25.82
N PHE D 95 -20.10 37.21 -26.24
CA PHE D 95 -21.15 38.13 -26.65
C PHE D 95 -22.28 37.96 -25.65
N CYS D 96 -23.43 38.46 -26.05
CA CYS D 96 -24.64 38.37 -25.29
C CYS D 96 -25.58 38.99 -26.27
N ALA D 97 -26.73 38.37 -26.42
CA ALA D 97 -27.70 38.87 -27.35
C ALA D 97 -29.08 38.82 -26.75
N LYS D 98 -29.92 39.75 -27.22
CA LYS D 98 -31.30 39.85 -26.79
C LYS D 98 -32.08 39.14 -27.88
N GLY D 99 -33.09 38.37 -27.47
CA GLY D 99 -33.91 37.65 -28.43
C GLY D 99 -34.77 38.56 -29.30
N GLY D 100 -35.77 37.97 -29.96
CA GLY D 100 -36.65 38.73 -30.81
C GLY D 100 -36.47 40.23 -30.70
N HIS D 114 -38.10 32.38 -32.42
CA HIS D 114 -37.58 33.46 -31.60
C HIS D 114 -36.78 34.45 -32.45
N GLY D 115 -35.47 34.48 -32.21
CA GLY D 115 -34.60 35.35 -32.96
C GLY D 115 -33.46 35.88 -32.12
N MET D 116 -32.70 36.82 -32.68
CA MET D 116 -31.56 37.44 -32.02
C MET D 116 -30.84 38.31 -33.03
N ASP D 117 -31.30 39.55 -33.15
CA ASP D 117 -30.73 40.52 -34.09
C ASP D 117 -29.86 41.56 -33.41
N VAL D 118 -29.73 41.45 -32.09
CA VAL D 118 -28.93 42.39 -31.32
C VAL D 118 -27.85 41.65 -30.50
N TRP D 119 -26.59 42.02 -30.70
CA TRP D 119 -25.48 41.38 -30.02
C TRP D 119 -24.62 42.35 -29.23
N GLY D 120 -23.75 41.82 -28.37
CA GLY D 120 -22.86 42.64 -27.59
C GLY D 120 -21.60 43.02 -28.35
N GLN D 121 -20.85 43.99 -27.84
CA GLN D 121 -19.64 44.41 -28.54
C GLN D 121 -18.56 43.35 -28.37
N GLY D 122 -18.82 42.36 -27.53
CA GLY D 122 -17.84 41.31 -27.31
C GLY D 122 -16.72 41.69 -26.36
N THR D 123 -16.36 40.74 -25.51
CA THR D 123 -15.29 40.91 -24.52
C THR D 123 -14.26 39.82 -24.84
N THR D 124 -13.05 40.25 -25.20
CA THR D 124 -12.04 39.27 -25.57
C THR D 124 -11.12 38.80 -24.44
N VAL D 125 -11.52 37.70 -23.82
CA VAL D 125 -10.76 37.08 -22.74
C VAL D 125 -9.58 36.28 -23.29
N THR D 126 -8.42 36.39 -22.66
CA THR D 126 -7.24 35.66 -23.15
C THR D 126 -6.62 34.74 -22.09
N VAL D 127 -7.38 33.74 -21.65
CA VAL D 127 -6.95 32.77 -20.66
C VAL D 127 -5.56 32.24 -20.92
N ALA D 128 -4.59 32.76 -20.18
CA ALA D 128 -3.21 32.34 -20.30
C ALA D 128 -2.45 32.70 -19.02
N SER D 129 -1.24 32.20 -18.88
CA SER D 129 -0.43 32.52 -17.71
C SER D 129 0.62 33.49 -18.23
N ALA D 130 1.14 33.21 -19.42
CA ALA D 130 2.15 34.04 -20.05
C ALA D 130 2.09 35.50 -19.57
N SER D 131 3.23 36.07 -19.17
CA SER D 131 3.26 37.44 -18.69
C SER D 131 3.67 38.42 -19.79
N THR D 132 2.78 39.35 -20.13
CA THR D 132 3.00 40.38 -21.16
C THR D 132 4.44 40.62 -21.60
N LYS D 133 4.69 40.43 -22.89
CA LYS D 133 6.02 40.60 -23.44
C LYS D 133 6.00 41.34 -24.76
N GLY D 134 7.01 42.18 -24.97
CA GLY D 134 7.12 42.90 -26.22
C GLY D 134 7.58 41.83 -27.18
N PRO D 135 7.54 42.02 -28.51
CA PRO D 135 8.02 40.91 -29.34
C PRO D 135 9.49 40.99 -29.66
N SER D 136 9.90 40.15 -30.61
CA SER D 136 11.27 40.07 -31.13
C SER D 136 11.06 40.05 -32.65
N VAL D 137 11.46 41.11 -33.32
CA VAL D 137 11.25 41.19 -34.77
C VAL D 137 12.51 40.78 -35.48
N PHE D 138 12.40 39.77 -36.33
CA PHE D 138 13.56 39.28 -37.06
C PHE D 138 13.34 39.55 -38.54
N PRO D 139 14.40 39.60 -39.32
CA PRO D 139 14.23 39.86 -40.75
C PRO D 139 14.33 38.68 -41.72
N LEU D 140 13.22 38.27 -42.33
CA LEU D 140 13.27 37.20 -43.31
C LEU D 140 13.98 37.86 -44.50
N ALA D 141 15.28 37.66 -44.61
CA ALA D 141 16.06 38.28 -45.69
C ALA D 141 15.74 37.80 -47.11
N PRO D 142 15.71 38.73 -48.09
CA PRO D 142 15.41 38.40 -49.49
C PRO D 142 16.69 37.81 -50.03
N SER D 143 16.57 36.85 -50.95
CA SER D 143 17.76 36.20 -51.49
C SER D 143 17.55 35.73 -52.93
N SER D 144 18.01 34.50 -53.17
CA SER D 144 17.93 33.81 -54.46
C SER D 144 16.91 32.67 -54.35
N LYS D 145 16.63 32.29 -53.10
CA LYS D 145 15.68 31.23 -52.77
C LYS D 145 14.27 31.81 -52.69
N SER D 146 14.13 33.08 -53.06
CA SER D 146 12.84 33.77 -53.04
C SER D 146 12.69 34.89 -54.07
N THR D 147 12.70 34.54 -55.36
CA THR D 147 12.54 35.53 -56.42
C THR D 147 11.69 35.01 -57.59
N SER D 148 10.53 35.65 -57.82
CA SER D 148 9.58 35.28 -58.90
C SER D 148 9.72 36.18 -60.16
N GLY D 149 10.86 36.05 -60.86
CA GLY D 149 11.12 36.84 -62.05
C GLY D 149 11.80 38.13 -61.66
N GLY D 150 11.05 39.21 -61.75
CA GLY D 150 11.59 40.51 -61.36
C GLY D 150 10.90 40.82 -60.04
N THR D 151 10.60 39.76 -59.28
CA THR D 151 9.91 39.91 -58.02
C THR D 151 10.56 39.16 -56.87
N ALA D 152 10.77 39.87 -55.76
CA ALA D 152 11.38 39.28 -54.57
C ALA D 152 10.43 39.30 -53.38
N ALA D 153 10.60 38.34 -52.49
CA ALA D 153 9.77 38.26 -51.30
C ALA D 153 10.68 38.44 -50.10
N LEU D 154 10.20 39.21 -49.13
CA LEU D 154 10.95 39.50 -47.91
C LEU D 154 9.96 39.76 -46.82
N GLY D 155 10.45 40.09 -45.64
CA GLY D 155 9.52 40.34 -44.57
C GLY D 155 10.06 40.55 -43.18
N CYS D 156 9.32 40.01 -42.23
CA CYS D 156 9.66 40.12 -40.83
C CYS D 156 9.13 38.96 -39.99
N LEU D 157 9.90 38.54 -39.01
CA LEU D 157 9.43 37.48 -38.16
C LEU D 157 9.17 38.17 -36.81
N VAL D 158 7.89 38.46 -36.56
CA VAL D 158 7.48 39.12 -35.33
C VAL D 158 7.23 37.98 -34.38
N LYS D 159 8.24 37.65 -33.60
CA LYS D 159 8.14 36.51 -32.70
C LYS D 159 8.09 36.72 -31.18
N ASP D 160 7.45 35.77 -30.51
CA ASP D 160 7.34 35.73 -29.05
C ASP D 160 6.84 36.97 -28.33
N TYR D 161 5.53 37.08 -28.15
CA TYR D 161 4.98 38.22 -27.44
C TYR D 161 3.59 37.91 -26.89
N PHE D 162 3.23 38.61 -25.83
CA PHE D 162 1.92 38.46 -25.20
C PHE D 162 1.54 39.81 -24.63
N PRO D 163 0.26 40.22 -24.78
CA PRO D 163 -0.77 39.44 -25.47
C PRO D 163 -0.96 40.07 -26.83
N GLU D 164 -1.92 39.56 -27.59
CA GLU D 164 -2.20 40.14 -28.89
C GLU D 164 -2.65 41.54 -28.57
N PRO D 165 -2.76 42.42 -29.58
CA PRO D 165 -2.50 42.19 -30.99
C PRO D 165 -1.22 42.95 -31.34
N VAL D 166 -0.84 42.91 -32.62
CA VAL D 166 0.34 43.61 -33.06
C VAL D 166 0.10 44.15 -34.45
N THR D 167 0.44 45.41 -34.69
CA THR D 167 0.25 45.98 -36.01
C THR D 167 1.58 46.10 -36.71
N VAL D 168 1.65 45.53 -37.91
CA VAL D 168 2.87 45.60 -38.69
C VAL D 168 2.60 46.57 -39.81
N SER D 169 3.67 47.18 -40.32
CA SER D 169 3.57 48.11 -41.44
C SER D 169 4.94 48.22 -42.11
N TRP D 170 4.99 48.87 -43.26
CA TRP D 170 6.24 49.01 -43.96
C TRP D 170 6.60 50.45 -44.35
N ASN D 171 7.84 50.84 -44.04
CA ASN D 171 8.33 52.18 -44.34
C ASN D 171 7.41 53.18 -43.66
N SER D 172 7.22 53.00 -42.36
CA SER D 172 6.35 53.87 -41.60
C SER D 172 4.97 53.95 -42.27
N GLY D 173 4.69 53.02 -43.16
CA GLY D 173 3.39 52.99 -43.82
C GLY D 173 3.32 53.26 -45.30
N ALA D 174 4.42 53.71 -45.90
CA ALA D 174 4.45 54.02 -47.33
C ALA D 174 4.02 52.81 -48.17
N LEU D 175 4.89 51.81 -48.22
CA LEU D 175 4.61 50.61 -48.98
C LEU D 175 3.48 49.78 -48.40
N THR D 176 2.40 49.60 -49.17
CA THR D 176 1.28 48.80 -48.68
C THR D 176 0.69 47.92 -49.78
N SER D 177 1.33 47.91 -50.93
CA SER D 177 0.86 47.08 -52.03
C SER D 177 1.65 45.78 -52.08
N GLY D 178 0.94 44.66 -52.08
CA GLY D 178 1.61 43.38 -52.14
C GLY D 178 2.08 42.87 -50.80
N VAL D 179 1.55 43.44 -49.73
CA VAL D 179 1.90 43.02 -48.38
C VAL D 179 0.85 42.15 -47.75
N HIS D 180 1.30 41.08 -47.09
CA HIS D 180 0.44 40.13 -46.41
C HIS D 180 0.89 39.97 -44.97
N THR D 181 -0.02 40.08 -44.01
CA THR D 181 0.41 39.88 -42.64
C THR D 181 -0.40 38.74 -42.02
N PHE D 182 0.08 37.51 -42.20
CA PHE D 182 -0.61 36.34 -41.68
C PHE D 182 -1.08 36.49 -40.26
N PRO D 183 -2.16 35.78 -39.91
CA PRO D 183 -2.85 35.71 -38.62
C PRO D 183 -1.89 35.12 -37.61
N ALA D 184 -1.74 35.77 -36.47
CA ALA D 184 -0.80 35.25 -35.47
C ALA D 184 -1.23 33.86 -35.08
N VAL D 185 -0.28 32.98 -34.79
CA VAL D 185 -0.59 31.62 -34.35
C VAL D 185 -0.17 31.61 -32.88
N LEU D 186 -0.72 30.71 -32.08
CA LEU D 186 -0.36 30.64 -30.68
C LEU D 186 0.79 29.64 -30.48
N GLN D 187 2.02 30.17 -30.43
CA GLN D 187 3.23 29.36 -30.23
C GLN D 187 3.09 28.46 -29.01
N SER D 188 3.72 27.31 -29.08
CA SER D 188 3.69 26.33 -28.00
C SER D 188 4.46 26.83 -26.80
N SER D 189 4.96 28.06 -26.90
CA SER D 189 5.72 28.64 -25.80
C SER D 189 4.75 29.20 -24.76
N GLY D 190 3.73 29.89 -25.25
CA GLY D 190 2.73 30.49 -24.39
C GLY D 190 2.49 31.86 -25.01
N LEU D 191 3.39 32.24 -25.90
CA LEU D 191 3.34 33.53 -26.58
C LEU D 191 2.93 33.41 -28.03
N TYR D 192 2.48 34.53 -28.60
CA TYR D 192 2.09 34.59 -30.00
C TYR D 192 3.26 34.80 -30.91
N SER D 193 3.02 34.56 -32.19
CA SER D 193 4.04 34.71 -33.20
C SER D 193 3.39 34.85 -34.56
N LEU D 194 4.06 35.58 -35.44
CA LEU D 194 3.54 35.83 -36.78
C LEU D 194 4.54 36.39 -37.75
N SER D 195 4.09 36.51 -38.99
CA SER D 195 4.91 37.05 -40.06
C SER D 195 4.14 37.95 -41.02
N SER D 196 4.88 38.93 -41.53
CA SER D 196 4.36 39.91 -42.45
C SER D 196 5.42 39.98 -43.53
N VAL D 197 5.01 39.81 -44.78
CA VAL D 197 5.94 39.84 -45.91
C VAL D 197 5.33 40.63 -47.08
N VAL D 198 6.19 41.13 -47.96
CA VAL D 198 5.74 41.88 -49.13
C VAL D 198 6.52 41.38 -50.34
N THR D 199 6.04 41.61 -51.56
CA THR D 199 6.78 41.19 -52.77
C THR D 199 7.02 42.37 -53.71
N VAL D 200 8.27 42.84 -53.71
CA VAL D 200 8.69 43.99 -54.50
C VAL D 200 9.53 43.59 -55.71
N PRO D 201 10.00 44.58 -56.47
CA PRO D 201 10.82 44.32 -57.66
C PRO D 201 12.24 43.87 -57.29
N SER D 202 12.82 42.95 -58.07
CA SER D 202 14.18 42.46 -57.83
C SER D 202 15.16 43.60 -58.05
N SER D 203 15.06 44.24 -59.21
CA SER D 203 15.91 45.37 -59.54
C SER D 203 16.11 46.37 -58.39
N SER D 204 15.07 46.57 -57.58
CA SER D 204 15.09 47.51 -56.47
C SER D 204 16.01 47.17 -55.31
N LEU D 205 16.09 45.88 -54.97
CA LEU D 205 16.93 45.42 -53.88
C LEU D 205 18.16 46.28 -53.78
N GLY D 206 18.91 46.32 -54.87
CA GLY D 206 20.11 47.10 -54.89
C GLY D 206 19.98 48.43 -54.16
N THR D 207 19.03 49.23 -54.61
CA THR D 207 18.82 50.56 -54.05
C THR D 207 17.72 50.73 -53.00
N GLN D 208 16.45 50.66 -53.43
CA GLN D 208 15.31 50.83 -52.52
C GLN D 208 15.61 50.25 -51.15
N THR D 209 15.07 50.90 -50.11
CA THR D 209 15.29 50.45 -48.75
C THR D 209 13.94 50.05 -48.13
N TYR D 210 13.93 48.93 -47.40
CA TYR D 210 12.72 48.41 -46.79
C TYR D 210 12.90 48.14 -45.32
N ILE D 211 11.93 48.62 -44.54
CA ILE D 211 11.91 48.46 -43.08
C ILE D 211 10.48 48.24 -42.56
N CYS D 212 10.26 47.19 -41.77
CA CYS D 212 8.93 46.96 -41.22
C CYS D 212 8.83 47.64 -39.85
N ASN D 213 7.65 48.18 -39.57
CA ASN D 213 7.37 48.88 -38.32
C ASN D 213 6.41 48.05 -37.49
N VAL D 214 6.98 47.20 -36.66
CA VAL D 214 6.21 46.35 -35.78
C VAL D 214 5.66 47.19 -34.63
N ASN D 215 4.39 46.99 -34.29
CA ASN D 215 3.78 47.80 -33.27
C ASN D 215 2.97 47.03 -32.25
N HIS D 216 3.57 46.77 -31.10
CA HIS D 216 2.88 46.09 -30.03
C HIS D 216 2.64 47.22 -29.06
N LYS D 217 1.38 47.47 -28.74
CA LYS D 217 1.07 48.55 -27.81
C LYS D 217 0.95 48.03 -26.39
N PRO D 218 0.37 46.86 -26.21
CA PRO D 218 0.21 46.28 -24.88
C PRO D 218 1.49 46.16 -24.07
N SER D 219 2.57 46.79 -24.53
CA SER D 219 3.83 46.74 -23.79
C SER D 219 4.74 47.87 -24.20
N ASN D 220 4.18 48.89 -24.83
CA ASN D 220 4.98 50.03 -25.27
C ASN D 220 6.18 49.52 -26.04
N THR D 221 5.96 49.00 -27.24
CA THR D 221 7.06 48.51 -28.06
C THR D 221 7.00 49.06 -29.50
N LYS D 222 7.86 50.03 -29.79
CA LYS D 222 7.93 50.63 -31.12
C LYS D 222 9.22 50.17 -31.77
N VAL D 223 9.16 48.99 -32.35
CA VAL D 223 10.31 48.42 -33.01
C VAL D 223 10.22 48.64 -34.53
N ASP D 224 11.37 48.90 -35.15
CA ASP D 224 11.46 49.12 -36.58
C ASP D 224 12.77 48.47 -37.01
N LYS D 225 12.69 47.44 -37.85
CA LYS D 225 13.88 46.71 -38.32
C LYS D 225 14.00 46.69 -39.85
N LYS D 226 15.25 46.83 -40.31
CA LYS D 226 15.60 46.85 -41.74
C LYS D 226 15.73 45.45 -42.38
N VAL D 227 15.19 45.30 -43.58
CA VAL D 227 15.24 44.03 -44.25
C VAL D 227 16.12 44.06 -45.49
N GLU D 228 17.40 43.85 -45.27
CA GLU D 228 18.40 43.82 -46.33
C GLU D 228 18.56 42.45 -47.00
N PRO D 229 19.02 42.43 -48.25
CA PRO D 229 19.26 41.25 -49.09
C PRO D 229 20.17 40.25 -48.42
N ILE E 2 16.13 -5.20 22.03
CA ILE E 2 16.53 -6.56 22.47
C ILE E 2 16.23 -6.77 23.94
N GLN E 3 15.45 -5.88 24.55
CA GLN E 3 15.20 -6.05 25.97
C GLN E 3 14.03 -5.29 26.57
N MET E 4 12.83 -5.71 26.21
CA MET E 4 11.63 -5.06 26.72
C MET E 4 11.37 -5.62 28.10
N THR E 5 11.41 -4.74 29.10
CA THR E 5 11.16 -5.13 30.49
C THR E 5 9.73 -4.75 30.93
N GLN E 6 9.07 -5.44 31.88
CA GLN E 6 7.58 -5.14 32.21
C GLN E 6 7.28 -5.93 33.40
N SER E 7 6.69 -5.49 34.45
CA SER E 7 6.90 -6.52 35.43
C SER E 7 5.88 -7.38 36.23
N PRO E 8 5.07 -8.45 35.83
CA PRO E 8 4.39 -9.30 34.80
C PRO E 8 3.22 -9.91 35.51
N SER E 9 2.81 -9.00 36.41
CA SER E 9 1.75 -9.01 37.41
C SER E 9 1.45 -7.62 38.04
N LEU E 10 0.17 -7.40 38.32
CA LEU E 10 -0.35 -6.16 38.87
C LEU E 10 -1.83 -6.35 39.25
N SER E 11 -2.12 -6.37 40.55
CA SER E 11 -3.49 -6.55 40.98
C SER E 11 -4.06 -5.17 41.07
N ALA E 12 -5.36 -5.06 40.83
CA ALA E 12 -6.00 -3.77 40.86
C ALA E 12 -7.48 -3.91 41.11
N SER E 13 -8.16 -2.78 41.32
CA SER E 13 -9.58 -2.77 41.59
C SER E 13 -10.27 -2.16 40.39
N VAL E 14 -11.55 -2.43 40.22
CA VAL E 14 -12.25 -1.85 39.09
C VAL E 14 -12.33 -0.32 39.32
N GLY E 15 -12.35 0.46 38.24
CA GLY E 15 -12.40 1.90 38.37
C GLY E 15 -11.01 2.50 38.54
N ASP E 16 -10.09 1.71 39.07
CA ASP E 16 -8.69 2.12 39.32
C ASP E 16 -7.92 2.63 38.11
N ARG E 17 -6.89 3.43 38.36
CA ARG E 17 -6.09 3.99 37.28
C ARG E 17 -4.68 3.39 37.19
N VAL E 18 -4.51 2.42 36.30
CA VAL E 18 -3.23 1.75 36.12
C VAL E 18 -2.40 2.38 34.99
N THR E 19 -1.09 2.17 35.06
CA THR E 19 -0.15 2.67 34.07
C THR E 19 0.98 1.64 33.95
N ILE E 20 0.98 0.89 32.85
CA ILE E 20 1.98 -0.15 32.62
C ILE E 20 3.15 0.34 31.81
N THR E 21 4.34 0.22 32.38
CA THR E 21 5.55 0.67 31.71
C THR E 21 6.45 -0.45 31.20
N CYS E 22 6.86 -0.32 29.95
CA CYS E 22 7.72 -1.25 29.25
C CYS E 22 9.01 -0.45 29.08
N ARG E 23 10.17 -1.10 29.02
CA ARG E 23 11.46 -0.43 28.84
C ARG E 23 12.30 -1.22 27.86
N ALA E 24 12.78 -0.54 26.82
CA ALA E 24 13.57 -1.17 25.76
C ALA E 24 15.08 -1.02 25.90
N SER E 25 15.78 -2.11 25.65
CA SER E 25 17.23 -2.15 25.76
C SER E 25 17.87 -0.82 25.41
N GLN E 26 17.44 -0.24 24.30
CA GLN E 26 17.98 1.05 23.85
C GLN E 26 16.93 1.88 23.09
N SER E 27 17.23 3.16 22.91
CA SER E 27 16.30 4.06 22.23
C SER E 27 15.70 3.47 20.97
N ILE E 28 14.42 3.17 21.05
CA ILE E 28 13.70 2.62 19.91
C ILE E 28 12.76 3.70 19.40
N SER E 29 12.81 4.85 20.06
CA SER E 29 12.01 6.02 19.70
C SER E 29 10.50 5.78 19.79
N SER E 30 9.81 6.04 18.69
CA SER E 30 8.37 5.86 18.63
C SER E 30 8.05 4.66 17.73
N TYR E 31 8.59 3.52 18.12
CA TYR E 31 8.38 2.27 17.41
C TYR E 31 7.93 1.18 18.38
N LEU E 32 7.17 1.58 19.38
CA LEU E 32 6.68 0.68 20.39
C LEU E 32 5.23 0.37 20.06
N ASN E 33 4.78 -0.78 20.53
CA ASN E 33 3.43 -1.26 20.29
C ASN E 33 2.92 -1.99 21.51
N TRP E 34 1.63 -1.86 21.77
CA TRP E 34 1.05 -2.54 22.92
C TRP E 34 -0.07 -3.42 22.47
N TYR E 35 -0.03 -4.68 22.87
CA TYR E 35 -1.08 -5.63 22.52
C TYR E 35 -1.78 -6.10 23.80
N GLN E 36 -3.03 -6.49 23.69
CA GLN E 36 -3.75 -7.02 24.85
C GLN E 36 -4.07 -8.47 24.54
N GLN E 37 -4.35 -9.26 25.57
CA GLN E 37 -4.70 -10.65 25.35
C GLN E 37 -5.30 -11.30 26.58
N LYS E 38 -6.40 -12.03 26.37
CA LYS E 38 -7.06 -12.74 27.46
C LYS E 38 -6.88 -14.24 27.18
N PRO E 39 -7.20 -15.10 28.16
CA PRO E 39 -7.09 -16.56 28.08
C PRO E 39 -7.52 -17.22 26.75
N GLY E 40 -6.52 -17.63 25.96
CA GLY E 40 -6.76 -18.28 24.70
C GLY E 40 -7.49 -17.41 23.70
N LYS E 41 -6.93 -16.23 23.41
CA LYS E 41 -7.56 -15.31 22.46
C LYS E 41 -6.52 -14.62 21.59
N VAL E 42 -6.65 -14.76 20.27
CA VAL E 42 -5.73 -14.09 19.35
C VAL E 42 -5.51 -12.71 19.97
N PRO E 43 -4.24 -12.32 20.17
CA PRO E 43 -3.97 -11.00 20.76
C PRO E 43 -4.53 -9.86 19.90
N LYS E 44 -5.03 -8.84 20.56
CA LYS E 44 -5.60 -7.67 19.89
C LYS E 44 -4.59 -6.51 19.99
N LEU E 45 -4.34 -5.81 18.88
CA LEU E 45 -3.41 -4.69 18.89
C LEU E 45 -4.07 -3.47 19.50
N LEU E 46 -3.71 -3.16 20.73
CA LEU E 46 -4.28 -2.04 21.46
C LEU E 46 -3.69 -0.66 21.19
N ILE E 47 -2.37 -0.59 20.99
CA ILE E 47 -1.72 0.70 20.76
C ILE E 47 -0.42 0.61 20.00
N TYR E 48 -0.32 1.35 18.90
CA TYR E 48 0.91 1.35 18.13
C TYR E 48 1.56 2.73 18.21
N ALA E 49 2.75 2.82 17.63
CA ALA E 49 3.54 4.05 17.60
C ALA E 49 3.53 4.87 18.90
N ALA E 50 3.71 4.17 20.02
CA ALA E 50 3.77 4.82 21.32
C ALA E 50 2.46 5.43 21.85
N SER E 51 2.07 6.57 21.30
CA SER E 51 0.89 7.30 21.75
C SER E 51 -0.44 7.04 21.07
N SER E 52 -0.38 6.66 19.79
CA SER E 52 -1.58 6.42 19.01
C SER E 52 -2.45 5.27 19.46
N LEU E 53 -3.71 5.58 19.68
CA LEU E 53 -4.68 4.60 20.10
C LEU E 53 -5.24 3.92 18.87
N GLN E 54 -4.89 2.65 18.69
CA GLN E 54 -5.34 1.88 17.55
C GLN E 54 -6.83 1.98 17.26
N SER E 55 -7.15 1.95 15.98
CA SER E 55 -8.52 2.01 15.49
C SER E 55 -9.40 0.97 16.20
N GLY E 56 -10.57 1.42 16.69
CA GLY E 56 -11.48 0.52 17.36
C GLY E 56 -11.06 0.23 18.78
N VAL E 57 -10.54 1.23 19.47
CA VAL E 57 -10.11 1.04 20.84
C VAL E 57 -10.70 2.09 21.76
N PRO E 58 -11.13 1.66 22.94
CA PRO E 58 -11.74 2.53 23.96
C PRO E 58 -10.90 3.77 24.25
N SER E 59 -11.49 4.76 24.88
CA SER E 59 -10.77 5.98 25.20
C SER E 59 -10.06 5.86 26.55
N ARG E 60 -10.29 4.77 27.26
CA ARG E 60 -9.62 4.63 28.53
C ARG E 60 -8.23 4.01 28.44
N PHE E 61 -7.63 4.07 27.25
CA PHE E 61 -6.30 3.52 27.01
C PHE E 61 -5.40 4.54 26.34
N SER E 62 -4.61 5.24 27.15
CA SER E 62 -3.69 6.27 26.66
C SER E 62 -2.36 5.59 26.36
N GLY E 63 -1.61 6.16 25.44
CA GLY E 63 -0.30 5.60 25.09
C GLY E 63 0.69 6.73 25.12
N SER E 64 1.90 6.48 25.61
CA SER E 64 2.90 7.54 25.73
C SER E 64 4.31 7.03 25.84
N GLY E 65 5.26 7.95 25.92
CA GLY E 65 6.66 7.57 26.04
C GLY E 65 7.42 7.76 24.74
N SER E 66 8.63 7.23 24.67
CA SER E 66 9.48 7.34 23.47
C SER E 66 10.94 7.11 23.87
N GLY E 67 11.69 6.37 23.06
CA GLY E 67 13.07 6.10 23.39
C GLY E 67 13.17 4.82 24.19
N THR E 68 13.04 4.90 25.51
CA THR E 68 13.11 3.72 26.37
C THR E 68 11.94 3.61 27.33
N ASP E 69 11.47 4.74 27.84
CA ASP E 69 10.37 4.77 28.81
C ASP E 69 9.02 4.88 28.17
N PHE E 70 8.30 3.77 28.15
CA PHE E 70 6.96 3.76 27.58
C PHE E 70 5.95 3.47 28.66
N THR E 71 4.73 3.93 28.44
CA THR E 71 3.72 3.77 29.43
C THR E 71 2.30 3.79 28.88
N LEU E 72 1.71 2.61 28.76
CA LEU E 72 0.34 2.47 28.30
C LEU E 72 -0.56 2.65 29.54
N THR E 73 -1.44 3.64 29.55
CA THR E 73 -2.29 3.85 30.72
C THR E 73 -3.78 3.55 30.57
N ILE E 74 -4.41 3.05 31.63
CA ILE E 74 -5.85 2.81 31.64
C ILE E 74 -6.44 3.67 32.74
N SER E 75 -7.25 4.64 32.32
CA SER E 75 -7.93 5.65 33.15
C SER E 75 -8.89 5.20 34.27
N SER E 76 -9.89 4.38 33.91
CA SER E 76 -10.86 3.89 34.89
C SER E 76 -11.13 2.42 34.55
N LEU E 77 -10.50 1.54 35.33
CA LEU E 77 -10.59 0.09 35.13
C LEU E 77 -11.97 -0.53 34.98
N GLN E 78 -12.05 -1.44 34.01
CA GLN E 78 -13.26 -2.15 33.67
C GLN E 78 -13.05 -3.66 33.70
N PRO E 79 -14.07 -4.42 34.15
CA PRO E 79 -14.07 -5.88 34.27
C PRO E 79 -13.52 -6.66 33.07
N GLU E 80 -13.46 -6.03 31.91
CA GLU E 80 -12.91 -6.67 30.72
C GLU E 80 -11.51 -6.11 30.48
N ASP E 81 -11.10 -5.17 31.31
CA ASP E 81 -9.77 -4.58 31.18
C ASP E 81 -8.77 -5.52 31.85
N PHE E 82 -9.29 -6.51 32.56
CA PHE E 82 -8.42 -7.47 33.20
C PHE E 82 -8.00 -8.61 32.27
N ALA E 83 -6.71 -8.64 31.98
CA ALA E 83 -6.12 -9.65 31.11
C ALA E 83 -4.60 -9.47 31.06
N THR E 84 -4.00 -9.80 29.91
CA THR E 84 -2.56 -9.69 29.78
C THR E 84 -2.21 -8.54 28.86
N TYR E 85 -1.09 -7.87 29.14
CA TYR E 85 -0.64 -6.75 28.33
C TYR E 85 0.82 -6.85 27.92
N TYR E 86 1.01 -7.05 26.62
CA TYR E 86 2.32 -7.17 26.00
C TYR E 86 2.69 -5.89 25.29
N CYS E 87 3.99 -5.71 25.05
CA CYS E 87 4.52 -4.55 24.36
C CYS E 87 5.57 -5.01 23.36
N GLN E 88 5.54 -4.45 22.16
CA GLN E 88 6.46 -4.85 21.13
C GLN E 88 7.30 -3.74 20.49
N GLN E 89 8.60 -3.99 20.32
CA GLN E 89 9.49 -3.01 19.69
C GLN E 89 9.62 -3.30 18.20
N SER E 90 9.59 -2.26 17.40
CA SER E 90 9.70 -2.40 15.97
C SER E 90 10.74 -1.47 15.40
N TYR E 91 11.88 -1.35 16.06
CA TYR E 91 12.94 -0.51 15.56
C TYR E 91 13.82 -1.42 14.72
N SER E 92 14.37 -2.43 15.38
CA SER E 92 15.25 -3.42 14.76
C SER E 92 14.53 -4.39 13.81
N THR E 93 15.27 -5.39 13.36
CA THR E 93 14.74 -6.43 12.49
C THR E 93 14.24 -7.51 13.43
N SER E 94 14.56 -7.31 14.71
CA SER E 94 14.18 -8.24 15.76
C SER E 94 12.96 -7.74 16.55
N HIS E 95 11.81 -7.72 15.90
CA HIS E 95 10.60 -7.31 16.60
C HIS E 95 10.54 -8.33 17.73
N THR E 96 10.36 -7.88 18.97
CA THR E 96 10.36 -8.80 20.11
C THR E 96 9.60 -8.28 21.32
N PHE E 97 8.52 -8.95 21.69
CA PHE E 97 7.70 -8.53 22.83
C PHE E 97 8.38 -8.59 24.20
N GLY E 98 7.57 -8.28 25.21
CA GLY E 98 8.03 -8.34 26.57
C GLY E 98 7.35 -9.57 27.12
N GLN E 99 7.56 -9.88 28.39
CA GLN E 99 6.93 -11.04 29.00
C GLN E 99 5.44 -10.83 29.16
N GLY E 100 5.01 -9.58 29.10
CA GLY E 100 3.61 -9.27 29.25
C GLY E 100 3.26 -9.06 30.71
N THR E 101 2.53 -7.98 31.02
CA THR E 101 2.11 -7.73 32.40
C THR E 101 0.67 -8.19 32.47
N LYS E 102 0.24 -8.69 33.60
CA LYS E 102 -1.12 -9.19 33.71
C LYS E 102 -1.87 -8.63 34.90
N LEU E 103 -2.97 -7.94 34.64
CA LEU E 103 -3.79 -7.36 35.71
C LEU E 103 -4.80 -8.36 36.22
N GLU E 104 -4.79 -8.56 37.53
CA GLU E 104 -5.73 -9.48 38.14
C GLU E 104 -6.73 -8.62 38.92
N ILE E 105 -7.93 -9.15 39.14
CA ILE E 105 -8.98 -8.44 39.87
C ILE E 105 -8.73 -8.54 41.36
N LYS E 106 -8.29 -7.45 41.96
CA LYS E 106 -8.02 -7.42 43.40
C LYS E 106 -9.33 -7.41 44.20
N ARG E 107 -9.26 -7.75 45.48
CA ARG E 107 -10.44 -7.75 46.33
C ARG E 107 -10.15 -8.21 47.75
N THR E 108 -11.21 -8.56 48.47
CA THR E 108 -11.12 -9.03 49.84
C THR E 108 -10.53 -10.43 49.85
N VAL E 109 -9.71 -10.70 50.87
CA VAL E 109 -9.06 -12.00 51.05
C VAL E 109 -10.09 -13.02 51.45
N ALA E 110 -9.76 -14.30 51.30
CA ALA E 110 -10.65 -15.38 51.65
C ALA E 110 -9.88 -16.67 51.77
N ALA E 111 -10.00 -17.33 52.91
CA ALA E 111 -9.32 -18.59 53.12
C ALA E 111 -9.94 -19.62 52.16
N PRO E 112 -9.13 -20.57 51.67
CA PRO E 112 -9.66 -21.58 50.77
C PRO E 112 -10.36 -22.59 51.64
N SER E 113 -11.11 -23.48 51.03
CA SER E 113 -11.73 -24.55 51.81
C SER E 113 -10.75 -25.69 51.56
N VAL E 114 -10.27 -26.34 52.63
CA VAL E 114 -9.33 -27.45 52.46
C VAL E 114 -10.04 -28.81 52.41
N PHE E 115 -9.64 -29.63 51.43
CA PHE E 115 -10.21 -30.95 51.23
C PHE E 115 -9.09 -31.96 50.99
N ILE E 116 -9.43 -33.24 51.03
CA ILE E 116 -8.41 -34.29 50.83
C ILE E 116 -9.03 -35.62 50.36
N PHE E 117 -8.40 -36.24 49.35
CA PHE E 117 -8.86 -37.49 48.76
C PHE E 117 -7.79 -38.56 48.60
N PRO E 118 -7.89 -39.70 49.32
CA PRO E 118 -6.83 -40.70 49.14
C PRO E 118 -6.99 -41.37 47.77
N PRO E 119 -5.97 -42.13 47.34
CA PRO E 119 -6.14 -42.74 46.04
C PRO E 119 -7.29 -43.74 46.11
N SER E 120 -7.53 -44.45 45.02
CA SER E 120 -8.61 -45.42 45.02
C SER E 120 -8.01 -46.81 44.76
N ASP E 121 -8.78 -47.85 45.09
CA ASP E 121 -8.32 -49.21 44.87
C ASP E 121 -7.97 -49.32 43.40
N GLU E 122 -8.92 -48.89 42.59
CA GLU E 122 -8.80 -48.89 41.15
C GLU E 122 -7.39 -48.45 40.72
N GLN E 123 -6.85 -47.45 41.43
CA GLN E 123 -5.54 -46.94 41.09
C GLN E 123 -4.38 -47.68 41.79
N LEU E 124 -4.67 -48.45 42.83
CA LEU E 124 -3.59 -49.18 43.50
C LEU E 124 -3.32 -50.45 42.69
N LYS E 125 -4.42 -51.02 42.19
CA LYS E 125 -4.38 -52.21 41.36
C LYS E 125 -3.47 -51.88 40.19
N SER E 126 -3.54 -50.64 39.73
CA SER E 126 -2.66 -50.20 38.65
C SER E 126 -1.23 -50.32 39.20
N GLY E 127 -1.03 -49.82 40.41
CA GLY E 127 0.27 -49.87 41.04
C GLY E 127 0.87 -48.49 41.32
N THR E 128 -0.01 -47.54 41.63
CA THR E 128 0.41 -46.17 41.95
C THR E 128 -0.66 -45.43 42.76
N ALA E 129 -0.22 -44.67 43.76
CA ALA E 129 -1.11 -43.91 44.66
C ALA E 129 -1.09 -42.42 44.34
N SER E 130 -2.27 -41.81 44.32
CA SER E 130 -2.41 -40.37 44.04
C SER E 130 -3.21 -39.73 45.19
N VAL E 131 -2.59 -38.85 45.97
CA VAL E 131 -3.29 -38.19 47.07
C VAL E 131 -3.66 -36.80 46.58
N VAL E 132 -4.94 -36.42 46.64
CA VAL E 132 -5.32 -35.11 46.15
C VAL E 132 -5.90 -34.11 47.16
N CYS E 133 -5.03 -33.33 47.78
CA CYS E 133 -5.44 -32.29 48.72
C CYS E 133 -6.19 -31.30 47.85
N LEU E 134 -7.09 -30.49 48.43
CA LEU E 134 -7.86 -29.49 47.67
C LEU E 134 -8.00 -28.18 48.46
N LEU E 135 -7.70 -27.06 47.79
CA LEU E 135 -7.77 -25.70 48.36
C LEU E 135 -8.87 -25.01 47.57
N ASN E 136 -10.05 -24.83 48.18
CA ASN E 136 -11.19 -24.24 47.46
C ASN E 136 -11.56 -22.75 47.57
N ASN E 137 -11.74 -22.13 46.40
CA ASN E 137 -12.13 -20.72 46.21
C ASN E 137 -11.62 -19.74 47.26
N PHE E 138 -10.39 -19.26 47.06
CA PHE E 138 -9.71 -18.34 47.97
C PHE E 138 -9.07 -17.12 47.31
N TYR E 139 -8.55 -16.23 48.16
CA TYR E 139 -7.88 -14.99 47.73
C TYR E 139 -7.01 -14.36 48.84
N PRO E 140 -5.82 -13.84 48.49
CA PRO E 140 -5.20 -13.78 47.16
C PRO E 140 -4.71 -15.12 46.66
N ARG E 141 -4.15 -15.09 45.47
CA ARG E 141 -3.65 -16.27 44.80
C ARG E 141 -2.58 -16.99 45.57
N GLU E 142 -1.61 -16.23 46.06
CA GLU E 142 -0.49 -16.77 46.81
C GLU E 142 -0.88 -17.69 47.96
N ALA E 143 -1.02 -18.98 47.64
CA ALA E 143 -1.34 -20.02 48.62
C ALA E 143 -0.05 -20.82 48.74
N LYS E 144 -0.04 -21.83 49.62
CA LYS E 144 1.16 -22.64 49.82
C LYS E 144 0.84 -24.05 50.34
N VAL E 145 0.98 -25.07 49.49
CA VAL E 145 0.67 -26.42 49.91
C VAL E 145 1.86 -27.33 50.21
N GLN E 146 2.07 -27.56 51.51
CA GLN E 146 3.15 -28.38 52.05
C GLN E 146 2.68 -29.77 52.52
N TRP E 147 3.11 -30.80 51.80
CA TRP E 147 2.77 -32.20 52.11
C TRP E 147 3.72 -32.77 53.16
N LYS E 148 3.26 -33.83 53.81
CA LYS E 148 4.02 -34.53 54.83
C LYS E 148 3.49 -35.96 54.84
N VAL E 149 4.39 -36.92 54.98
CA VAL E 149 3.99 -38.32 55.02
C VAL E 149 4.72 -38.92 56.20
N ASP E 150 4.01 -39.67 57.04
CA ASP E 150 4.62 -40.28 58.23
C ASP E 150 5.25 -39.21 59.09
N ASN E 151 5.07 -37.95 58.70
CA ASN E 151 5.63 -36.80 59.40
C ASN E 151 6.70 -36.08 58.57
N ALA E 152 7.49 -36.84 57.82
CA ALA E 152 8.54 -36.24 57.00
C ALA E 152 7.98 -35.24 55.99
N LEU E 153 8.43 -34.00 56.10
CA LEU E 153 7.99 -32.96 55.17
C LEU E 153 8.35 -33.46 53.78
N GLN E 154 7.43 -33.32 52.83
CA GLN E 154 7.67 -33.80 51.48
C GLN E 154 7.84 -32.66 50.47
N SER E 155 8.34 -33.04 49.29
CA SER E 155 8.57 -32.11 48.21
C SER E 155 9.25 -32.71 46.98
N GLY E 156 8.57 -32.68 45.85
CA GLY E 156 9.14 -33.20 44.61
C GLY E 156 8.23 -34.15 43.85
N ASN E 157 7.37 -34.81 44.61
CA ASN E 157 6.45 -35.79 44.11
C ASN E 157 5.09 -35.26 43.76
N SER E 158 4.77 -34.05 44.22
CA SER E 158 3.47 -33.42 43.96
C SER E 158 3.46 -32.27 42.99
N GLN E 159 2.31 -32.08 42.34
CA GLN E 159 2.09 -31.01 41.37
C GLN E 159 0.77 -30.25 41.68
N GLU E 160 0.66 -29.00 41.22
CA GLU E 160 -0.56 -28.23 41.41
C GLU E 160 -1.06 -27.49 40.18
N SER E 161 -2.38 -27.31 40.14
CA SER E 161 -3.05 -26.65 39.04
C SER E 161 -3.92 -25.56 39.64
N VAL E 162 -4.20 -24.52 38.88
CA VAL E 162 -5.00 -23.43 39.38
C VAL E 162 -5.99 -22.84 38.38
N THR E 163 -7.27 -23.09 38.63
CA THR E 163 -8.32 -22.54 37.80
C THR E 163 -8.04 -21.03 37.72
N GLU E 164 -8.38 -20.39 36.61
CA GLU E 164 -8.16 -18.96 36.50
C GLU E 164 -9.15 -18.17 37.37
N GLN E 165 -8.88 -16.88 37.55
CA GLN E 165 -9.74 -16.01 38.36
C GLN E 165 -11.25 -16.12 37.99
N ASP E 166 -12.07 -16.54 38.96
CA ASP E 166 -13.51 -16.70 38.75
C ASP E 166 -14.20 -15.42 38.32
N SER E 167 -15.05 -15.56 37.31
CA SER E 167 -15.80 -14.44 36.73
C SER E 167 -16.68 -13.70 37.69
N LYS E 168 -17.62 -14.42 38.30
CA LYS E 168 -18.57 -13.78 39.21
C LYS E 168 -18.25 -13.68 40.72
N ASP E 169 -17.04 -14.07 41.14
CA ASP E 169 -16.69 -13.98 42.56
C ASP E 169 -15.19 -13.81 42.76
N SER E 170 -14.49 -13.71 41.63
CA SER E 170 -13.05 -13.46 41.56
C SER E 170 -12.10 -14.13 42.55
N THR E 171 -12.26 -15.43 42.76
CA THR E 171 -11.41 -16.17 43.69
C THR E 171 -10.64 -17.23 42.93
N TYR E 172 -9.79 -17.96 43.63
CA TYR E 172 -9.01 -19.01 43.01
C TYR E 172 -9.18 -20.37 43.64
N SER E 173 -8.83 -21.39 42.88
CA SER E 173 -8.92 -22.75 43.37
C SER E 173 -7.68 -23.52 42.89
N LEU E 174 -7.05 -24.22 43.83
CA LEU E 174 -5.84 -24.97 43.54
C LEU E 174 -5.96 -26.41 44.01
N SER E 175 -5.33 -27.29 43.25
CA SER E 175 -5.34 -28.70 43.56
C SER E 175 -3.91 -29.18 43.53
N SER E 176 -3.54 -29.93 44.57
CA SER E 176 -2.21 -30.50 44.67
C SER E 176 -2.39 -32.00 44.61
N THR E 177 -1.58 -32.66 43.80
CA THR E 177 -1.70 -34.10 43.70
C THR E 177 -0.39 -34.82 43.95
N LEU E 178 -0.21 -35.29 45.18
CA LEU E 178 0.97 -36.03 45.54
C LEU E 178 0.77 -37.40 44.90
N THR E 179 1.80 -37.90 44.24
CA THR E 179 1.73 -39.20 43.59
C THR E 179 2.84 -40.11 44.08
N LEU E 180 2.43 -41.24 44.63
CA LEU E 180 3.32 -42.26 45.16
C LEU E 180 2.99 -43.60 44.50
N SER E 181 3.99 -44.45 44.29
CA SER E 181 3.77 -45.77 43.71
C SER E 181 3.01 -46.57 44.76
N LYS E 182 2.23 -47.55 44.32
CA LYS E 182 1.47 -48.37 45.25
C LYS E 182 2.44 -48.86 46.34
N ALA E 183 3.69 -49.06 45.92
CA ALA E 183 4.73 -49.54 46.81
C ALA E 183 5.06 -48.55 47.95
N ASP E 184 5.22 -47.27 47.61
CA ASP E 184 5.55 -46.27 48.61
C ASP E 184 4.36 -45.99 49.51
N TYR E 185 3.17 -45.98 48.92
CA TYR E 185 1.95 -45.72 49.67
C TYR E 185 1.82 -46.59 50.91
N GLU E 186 2.14 -47.87 50.77
CA GLU E 186 2.00 -48.74 51.93
C GLU E 186 3.09 -48.51 52.97
N LYS E 187 4.32 -48.31 52.51
CA LYS E 187 5.45 -48.08 53.42
C LYS E 187 5.13 -47.06 54.52
N HIS E 188 4.20 -46.16 54.23
CA HIS E 188 3.85 -45.09 55.17
C HIS E 188 2.43 -45.17 55.65
N LYS E 189 2.20 -44.64 56.85
CA LYS E 189 0.87 -44.66 57.52
C LYS E 189 0.16 -43.32 57.55
N VAL E 190 0.89 -42.26 57.87
CA VAL E 190 0.25 -40.96 57.94
C VAL E 190 0.39 -40.17 56.65
N TYR E 191 -0.68 -39.49 56.27
CA TYR E 191 -0.67 -38.71 55.06
C TYR E 191 -1.32 -37.35 55.31
N ALA E 192 -0.59 -36.27 55.01
CA ALA E 192 -1.10 -34.93 55.25
C ALA E 192 -0.66 -33.78 54.35
N CYS E 193 -1.52 -32.76 54.27
CA CYS E 193 -1.21 -31.56 53.53
C CYS E 193 -1.61 -30.39 54.42
N GLU E 194 -0.66 -29.48 54.59
CA GLU E 194 -0.81 -28.29 55.42
C GLU E 194 -0.82 -27.06 54.53
N VAL E 195 -1.99 -26.39 54.48
CA VAL E 195 -2.22 -25.20 53.65
C VAL E 195 -1.92 -23.86 54.34
N THR E 196 -0.70 -23.36 54.18
CA THR E 196 -0.34 -22.09 54.79
C THR E 196 -0.88 -21.04 53.84
N HIS E 197 -1.44 -19.98 54.39
CA HIS E 197 -2.04 -18.95 53.53
C HIS E 197 -2.32 -17.64 54.29
N GLN E 198 -2.44 -16.55 53.53
CA GLN E 198 -2.70 -15.21 54.07
C GLN E 198 -3.94 -15.13 54.96
N GLY E 199 -5.11 -15.40 54.37
CA GLY E 199 -6.37 -15.37 55.08
C GLY E 199 -6.56 -16.44 56.14
N LEU E 200 -5.50 -17.14 56.50
CA LEU E 200 -5.58 -18.17 57.53
C LEU E 200 -4.63 -17.78 58.63
N SER E 201 -5.15 -17.43 59.81
CA SER E 201 -4.30 -17.05 60.95
C SER E 201 -3.30 -18.15 61.20
N SER E 202 -3.82 -19.37 61.38
CA SER E 202 -3.03 -20.56 61.61
C SER E 202 -3.21 -21.46 60.37
N PRO E 203 -2.11 -22.05 59.87
CA PRO E 203 -2.19 -22.93 58.69
C PRO E 203 -3.21 -24.05 58.88
N VAL E 204 -3.93 -24.37 57.82
CA VAL E 204 -4.92 -25.44 57.86
C VAL E 204 -4.25 -26.78 57.57
N THR E 205 -4.92 -27.86 57.93
CA THR E 205 -4.37 -29.17 57.64
C THR E 205 -5.39 -30.32 57.66
N LYS E 206 -5.46 -31.00 56.53
CA LYS E 206 -6.33 -32.16 56.36
C LYS E 206 -5.33 -33.31 56.31
N SER E 207 -5.78 -34.53 56.58
CA SER E 207 -4.89 -35.70 56.55
C SER E 207 -5.57 -37.00 56.98
N PHE E 208 -5.03 -38.13 56.51
CA PHE E 208 -5.55 -39.44 56.88
C PHE E 208 -4.44 -40.45 57.08
N ASN E 209 -4.80 -41.61 57.61
CA ASN E 209 -3.86 -42.69 57.86
C ASN E 209 -4.27 -43.91 57.04
N ARG E 210 -3.62 -44.12 55.90
CA ARG E 210 -3.91 -45.24 55.00
C ARG E 210 -4.51 -46.39 55.79
N GLY E 211 -5.77 -46.72 55.48
CA GLY E 211 -6.46 -47.79 56.20
C GLY E 211 -7.37 -47.18 57.27
N GLU E 212 -8.61 -46.88 56.87
CA GLU E 212 -9.59 -46.31 57.78
C GLU E 212 -10.87 -46.00 57.02
N GLN F 1 -10.84 -7.07 6.07
CA GLN F 1 -11.06 -8.50 6.22
C GLN F 1 -9.75 -9.30 6.17
N VAL F 2 -8.97 -9.09 5.11
CA VAL F 2 -7.69 -9.78 4.90
C VAL F 2 -7.25 -10.66 6.07
N GLN F 3 -7.58 -11.94 6.02
CA GLN F 3 -7.24 -12.84 7.11
C GLN F 3 -6.30 -13.98 6.72
N LEU F 4 -5.54 -14.46 7.71
CA LEU F 4 -4.58 -15.55 7.53
C LEU F 4 -5.17 -16.92 7.86
N LEU F 5 -4.67 -17.97 7.19
CA LEU F 5 -5.11 -19.35 7.41
C LEU F 5 -3.96 -20.28 7.69
N GLN F 6 -4.01 -20.82 8.90
CA GLN F 6 -3.00 -21.70 9.38
C GLN F 6 -3.31 -23.17 9.30
N SER F 7 -2.22 -23.89 9.54
CA SER F 7 -2.23 -25.33 9.54
C SER F 7 -2.76 -25.95 10.82
N GLY F 8 -3.04 -27.24 10.73
CA GLY F 8 -3.60 -27.99 11.86
C GLY F 8 -2.59 -28.37 12.94
N ALA F 9 -3.10 -28.56 14.15
CA ALA F 9 -2.29 -28.92 15.32
C ALA F 9 -1.64 -30.29 15.13
N GLU F 10 -0.38 -30.27 14.67
CA GLU F 10 0.38 -31.49 14.42
C GLU F 10 1.03 -32.01 15.70
N VAL F 11 1.66 -33.19 15.59
CA VAL F 11 2.34 -33.81 16.72
C VAL F 11 3.60 -34.50 16.25
N LYS F 12 4.71 -33.77 16.22
CA LYS F 12 5.97 -34.35 15.79
C LYS F 12 6.70 -35.02 16.93
N LYS F 13 7.66 -35.86 16.59
CA LYS F 13 8.43 -36.58 17.59
C LYS F 13 9.70 -35.81 17.91
N PRO F 14 10.08 -35.77 19.20
CA PRO F 14 11.27 -35.08 19.68
C PRO F 14 12.49 -35.37 18.80
N GLY F 15 13.09 -34.32 18.23
CA GLY F 15 14.24 -34.49 17.35
C GLY F 15 13.86 -34.40 15.88
N SER F 16 12.56 -34.28 15.62
CA SER F 16 12.03 -34.17 14.28
C SER F 16 11.83 -32.69 13.92
N SER F 17 11.28 -32.44 12.74
CA SER F 17 11.04 -31.06 12.30
C SER F 17 9.59 -30.92 11.85
N VAL F 18 9.19 -29.73 11.43
CA VAL F 18 7.82 -29.53 10.98
C VAL F 18 7.60 -28.19 10.28
N LYS F 19 6.57 -28.16 9.44
CA LYS F 19 6.20 -26.97 8.67
C LYS F 19 4.82 -26.53 9.15
N VAL F 20 4.68 -25.23 9.41
CA VAL F 20 3.42 -24.66 9.88
C VAL F 20 2.62 -24.20 8.65
N SER F 21 2.03 -23.00 8.71
CA SER F 21 1.27 -22.47 7.57
C SER F 21 0.63 -21.11 7.87
N CYS F 22 0.16 -20.44 6.81
CA CYS F 22 -0.48 -19.14 6.91
C CYS F 22 -0.91 -18.70 5.51
N LYS F 23 -2.22 -18.76 5.26
CA LYS F 23 -2.81 -18.40 3.96
C LYS F 23 -3.21 -16.94 3.89
N ALA F 24 -2.86 -16.29 2.78
CA ALA F 24 -3.16 -14.88 2.59
C ALA F 24 -4.42 -14.64 1.74
N SER F 25 -5.44 -15.47 1.94
CA SER F 25 -6.69 -15.31 1.21
C SER F 25 -7.34 -14.05 1.75
N GLY F 26 -6.58 -12.96 1.68
CA GLY F 26 -7.08 -11.68 2.17
C GLY F 26 -6.74 -10.51 1.24
N GLY F 27 -6.02 -9.53 1.79
CA GLY F 27 -5.65 -8.36 1.02
C GLY F 27 -4.51 -8.56 0.04
N THR F 28 -3.30 -8.15 0.43
CA THR F 28 -2.13 -8.28 -0.43
C THR F 28 -0.95 -8.98 0.26
N PHE F 29 -0.95 -10.31 0.17
CA PHE F 29 0.08 -11.15 0.75
C PHE F 29 1.50 -10.70 0.46
N SER F 30 1.88 -10.74 -0.82
CA SER F 30 3.21 -10.37 -1.24
C SER F 30 3.64 -8.95 -0.89
N SER F 31 2.68 -8.11 -0.49
CA SER F 31 2.98 -6.73 -0.11
C SER F 31 3.15 -6.67 1.41
N TYR F 32 2.23 -7.31 2.12
CA TYR F 32 2.26 -7.37 3.57
C TYR F 32 3.58 -7.99 4.01
N ALA F 33 3.96 -7.78 5.26
CA ALA F 33 5.21 -8.34 5.78
C ALA F 33 4.92 -9.29 6.93
N ILE F 34 4.45 -10.50 6.60
CA ILE F 34 4.09 -11.50 7.60
C ILE F 34 5.13 -11.77 8.67
N SER F 35 4.64 -12.07 9.87
CA SER F 35 5.49 -12.33 11.01
C SER F 35 5.08 -13.62 11.75
N TRP F 36 6.06 -14.40 12.19
CA TRP F 36 5.82 -15.65 12.91
C TRP F 36 6.20 -15.53 14.37
N VAL F 37 5.17 -15.52 15.22
CA VAL F 37 5.33 -15.41 16.66
C VAL F 37 4.57 -16.52 17.38
N ARG F 38 5.21 -17.16 18.35
CA ARG F 38 4.57 -18.24 19.07
C ARG F 38 4.40 -17.99 20.57
N GLN F 39 3.60 -18.83 21.21
CA GLN F 39 3.33 -18.68 22.64
C GLN F 39 3.27 -20.03 23.33
N ALA F 40 4.38 -20.46 23.91
CA ALA F 40 4.39 -21.74 24.62
C ALA F 40 3.34 -21.66 25.71
N PRO F 41 2.82 -22.80 26.15
CA PRO F 41 1.81 -22.87 27.21
C PRO F 41 2.19 -22.13 28.49
N GLY F 42 1.46 -21.07 28.81
CA GLY F 42 1.74 -20.28 29.99
C GLY F 42 3.04 -19.54 29.76
N GLN F 43 3.19 -19.07 28.53
CA GLN F 43 4.38 -18.34 28.13
C GLN F 43 4.02 -17.14 27.27
N GLY F 44 4.91 -16.16 27.24
CA GLY F 44 4.67 -14.96 26.46
C GLY F 44 4.94 -15.16 24.99
N LEU F 45 4.38 -14.28 24.17
CA LEU F 45 4.57 -14.37 22.73
C LEU F 45 6.06 -14.41 22.42
N GLU F 46 6.40 -14.95 21.28
CA GLU F 46 7.78 -15.04 20.86
C GLU F 46 7.89 -14.75 19.37
N TRP F 47 8.53 -13.64 19.05
CA TRP F 47 8.71 -13.24 17.67
C TRP F 47 9.84 -14.13 17.16
N MET F 48 9.57 -14.87 16.09
CA MET F 48 10.57 -15.77 15.56
C MET F 48 11.29 -15.17 14.36
N GLY F 49 10.51 -14.49 13.52
CA GLY F 49 11.06 -13.87 12.33
C GLY F 49 10.00 -13.34 11.41
N GLY F 50 10.39 -12.97 10.20
CA GLY F 50 9.44 -12.45 9.23
C GLY F 50 9.95 -12.43 7.81
N ILE F 51 9.04 -12.47 6.83
CA ILE F 51 9.39 -12.44 5.41
C ILE F 51 8.47 -11.54 4.58
N ILE F 52 9.08 -10.66 3.79
CA ILE F 52 8.31 -9.79 2.94
C ILE F 52 8.37 -10.42 1.55
N PRO F 53 7.48 -11.39 1.30
CA PRO F 53 7.37 -12.12 0.04
C PRO F 53 8.28 -11.56 -1.03
N VAL F 54 7.87 -10.45 -1.61
CA VAL F 54 8.62 -9.76 -2.65
C VAL F 54 9.97 -10.39 -2.99
N PHE F 55 10.88 -10.33 -2.02
CA PHE F 55 12.25 -10.84 -2.13
C PHE F 55 12.69 -11.74 -0.95
N GLY F 56 12.31 -13.02 -1.00
CA GLY F 56 12.66 -13.95 0.07
C GLY F 56 13.86 -13.47 0.85
N SER F 57 13.68 -13.12 2.12
CA SER F 57 14.79 -12.62 2.92
C SER F 57 14.70 -12.95 4.41
N ALA F 58 13.64 -13.64 4.79
CA ALA F 58 13.39 -14.03 6.18
C ALA F 58 14.38 -13.51 7.21
N ASN F 59 13.88 -12.68 8.13
CA ASN F 59 14.68 -12.12 9.21
C ASN F 59 14.41 -13.01 10.40
N TYR F 60 15.44 -13.71 10.90
CA TYR F 60 15.25 -14.62 12.02
C TYR F 60 15.56 -14.04 13.40
N ALA F 61 14.95 -14.64 14.41
CA ALA F 61 15.17 -14.22 15.78
C ALA F 61 16.44 -14.85 16.35
N GLN F 62 17.44 -14.02 16.59
CA GLN F 62 18.74 -14.45 17.15
C GLN F 62 18.93 -15.94 17.42
N LYS F 63 18.48 -16.39 18.59
CA LYS F 63 18.62 -17.78 18.99
C LYS F 63 18.31 -18.79 17.90
N PHE F 64 17.10 -18.71 17.34
CA PHE F 64 16.69 -19.65 16.29
C PHE F 64 17.54 -19.51 15.02
N GLN F 65 18.85 -19.39 15.17
CA GLN F 65 19.72 -19.26 14.00
C GLN F 65 19.91 -20.63 13.37
N GLY F 66 19.48 -20.77 12.11
CA GLY F 66 19.59 -22.03 11.39
C GLY F 66 18.45 -22.93 11.81
N ARG F 67 17.99 -22.74 13.03
CA ARG F 67 16.91 -23.54 13.59
C ARG F 67 15.67 -23.50 12.71
N VAL F 68 15.14 -22.29 12.52
CA VAL F 68 13.93 -22.09 11.72
C VAL F 68 14.12 -21.55 10.31
N THR F 69 13.22 -21.93 9.41
CA THR F 69 13.23 -21.49 8.01
C THR F 69 11.85 -20.89 7.67
N ILE F 70 11.87 -19.75 6.97
CA ILE F 70 10.64 -19.04 6.61
C ILE F 70 10.42 -18.83 5.11
N THR F 71 9.33 -19.38 4.58
CA THR F 71 9.03 -19.20 3.15
C THR F 71 7.66 -18.53 2.94
N ALA F 72 7.21 -18.52 1.69
CA ALA F 72 5.92 -17.93 1.32
C ALA F 72 5.73 -17.91 -0.19
N ASP F 73 4.97 -18.88 -0.69
CA ASP F 73 4.68 -19.04 -2.12
C ASP F 73 3.71 -17.97 -2.67
N GLU F 74 4.26 -16.92 -3.28
CA GLU F 74 3.46 -15.82 -3.82
C GLU F 74 2.42 -16.32 -4.80
N ALA F 75 2.71 -17.45 -5.43
CA ALA F 75 1.81 -18.04 -6.41
C ALA F 75 0.55 -18.56 -5.73
N THR F 76 0.58 -18.56 -4.40
CA THR F 76 -0.55 -19.05 -3.63
C THR F 76 -0.71 -18.26 -2.34
N SER F 77 0.05 -17.17 -2.21
CA SER F 77 0.01 -16.33 -1.01
C SER F 77 -0.02 -17.19 0.26
N THR F 78 0.95 -18.07 0.37
CA THR F 78 1.06 -18.95 1.51
C THR F 78 2.40 -18.70 2.17
N THR F 79 2.47 -18.96 3.47
CA THR F 79 3.70 -18.80 4.25
C THR F 79 3.97 -20.10 4.99
N TYR F 80 5.23 -20.51 5.01
CA TYR F 80 5.59 -21.73 5.71
C TYR F 80 6.58 -21.37 6.80
N MET F 81 6.51 -22.09 7.91
CA MET F 81 7.40 -21.83 9.02
C MET F 81 8.14 -23.12 9.36
N GLU F 82 9.09 -23.46 8.50
CA GLU F 82 9.91 -24.65 8.67
C GLU F 82 10.65 -24.59 10.01
N LEU F 83 10.85 -25.75 10.64
CA LEU F 83 11.59 -25.84 11.90
C LEU F 83 12.01 -27.29 12.18
N SER F 84 13.31 -27.51 12.31
CA SER F 84 13.83 -28.85 12.54
C SER F 84 14.48 -28.99 13.90
N SER F 85 14.69 -30.23 14.30
CA SER F 85 15.34 -30.60 15.57
C SER F 85 14.43 -30.29 16.76
N LEU F 86 13.12 -30.35 16.52
CA LEU F 86 12.13 -30.05 17.56
C LEU F 86 12.50 -30.60 18.93
N ARG F 87 11.95 -29.97 19.96
CA ARG F 87 12.19 -30.38 21.33
C ARG F 87 10.88 -30.33 22.08
N SER F 88 10.95 -30.31 23.40
CA SER F 88 9.76 -30.24 24.22
C SER F 88 9.50 -28.77 24.43
N GLU F 89 10.49 -27.96 24.03
CA GLU F 89 10.43 -26.51 24.14
C GLU F 89 10.13 -25.92 22.78
N ASP F 90 9.15 -26.52 22.10
CA ASP F 90 8.69 -26.11 20.78
C ASP F 90 7.19 -26.44 20.74
N THR F 91 6.79 -27.35 21.63
CA THR F 91 5.40 -27.78 21.76
C THR F 91 4.62 -26.54 22.17
N ALA F 92 3.86 -25.96 21.24
CA ALA F 92 3.14 -24.75 21.59
C ALA F 92 2.05 -24.36 20.59
N VAL F 93 1.93 -23.05 20.37
CA VAL F 93 0.96 -22.52 19.44
C VAL F 93 1.64 -21.46 18.63
N TYR F 94 1.58 -21.67 17.32
CA TYR F 94 2.20 -20.75 16.40
C TYR F 94 1.22 -19.80 15.70
N PHE F 95 1.48 -18.52 15.91
CA PHE F 95 0.72 -17.42 15.36
C PHE F 95 1.57 -16.72 14.31
N CYS F 96 0.95 -16.40 13.19
CA CYS F 96 1.63 -15.70 12.12
C CYS F 96 0.75 -14.47 11.90
N ALA F 97 1.34 -13.28 12.07
CA ALA F 97 0.61 -12.05 11.91
C ALA F 97 1.25 -11.20 10.85
N LYS F 98 0.71 -10.00 10.67
CA LYS F 98 1.18 -9.04 9.68
C LYS F 98 0.49 -7.70 9.94
N GLY F 99 1.04 -6.62 9.39
CA GLY F 99 0.44 -5.30 9.58
C GLY F 99 0.72 -4.29 8.47
N GLY F 100 -0.27 -3.47 8.16
CA GLY F 100 -0.12 -2.46 7.13
C GLY F 100 -1.00 -1.25 7.36
N HIS F 114 4.14 0.92 12.61
CA HIS F 114 4.17 -0.53 12.64
C HIS F 114 2.89 -1.08 13.26
N GLY F 115 3.00 -2.23 13.92
CA GLY F 115 1.86 -2.83 14.59
C GLY F 115 1.28 -4.03 13.86
N MET F 116 1.10 -5.13 14.59
CA MET F 116 0.56 -6.34 13.98
C MET F 116 -0.95 -6.35 13.96
N ASP F 117 -1.47 -5.89 12.82
CA ASP F 117 -2.88 -5.80 12.52
C ASP F 117 -3.60 -7.13 12.75
N VAL F 118 -3.43 -8.06 11.82
CA VAL F 118 -4.09 -9.36 11.90
C VAL F 118 -3.15 -10.56 12.09
N TRP F 119 -3.64 -11.56 12.82
CA TRP F 119 -2.88 -12.80 13.13
C TRP F 119 -3.68 -14.04 12.74
N GLY F 120 -3.00 -15.17 12.60
CA GLY F 120 -3.70 -16.40 12.28
C GLY F 120 -4.51 -16.85 13.50
N GLN F 121 -5.04 -18.06 13.50
CA GLN F 121 -5.83 -18.52 14.63
C GLN F 121 -5.04 -19.40 15.59
N GLY F 122 -4.65 -20.59 15.15
CA GLY F 122 -3.91 -21.45 16.05
C GLY F 122 -3.50 -22.85 15.62
N THR F 123 -2.19 -23.01 15.47
CA THR F 123 -1.59 -24.28 15.10
C THR F 123 -0.91 -24.71 16.41
N THR F 124 -1.41 -25.80 17.02
CA THR F 124 -0.88 -26.27 18.31
C THR F 124 0.13 -27.41 18.25
N VAL F 125 1.39 -27.07 18.03
CA VAL F 125 2.45 -28.06 17.97
C VAL F 125 2.59 -28.82 19.27
N THR F 126 2.50 -30.14 19.18
CA THR F 126 2.67 -31.02 20.32
C THR F 126 3.83 -31.92 19.92
N VAL F 127 4.96 -31.78 20.59
CA VAL F 127 6.12 -32.56 20.26
C VAL F 127 6.37 -33.61 21.29
N ALA F 128 5.54 -34.64 21.28
CA ALA F 128 5.71 -35.71 22.22
C ALA F 128 6.17 -37.01 21.58
N SER F 129 6.91 -37.80 22.35
CA SER F 129 7.37 -39.10 21.89
C SER F 129 6.24 -40.00 22.35
N ALA F 130 5.55 -39.54 23.38
CA ALA F 130 4.44 -40.27 23.95
C ALA F 130 3.50 -40.78 22.87
N SER F 131 2.97 -41.98 23.08
CA SER F 131 2.04 -42.59 22.13
C SER F 131 0.60 -42.27 22.52
N THR F 132 -0.27 -42.06 21.53
CA THR F 132 -1.65 -41.78 21.85
C THR F 132 -2.14 -42.74 22.92
N LYS F 133 -2.69 -42.18 23.99
CA LYS F 133 -3.18 -42.97 25.11
C LYS F 133 -4.55 -42.51 25.56
N GLY F 134 -5.47 -43.45 25.75
CA GLY F 134 -6.79 -43.09 26.22
C GLY F 134 -6.59 -42.76 27.70
N PRO F 135 -7.47 -41.97 28.33
CA PRO F 135 -7.26 -41.66 29.75
C PRO F 135 -7.85 -42.66 30.71
N SER F 136 -7.35 -42.64 31.94
CA SER F 136 -7.85 -43.51 33.00
C SER F 136 -8.56 -42.55 33.96
N VAL F 137 -9.79 -42.83 34.35
CA VAL F 137 -10.47 -41.91 35.26
C VAL F 137 -10.81 -42.49 36.61
N PHE F 138 -10.04 -42.06 37.59
CA PHE F 138 -10.22 -42.53 38.97
C PHE F 138 -11.11 -41.55 39.73
N PRO F 139 -11.76 -42.01 40.79
CA PRO F 139 -12.61 -41.03 41.46
C PRO F 139 -12.17 -40.51 42.83
N LEU F 140 -12.35 -39.21 43.04
CA LEU F 140 -12.03 -38.59 44.32
C LEU F 140 -13.33 -38.68 45.13
N ALA F 141 -13.37 -39.59 46.10
CA ALA F 141 -14.58 -39.78 46.90
C ALA F 141 -14.81 -38.81 48.06
N PRO F 142 -16.09 -38.48 48.33
CA PRO F 142 -16.55 -37.58 49.40
C PRO F 142 -16.37 -38.26 50.73
N SER F 143 -16.06 -37.45 51.75
CA SER F 143 -15.87 -37.96 53.10
C SER F 143 -16.38 -36.90 54.06
N SER F 144 -15.75 -36.81 55.22
CA SER F 144 -16.08 -35.82 56.23
C SER F 144 -14.81 -34.98 56.33
N LYS F 145 -13.79 -35.46 55.62
CA LYS F 145 -12.48 -34.80 55.53
C LYS F 145 -12.50 -33.88 54.30
N SER F 146 -13.68 -33.79 53.70
CA SER F 146 -13.90 -32.96 52.52
C SER F 146 -15.31 -32.38 52.61
N THR F 147 -15.64 -31.82 53.77
CA THR F 147 -16.97 -31.27 53.98
C THR F 147 -17.07 -30.14 55.00
N SER F 148 -17.22 -28.90 54.53
CA SER F 148 -17.34 -27.74 55.40
C SER F 148 -18.82 -27.35 55.56
N GLY F 149 -19.40 -27.67 56.71
CA GLY F 149 -20.79 -27.34 56.96
C GLY F 149 -21.72 -28.17 56.09
N GLY F 150 -22.33 -27.51 55.10
CA GLY F 150 -23.25 -28.20 54.20
C GLY F 150 -22.68 -28.51 52.83
N THR F 151 -21.36 -28.35 52.69
CA THR F 151 -20.70 -28.63 51.42
C THR F 151 -19.81 -29.86 51.53
N ALA F 152 -19.75 -30.60 50.44
CA ALA F 152 -18.93 -31.81 50.37
C ALA F 152 -18.24 -31.81 49.01
N ALA F 153 -16.91 -31.87 49.01
CA ALA F 153 -16.20 -31.87 47.76
C ALA F 153 -15.91 -33.28 47.26
N LEU F 154 -15.94 -33.42 45.94
CA LEU F 154 -15.64 -34.66 45.27
C LEU F 154 -15.08 -34.35 43.90
N GLY F 155 -14.74 -35.40 43.16
CA GLY F 155 -14.20 -35.19 41.82
C GLY F 155 -13.70 -36.41 41.08
N CYS F 156 -13.07 -36.14 39.96
CA CYS F 156 -12.53 -37.16 39.10
C CYS F 156 -11.04 -36.90 38.82
N LEU F 157 -10.25 -37.95 38.73
CA LEU F 157 -8.87 -37.76 38.38
C LEU F 157 -8.83 -38.39 37.00
N VAL F 158 -8.50 -37.57 36.02
CA VAL F 158 -8.41 -38.02 34.64
C VAL F 158 -6.93 -38.05 34.33
N LYS F 159 -6.25 -39.07 34.84
CA LYS F 159 -4.82 -39.20 34.64
C LYS F 159 -4.37 -40.01 33.40
N ASP F 160 -3.25 -39.58 32.82
CA ASP F 160 -2.61 -40.21 31.67
C ASP F 160 -3.34 -40.42 30.36
N TYR F 161 -3.08 -39.51 29.43
CA TYR F 161 -3.63 -39.55 28.08
C TYR F 161 -2.84 -38.58 27.22
N PHE F 162 -2.82 -38.88 25.93
CA PHE F 162 -2.12 -38.06 24.94
C PHE F 162 -2.87 -38.19 23.62
N PRO F 163 -3.10 -37.06 22.92
CA PRO F 163 -2.66 -35.74 23.35
C PRO F 163 -3.88 -35.01 23.86
N GLU F 164 -3.66 -33.77 24.27
CA GLU F 164 -4.76 -32.93 24.71
C GLU F 164 -5.61 -32.82 23.46
N PRO F 165 -6.87 -32.40 23.60
CA PRO F 165 -7.50 -32.07 24.88
C PRO F 165 -8.53 -33.11 25.22
N VAL F 166 -9.10 -32.98 26.41
CA VAL F 166 -10.12 -33.91 26.84
C VAL F 166 -11.23 -33.02 27.39
N THR F 167 -12.43 -33.57 27.58
CA THR F 167 -13.52 -32.77 28.10
C THR F 167 -14.22 -33.46 29.27
N VAL F 168 -14.50 -32.70 30.31
CA VAL F 168 -15.16 -33.25 31.48
C VAL F 168 -16.51 -32.57 31.71
N SER F 169 -17.44 -33.32 32.31
CA SER F 169 -18.77 -32.84 32.62
C SER F 169 -19.31 -33.64 33.80
N TRP F 170 -20.57 -33.43 34.13
CA TRP F 170 -21.20 -34.16 35.22
C TRP F 170 -22.67 -34.50 34.94
N ASN F 171 -23.09 -35.64 35.47
CA ASN F 171 -24.45 -36.13 35.31
C ASN F 171 -24.92 -35.88 33.90
N SER F 172 -24.09 -36.23 32.93
CA SER F 172 -24.43 -36.08 31.53
C SER F 172 -24.69 -34.64 31.09
N GLY F 173 -24.05 -33.68 31.75
CA GLY F 173 -24.24 -32.29 31.37
C GLY F 173 -25.00 -31.46 32.38
N ALA F 174 -25.89 -32.10 33.13
CA ALA F 174 -26.70 -31.42 34.13
C ALA F 174 -25.87 -30.56 35.09
N LEU F 175 -25.44 -31.18 36.17
CA LEU F 175 -24.65 -30.52 37.20
C LEU F 175 -23.54 -29.61 36.63
N THR F 176 -23.70 -28.29 36.80
CA THR F 176 -22.71 -27.31 36.33
C THR F 176 -22.46 -26.22 37.36
N SER F 177 -23.32 -26.16 38.37
CA SER F 177 -23.17 -25.17 39.42
C SER F 177 -22.25 -25.75 40.50
N GLY F 178 -21.08 -25.16 40.65
CA GLY F 178 -20.13 -25.61 41.65
C GLY F 178 -19.03 -26.53 41.18
N VAL F 179 -18.73 -26.50 39.88
CA VAL F 179 -17.68 -27.34 39.27
C VAL F 179 -16.36 -26.59 39.14
N HIS F 180 -15.27 -27.35 39.01
CA HIS F 180 -13.91 -26.80 38.86
C HIS F 180 -13.06 -27.80 38.11
N THR F 181 -12.84 -27.58 36.83
CA THR F 181 -12.03 -28.49 36.05
C THR F 181 -10.64 -27.89 35.80
N PHE F 182 -9.69 -28.20 36.66
CA PHE F 182 -8.35 -27.65 36.52
C PHE F 182 -7.69 -27.86 35.17
N PRO F 183 -6.64 -27.09 34.89
CA PRO F 183 -5.90 -27.15 33.64
C PRO F 183 -5.06 -28.41 33.61
N ALA F 184 -5.26 -29.26 32.61
CA ALA F 184 -4.51 -30.49 32.50
C ALA F 184 -3.06 -30.11 32.74
N VAL F 185 -2.35 -30.93 33.51
CA VAL F 185 -0.93 -30.68 33.78
C VAL F 185 -0.13 -31.80 33.15
N LEU F 186 0.99 -31.42 32.54
CA LEU F 186 1.85 -32.40 31.93
C LEU F 186 2.74 -33.06 32.99
N GLN F 187 2.65 -34.39 33.01
CA GLN F 187 3.37 -35.23 33.94
C GLN F 187 4.81 -35.54 33.56
N SER F 188 5.52 -35.98 34.58
CA SER F 188 6.90 -36.39 34.43
C SER F 188 6.99 -37.40 33.28
N SER F 189 6.10 -38.41 33.32
CA SER F 189 6.04 -39.45 32.31
C SER F 189 5.75 -38.91 30.92
N GLY F 190 5.43 -37.62 30.84
CA GLY F 190 5.11 -37.02 29.56
C GLY F 190 3.71 -37.43 29.11
N LEU F 191 2.74 -37.28 30.00
CA LEU F 191 1.35 -37.62 29.75
C LEU F 191 0.43 -36.78 30.60
N TYR F 192 -0.56 -36.18 29.97
CA TYR F 192 -1.47 -35.31 30.67
C TYR F 192 -2.31 -35.90 31.77
N SER F 193 -2.63 -35.06 32.74
CA SER F 193 -3.44 -35.48 33.86
C SER F 193 -4.17 -34.27 34.41
N LEU F 194 -5.28 -34.52 35.08
CA LEU F 194 -6.07 -33.47 35.70
C LEU F 194 -7.10 -34.06 36.64
N SER F 195 -7.99 -33.24 37.17
CA SER F 195 -9.00 -33.74 38.09
C SER F 195 -10.12 -32.73 38.23
N SER F 196 -11.34 -33.18 37.94
CA SER F 196 -12.52 -32.33 37.97
C SER F 196 -13.28 -32.42 39.30
N VAL F 197 -13.22 -31.40 40.14
CA VAL F 197 -13.93 -31.41 41.42
C VAL F 197 -15.26 -30.68 41.26
N VAL F 198 -16.13 -30.72 42.28
CA VAL F 198 -17.43 -30.05 42.21
C VAL F 198 -18.20 -30.04 43.55
N THR F 199 -17.89 -29.09 44.44
CA THR F 199 -18.56 -29.01 45.75
C THR F 199 -20.08 -29.14 45.67
N VAL F 200 -20.67 -29.93 46.58
CA VAL F 200 -22.12 -30.16 46.61
C VAL F 200 -22.64 -30.43 48.03
N PRO F 201 -23.96 -30.63 48.19
CA PRO F 201 -24.60 -30.89 49.49
C PRO F 201 -24.09 -32.12 50.22
N SER F 202 -23.93 -32.00 51.54
CA SER F 202 -23.45 -33.09 52.40
C SER F 202 -24.59 -34.09 52.61
N SER F 203 -25.79 -33.55 52.71
CA SER F 203 -26.99 -34.35 52.89
C SER F 203 -27.39 -35.02 51.57
N SER F 204 -26.81 -34.54 50.47
CA SER F 204 -27.11 -35.10 49.15
C SER F 204 -26.42 -36.44 48.88
N LEU F 205 -25.22 -36.61 49.44
CA LEU F 205 -24.45 -37.83 49.25
C LEU F 205 -25.09 -39.06 49.87
N GLY F 206 -26.37 -38.97 50.17
CA GLY F 206 -27.05 -40.11 50.73
C GLY F 206 -27.68 -40.89 49.59
N THR F 207 -28.51 -40.18 48.83
CA THR F 207 -29.23 -40.80 47.72
C THR F 207 -28.90 -40.20 46.35
N GLN F 208 -28.35 -38.98 46.35
CA GLN F 208 -28.03 -38.29 45.11
C GLN F 208 -26.93 -39.01 44.31
N THR F 209 -27.04 -38.97 42.99
CA THR F 209 -26.07 -39.63 42.13
C THR F 209 -25.22 -38.63 41.40
N TYR F 210 -23.96 -38.97 41.19
CA TYR F 210 -23.02 -38.09 40.52
C TYR F 210 -22.16 -38.91 39.58
N ILE F 211 -21.94 -38.40 38.36
CA ILE F 211 -21.11 -39.08 37.37
C ILE F 211 -20.36 -38.09 36.45
N CYS F 212 -19.05 -37.94 36.61
CA CYS F 212 -18.33 -37.03 35.72
C CYS F 212 -18.24 -37.80 34.41
N ASN F 213 -18.35 -37.11 33.27
CA ASN F 213 -18.32 -37.79 31.97
C ASN F 213 -17.08 -37.60 31.12
N VAL F 214 -15.95 -37.99 31.68
CA VAL F 214 -14.66 -37.88 31.01
C VAL F 214 -14.77 -38.27 29.55
N ASN F 215 -14.28 -37.43 28.65
CA ASN F 215 -14.38 -37.74 27.22
C ASN F 215 -13.19 -37.29 26.38
N HIS F 216 -12.41 -38.27 25.92
CA HIS F 216 -11.25 -38.04 25.08
C HIS F 216 -11.74 -38.32 23.63
N LYS F 217 -11.25 -37.55 22.67
CA LYS F 217 -11.67 -37.75 21.30
C LYS F 217 -10.61 -38.39 20.42
N PRO F 218 -9.34 -38.11 20.69
CA PRO F 218 -8.26 -38.69 19.90
C PRO F 218 -8.29 -40.22 19.91
N SER F 219 -8.95 -40.79 20.91
CA SER F 219 -9.04 -42.25 21.06
C SER F 219 -10.45 -42.80 21.15
N ASN F 220 -11.44 -41.90 21.17
CA ASN F 220 -12.84 -42.28 21.27
C ASN F 220 -13.16 -42.77 22.68
N THR F 221 -12.25 -42.52 23.62
CA THR F 221 -12.46 -42.95 25.00
C THR F 221 -13.54 -42.14 25.71
N LYS F 222 -14.82 -42.44 25.42
CA LYS F 222 -15.92 -41.73 26.07
C LYS F 222 -16.22 -42.47 27.38
N VAL F 223 -15.49 -42.10 28.43
CA VAL F 223 -15.63 -42.72 29.75
C VAL F 223 -16.73 -42.14 30.63
N ASP F 224 -17.29 -42.97 31.50
CA ASP F 224 -18.34 -42.58 32.45
C ASP F 224 -17.88 -43.12 33.80
N LYS F 225 -17.64 -42.25 34.78
CA LYS F 225 -17.18 -42.74 36.08
C LYS F 225 -17.88 -42.17 37.32
N LYS F 226 -18.67 -43.03 37.94
CA LYS F 226 -19.43 -42.69 39.14
C LYS F 226 -18.51 -42.43 40.32
N VAL F 227 -18.73 -41.34 41.02
CA VAL F 227 -17.91 -40.99 42.17
C VAL F 227 -18.72 -41.21 43.44
N GLU F 228 -18.58 -42.39 44.02
CA GLU F 228 -19.30 -42.72 45.24
C GLU F 228 -18.42 -42.50 46.47
N PRO F 229 -19.05 -42.13 47.60
CA PRO F 229 -18.48 -41.85 48.92
C PRO F 229 -17.45 -42.79 49.56
N LYS F 230 -17.94 -43.76 50.33
CA LYS F 230 -17.12 -44.74 51.06
C LYS F 230 -16.03 -44.10 51.93
N ILE G 2 27.73 -6.92 -5.79
CA ILE G 2 28.72 -6.31 -6.71
C ILE G 2 29.15 -7.34 -7.76
N GLN G 3 29.20 -8.60 -7.35
CA GLN G 3 29.65 -9.67 -8.23
C GLN G 3 28.66 -9.96 -9.35
N MET G 4 29.15 -9.97 -10.60
CA MET G 4 28.35 -10.33 -11.78
C MET G 4 28.84 -11.71 -12.19
N THR G 5 28.02 -12.48 -12.89
CA THR G 5 28.47 -13.82 -13.23
C THR G 5 27.78 -14.45 -14.43
N GLN G 6 28.59 -14.98 -15.33
CA GLN G 6 28.05 -15.61 -16.54
C GLN G 6 28.99 -16.75 -16.94
N SER G 7 28.69 -17.64 -17.84
CA SER G 7 29.79 -18.63 -17.95
C SER G 7 30.82 -17.80 -18.79
N PRO G 8 31.92 -18.30 -19.59
CA PRO G 8 33.08 -18.85 -20.43
C PRO G 8 33.16 -19.20 -21.96
N SER G 9 32.25 -20.11 -22.33
CA SER G 9 32.10 -20.85 -23.59
C SER G 9 30.62 -21.19 -23.89
N LEU G 10 30.26 -21.48 -25.14
CA LEU G 10 28.88 -21.82 -25.48
C LEU G 10 28.96 -22.06 -26.97
N SER G 11 28.94 -23.33 -27.34
CA SER G 11 29.02 -23.75 -28.72
C SER G 11 27.64 -24.01 -29.25
N ALA G 12 27.23 -23.24 -30.24
CA ALA G 12 25.92 -23.40 -30.85
C ALA G 12 26.16 -23.35 -32.35
N SER G 13 25.09 -23.56 -33.13
CA SER G 13 25.18 -23.56 -34.59
C SER G 13 24.45 -22.36 -35.19
N VAL G 14 24.61 -22.13 -36.49
CA VAL G 14 23.91 -21.02 -37.13
C VAL G 14 22.43 -21.30 -37.01
N GLY G 15 21.68 -20.35 -36.48
CA GLY G 15 20.24 -20.53 -36.35
C GLY G 15 19.75 -21.22 -35.09
N ASP G 16 20.66 -21.63 -34.23
CA ASP G 16 20.26 -22.27 -33.00
C ASP G 16 19.82 -21.16 -32.09
N ARG G 17 18.75 -21.36 -31.33
CA ARG G 17 18.28 -20.30 -30.43
C ARG G 17 19.22 -20.36 -29.25
N VAL G 18 19.44 -19.23 -28.60
CA VAL G 18 20.38 -19.21 -27.50
C VAL G 18 19.97 -18.21 -26.45
N THR G 19 20.49 -18.39 -25.24
CA THR G 19 20.20 -17.49 -24.13
C THR G 19 21.39 -17.39 -23.18
N ILE G 20 21.97 -16.19 -23.06
CA ILE G 20 23.11 -16.00 -22.16
C ILE G 20 22.65 -15.33 -20.86
N THR G 21 22.35 -16.14 -19.85
CA THR G 21 21.88 -15.60 -18.59
C THR G 21 23.04 -14.99 -17.83
N CYS G 22 22.74 -14.06 -16.93
CA CYS G 22 23.76 -13.36 -16.16
C CYS G 22 23.20 -12.95 -14.80
N ARG G 23 23.54 -13.67 -13.74
CA ARG G 23 23.05 -13.36 -12.39
C ARG G 23 23.91 -12.43 -11.54
N ALA G 24 23.29 -11.80 -10.55
CA ALA G 24 23.98 -10.86 -9.66
C ALA G 24 24.02 -11.31 -8.20
N SER G 25 24.91 -10.72 -7.40
CA SER G 25 25.03 -11.06 -6.00
C SER G 25 23.95 -10.38 -5.17
N GLN G 26 23.67 -9.12 -5.51
CA GLN G 26 22.65 -8.29 -4.86
C GLN G 26 21.81 -7.72 -6.00
N SER G 27 20.63 -7.18 -5.71
CA SER G 27 19.77 -6.67 -6.79
C SER G 27 20.21 -5.36 -7.47
N ILE G 28 20.21 -5.39 -8.80
CA ILE G 28 20.62 -4.22 -9.58
C ILE G 28 19.41 -3.59 -10.27
N SER G 29 18.25 -4.24 -10.13
CA SER G 29 17.02 -3.76 -10.75
C SER G 29 17.11 -3.99 -12.26
N SER G 30 17.25 -2.91 -13.02
CA SER G 30 17.36 -2.97 -14.48
C SER G 30 18.61 -2.24 -14.94
N TYR G 31 19.72 -2.48 -14.25
CA TYR G 31 20.98 -1.83 -14.58
C TYR G 31 21.97 -2.79 -15.22
N LEU G 32 21.41 -3.75 -15.94
CA LEU G 32 22.20 -4.75 -16.65
C LEU G 32 22.27 -4.33 -18.11
N ASN G 33 23.49 -4.14 -18.59
CA ASN G 33 23.74 -3.74 -19.97
C ASN G 33 24.46 -4.87 -20.64
N TRP G 34 24.23 -5.07 -21.94
CA TRP G 34 24.90 -6.15 -22.67
C TRP G 34 25.85 -5.59 -23.71
N TYR G 35 26.95 -6.29 -23.98
CA TYR G 35 27.91 -5.82 -24.97
C TYR G 35 28.45 -6.92 -25.87
N GLN G 36 28.54 -6.66 -27.17
CA GLN G 36 29.08 -7.65 -28.08
C GLN G 36 30.56 -7.24 -28.17
N GLN G 37 31.47 -8.19 -28.36
CA GLN G 37 32.91 -7.88 -28.44
C GLN G 37 33.63 -8.87 -29.37
N LYS G 38 33.75 -8.51 -30.64
CA LYS G 38 34.38 -9.37 -31.61
C LYS G 38 35.89 -9.36 -31.35
N PRO G 39 36.60 -10.35 -31.89
CA PRO G 39 38.06 -10.49 -31.73
C PRO G 39 38.88 -9.36 -32.35
N GLY G 40 39.50 -8.56 -31.48
CA GLY G 40 40.35 -7.48 -31.96
C GLY G 40 39.67 -6.15 -32.11
N LYS G 41 38.34 -6.15 -32.15
CA LYS G 41 37.57 -4.91 -32.31
C LYS G 41 37.22 -4.22 -30.99
N VAL G 42 36.30 -3.27 -31.08
CA VAL G 42 35.88 -2.49 -29.93
C VAL G 42 34.51 -2.93 -29.42
N PRO G 43 34.30 -2.89 -28.10
CA PRO G 43 33.01 -3.30 -27.55
C PRO G 43 31.84 -2.46 -28.09
N LYS G 44 30.77 -3.11 -28.54
CA LYS G 44 29.61 -2.37 -29.01
C LYS G 44 28.57 -2.42 -27.91
N LEU G 45 27.80 -1.36 -27.70
CA LEU G 45 26.77 -1.46 -26.68
C LEU G 45 25.67 -2.26 -27.37
N LEU G 46 25.07 -3.20 -26.64
CA LEU G 46 24.01 -4.03 -27.19
C LEU G 46 22.71 -3.87 -26.42
N ILE G 47 22.80 -3.75 -25.10
CA ILE G 47 21.60 -3.58 -24.31
C ILE G 47 21.84 -2.67 -23.12
N TYR G 48 20.78 -2.00 -22.71
CA TYR G 48 20.79 -1.09 -21.59
C TYR G 48 19.42 -1.16 -20.93
N ALA G 49 19.38 -1.00 -19.60
CA ALA G 49 18.12 -1.05 -18.86
C ALA G 49 17.53 -2.44 -18.92
N ALA G 50 18.37 -3.44 -18.69
CA ALA G 50 17.88 -4.82 -18.70
C ALA G 50 17.40 -5.36 -20.07
N SER G 51 16.68 -4.56 -20.86
CA SER G 51 16.17 -5.07 -22.13
C SER G 51 15.89 -4.12 -23.30
N SER G 52 16.50 -2.93 -23.31
CA SER G 52 16.25 -1.98 -24.39
C SER G 52 17.27 -2.04 -25.52
N LEU G 53 16.88 -2.61 -26.66
CA LEU G 53 17.77 -2.76 -27.81
C LEU G 53 18.55 -1.49 -28.22
N GLN G 54 19.82 -1.45 -27.82
CA GLN G 54 20.70 -0.33 -28.15
C GLN G 54 20.49 0.07 -29.58
N SER G 55 20.59 1.35 -29.85
CA SER G 55 20.35 1.83 -31.18
C SER G 55 21.09 1.06 -32.29
N GLY G 56 20.30 0.67 -33.30
CA GLY G 56 20.83 -0.03 -34.46
C GLY G 56 21.07 -1.51 -34.34
N VAL G 57 20.41 -2.14 -33.36
CA VAL G 57 20.58 -3.59 -33.10
C VAL G 57 19.49 -4.43 -33.76
N PRO G 58 19.86 -5.60 -34.32
CA PRO G 58 18.95 -6.53 -34.98
C PRO G 58 17.89 -7.08 -34.04
N SER G 59 16.80 -7.60 -34.61
CA SER G 59 15.69 -8.11 -33.79
C SER G 59 15.92 -9.51 -33.35
N ARG G 60 16.94 -10.16 -33.92
CA ARG G 60 17.23 -11.51 -33.50
C ARG G 60 17.83 -11.38 -32.11
N PHE G 61 17.98 -10.14 -31.64
CA PHE G 61 18.52 -9.85 -30.31
C PHE G 61 17.44 -9.34 -29.36
N SER G 62 17.46 -9.86 -28.15
CA SER G 62 16.48 -9.46 -27.13
C SER G 62 17.04 -9.60 -25.72
N GLY G 63 16.88 -8.56 -24.91
CA GLY G 63 17.38 -8.63 -23.55
C GLY G 63 16.24 -8.68 -22.57
N SER G 64 16.52 -9.01 -21.30
CA SER G 64 15.49 -9.08 -20.26
C SER G 64 16.02 -9.56 -18.89
N GLY G 65 15.22 -9.31 -17.85
CA GLY G 65 15.56 -9.70 -16.49
C GLY G 65 15.24 -8.56 -15.53
N SER G 66 15.51 -8.75 -14.24
CA SER G 66 15.23 -7.69 -13.26
C SER G 66 15.66 -8.02 -11.83
N GLY G 67 16.69 -7.32 -11.34
CA GLY G 67 17.19 -7.56 -9.99
C GLY G 67 18.47 -8.37 -10.05
N THR G 68 18.34 -9.69 -9.94
CA THR G 68 19.51 -10.56 -9.99
C THR G 68 19.56 -11.36 -11.29
N ASP G 69 18.47 -12.07 -11.62
CA ASP G 69 18.43 -12.87 -12.84
C ASP G 69 18.39 -11.97 -14.06
N PHE G 70 19.18 -12.28 -15.08
CA PHE G 70 19.19 -11.49 -16.31
C PHE G 70 19.49 -12.34 -17.55
N THR G 71 18.72 -12.14 -18.62
CA THR G 71 18.90 -12.93 -19.84
C THR G 71 19.07 -12.20 -21.18
N LEU G 72 20.04 -12.66 -21.96
CA LEU G 72 20.25 -12.12 -23.28
C LEU G 72 19.89 -13.24 -24.21
N THR G 73 18.89 -12.99 -25.05
CA THR G 73 18.42 -13.97 -26.00
C THR G 73 18.79 -13.57 -27.42
N ILE G 74 18.85 -14.57 -28.28
CA ILE G 74 19.16 -14.36 -29.68
C ILE G 74 18.35 -15.41 -30.41
N SER G 75 17.04 -15.19 -30.49
CA SER G 75 16.09 -16.08 -31.15
C SER G 75 16.73 -17.03 -32.17
N SER G 76 17.41 -16.48 -33.17
CA SER G 76 18.07 -17.28 -34.21
C SER G 76 19.47 -16.74 -34.50
N LEU G 77 20.45 -17.64 -34.54
CA LEU G 77 21.84 -17.24 -34.78
C LEU G 77 22.22 -16.85 -36.21
N GLN G 78 23.22 -15.98 -36.31
CA GLN G 78 23.75 -15.50 -37.58
C GLN G 78 25.26 -15.55 -37.44
N PRO G 79 25.99 -16.04 -38.45
CA PRO G 79 27.43 -16.10 -38.32
C PRO G 79 28.07 -14.90 -37.62
N GLU G 80 27.51 -13.70 -37.77
CA GLU G 80 28.09 -12.53 -37.14
C GLU G 80 27.62 -12.27 -35.71
N ASP G 81 27.10 -13.29 -35.06
CA ASP G 81 26.67 -13.12 -33.69
C ASP G 81 27.63 -13.89 -32.81
N PHE G 82 28.72 -14.38 -33.41
CA PHE G 82 29.74 -15.09 -32.64
C PHE G 82 30.78 -14.08 -32.21
N ALA G 83 30.55 -13.54 -31.03
CA ALA G 83 31.41 -12.55 -30.45
C ALA G 83 31.42 -12.96 -29.00
N THR G 84 32.05 -12.15 -28.15
CA THR G 84 32.09 -12.42 -26.72
C THR G 84 31.10 -11.45 -26.10
N TYR G 85 30.32 -11.93 -25.16
CA TYR G 85 29.33 -11.10 -24.52
C TYR G 85 29.58 -10.84 -23.02
N TYR G 86 29.70 -9.56 -22.68
CA TYR G 86 29.93 -9.16 -21.30
C TYR G 86 28.72 -8.43 -20.81
N CYS G 87 28.26 -8.77 -19.61
CA CYS G 87 27.11 -8.08 -19.05
C CYS G 87 27.68 -7.08 -18.09
N GLN G 88 26.96 -5.99 -17.91
CA GLN G 88 27.45 -4.93 -17.03
C GLN G 88 26.46 -4.50 -15.96
N GLN G 89 27.00 -4.19 -14.78
CA GLN G 89 26.22 -3.75 -13.66
C GLN G 89 26.48 -2.26 -13.46
N SER G 90 25.39 -1.48 -13.49
CA SER G 90 25.43 -0.01 -13.34
C SER G 90 24.90 0.45 -11.98
N TYR G 91 23.81 -0.19 -11.54
CA TYR G 91 23.16 0.13 -10.27
C TYR G 91 24.19 0.60 -9.27
N SER G 92 24.88 -0.35 -8.66
CA SER G 92 25.93 -0.03 -7.71
C SER G 92 26.75 1.07 -8.38
N THR G 93 27.05 2.13 -7.65
CA THR G 93 27.85 3.22 -8.22
C THR G 93 29.20 2.65 -8.67
N SER G 94 29.59 1.55 -8.06
CA SER G 94 30.85 0.87 -8.35
C SER G 94 30.76 -0.09 -9.55
N HIS G 95 30.40 0.44 -10.72
CA HIS G 95 30.27 -0.37 -11.93
C HIS G 95 31.11 -1.64 -11.96
N THR G 96 30.50 -2.75 -12.42
CA THR G 96 31.19 -4.03 -12.48
C THR G 96 30.64 -4.92 -13.58
N PHE G 97 31.55 -5.63 -14.26
CA PHE G 97 31.20 -6.56 -15.34
C PHE G 97 31.22 -8.05 -14.90
N GLY G 98 30.69 -8.89 -15.77
CA GLY G 98 30.69 -10.34 -15.54
C GLY G 98 32.00 -10.79 -16.15
N GLN G 99 32.27 -12.09 -16.21
CA GLN G 99 33.52 -12.57 -16.79
C GLN G 99 33.48 -12.62 -18.32
N GLY G 100 32.29 -12.75 -18.90
CA GLY G 100 32.15 -12.78 -20.34
C GLY G 100 31.87 -14.18 -20.89
N THR G 101 30.97 -14.29 -21.84
CA THR G 101 30.65 -15.58 -22.43
C THR G 101 30.97 -15.60 -23.91
N LYS G 102 31.79 -16.54 -24.35
CA LYS G 102 32.12 -16.62 -25.76
C LYS G 102 31.31 -17.66 -26.49
N LEU G 103 30.47 -17.20 -27.41
CA LEU G 103 29.68 -18.11 -28.21
C LEU G 103 30.52 -18.54 -29.41
N GLU G 104 30.67 -19.85 -29.62
CA GLU G 104 31.42 -20.37 -30.77
C GLU G 104 30.60 -21.27 -31.70
N ILE G 105 30.94 -21.22 -32.98
CA ILE G 105 30.24 -22.00 -33.97
C ILE G 105 30.53 -23.48 -33.84
N LYS G 106 29.48 -24.22 -33.54
CA LYS G 106 29.55 -25.66 -33.38
C LYS G 106 29.52 -26.33 -34.77
N ARG G 107 30.20 -27.48 -34.89
CA ARG G 107 30.22 -28.21 -36.14
C ARG G 107 30.59 -29.64 -35.85
N THR G 108 30.87 -30.42 -36.89
CA THR G 108 31.24 -31.82 -36.68
C THR G 108 32.73 -31.94 -36.41
N VAL G 109 33.11 -32.95 -35.63
CA VAL G 109 34.51 -33.18 -35.27
C VAL G 109 35.44 -33.31 -36.48
N ALA G 110 36.76 -33.27 -36.24
CA ALA G 110 37.75 -33.37 -37.30
C ALA G 110 39.16 -33.50 -36.72
N ALA G 111 39.55 -34.70 -36.31
CA ALA G 111 40.88 -34.91 -35.73
C ALA G 111 41.94 -34.06 -36.43
N PRO G 112 42.92 -33.53 -35.67
CA PRO G 112 44.00 -32.69 -36.21
C PRO G 112 45.03 -33.38 -37.09
N SER G 113 45.55 -32.63 -38.07
CA SER G 113 46.60 -33.12 -38.97
C SER G 113 47.90 -32.71 -38.29
N VAL G 114 48.70 -33.69 -37.90
CA VAL G 114 49.94 -33.46 -37.17
C VAL G 114 51.18 -33.18 -38.01
N PHE G 115 52.13 -32.46 -37.40
CA PHE G 115 53.39 -32.11 -38.02
C PHE G 115 54.39 -31.92 -36.89
N ILE G 116 55.60 -31.43 -37.19
CA ILE G 116 56.63 -31.23 -36.14
C ILE G 116 57.98 -30.72 -36.66
N PHE G 117 58.09 -29.42 -36.84
CA PHE G 117 59.32 -28.86 -37.36
C PHE G 117 60.48 -28.90 -36.39
N PRO G 118 61.65 -29.36 -36.88
CA PRO G 118 62.88 -29.45 -36.08
C PRO G 118 63.42 -28.03 -35.97
N PRO G 119 64.30 -27.75 -35.01
CA PRO G 119 64.86 -26.40 -34.82
C PRO G 119 65.91 -26.03 -35.86
N SER G 120 65.87 -24.77 -36.31
CA SER G 120 66.82 -24.24 -37.28
C SER G 120 68.19 -23.99 -36.61
N ASP G 121 69.26 -24.40 -37.26
CA ASP G 121 70.60 -24.23 -36.69
C ASP G 121 70.95 -22.77 -36.45
N GLU G 122 70.35 -21.89 -37.24
CA GLU G 122 70.57 -20.45 -37.13
C GLU G 122 70.24 -20.10 -35.68
N GLN G 123 69.33 -20.90 -35.14
CA GLN G 123 68.89 -20.75 -33.77
C GLN G 123 69.92 -21.37 -32.84
N LEU G 124 70.15 -22.67 -33.01
CA LEU G 124 71.14 -23.37 -32.17
C LEU G 124 72.40 -22.53 -32.08
N LYS G 125 72.66 -21.76 -33.14
CA LYS G 125 73.80 -20.87 -33.16
C LYS G 125 73.62 -19.92 -31.98
N SER G 126 72.45 -19.30 -31.88
CA SER G 126 72.16 -18.39 -30.79
C SER G 126 72.04 -19.12 -29.45
N GLY G 127 72.35 -20.41 -29.43
CA GLY G 127 72.29 -21.17 -28.19
C GLY G 127 71.04 -21.96 -27.83
N THR G 128 69.90 -21.28 -27.78
CA THR G 128 68.63 -21.92 -27.43
C THR G 128 68.17 -22.90 -28.50
N ALA G 129 67.03 -23.56 -28.25
CA ALA G 129 66.48 -24.53 -29.20
C ALA G 129 64.94 -24.48 -29.32
N SER G 130 64.44 -24.60 -30.55
CA SER G 130 63.00 -24.54 -30.81
C SER G 130 62.35 -25.78 -31.44
N VAL G 131 61.62 -26.51 -30.62
CA VAL G 131 60.90 -27.69 -31.06
C VAL G 131 59.47 -27.22 -31.26
N VAL G 132 58.85 -27.66 -32.35
CA VAL G 132 57.47 -27.28 -32.68
C VAL G 132 56.58 -28.50 -32.95
N CYS G 133 55.48 -28.64 -32.21
CA CYS G 133 54.57 -29.76 -32.42
C CYS G 133 53.25 -29.17 -32.87
N LEU G 134 53.13 -28.95 -34.18
CA LEU G 134 51.93 -28.39 -34.80
C LEU G 134 50.77 -29.37 -34.95
N LEU G 135 49.55 -28.87 -34.77
CA LEU G 135 48.32 -29.65 -34.91
C LEU G 135 47.49 -28.91 -35.94
N ASN G 136 46.48 -29.54 -36.52
CA ASN G 136 45.76 -28.79 -37.55
C ASN G 136 44.28 -29.07 -37.86
N ASN G 137 43.51 -27.98 -37.89
CA ASN G 137 42.10 -27.97 -38.20
C ASN G 137 41.28 -29.04 -37.52
N PHE G 138 41.35 -29.03 -36.20
CA PHE G 138 40.63 -29.99 -35.38
C PHE G 138 39.44 -29.30 -34.73
N TYR G 139 38.42 -30.07 -34.39
CA TYR G 139 37.25 -29.52 -33.72
C TYR G 139 36.78 -30.51 -32.70
N PRO G 140 36.50 -30.04 -31.48
CA PRO G 140 36.62 -28.64 -31.08
C PRO G 140 38.05 -28.34 -30.68
N ARG G 141 38.27 -27.17 -30.10
CA ARG G 141 39.61 -26.80 -29.66
C ARG G 141 40.14 -27.76 -28.60
N GLU G 142 39.31 -28.04 -27.59
CA GLU G 142 39.71 -28.93 -26.50
C GLU G 142 40.59 -30.09 -26.99
N ALA G 143 41.90 -29.84 -27.01
CA ALA G 143 42.88 -30.83 -27.48
C ALA G 143 44.09 -30.85 -26.57
N LYS G 144 44.49 -32.05 -26.13
CA LYS G 144 45.64 -32.17 -25.23
C LYS G 144 46.96 -32.59 -25.90
N VAL G 145 48.06 -31.99 -25.45
CA VAL G 145 49.40 -32.32 -25.96
C VAL G 145 50.33 -32.59 -24.76
N GLN G 146 51.15 -33.62 -24.88
CA GLN G 146 52.05 -34.02 -23.81
C GLN G 146 53.42 -34.33 -24.38
N TRP G 147 54.41 -33.48 -24.08
CA TRP G 147 55.77 -33.68 -24.57
C TRP G 147 56.55 -34.72 -23.77
N LYS G 148 57.08 -35.72 -24.47
CA LYS G 148 57.90 -36.75 -23.84
C LYS G 148 59.31 -36.59 -24.34
N VAL G 149 60.26 -36.95 -23.50
CA VAL G 149 61.66 -36.88 -23.88
C VAL G 149 62.33 -38.01 -23.15
N ASP G 150 62.93 -38.93 -23.90
CA ASP G 150 63.55 -40.10 -23.30
C ASP G 150 62.40 -40.85 -22.63
N ASN G 151 61.19 -40.59 -23.12
CA ASN G 151 59.98 -41.22 -22.60
C ASN G 151 59.57 -40.61 -21.26
N ALA G 152 60.02 -39.38 -21.01
CA ALA G 152 59.71 -38.67 -19.76
C ALA G 152 58.75 -37.51 -20.04
N LEU G 153 57.63 -37.47 -19.34
CA LEU G 153 56.67 -36.39 -19.53
C LEU G 153 57.34 -35.07 -19.25
N GLN G 154 57.07 -34.09 -20.10
CA GLN G 154 57.65 -32.77 -19.94
C GLN G 154 56.59 -31.84 -19.44
N SER G 155 56.95 -31.01 -18.46
CA SER G 155 55.96 -30.10 -17.88
C SER G 155 56.38 -28.66 -17.58
N GLY G 156 56.37 -27.79 -18.59
CA GLY G 156 56.73 -26.41 -18.36
C GLY G 156 57.70 -25.81 -19.35
N ASN G 157 58.42 -26.67 -20.04
CA ASN G 157 59.41 -26.23 -21.01
C ASN G 157 58.85 -25.92 -22.40
N SER G 158 57.53 -26.02 -22.55
CA SER G 158 56.87 -25.77 -23.82
C SER G 158 55.55 -25.03 -23.62
N GLN G 159 55.25 -24.13 -24.57
CA GLN G 159 54.01 -23.37 -24.54
C GLN G 159 53.22 -23.54 -25.85
N GLU G 160 51.90 -23.43 -25.75
CA GLU G 160 51.04 -23.58 -26.92
C GLU G 160 50.27 -22.34 -27.32
N SER G 161 49.90 -22.29 -28.59
CA SER G 161 49.15 -21.19 -29.12
C SER G 161 47.96 -21.74 -29.88
N VAL G 162 46.94 -20.92 -30.06
CA VAL G 162 45.76 -21.35 -30.79
C VAL G 162 45.06 -20.23 -31.57
N THR G 163 44.81 -20.51 -32.84
CA THR G 163 44.18 -19.56 -33.73
C THR G 163 42.77 -19.26 -33.22
N GLU G 164 42.14 -18.24 -33.82
CA GLU G 164 40.76 -17.89 -33.49
C GLU G 164 39.95 -18.81 -34.38
N GLN G 165 38.72 -19.11 -34.02
CA GLN G 165 37.94 -19.99 -34.87
C GLN G 165 38.00 -19.45 -36.30
N ASP G 166 38.19 -20.36 -37.26
CA ASP G 166 38.27 -19.99 -38.66
C ASP G 166 36.88 -19.61 -39.20
N SER G 167 36.82 -18.46 -39.85
CA SER G 167 35.58 -17.99 -40.38
C SER G 167 34.88 -19.08 -41.16
N LYS G 168 35.35 -19.33 -42.38
CA LYS G 168 34.76 -20.33 -43.29
C LYS G 168 34.59 -21.79 -42.83
N ASP G 169 35.70 -22.46 -42.50
CA ASP G 169 35.68 -23.86 -42.08
C ASP G 169 35.43 -24.17 -40.61
N SER G 170 35.63 -23.17 -39.75
CA SER G 170 35.42 -23.29 -38.30
C SER G 170 36.34 -24.28 -37.60
N THR G 171 37.60 -24.35 -38.03
CA THR G 171 38.56 -25.27 -37.43
C THR G 171 39.32 -24.63 -36.26
N TYR G 172 40.50 -25.17 -35.97
CA TYR G 172 41.35 -24.68 -34.91
C TYR G 172 42.75 -25.19 -35.19
N SER G 173 43.73 -24.32 -35.05
CA SER G 173 45.12 -24.71 -35.27
C SER G 173 45.98 -24.32 -34.08
N LEU G 174 46.30 -25.27 -33.24
CA LEU G 174 47.13 -25.03 -32.06
C LEU G 174 48.58 -25.34 -32.38
N SER G 175 49.53 -24.73 -31.65
CA SER G 175 50.95 -25.00 -31.87
C SER G 175 51.68 -25.06 -30.56
N SER G 176 52.47 -26.10 -30.40
CA SER G 176 53.24 -26.28 -29.19
C SER G 176 54.70 -25.93 -29.50
N THR G 177 55.36 -25.27 -28.56
CA THR G 177 56.72 -24.89 -28.78
C THR G 177 57.65 -25.19 -27.61
N LEU G 178 58.35 -26.33 -27.71
CA LEU G 178 59.29 -26.77 -26.68
C LEU G 178 60.59 -26.09 -26.97
N THR G 179 61.05 -25.31 -26.01
CA THR G 179 62.27 -24.55 -26.17
C THR G 179 63.32 -24.94 -25.12
N LEU G 180 64.50 -25.37 -25.57
CA LEU G 180 65.58 -25.78 -24.68
C LEU G 180 66.89 -25.07 -24.99
N SER G 181 67.92 -25.40 -24.22
CA SER G 181 69.23 -24.82 -24.41
C SER G 181 70.07 -25.88 -25.11
N LYS G 182 70.83 -25.47 -26.14
CA LYS G 182 71.67 -26.41 -26.87
C LYS G 182 72.14 -27.48 -25.90
N ALA G 183 72.51 -27.03 -24.70
CA ALA G 183 72.94 -27.92 -23.63
C ALA G 183 71.79 -28.86 -23.30
N ASP G 184 70.83 -28.36 -22.52
CA ASP G 184 69.66 -29.13 -22.14
C ASP G 184 69.21 -29.94 -23.34
N TYR G 185 69.15 -29.28 -24.48
CA TYR G 185 68.72 -29.92 -25.72
C TYR G 185 69.57 -31.12 -26.09
N GLU G 186 70.74 -30.85 -26.68
CA GLU G 186 71.65 -31.90 -27.12
C GLU G 186 71.89 -32.94 -26.05
N LYS G 187 71.29 -32.73 -24.88
CA LYS G 187 71.41 -33.66 -23.78
C LYS G 187 70.36 -34.75 -23.91
N HIS G 188 69.65 -34.77 -25.04
CA HIS G 188 68.64 -35.80 -25.25
C HIS G 188 68.33 -36.18 -26.69
N LYS G 189 67.96 -37.45 -26.89
CA LYS G 189 67.70 -38.00 -28.21
C LYS G 189 66.30 -37.83 -28.80
N VAL G 190 65.37 -38.71 -28.42
CA VAL G 190 64.00 -38.65 -28.94
C VAL G 190 63.10 -37.60 -28.27
N TYR G 191 62.43 -36.80 -29.08
CA TYR G 191 61.51 -35.80 -28.57
C TYR G 191 60.12 -36.12 -29.11
N ALA G 192 59.24 -36.63 -28.24
CA ALA G 192 57.89 -37.00 -28.64
C ALA G 192 56.81 -36.03 -28.16
N CYS G 193 55.71 -35.98 -28.89
CA CYS G 193 54.58 -35.14 -28.52
C CYS G 193 53.27 -35.81 -28.92
N GLU G 194 52.70 -36.54 -27.97
CA GLU G 194 51.46 -37.29 -28.15
C GLU G 194 50.16 -36.50 -27.99
N VAL G 195 49.44 -36.33 -29.10
CA VAL G 195 48.17 -35.61 -29.09
C VAL G 195 46.98 -36.55 -28.80
N THR G 196 45.91 -36.00 -28.26
CA THR G 196 44.72 -36.81 -27.94
C THR G 196 43.41 -36.03 -28.17
N HIS G 197 43.20 -35.57 -29.40
CA HIS G 197 42.01 -34.81 -29.77
C HIS G 197 40.72 -35.61 -29.62
N GLN G 198 39.61 -34.88 -29.50
CA GLN G 198 38.28 -35.46 -29.36
C GLN G 198 37.93 -36.37 -30.53
N GLY G 199 38.71 -36.32 -31.59
CA GLY G 199 38.44 -37.16 -32.75
C GLY G 199 39.52 -38.19 -33.05
N LEU G 200 40.26 -38.58 -32.01
CA LEU G 200 41.32 -39.56 -32.17
C LEU G 200 41.20 -40.64 -31.13
N SER G 201 40.91 -41.85 -31.59
CA SER G 201 40.78 -42.99 -30.70
C SER G 201 42.18 -43.39 -30.24
N SER G 202 43.16 -43.14 -31.09
CA SER G 202 44.53 -43.48 -30.76
C SER G 202 45.43 -42.27 -30.89
N PRO G 203 45.92 -41.77 -29.76
CA PRO G 203 46.80 -40.61 -29.63
C PRO G 203 47.95 -40.65 -30.64
N VAL G 204 47.95 -39.72 -31.60
CA VAL G 204 48.97 -39.67 -32.63
C VAL G 204 50.30 -39.10 -32.14
N THR G 205 51.29 -39.95 -31.92
CA THR G 205 52.60 -39.45 -31.49
C THR G 205 53.37 -38.88 -32.68
N LYS G 206 54.25 -37.94 -32.39
CA LYS G 206 55.03 -37.35 -33.45
C LYS G 206 56.48 -37.27 -32.98
N SER G 207 57.25 -38.30 -33.32
CA SER G 207 58.66 -38.38 -32.94
C SER G 207 59.56 -37.53 -33.81
N PHE G 208 60.85 -37.57 -33.48
CA PHE G 208 61.89 -36.81 -34.17
C PHE G 208 63.21 -37.06 -33.42
N ASN G 209 64.32 -37.07 -34.16
CA ASN G 209 65.63 -37.30 -33.54
C ASN G 209 66.66 -36.25 -33.91
N ARG G 210 67.19 -35.61 -32.87
CA ARG G 210 68.18 -34.57 -32.99
C ARG G 210 69.34 -34.99 -33.88
N GLY G 211 69.69 -34.12 -34.84
CA GLY G 211 70.79 -34.41 -35.75
C GLY G 211 70.38 -35.16 -37.02
N GLU G 212 69.39 -36.04 -36.89
CA GLU G 212 68.87 -36.85 -37.99
C GLU G 212 68.34 -36.01 -39.15
N GLN H 1 30.52 11.14 -34.33
CA GLN H 1 30.88 12.55 -34.27
C GLN H 1 31.41 12.91 -32.88
N VAL H 2 30.90 12.21 -31.87
CA VAL H 2 31.31 12.42 -30.49
C VAL H 2 32.58 11.61 -30.28
N GLN H 3 33.05 11.02 -31.38
CA GLN H 3 34.25 10.19 -31.44
C GLN H 3 35.24 10.41 -30.28
N LEU H 4 35.25 9.44 -29.37
CA LEU H 4 36.13 9.43 -28.20
C LEU H 4 37.53 8.90 -28.47
N LEU H 5 38.52 9.78 -28.34
CA LEU H 5 39.92 9.44 -28.60
C LEU H 5 40.68 9.11 -27.31
N GLN H 6 41.82 8.43 -27.44
CA GLN H 6 42.63 8.03 -26.29
C GLN H 6 44.09 8.28 -26.57
N SER H 7 44.90 8.37 -25.52
CA SER H 7 46.34 8.62 -25.67
C SER H 7 47.09 7.44 -26.32
N GLY H 8 48.34 7.68 -26.70
CA GLY H 8 49.16 6.67 -27.34
C GLY H 8 49.65 5.51 -26.47
N ALA H 9 49.89 4.38 -27.12
CA ALA H 9 50.36 3.16 -26.46
C ALA H 9 51.57 3.46 -25.59
N GLU H 10 51.64 2.84 -24.43
CA GLU H 10 52.76 3.09 -23.51
C GLU H 10 53.39 1.84 -22.92
N VAL H 11 54.71 1.80 -22.95
CA VAL H 11 55.47 0.69 -22.41
C VAL H 11 56.24 1.25 -21.21
N LYS H 12 55.95 0.74 -20.03
CA LYS H 12 56.62 1.23 -18.83
C LYS H 12 57.43 0.15 -18.18
N LYS H 13 57.73 0.34 -16.90
CA LYS H 13 58.49 -0.62 -16.12
C LYS H 13 57.81 -0.75 -14.77
N PRO H 14 57.99 -1.88 -14.10
CA PRO H 14 57.37 -2.07 -12.77
C PRO H 14 57.73 -0.96 -11.79
N GLY H 15 56.72 -0.39 -11.13
CA GLY H 15 56.96 0.66 -10.16
C GLY H 15 56.63 2.09 -10.59
N SER H 16 56.99 2.46 -11.81
CA SER H 16 56.71 3.80 -12.29
C SER H 16 55.21 4.02 -12.35
N SER H 17 54.81 5.06 -13.06
CA SER H 17 53.39 5.38 -13.22
C SER H 17 53.01 5.36 -14.69
N VAL H 18 51.79 5.78 -15.00
CA VAL H 18 51.33 5.79 -16.38
C VAL H 18 50.04 6.61 -16.48
N LYS H 19 50.00 7.53 -17.43
CA LYS H 19 48.83 8.39 -17.60
C LYS H 19 48.30 8.33 -19.05
N VAL H 20 47.00 8.07 -19.19
CA VAL H 20 46.39 7.96 -20.51
C VAL H 20 45.28 9.00 -20.72
N SER H 21 45.30 9.66 -21.87
CA SER H 21 44.31 10.69 -22.19
C SER H 21 43.12 10.17 -22.99
N CYS H 22 42.05 10.96 -23.03
CA CYS H 22 40.83 10.59 -23.73
C CYS H 22 39.94 11.82 -23.99
N LYS H 23 40.25 12.53 -25.06
CA LYS H 23 39.50 13.72 -25.45
C LYS H 23 38.16 13.33 -26.07
N ALA H 24 37.23 14.28 -26.13
CA ALA H 24 35.91 14.03 -26.69
C ALA H 24 35.45 15.13 -27.67
N SER H 25 35.63 14.87 -28.97
CA SER H 25 35.24 15.83 -30.01
C SER H 25 33.88 15.52 -30.62
N GLY H 26 32.98 16.49 -30.59
CA GLY H 26 31.65 16.29 -31.15
C GLY H 26 30.50 16.27 -30.15
N GLY H 27 30.78 16.53 -28.88
CA GLY H 27 29.72 16.53 -27.87
C GLY H 27 30.04 17.31 -26.61
N THR H 28 29.00 17.53 -25.79
CA THR H 28 29.10 18.29 -24.53
C THR H 28 29.82 17.56 -23.39
N PHE H 29 31.15 17.62 -23.39
CA PHE H 29 31.96 16.94 -22.39
C PHE H 29 31.32 16.85 -21.01
N SER H 30 31.72 17.73 -20.09
CA SER H 30 31.23 17.72 -18.71
C SER H 30 29.90 17.00 -18.44
N SER H 31 29.00 16.98 -19.42
CA SER H 31 27.70 16.31 -19.28
C SER H 31 27.68 14.82 -19.70
N TYR H 32 28.85 14.26 -20.05
CA TYR H 32 29.00 12.85 -20.46
C TYR H 32 29.65 12.03 -19.32
N ALA H 33 29.13 10.84 -19.04
CA ALA H 33 29.65 9.98 -17.97
C ALA H 33 30.88 9.17 -18.41
N ILE H 34 32.04 9.81 -18.42
CA ILE H 34 33.30 9.18 -18.83
C ILE H 34 33.69 7.96 -18.00
N SER H 35 33.96 6.85 -18.68
CA SER H 35 34.32 5.62 -17.99
C SER H 35 35.64 5.00 -18.50
N TRP H 36 36.45 4.46 -17.60
CA TRP H 36 37.73 3.84 -17.99
C TRP H 36 37.86 2.37 -17.66
N VAL H 37 37.93 1.55 -18.71
CA VAL H 37 38.04 0.11 -18.53
C VAL H 37 39.28 -0.45 -19.24
N ARG H 38 39.98 -1.33 -18.54
CA ARG H 38 41.18 -2.00 -19.07
C ARG H 38 40.90 -3.47 -19.36
N GLN H 39 41.58 -4.02 -20.36
CA GLN H 39 41.39 -5.42 -20.75
C GLN H 39 42.69 -6.21 -20.96
N ALA H 40 43.01 -7.08 -20.00
CA ALA H 40 44.22 -7.91 -20.06
C ALA H 40 44.24 -8.83 -21.28
N PRO H 41 45.42 -9.15 -21.80
CA PRO H 41 45.47 -10.02 -22.97
C PRO H 41 44.64 -11.29 -22.81
N GLY H 42 43.64 -11.46 -23.67
CA GLY H 42 42.78 -12.63 -23.59
C GLY H 42 42.07 -12.77 -22.25
N GLN H 43 41.57 -11.65 -21.73
CA GLN H 43 40.85 -11.63 -20.45
C GLN H 43 39.59 -10.76 -20.54
N GLY H 44 38.82 -10.74 -19.46
CA GLY H 44 37.60 -9.96 -19.39
C GLY H 44 37.82 -8.47 -19.18
N LEU H 45 36.79 -7.68 -19.48
CA LEU H 45 36.87 -6.22 -19.31
C LEU H 45 36.58 -5.86 -17.86
N GLU H 46 37.64 -5.66 -17.08
CA GLU H 46 37.51 -5.28 -15.69
C GLU H 46 37.46 -3.76 -15.63
N TRP H 47 36.36 -3.25 -15.06
CA TRP H 47 36.14 -1.82 -14.95
C TRP H 47 36.95 -1.13 -13.86
N MET H 48 37.63 -0.06 -14.25
CA MET H 48 38.46 0.72 -13.36
C MET H 48 37.71 1.87 -12.69
N GLY H 49 37.35 2.90 -13.45
CA GLY H 49 36.64 4.01 -12.85
C GLY H 49 36.14 5.05 -13.81
N GLY H 50 35.23 5.88 -13.32
CA GLY H 50 34.66 6.95 -14.14
C GLY H 50 34.50 8.22 -13.33
N ILE H 51 34.10 9.30 -13.97
CA ILE H 51 33.94 10.55 -13.25
C ILE H 51 33.26 11.60 -14.12
N ILE H 52 32.21 12.22 -13.59
CA ILE H 52 31.53 13.27 -14.34
C ILE H 52 32.13 14.62 -13.93
N PRO H 53 32.94 15.24 -14.82
CA PRO H 53 33.59 16.53 -14.58
C PRO H 53 32.76 17.45 -13.70
N VAL H 54 31.47 17.52 -14.00
CA VAL H 54 30.54 18.34 -13.26
C VAL H 54 30.78 18.19 -11.77
N PHE H 55 31.33 17.04 -11.36
CA PHE H 55 31.65 16.79 -9.95
C PHE H 55 32.78 15.78 -9.84
N GLY H 56 33.98 16.28 -9.54
CA GLY H 56 35.17 15.45 -9.42
C GLY H 56 35.20 14.42 -8.28
N SER H 57 34.13 13.66 -8.16
CA SER H 57 34.05 12.62 -7.14
C SER H 57 34.03 11.30 -7.89
N ALA H 58 35.09 11.06 -8.68
CA ALA H 58 35.21 9.85 -9.46
C ALA H 58 35.16 8.61 -8.56
N ASN H 59 34.38 7.62 -8.97
CA ASN H 59 34.26 6.40 -8.21
C ASN H 59 35.41 5.54 -8.70
N TYR H 60 36.10 4.85 -7.79
CA TYR H 60 37.22 4.00 -8.17
C TYR H 60 36.98 2.54 -7.78
N ALA H 61 37.26 1.62 -8.70
CA ALA H 61 37.06 0.21 -8.45
C ALA H 61 37.85 -0.30 -7.24
N GLN H 62 37.19 -1.08 -6.38
CA GLN H 62 37.74 -1.65 -5.16
C GLN H 62 39.26 -1.86 -5.11
N LYS H 63 39.76 -2.79 -5.92
CA LYS H 63 41.19 -3.09 -5.99
C LYS H 63 42.06 -1.93 -6.49
N PHE H 64 41.50 -1.05 -7.30
CA PHE H 64 42.28 0.07 -7.80
C PHE H 64 42.31 1.20 -6.81
N GLN H 65 41.48 1.08 -5.79
CA GLN H 65 41.40 2.08 -4.75
C GLN H 65 42.81 2.41 -4.32
N GLY H 66 43.27 3.62 -4.63
CA GLY H 66 44.60 4.01 -4.22
C GLY H 66 45.75 4.03 -5.21
N ARG H 67 45.64 3.29 -6.31
CA ARG H 67 46.71 3.27 -7.31
C ARG H 67 46.34 4.05 -8.55
N VAL H 68 45.06 4.41 -8.67
CA VAL H 68 44.57 5.13 -9.84
C VAL H 68 44.08 6.56 -9.61
N THR H 69 44.05 7.33 -10.70
CA THR H 69 43.59 8.70 -10.70
C THR H 69 42.96 8.97 -12.03
N ILE H 70 41.67 9.26 -12.01
CA ILE H 70 40.94 9.54 -13.22
C ILE H 70 40.41 10.97 -13.07
N THR H 71 40.78 11.84 -13.99
CA THR H 71 40.36 13.25 -13.95
C THR H 71 39.83 13.82 -15.27
N ALA H 72 39.04 14.89 -15.15
CA ALA H 72 38.46 15.55 -16.31
C ALA H 72 38.82 17.03 -16.40
N ASP H 73 39.12 17.47 -17.62
CA ASP H 73 39.48 18.85 -17.88
C ASP H 73 38.55 19.36 -18.98
N GLU H 74 37.54 20.13 -18.59
CA GLU H 74 36.57 20.67 -19.53
C GLU H 74 37.23 21.63 -20.49
N ALA H 75 38.19 22.41 -19.99
CA ALA H 75 38.93 23.37 -20.80
C ALA H 75 39.33 22.63 -22.08
N THR H 76 39.97 21.49 -21.89
CA THR H 76 40.38 20.66 -23.00
C THR H 76 39.61 19.35 -22.91
N SER H 77 38.33 19.48 -22.53
CA SER H 77 37.40 18.35 -22.37
C SER H 77 38.08 17.00 -22.63
N THR H 78 38.88 16.55 -21.66
CA THR H 78 39.58 15.29 -21.82
C THR H 78 39.91 14.62 -20.49
N THR H 79 39.73 13.30 -20.45
CA THR H 79 39.99 12.57 -19.24
C THR H 79 41.39 12.00 -19.20
N TYR H 80 42.00 12.05 -18.03
CA TYR H 80 43.34 11.51 -17.84
C TYR H 80 43.26 10.32 -16.91
N MET H 81 44.29 9.48 -16.93
CA MET H 81 44.30 8.29 -16.11
C MET H 81 45.65 8.06 -15.48
N GLU H 82 45.71 8.25 -14.17
CA GLU H 82 46.92 8.05 -13.40
C GLU H 82 46.88 6.67 -12.72
N LEU H 83 47.88 5.84 -13.02
CA LEU H 83 47.95 4.50 -12.46
C LEU H 83 49.35 4.30 -11.86
N SER H 84 49.41 4.13 -10.54
CA SER H 84 50.68 3.95 -9.84
C SER H 84 51.05 2.50 -9.50
N SER H 85 52.22 2.36 -8.87
CA SER H 85 52.73 1.06 -8.42
C SER H 85 52.56 -0.02 -9.46
N LEU H 86 52.63 0.40 -10.72
CA LEU H 86 52.44 -0.48 -11.87
C LEU H 86 53.19 -1.80 -11.92
N ARG H 87 52.51 -2.86 -11.50
CA ARG H 87 53.08 -4.21 -11.52
C ARG H 87 52.96 -4.70 -12.96
N SER H 88 53.37 -5.94 -13.24
CA SER H 88 53.23 -6.46 -14.60
C SER H 88 51.77 -6.87 -14.81
N GLU H 89 51.21 -7.50 -13.76
CA GLU H 89 49.83 -7.96 -13.76
C GLU H 89 48.90 -6.84 -14.27
N ASP H 90 49.46 -5.67 -14.51
CA ASP H 90 48.68 -4.53 -14.98
C ASP H 90 48.60 -4.36 -16.48
N THR H 91 49.42 -5.08 -17.24
CA THR H 91 49.37 -4.91 -18.72
C THR H 91 48.00 -5.23 -19.28
N ALA H 92 47.59 -4.46 -20.29
CA ALA H 92 46.28 -4.64 -20.92
C ALA H 92 46.00 -3.47 -21.84
N VAL H 93 44.82 -3.46 -22.45
CA VAL H 93 44.42 -2.35 -23.33
C VAL H 93 43.45 -1.51 -22.54
N TYR H 94 43.71 -0.22 -22.43
CA TYR H 94 42.80 0.61 -21.67
C TYR H 94 41.86 1.46 -22.51
N PHE H 95 40.57 1.27 -22.28
CA PHE H 95 39.54 2.01 -22.99
C PHE H 95 38.86 2.99 -22.07
N CYS H 96 38.21 3.97 -22.70
CA CYS H 96 37.45 5.00 -22.02
C CYS H 96 36.19 5.14 -22.86
N ALA H 97 35.05 5.04 -22.21
CA ALA H 97 33.80 5.16 -22.92
C ALA H 97 32.95 6.23 -22.28
N LYS H 98 31.78 6.46 -22.86
CA LYS H 98 30.88 7.49 -22.38
C LYS H 98 29.42 7.06 -22.39
N GLY H 99 28.59 7.78 -21.63
CA GLY H 99 27.17 7.53 -21.58
C GLY H 99 26.43 8.86 -21.56
N GLY H 100 25.28 8.93 -22.24
CA GLY H 100 24.53 10.18 -22.28
C GLY H 100 23.53 10.28 -23.42
N HIS H 114 23.36 5.59 -18.68
CA HIS H 114 23.28 4.17 -18.40
C HIS H 114 24.38 3.38 -19.11
N GLY H 115 23.97 2.55 -20.06
CA GLY H 115 24.93 1.76 -20.81
C GLY H 115 25.91 2.71 -21.45
N MET H 116 27.05 2.18 -21.87
CA MET H 116 28.06 3.03 -22.49
C MET H 116 27.95 3.06 -24.01
N ASP H 117 27.51 4.21 -24.50
CA ASP H 117 27.29 4.46 -25.91
C ASP H 117 28.55 4.37 -26.77
N VAL H 118 29.52 5.24 -26.56
CA VAL H 118 30.74 5.22 -27.38
C VAL H 118 32.00 4.94 -26.59
N TRP H 119 32.89 4.19 -27.22
CA TRP H 119 34.14 3.81 -26.60
C TRP H 119 35.30 4.43 -27.36
N GLY H 120 36.49 4.36 -26.76
CA GLY H 120 37.66 4.89 -27.41
C GLY H 120 38.16 3.88 -28.43
N GLN H 121 39.47 3.78 -28.59
CA GLN H 121 40.06 2.84 -29.53
C GLN H 121 41.05 1.99 -28.79
N GLY H 122 41.01 2.07 -27.47
CA GLY H 122 41.91 1.33 -26.62
C GLY H 122 43.17 2.13 -26.39
N THR H 123 44.14 1.56 -25.65
CA THR H 123 45.42 2.20 -25.36
C THR H 123 46.32 1.12 -24.76
N THR H 124 47.21 0.55 -25.57
CA THR H 124 48.14 -0.51 -25.14
C THR H 124 49.20 -0.14 -24.12
N VAL H 125 49.05 -0.51 -22.85
CA VAL H 125 50.08 -0.19 -21.86
C VAL H 125 50.82 -1.50 -21.51
N THR H 126 52.12 -1.43 -21.22
CA THR H 126 52.86 -2.64 -20.93
C THR H 126 53.91 -2.49 -19.84
N VAL H 127 53.78 -3.29 -18.79
CA VAL H 127 54.74 -3.27 -17.69
C VAL H 127 55.58 -4.53 -17.78
N ALA H 128 56.88 -4.39 -17.57
CA ALA H 128 57.77 -5.55 -17.64
C ALA H 128 59.19 -5.04 -17.63
N SER H 129 59.97 -5.43 -16.64
CA SER H 129 61.37 -4.99 -16.55
C SER H 129 62.10 -5.22 -17.88
N ALA H 130 61.44 -5.91 -18.81
CA ALA H 130 62.03 -6.18 -20.12
C ALA H 130 61.90 -4.93 -20.98
N SER H 131 62.94 -4.61 -21.74
CA SER H 131 62.93 -3.43 -22.60
C SER H 131 62.77 -3.78 -24.08
N THR H 132 62.59 -2.75 -24.90
CA THR H 132 62.43 -2.91 -26.34
C THR H 132 63.45 -3.84 -26.92
N LYS H 133 63.09 -4.46 -28.03
CA LYS H 133 63.98 -5.37 -28.71
C LYS H 133 63.30 -5.97 -29.91
N GLY H 134 63.93 -5.77 -31.05
CA GLY H 134 63.40 -6.30 -32.28
C GLY H 134 63.46 -7.81 -32.20
N PRO H 135 62.54 -8.49 -32.87
CA PRO H 135 62.46 -9.95 -32.88
C PRO H 135 63.50 -10.66 -33.72
N SER H 136 63.75 -11.90 -33.35
CA SER H 136 64.66 -12.75 -34.07
C SER H 136 63.74 -13.33 -35.13
N VAL H 137 64.27 -14.06 -36.09
CA VAL H 137 63.41 -14.60 -37.13
C VAL H 137 63.83 -15.98 -37.57
N PHE H 138 64.03 -16.86 -36.60
CA PHE H 138 64.46 -18.22 -36.89
C PHE H 138 63.49 -18.90 -37.85
N PRO H 139 64.00 -19.52 -38.92
CA PRO H 139 63.23 -20.22 -39.96
C PRO H 139 62.64 -21.59 -39.60
N LEU H 140 61.36 -21.59 -39.26
CA LEU H 140 60.65 -22.81 -38.91
C LEU H 140 60.67 -23.79 -40.08
N ALA H 141 61.65 -24.68 -40.02
CA ALA H 141 61.91 -25.70 -41.03
C ALA H 141 60.71 -26.35 -41.72
N PRO H 142 60.70 -26.31 -43.08
CA PRO H 142 59.62 -26.91 -43.87
C PRO H 142 59.84 -28.42 -44.02
N SER H 143 60.23 -29.05 -42.91
CA SER H 143 60.46 -30.49 -42.92
C SER H 143 59.32 -31.13 -43.70
N SER H 144 59.65 -32.10 -44.54
CA SER H 144 58.65 -32.81 -45.34
C SER H 144 57.42 -33.02 -44.46
N LYS H 145 57.66 -33.25 -43.17
CA LYS H 145 56.59 -33.48 -42.21
C LYS H 145 55.73 -32.21 -42.04
N SER H 146 55.20 -31.71 -43.15
CA SER H 146 54.35 -30.50 -43.14
C SER H 146 53.49 -30.38 -44.41
N THR H 147 53.05 -31.52 -44.95
CA THR H 147 52.23 -31.54 -46.17
C THR H 147 51.28 -32.73 -46.28
N SER H 148 50.08 -32.45 -46.77
CA SER H 148 49.06 -33.48 -46.93
C SER H 148 48.89 -33.74 -48.44
N GLY H 149 49.97 -34.19 -49.08
CA GLY H 149 49.95 -34.45 -50.51
C GLY H 149 50.76 -33.38 -51.22
N GLY H 150 50.05 -32.36 -51.70
CA GLY H 150 50.71 -31.26 -52.39
C GLY H 150 50.86 -30.04 -51.49
N THR H 151 49.85 -29.77 -50.66
CA THR H 151 49.89 -28.62 -49.74
C THR H 151 51.04 -28.78 -48.76
N ALA H 152 51.96 -27.81 -48.77
CA ALA H 152 53.13 -27.84 -47.89
C ALA H 152 53.12 -26.74 -46.83
N ALA H 153 53.49 -27.08 -45.59
CA ALA H 153 53.52 -26.13 -44.48
C ALA H 153 54.95 -25.69 -44.13
N LEU H 154 55.11 -24.39 -43.90
CA LEU H 154 56.42 -23.83 -43.57
C LEU H 154 56.37 -23.17 -42.19
N GLY H 155 57.29 -22.24 -41.94
CA GLY H 155 57.32 -21.55 -40.67
C GLY H 155 58.32 -20.43 -40.52
N CYS H 156 57.95 -19.42 -39.74
CA CYS H 156 58.81 -18.27 -39.49
C CYS H 156 58.74 -17.80 -38.03
N LEU H 157 59.51 -18.47 -37.16
CA LEU H 157 59.55 -18.12 -35.73
C LEU H 157 60.12 -16.74 -35.46
N VAL H 158 59.34 -15.96 -34.72
CA VAL H 158 59.67 -14.59 -34.34
C VAL H 158 59.90 -14.53 -32.82
N LYS H 159 60.72 -15.46 -32.35
CA LYS H 159 61.06 -15.61 -30.94
C LYS H 159 61.81 -14.43 -30.32
N ASP H 160 61.42 -14.09 -29.09
CA ASP H 160 62.05 -13.03 -28.28
C ASP H 160 61.99 -11.59 -28.76
N TYR H 161 60.82 -10.99 -28.70
CA TYR H 161 60.66 -9.62 -29.13
C TYR H 161 59.82 -8.86 -28.11
N PHE H 162 60.20 -7.60 -27.84
CA PHE H 162 59.48 -6.77 -26.88
C PHE H 162 59.32 -5.36 -27.40
N PRO H 163 58.09 -4.83 -27.46
CA PRO H 163 56.86 -5.51 -27.06
C PRO H 163 55.96 -5.82 -28.26
N GLU H 164 54.63 -5.78 -28.02
CA GLU H 164 53.64 -6.05 -29.06
C GLU H 164 53.30 -4.87 -29.96
N PRO H 165 53.13 -5.12 -31.26
CA PRO H 165 53.27 -6.44 -31.88
C PRO H 165 53.95 -6.37 -33.25
N VAL H 166 54.18 -7.54 -33.82
CA VAL H 166 54.82 -7.70 -35.12
C VAL H 166 53.73 -7.97 -36.18
N THR H 167 54.10 -8.59 -37.31
CA THR H 167 53.17 -8.94 -38.38
C THR H 167 53.88 -10.04 -39.17
N VAL H 168 53.20 -10.67 -40.13
CA VAL H 168 53.85 -11.72 -40.91
C VAL H 168 53.36 -11.82 -42.37
N SER H 169 53.68 -10.81 -43.17
CA SER H 169 53.29 -10.81 -44.58
C SER H 169 53.87 -12.06 -45.25
N TRP H 170 53.62 -12.18 -46.56
CA TRP H 170 54.12 -13.30 -47.34
C TRP H 170 54.22 -12.90 -48.81
N ASN H 171 55.40 -12.43 -49.18
CA ASN H 171 55.63 -11.96 -50.52
C ASN H 171 55.05 -10.55 -50.54
N SER H 172 55.02 -9.96 -49.35
CA SER H 172 54.51 -8.60 -49.12
C SER H 172 53.00 -8.51 -49.06
N GLY H 173 52.35 -9.66 -48.91
CA GLY H 173 50.90 -9.70 -48.84
C GLY H 173 50.29 -10.18 -50.14
N ALA H 174 50.91 -11.17 -50.75
CA ALA H 174 50.42 -11.72 -52.01
C ALA H 174 50.10 -13.20 -51.83
N LEU H 175 50.76 -13.81 -50.86
CA LEU H 175 50.55 -15.23 -50.55
C LEU H 175 49.89 -15.35 -49.18
N THR H 176 48.56 -15.34 -49.16
CA THR H 176 47.83 -15.43 -47.90
C THR H 176 46.79 -16.55 -47.90
N SER H 177 47.13 -17.69 -48.46
CA SER H 177 46.17 -18.79 -48.51
C SER H 177 46.54 -19.79 -47.41
N GLY H 178 45.59 -20.05 -46.51
CA GLY H 178 45.86 -20.98 -45.43
C GLY H 178 47.14 -20.59 -44.70
N VAL H 179 47.19 -19.34 -44.22
CA VAL H 179 48.35 -18.84 -43.49
C VAL H 179 47.95 -18.65 -42.04
N HIS H 180 48.52 -19.49 -41.17
CA HIS H 180 48.25 -19.45 -39.74
C HIS H 180 49.29 -18.69 -38.93
N THR H 181 48.99 -17.43 -38.63
CA THR H 181 49.91 -16.62 -37.87
C THR H 181 49.39 -16.53 -36.45
N PHE H 182 49.80 -17.50 -35.63
CA PHE H 182 49.37 -17.58 -34.26
C PHE H 182 49.38 -16.30 -33.46
N PRO H 183 48.63 -16.30 -32.35
CA PRO H 183 48.59 -15.11 -31.50
C PRO H 183 49.95 -15.14 -30.85
N ALA H 184 50.42 -14.03 -30.31
CA ALA H 184 51.74 -14.04 -29.69
C ALA H 184 51.68 -14.81 -28.38
N VAL H 185 52.80 -14.93 -27.68
CA VAL H 185 52.79 -15.63 -26.40
C VAL H 185 53.83 -15.10 -25.44
N LEU H 186 53.38 -14.45 -24.36
CA LEU H 186 54.28 -13.91 -23.36
C LEU H 186 55.10 -15.01 -22.71
N GLN H 187 56.41 -14.79 -22.62
CA GLN H 187 57.35 -15.75 -22.04
C GLN H 187 57.77 -15.38 -20.61
N SER H 188 58.64 -16.18 -20.00
CA SER H 188 59.09 -15.86 -18.65
C SER H 188 60.17 -14.80 -18.80
N SER H 189 60.99 -14.96 -19.83
CA SER H 189 62.08 -14.04 -20.11
C SER H 189 61.54 -12.65 -20.30
N GLY H 190 60.22 -12.51 -20.32
CA GLY H 190 59.61 -11.21 -20.48
C GLY H 190 59.29 -10.90 -21.92
N LEU H 191 60.07 -11.46 -22.84
CA LEU H 191 59.87 -11.23 -24.27
C LEU H 191 58.78 -12.11 -24.89
N TYR H 192 58.02 -11.52 -25.81
CA TYR H 192 56.94 -12.21 -26.49
C TYR H 192 57.45 -13.03 -27.66
N SER H 193 56.62 -13.91 -28.20
CA SER H 193 57.02 -14.73 -29.35
C SER H 193 55.86 -15.46 -30.03
N LEU H 194 56.01 -15.74 -31.33
CA LEU H 194 54.98 -16.47 -32.07
C LEU H 194 55.51 -17.17 -33.31
N SER H 195 54.58 -17.56 -34.18
CA SER H 195 54.91 -18.27 -35.41
C SER H 195 53.79 -18.22 -36.45
N SER H 196 54.15 -18.51 -37.69
CA SER H 196 53.17 -18.47 -38.77
C SER H 196 53.46 -19.46 -39.89
N VAL H 197 52.43 -20.19 -40.30
CA VAL H 197 52.56 -21.15 -41.37
C VAL H 197 51.67 -20.80 -42.55
N VAL H 198 51.86 -21.54 -43.63
CA VAL H 198 51.10 -21.40 -44.86
C VAL H 198 51.26 -22.71 -45.58
N THR H 199 50.27 -23.06 -46.41
CA THR H 199 50.29 -24.33 -47.14
C THR H 199 50.30 -24.18 -48.65
N VAL H 200 51.50 -24.04 -49.21
CA VAL H 200 51.70 -23.89 -50.63
C VAL H 200 52.16 -25.23 -51.22
N PRO H 201 51.53 -25.66 -52.33
CA PRO H 201 51.85 -26.91 -53.02
C PRO H 201 53.32 -27.32 -53.01
N SER H 202 53.54 -28.61 -52.84
CA SER H 202 54.88 -29.17 -52.80
C SER H 202 55.71 -28.57 -53.93
N SER H 203 55.06 -28.32 -55.05
CA SER H 203 55.70 -27.77 -56.23
C SER H 203 56.35 -26.39 -56.05
N SER H 204 55.72 -25.53 -55.26
CA SER H 204 56.26 -24.19 -55.04
C SER H 204 57.68 -24.12 -54.50
N LEU H 205 58.22 -25.25 -54.05
CA LEU H 205 59.59 -25.31 -53.50
C LEU H 205 60.56 -24.31 -54.13
N GLY H 206 61.34 -24.79 -55.09
CA GLY H 206 62.30 -23.93 -55.77
C GLY H 206 61.77 -23.46 -57.11
N THR H 207 60.63 -22.79 -57.08
CA THR H 207 59.94 -22.25 -58.26
C THR H 207 59.40 -20.88 -57.88
N GLN H 208 58.51 -20.86 -56.90
CA GLN H 208 57.90 -19.66 -56.35
C GLN H 208 58.55 -19.43 -54.99
N THR H 209 58.96 -18.20 -54.70
CA THR H 209 59.63 -17.92 -53.43
C THR H 209 58.72 -17.51 -52.27
N TYR H 210 59.28 -17.57 -51.06
CA TYR H 210 58.56 -17.20 -49.85
C TYR H 210 59.46 -16.27 -49.06
N ILE H 211 58.89 -15.20 -48.52
CA ILE H 211 59.66 -14.24 -47.74
C ILE H 211 58.79 -13.62 -46.64
N CYS H 212 58.44 -14.40 -45.61
CA CYS H 212 57.63 -13.85 -44.54
C CYS H 212 58.19 -12.48 -44.16
N ASN H 213 57.31 -11.49 -44.07
CA ASN H 213 57.70 -10.10 -43.75
C ASN H 213 57.74 -9.70 -42.29
N VAL H 214 57.93 -10.67 -41.38
CA VAL H 214 57.99 -10.37 -39.96
C VAL H 214 58.43 -8.90 -39.80
N ASN H 215 57.55 -8.08 -39.24
CA ASN H 215 57.82 -6.65 -39.08
C ASN H 215 57.53 -6.17 -37.66
N HIS H 216 58.42 -5.34 -37.13
CA HIS H 216 58.24 -4.78 -35.80
C HIS H 216 58.25 -3.27 -35.96
N LYS H 217 57.66 -2.54 -35.02
CA LYS H 217 57.63 -1.09 -35.18
C LYS H 217 58.11 -0.26 -33.98
N PRO H 218 57.79 -0.67 -32.74
CA PRO H 218 58.21 0.07 -31.54
C PRO H 218 59.72 0.14 -31.50
N SER H 219 60.34 -0.63 -32.38
CA SER H 219 61.79 -0.71 -32.54
C SER H 219 62.10 -0.22 -33.95
N ASN H 220 61.06 0.09 -34.70
CA ASN H 220 61.21 0.57 -36.07
C ASN H 220 62.12 -0.42 -36.78
N THR H 221 61.91 -1.70 -36.49
CA THR H 221 62.71 -2.75 -37.09
C THR H 221 61.94 -3.67 -38.03
N LYS H 222 62.37 -3.69 -39.29
CA LYS H 222 61.75 -4.53 -40.32
C LYS H 222 62.65 -5.73 -40.55
N VAL H 223 62.05 -6.84 -41.00
CA VAL H 223 62.82 -8.05 -41.26
C VAL H 223 62.05 -8.91 -42.25
N ASP H 224 62.75 -9.89 -42.81
CA ASP H 224 62.19 -10.84 -43.75
C ASP H 224 62.99 -12.11 -43.53
N LYS H 225 62.80 -13.10 -44.38
CA LYS H 225 63.52 -14.34 -44.24
C LYS H 225 62.98 -15.35 -45.22
N LYS H 226 63.79 -15.71 -46.19
CA LYS H 226 63.37 -16.69 -47.17
C LYS H 226 63.51 -18.05 -46.45
N VAL H 227 62.41 -18.59 -45.96
CA VAL H 227 62.49 -19.89 -45.28
C VAL H 227 62.65 -20.93 -46.38
N GLU H 228 63.90 -21.25 -46.67
CA GLU H 228 64.24 -22.19 -47.71
C GLU H 228 63.80 -23.63 -47.46
N PRO H 229 63.82 -24.46 -48.52
CA PRO H 229 63.45 -25.88 -48.53
C PRO H 229 64.16 -26.74 -47.48
N ILE I 2 17.36 -35.88 28.14
CA ILE I 2 16.47 -36.37 29.22
C ILE I 2 16.20 -35.28 30.24
N GLN I 3 14.92 -34.95 30.41
CA GLN I 3 14.50 -33.93 31.38
C GLN I 3 14.44 -34.51 32.79
N MET I 4 14.82 -33.70 33.78
CA MET I 4 14.81 -34.09 35.17
C MET I 4 13.91 -33.18 36.00
N THR I 5 12.71 -33.63 36.32
CA THR I 5 11.78 -32.81 37.09
C THR I 5 12.05 -32.84 38.60
N GLN I 6 13.02 -32.08 39.06
CA GLN I 6 13.32 -32.01 40.52
C GLN I 6 12.66 -30.68 41.10
N SER I 7 11.75 -30.51 42.09
CA SER I 7 11.20 -29.05 42.12
C SER I 7 10.56 -28.20 43.41
N PRO I 8 11.02 -26.85 43.86
CA PRO I 8 12.00 -25.65 43.97
C PRO I 8 12.15 -24.83 45.19
N SER I 9 11.39 -25.25 46.16
CA SER I 9 11.33 -24.59 47.40
C SER I 9 10.74 -25.53 48.44
N LEU I 10 11.20 -25.37 49.67
CA LEU I 10 10.76 -26.16 50.82
C LEU I 10 11.22 -25.50 52.13
N SER I 11 10.27 -25.13 53.01
CA SER I 11 10.59 -24.53 54.32
C SER I 11 10.60 -25.70 55.24
N ALA I 12 11.00 -25.49 56.48
CA ALA I 12 11.03 -26.59 57.46
C ALA I 12 11.88 -26.20 58.65
N SER I 13 11.69 -26.88 59.77
CA SER I 13 12.47 -26.60 60.97
C SER I 13 13.64 -27.55 61.14
N VAL I 14 14.34 -27.43 62.26
CA VAL I 14 15.48 -28.29 62.57
C VAL I 14 15.01 -29.68 62.96
N GLY I 15 15.85 -30.68 62.70
CA GLY I 15 15.46 -32.04 63.05
C GLY I 15 14.30 -32.56 62.22
N ASP I 16 13.45 -31.67 61.73
CA ASP I 16 12.33 -32.08 60.90
C ASP I 16 12.89 -33.00 59.84
N ARG I 17 12.10 -33.99 59.41
CA ARG I 17 12.58 -34.94 58.42
C ARG I 17 12.22 -34.43 57.05
N VAL I 18 13.12 -34.59 56.09
CA VAL I 18 12.80 -34.13 54.76
C VAL I 18 13.26 -35.05 53.65
N THR I 19 12.39 -35.22 52.65
CA THR I 19 12.64 -36.06 51.49
C THR I 19 12.38 -35.28 50.21
N ILE I 20 13.45 -34.76 49.62
CA ILE I 20 13.38 -34.02 48.37
C ILE I 20 13.36 -35.06 47.25
N THR I 21 12.66 -34.80 46.16
CA THR I 21 12.65 -35.79 45.09
C THR I 21 12.82 -35.26 43.69
N CYS I 22 13.39 -36.13 42.86
CA CYS I 22 13.69 -35.88 41.47
C CYS I 22 13.05 -37.01 40.65
N ARG I 23 12.50 -36.67 39.50
CA ARG I 23 11.86 -37.64 38.60
C ARG I 23 12.43 -37.51 37.20
N ALA I 24 12.95 -38.62 36.67
CA ALA I 24 13.52 -38.67 35.32
C ALA I 24 12.43 -38.81 34.27
N SER I 25 12.64 -38.23 33.09
CA SER I 25 11.64 -38.32 32.03
C SER I 25 11.66 -39.66 31.27
N GLN I 26 12.79 -40.38 31.35
CA GLN I 26 13.02 -41.69 30.70
C GLN I 26 13.92 -42.50 31.62
N SER I 27 13.68 -43.81 31.69
CA SER I 27 14.51 -44.64 32.58
C SER I 27 15.99 -44.32 32.41
N ILE I 28 16.64 -44.08 33.52
CA ILE I 28 18.05 -43.75 33.52
C ILE I 28 18.84 -44.74 34.36
N SER I 29 18.16 -45.81 34.79
CA SER I 29 18.74 -46.87 35.61
C SER I 29 18.99 -46.36 37.03
N SER I 30 20.21 -45.92 37.30
CA SER I 30 20.57 -45.41 38.61
C SER I 30 21.76 -44.47 38.52
N TYR I 31 21.87 -43.80 37.38
CA TYR I 31 22.94 -42.84 37.17
C TYR I 31 22.35 -41.56 37.70
N LEU I 32 22.17 -41.49 39.01
CA LEU I 32 21.59 -40.31 39.63
C LEU I 32 22.46 -39.84 40.80
N ASN I 33 22.82 -38.56 40.76
CA ASN I 33 23.65 -37.97 41.80
C ASN I 33 23.05 -36.69 42.35
N TRP I 34 23.30 -36.43 43.65
CA TRP I 34 22.79 -35.24 44.30
C TRP I 34 23.93 -34.31 44.59
N TYR I 35 23.70 -33.01 44.40
CA TYR I 35 24.70 -31.97 44.67
C TYR I 35 24.15 -30.90 45.59
N GLN I 36 24.93 -30.53 46.59
CA GLN I 36 24.50 -29.49 47.49
C GLN I 36 25.17 -28.19 47.07
N GLN I 37 24.55 -27.06 47.37
CA GLN I 37 25.11 -25.77 47.02
C GLN I 37 24.59 -24.71 47.98
N LYS I 38 25.34 -23.63 48.14
CA LYS I 38 24.95 -22.56 49.03
C LYS I 38 25.27 -21.20 48.43
N PRO I 39 24.74 -20.13 49.04
CA PRO I 39 25.00 -18.77 48.52
C PRO I 39 26.48 -18.47 48.32
N GLY I 40 26.88 -18.35 47.06
CA GLY I 40 28.25 -18.02 46.75
C GLY I 40 29.31 -19.08 46.93
N LYS I 41 28.91 -20.36 47.05
CA LYS I 41 29.87 -21.46 47.19
C LYS I 41 29.70 -22.59 46.18
N VAL I 42 30.80 -23.05 45.64
CA VAL I 42 30.82 -24.14 44.67
C VAL I 42 29.99 -25.33 45.16
N PRO I 43 29.47 -26.14 44.23
CA PRO I 43 28.67 -27.30 44.60
C PRO I 43 29.52 -28.39 45.30
N LYS I 44 28.87 -29.17 46.14
CA LYS I 44 29.52 -30.24 46.88
C LYS I 44 28.78 -31.50 46.43
N LEU I 45 29.52 -32.54 46.10
CA LEU I 45 28.88 -33.78 45.69
C LEU I 45 28.33 -34.42 46.94
N LEU I 46 27.09 -34.90 46.89
CA LEU I 46 26.48 -35.54 48.06
C LEU I 46 26.28 -37.06 47.93
N ILE I 47 25.66 -37.47 46.83
CA ILE I 47 25.38 -38.87 46.60
C ILE I 47 25.64 -39.21 45.13
N TYR I 48 26.11 -40.44 44.87
CA TYR I 48 26.37 -40.90 43.51
C TYR I 48 25.77 -42.28 43.36
N ALA I 49 25.46 -42.66 42.11
CA ALA I 49 24.85 -43.96 41.82
C ALA I 49 23.39 -43.95 42.26
N ALA I 50 23.02 -42.91 43.00
CA ALA I 50 21.67 -42.74 43.51
C ALA I 50 21.44 -43.27 44.92
N SER I 51 22.44 -43.93 45.50
CA SER I 51 22.27 -44.49 46.83
C SER I 51 23.52 -44.35 47.68
N SER I 52 24.65 -44.74 47.09
CA SER I 52 25.94 -44.66 47.78
C SER I 52 26.30 -43.22 48.12
N LEU I 53 26.69 -43.00 49.36
CA LEU I 53 27.05 -41.68 49.84
C LEU I 53 28.48 -41.25 49.48
N GLN I 54 28.65 -39.98 49.13
CA GLN I 54 29.95 -39.49 48.76
C GLN I 54 30.80 -39.35 49.99
N SER I 55 32.13 -39.37 49.83
CA SER I 55 33.04 -39.26 50.96
C SER I 55 33.03 -37.94 51.72
N GLY I 56 33.17 -38.04 53.05
CA GLY I 56 33.19 -36.86 53.87
C GLY I 56 31.83 -36.22 54.00
N VAL I 57 30.79 -37.01 53.78
CA VAL I 57 29.43 -36.50 53.90
C VAL I 57 28.66 -37.27 54.95
N PRO I 58 27.98 -36.54 55.84
CA PRO I 58 27.16 -37.05 56.94
C PRO I 58 26.22 -38.18 56.51
N SER I 59 25.83 -39.00 57.49
CA SER I 59 24.95 -40.15 57.28
C SER I 59 23.48 -39.80 57.38
N ARG I 60 23.15 -38.54 57.27
CA ARG I 60 21.76 -38.15 57.31
C ARG I 60 21.30 -38.01 55.87
N PHE I 61 22.25 -37.84 54.97
CA PHE I 61 21.92 -37.76 53.55
C PHE I 61 21.89 -39.19 53.03
N SER I 62 20.83 -39.53 52.28
CA SER I 62 20.75 -40.88 51.76
C SER I 62 20.09 -41.02 50.40
N GLY I 63 20.87 -41.45 49.42
CA GLY I 63 20.35 -41.63 48.08
C GLY I 63 19.40 -42.82 48.03
N SER I 64 18.23 -42.62 47.43
CA SER I 64 17.22 -43.67 47.29
C SER I 64 16.64 -43.60 45.89
N GLY I 65 15.86 -44.61 45.53
CA GLY I 65 15.26 -44.65 44.22
C GLY I 65 16.07 -45.43 43.20
N SER I 66 15.46 -45.65 42.04
CA SER I 66 16.07 -46.38 40.93
C SER I 66 15.11 -46.26 39.75
N GLY I 67 15.67 -46.17 38.55
CA GLY I 67 14.87 -46.04 37.37
C GLY I 67 14.49 -44.60 37.11
N THR I 68 13.34 -44.19 37.63
CA THR I 68 12.86 -42.82 37.41
C THR I 68 12.55 -42.00 38.67
N ASP I 69 11.88 -42.60 39.65
CA ASP I 69 11.60 -41.91 40.89
C ASP I 69 12.92 -41.98 41.65
N PHE I 70 13.32 -40.88 42.28
CA PHE I 70 14.55 -40.88 43.06
C PHE I 70 14.30 -40.04 44.28
N THR I 71 15.07 -40.28 45.34
CA THR I 71 14.82 -39.57 46.58
C THR I 71 16.04 -39.26 47.39
N LEU I 72 16.04 -38.10 48.01
CA LEU I 72 17.13 -37.70 48.90
C LEU I 72 16.40 -37.47 50.21
N THR I 73 17.02 -37.82 51.31
CA THR I 73 16.37 -37.67 52.57
C THR I 73 17.35 -37.26 53.63
N ILE I 74 16.96 -36.28 54.42
CA ILE I 74 17.82 -35.85 55.49
C ILE I 74 17.01 -36.22 56.72
N SER I 75 17.51 -37.21 57.46
CA SER I 75 16.85 -37.73 58.64
C SER I 75 16.57 -36.72 59.77
N SER I 76 17.41 -35.71 59.87
CA SER I 76 17.26 -34.67 60.87
C SER I 76 18.00 -33.44 60.36
N LEU I 77 17.22 -32.52 59.82
CA LEU I 77 17.78 -31.31 59.25
C LEU I 77 18.66 -30.49 60.21
N GLN I 78 19.95 -30.41 59.87
CA GLN I 78 20.94 -29.68 60.64
C GLN I 78 20.98 -28.26 60.10
N PRO I 79 21.19 -27.25 60.96
CA PRO I 79 21.22 -25.87 60.46
C PRO I 79 22.05 -25.65 59.21
N GLU I 80 23.31 -26.05 59.22
CA GLU I 80 24.15 -25.86 58.05
C GLU I 80 23.62 -26.60 56.81
N ASP I 81 22.58 -27.41 57.00
CA ASP I 81 22.00 -28.16 55.88
C ASP I 81 21.05 -27.33 55.00
N PHE I 82 20.86 -26.07 55.35
CA PHE I 82 19.97 -25.23 54.56
C PHE I 82 20.68 -24.65 53.38
N ALA I 83 20.32 -25.18 52.21
CA ALA I 83 20.92 -24.80 50.96
C ALA I 83 19.97 -25.18 49.87
N THR I 84 20.54 -25.44 48.69
CA THR I 84 19.78 -25.81 47.52
C THR I 84 20.27 -27.18 47.12
N TYR I 85 19.39 -28.03 46.62
CA TYR I 85 19.79 -29.37 46.22
C TYR I 85 19.50 -29.70 44.77
N TYR I 86 20.49 -30.22 44.06
CA TYR I 86 20.29 -30.62 42.66
C TYR I 86 20.57 -32.08 42.47
N CYS I 87 19.94 -32.65 41.44
CA CYS I 87 20.12 -34.04 41.09
C CYS I 87 20.75 -34.05 39.71
N GLN I 88 21.53 -35.07 39.42
CA GLN I 88 22.13 -35.16 38.11
C GLN I 88 21.78 -36.47 37.47
N GLN I 89 21.51 -36.42 36.17
CA GLN I 89 21.18 -37.59 35.37
C GLN I 89 22.43 -37.94 34.56
N SER I 90 23.13 -39.00 34.99
CA SER I 90 24.37 -39.44 34.33
C SER I 90 24.12 -40.27 33.08
N TYR I 91 23.29 -41.30 33.26
CA TYR I 91 22.88 -42.24 32.21
C TYR I 91 23.07 -41.73 30.77
N SER I 92 22.12 -40.95 30.28
CA SER I 92 22.19 -40.38 28.94
C SER I 92 23.61 -39.81 28.74
N THR I 93 24.01 -39.60 27.49
CA THR I 93 25.35 -39.07 27.22
C THR I 93 25.52 -37.69 27.86
N SER I 94 24.43 -36.92 27.87
CA SER I 94 24.38 -35.57 28.46
C SER I 94 24.17 -35.70 29.96
N HIS I 95 24.41 -34.63 30.71
CA HIS I 95 24.20 -34.75 32.15
C HIS I 95 23.31 -33.66 32.74
N THR I 96 22.03 -33.70 32.37
CA THR I 96 21.05 -32.73 32.86
C THR I 96 20.91 -32.67 34.38
N PHE I 97 20.42 -31.54 34.87
CA PHE I 97 20.19 -31.33 36.29
C PHE I 97 18.72 -31.08 36.58
N GLY I 98 18.35 -31.28 37.83
CA GLY I 98 16.99 -31.00 38.25
C GLY I 98 17.17 -29.51 38.48
N GLN I 99 16.09 -28.75 38.57
CA GLN I 99 16.24 -27.32 38.74
C GLN I 99 16.73 -26.89 40.11
N GLY I 100 16.98 -27.86 40.98
CA GLY I 100 17.46 -27.52 42.31
C GLY I 100 16.28 -27.22 43.21
N THR I 101 16.41 -27.58 44.48
CA THR I 101 15.36 -27.34 45.49
C THR I 101 15.95 -26.54 46.66
N LYS I 102 15.24 -25.52 47.13
CA LYS I 102 15.77 -24.74 48.23
C LYS I 102 15.06 -24.95 49.54
N LEU I 103 15.80 -25.42 50.51
CA LEU I 103 15.25 -25.56 51.83
C LEU I 103 15.48 -24.17 52.43
N GLU I 104 14.57 -23.71 53.27
CA GLU I 104 14.74 -22.43 53.93
C GLU I 104 14.35 -22.77 55.36
N ILE I 105 14.94 -22.10 56.33
CA ILE I 105 14.58 -22.40 57.70
C ILE I 105 13.22 -21.76 58.01
N LYS I 106 12.23 -22.61 58.24
CA LYS I 106 10.88 -22.20 58.58
C LYS I 106 10.95 -21.54 59.98
N ARG I 107 9.94 -20.72 60.30
CA ARG I 107 9.88 -20.02 61.58
C ARG I 107 8.58 -19.25 61.70
N THR I 108 8.46 -18.51 62.81
CA THR I 108 7.28 -17.70 63.13
C THR I 108 7.07 -16.54 62.17
N VAL I 109 5.82 -16.16 61.93
CA VAL I 109 5.60 -15.02 61.02
C VAL I 109 6.24 -13.79 61.65
N ALA I 110 6.35 -12.71 60.91
CA ALA I 110 6.99 -11.53 61.47
C ALA I 110 6.90 -10.37 60.53
N ALA I 111 5.72 -9.74 60.42
CA ALA I 111 5.51 -8.57 59.56
C ALA I 111 6.75 -7.67 59.58
N PRO I 112 7.02 -6.96 58.48
CA PRO I 112 8.21 -6.09 58.48
C PRO I 112 8.02 -4.66 58.92
N SER I 113 9.15 -3.95 58.94
CA SER I 113 9.19 -2.56 59.28
C SER I 113 9.23 -1.92 57.90
N VAL I 114 8.16 -1.23 57.52
CA VAL I 114 8.12 -0.61 56.22
C VAL I 114 8.73 0.78 56.36
N PHE I 115 9.78 1.05 55.59
CA PHE I 115 10.44 2.33 55.60
C PHE I 115 10.39 2.90 54.21
N ILE I 116 10.90 4.12 54.05
CA ILE I 116 10.90 4.75 52.75
C ILE I 116 11.89 5.88 52.63
N PHE I 117 12.47 6.00 51.45
CA PHE I 117 13.43 7.03 51.17
C PHE I 117 13.03 7.74 49.89
N PRO I 118 12.89 9.06 49.96
CA PRO I 118 12.52 9.80 48.75
C PRO I 118 13.83 10.13 48.02
N PRO I 119 13.76 10.38 46.70
CA PRO I 119 14.97 10.69 45.95
C PRO I 119 15.84 11.75 46.60
N SER I 120 17.14 11.58 46.43
CA SER I 120 18.14 12.48 46.99
C SER I 120 18.57 13.53 45.98
N ASP I 121 18.24 14.79 46.24
CA ASP I 121 18.59 15.90 45.35
C ASP I 121 19.90 15.64 44.65
N GLU I 122 20.91 15.27 45.43
CA GLU I 122 22.23 14.94 44.91
C GLU I 122 22.00 14.16 43.60
N GLN I 123 21.14 13.15 43.70
CA GLN I 123 20.77 12.29 42.58
C GLN I 123 19.91 13.05 41.56
N LEU I 124 18.95 13.82 42.04
CA LEU I 124 18.07 14.58 41.16
C LEU I 124 18.88 15.35 40.12
N LYS I 125 19.78 16.17 40.62
CA LYS I 125 20.64 17.01 39.80
C LYS I 125 21.34 16.27 38.68
N SER I 126 21.42 14.94 38.79
CA SER I 126 22.08 14.18 37.73
C SER I 126 21.15 13.78 36.57
N GLY I 127 19.85 13.62 36.84
CA GLY I 127 18.93 13.25 35.77
C GLY I 127 17.71 12.40 36.09
N THR I 128 17.83 11.47 37.04
CA THR I 128 16.72 10.59 37.38
C THR I 128 16.24 10.72 38.82
N ALA I 129 15.33 9.84 39.22
CA ALA I 129 14.77 9.83 40.57
C ALA I 129 14.56 8.41 41.07
N SER I 130 15.00 8.13 42.29
CA SER I 130 14.84 6.81 42.88
C SER I 130 14.20 6.92 44.26
N VAL I 131 13.04 6.28 44.43
CA VAL I 131 12.35 6.31 45.71
C VAL I 131 12.48 4.90 46.28
N VAL I 132 13.28 4.72 47.31
CA VAL I 132 13.42 3.40 47.87
C VAL I 132 12.27 3.19 48.84
N CYS I 133 11.82 1.96 48.97
CA CYS I 133 10.74 1.60 49.87
C CYS I 133 11.19 0.29 50.47
N LEU I 134 11.87 0.38 51.62
CA LEU I 134 12.45 -0.74 52.35
C LEU I 134 11.57 -1.43 53.36
N LEU I 135 11.49 -2.76 53.26
CA LEU I 135 10.72 -3.60 54.18
C LEU I 135 11.79 -4.29 55.03
N ASN I 136 11.76 -4.03 56.34
CA ASN I 136 12.78 -4.55 57.25
C ASN I 136 12.53 -5.76 58.14
N ASN I 137 13.29 -6.81 57.88
CA ASN I 137 13.27 -8.05 58.65
C ASN I 137 11.88 -8.69 58.85
N PHE I 138 11.50 -9.56 57.91
CA PHE I 138 10.21 -10.24 58.00
C PHE I 138 10.23 -11.68 57.46
N TYR I 139 9.17 -12.42 57.79
CA TYR I 139 9.02 -13.81 57.36
C TYR I 139 7.52 -14.08 57.27
N PRO I 140 7.09 -14.79 56.23
CA PRO I 140 7.85 -15.38 55.11
C PRO I 140 8.34 -14.40 54.05
N ARG I 141 9.27 -14.86 53.23
CA ARG I 141 9.85 -14.06 52.16
C ARG I 141 8.84 -13.47 51.18
N GLU I 142 7.55 -13.76 51.38
CA GLU I 142 6.51 -13.24 50.49
C GLU I 142 6.12 -11.83 50.83
N ALA I 143 6.38 -10.93 49.89
CA ALA I 143 6.08 -9.51 50.04
C ALA I 143 5.11 -9.16 48.95
N LYS I 144 4.66 -7.91 48.92
CA LYS I 144 3.72 -7.49 47.90
C LYS I 144 3.67 -5.97 47.84
N VAL I 145 4.77 -5.39 47.37
CA VAL I 145 4.93 -3.95 47.24
C VAL I 145 4.28 -3.35 45.98
N GLN I 146 3.20 -2.59 46.15
CA GLN I 146 2.51 -1.97 45.01
C GLN I 146 2.62 -0.45 45.06
N TRP I 147 3.60 0.11 44.35
CA TRP I 147 3.73 1.55 44.37
C TRP I 147 2.49 2.22 43.80
N LYS I 148 2.28 3.45 44.22
CA LYS I 148 1.16 4.28 43.77
C LYS I 148 1.75 5.66 43.61
N VAL I 149 1.28 6.39 42.60
CA VAL I 149 1.76 7.75 42.35
C VAL I 149 0.51 8.62 42.26
N ASP I 150 0.20 9.32 43.37
CA ASP I 150 -1.00 10.15 43.43
C ASP I 150 -2.12 9.19 43.06
N ASN I 151 -2.47 8.32 44.00
CA ASN I 151 -3.49 7.31 43.79
C ASN I 151 -3.50 6.90 42.31
N ALA I 152 -2.56 6.04 41.94
CA ALA I 152 -2.45 5.53 40.58
C ALA I 152 -1.58 4.27 40.57
N LEU I 153 -2.13 3.19 40.02
CA LEU I 153 -1.46 1.90 39.94
C LEU I 153 -0.19 1.90 39.11
N GLN I 154 0.90 1.46 39.70
CA GLN I 154 2.14 1.40 38.97
C GLN I 154 2.66 -0.02 38.94
N SER I 155 3.19 -0.42 37.79
CA SER I 155 3.74 -1.76 37.63
C SER I 155 4.76 -1.87 36.48
N GLY I 156 6.00 -1.50 36.78
CA GLY I 156 7.03 -1.59 35.78
C GLY I 156 8.15 -0.63 36.04
N ASN I 157 7.90 0.36 36.87
CA ASN I 157 8.88 1.39 37.18
C ASN I 157 9.75 1.09 38.41
N SER I 158 9.63 -0.12 38.96
CA SER I 158 10.41 -0.51 40.14
C SER I 158 11.12 -1.86 40.00
N GLN I 159 11.91 -2.19 41.01
CA GLN I 159 12.68 -3.43 41.06
C GLN I 159 12.86 -3.86 42.53
N GLU I 160 12.28 -4.99 42.94
CA GLU I 160 12.45 -5.42 44.32
C GLU I 160 13.65 -6.36 44.49
N SER I 161 14.09 -6.54 45.73
CA SER I 161 15.25 -7.39 45.98
C SER I 161 15.32 -7.97 47.37
N VAL I 162 15.06 -9.27 47.48
CA VAL I 162 15.09 -9.90 48.78
C VAL I 162 16.47 -10.34 49.19
N THR I 163 16.78 -10.11 50.46
CA THR I 163 18.06 -10.49 51.00
C THR I 163 17.92 -11.96 51.37
N GLU I 164 19.06 -12.63 51.59
CA GLU I 164 19.05 -14.04 51.93
C GLU I 164 18.52 -14.30 53.33
N GLN I 165 17.98 -15.50 53.52
CA GLN I 165 17.44 -15.85 54.81
C GLN I 165 18.51 -15.60 55.85
N ASP I 166 18.20 -14.71 56.77
CA ASP I 166 19.13 -14.34 57.83
C ASP I 166 19.86 -15.56 58.44
N SER I 167 21.04 -15.34 58.98
CA SER I 167 21.82 -16.41 59.60
C SER I 167 21.50 -16.60 61.08
N LYS I 168 21.01 -15.53 61.72
CA LYS I 168 20.71 -15.61 63.13
C LYS I 168 19.23 -15.49 63.50
N ASP I 169 18.39 -15.04 62.58
CA ASP I 169 16.96 -14.91 62.89
C ASP I 169 16.01 -15.44 61.82
N SER I 170 16.55 -15.89 60.69
CA SER I 170 15.73 -16.46 59.63
C SER I 170 14.75 -15.48 59.00
N THR I 171 14.80 -14.22 59.42
CA THR I 171 13.88 -13.26 58.85
C THR I 171 14.50 -12.73 57.58
N TYR I 172 13.66 -12.18 56.72
CA TYR I 172 14.11 -11.65 55.45
C TYR I 172 14.16 -10.12 55.45
N SER I 173 14.67 -9.57 54.35
CA SER I 173 14.75 -8.14 54.12
C SER I 173 14.56 -7.88 52.63
N LEU I 174 13.70 -6.94 52.30
CA LEU I 174 13.44 -6.63 50.90
C LEU I 174 13.52 -5.15 50.62
N SER I 175 13.96 -4.80 49.43
CA SER I 175 14.03 -3.40 49.04
C SER I 175 13.25 -3.26 47.74
N SER I 176 12.75 -2.06 47.49
CA SER I 176 11.98 -1.79 46.29
C SER I 176 12.38 -0.40 45.77
N THR I 177 12.80 -0.32 44.52
CA THR I 177 13.21 0.97 43.99
C THR I 177 12.40 1.47 42.78
N LEU I 178 11.43 2.34 43.06
CA LEU I 178 10.62 2.93 42.02
C LEU I 178 11.44 4.03 41.40
N THR I 179 12.05 3.74 40.26
CA THR I 179 12.90 4.72 39.60
C THR I 179 12.24 5.33 38.35
N LEU I 180 12.35 6.65 38.25
CA LEU I 180 11.83 7.45 37.14
C LEU I 180 12.88 8.51 36.82
N SER I 181 12.46 9.51 36.07
CA SER I 181 13.33 10.60 35.69
C SER I 181 12.85 11.83 36.44
N LYS I 182 13.78 12.73 36.77
CA LYS I 182 13.44 13.94 37.49
C LYS I 182 12.21 14.50 36.82
N ALA I 183 12.12 14.27 35.52
CA ALA I 183 10.97 14.72 34.73
C ALA I 183 9.69 14.09 35.27
N ASP I 184 9.32 12.92 34.74
CA ASP I 184 8.12 12.19 35.15
C ASP I 184 7.91 12.29 36.65
N TYR I 185 9.01 12.24 37.39
CA TYR I 185 8.96 12.36 38.83
C TYR I 185 8.38 13.70 39.24
N GLU I 186 9.09 14.77 38.95
CA GLU I 186 8.61 16.10 39.30
C GLU I 186 7.18 16.23 38.81
N LYS I 187 6.88 15.50 37.75
CA LYS I 187 5.56 15.51 37.15
C LYS I 187 4.49 14.88 38.04
N HIS I 188 4.77 14.70 39.33
CA HIS I 188 3.80 14.11 40.24
C HIS I 188 4.00 14.57 41.67
N LYS I 189 2.94 14.51 42.48
CA LYS I 189 3.00 14.99 43.87
C LYS I 189 3.12 13.96 45.01
N VAL I 190 2.06 13.21 45.25
CA VAL I 190 2.03 12.23 46.33
C VAL I 190 2.50 10.83 45.94
N TYR I 191 3.58 10.39 46.58
CA TYR I 191 4.19 9.08 46.34
C TYR I 191 3.91 8.11 47.48
N ALA I 192 3.42 6.92 47.15
CA ALA I 192 3.12 5.90 48.16
C ALA I 192 3.61 4.52 47.73
N CYS I 193 4.01 3.70 48.70
CA CYS I 193 4.44 2.34 48.39
C CYS I 193 3.80 1.40 49.39
N GLU I 194 2.67 0.84 48.98
CA GLU I 194 1.91 -0.08 49.80
C GLU I 194 2.60 -1.45 49.98
N VAL I 195 2.15 -2.21 50.98
CA VAL I 195 2.73 -3.49 51.29
C VAL I 195 1.71 -4.41 51.97
N THR I 196 1.76 -5.70 51.68
CA THR I 196 0.84 -6.65 52.30
C THR I 196 1.57 -7.97 52.53
N HIS I 197 1.96 -8.21 53.77
CA HIS I 197 2.68 -9.42 54.13
C HIS I 197 1.79 -10.48 54.75
N GLN I 198 2.35 -11.67 54.93
CA GLN I 198 1.64 -12.81 55.51
C GLN I 198 0.97 -12.53 56.84
N GLY I 199 1.46 -11.52 57.56
CA GLY I 199 0.91 -11.18 58.85
C GLY I 199 0.77 -9.68 59.14
N LEU I 200 -0.08 -9.01 58.37
CA LEU I 200 -0.37 -7.59 58.53
C LEU I 200 -1.86 -7.45 58.32
N SER I 201 -2.60 -7.21 59.40
CA SER I 201 -4.05 -7.06 59.30
C SER I 201 -4.44 -6.49 57.94
N SER I 202 -4.06 -5.26 57.69
CA SER I 202 -4.35 -4.58 56.44
C SER I 202 -3.01 -4.24 55.78
N PRO I 203 -3.03 -3.77 54.51
CA PRO I 203 -1.77 -3.43 53.86
C PRO I 203 -1.09 -2.27 54.57
N VAL I 204 0.06 -1.86 54.04
CA VAL I 204 0.81 -0.77 54.64
C VAL I 204 1.34 0.18 53.60
N THR I 205 0.99 1.45 53.74
CA THR I 205 1.45 2.45 52.79
C THR I 205 2.58 3.23 53.40
N LYS I 206 3.59 3.53 52.60
CA LYS I 206 4.73 4.33 53.07
C LYS I 206 4.93 5.47 52.08
N SER I 207 3.97 6.40 52.08
CA SER I 207 3.96 7.56 51.20
C SER I 207 4.55 8.84 51.82
N PHE I 208 5.04 9.74 50.95
CA PHE I 208 5.62 11.01 51.34
C PHE I 208 5.23 11.97 50.23
N ASN I 209 5.27 13.27 50.51
CA ASN I 209 4.91 14.26 49.48
C ASN I 209 6.12 15.00 48.92
N ARG I 210 6.14 15.14 47.60
CA ARG I 210 7.23 15.82 46.92
C ARG I 210 7.18 17.30 47.29
N GLY I 211 8.23 17.78 47.92
CA GLY I 211 8.25 19.18 48.34
C GLY I 211 7.98 19.27 49.84
N GLU I 212 8.71 18.46 50.58
CA GLU I 212 8.58 18.42 52.02
C GLU I 212 9.95 18.25 52.67
N GLN J 1 43.48 -31.60 47.42
CA GLN J 1 44.31 -32.47 46.59
C GLN J 1 44.24 -32.03 45.11
N VAL J 2 43.50 -32.79 44.30
CA VAL J 2 43.34 -32.49 42.88
C VAL J 2 42.51 -31.20 42.72
N GLN J 3 43.19 -30.07 42.86
CA GLN J 3 42.57 -28.74 42.76
C GLN J 3 42.78 -28.07 41.39
N LEU J 4 41.71 -28.05 40.58
CA LEU J 4 41.72 -27.47 39.24
C LEU J 4 41.25 -26.01 39.15
N LEU J 5 42.22 -25.11 38.94
CA LEU J 5 41.98 -23.67 38.87
C LEU J 5 41.15 -23.28 37.65
N GLN J 6 40.65 -22.05 37.64
CA GLN J 6 39.85 -21.52 36.52
C GLN J 6 40.27 -20.08 36.17
N SER J 7 40.01 -19.69 34.92
CA SER J 7 40.33 -18.37 34.39
C SER J 7 39.60 -17.19 35.06
N GLY J 8 40.17 -15.99 34.94
CA GLY J 8 39.58 -14.81 35.54
C GLY J 8 38.33 -14.27 34.86
N ALA J 9 37.69 -13.27 35.47
CA ALA J 9 36.47 -12.65 34.94
C ALA J 9 36.52 -12.46 33.42
N GLU J 10 35.35 -12.30 32.78
CA GLU J 10 35.31 -12.14 31.31
C GLU J 10 34.14 -11.28 30.77
N VAL J 11 34.27 -9.96 30.80
CA VAL J 11 33.19 -9.11 30.29
C VAL J 11 33.26 -9.11 28.77
N LYS J 12 32.12 -9.28 28.12
CA LYS J 12 32.06 -9.31 26.65
C LYS J 12 30.74 -8.76 26.07
N LYS J 13 30.80 -8.35 24.80
CA LYS J 13 29.64 -7.78 24.12
C LYS J 13 28.92 -8.91 23.42
N PRO J 14 27.64 -8.70 23.07
CA PRO J 14 26.83 -9.71 22.39
C PRO J 14 27.28 -10.01 20.97
N GLY J 15 28.20 -10.96 20.85
CA GLY J 15 28.72 -11.35 19.55
C GLY J 15 29.93 -12.26 19.66
N SER J 16 31.05 -11.71 20.11
CA SER J 16 32.26 -12.50 20.20
C SER J 16 32.11 -13.68 21.16
N SER J 17 33.04 -14.63 21.06
CA SER J 17 33.03 -15.82 21.89
C SER J 17 33.77 -15.56 23.21
N VAL J 18 34.32 -16.61 23.80
CA VAL J 18 35.04 -16.50 25.06
C VAL J 18 35.54 -17.86 25.50
N LYS J 19 36.81 -17.92 25.90
CA LYS J 19 37.40 -19.18 26.31
C LYS J 19 37.70 -19.21 27.81
N VAL J 20 37.52 -20.38 28.40
CA VAL J 20 37.79 -20.57 29.82
C VAL J 20 38.71 -21.78 30.01
N SER J 21 39.66 -21.63 30.92
CA SER J 21 40.64 -22.67 31.18
C SER J 21 40.32 -23.48 32.43
N CYS J 22 40.85 -24.69 32.48
CA CYS J 22 40.63 -25.56 33.61
C CYS J 22 41.86 -26.45 33.76
N LYS J 23 42.78 -26.03 34.63
CA LYS J 23 43.99 -26.79 34.89
C LYS J 23 44.17 -27.08 36.37
N ALA J 24 44.27 -28.36 36.68
CA ALA J 24 44.43 -28.80 38.06
C ALA J 24 45.91 -29.05 38.36
N SER J 25 46.15 -29.68 39.51
CA SER J 25 47.50 -30.02 39.97
C SER J 25 47.37 -30.95 41.17
N GLY J 26 47.93 -32.15 41.04
CA GLY J 26 47.86 -33.08 42.14
C GLY J 26 47.12 -34.35 41.75
N GLY J 27 46.85 -34.49 40.47
CA GLY J 27 46.15 -35.66 39.98
C GLY J 27 46.46 -35.93 38.52
N THR J 28 45.83 -36.96 37.95
CA THR J 28 46.04 -37.33 36.57
C THR J 28 44.88 -36.90 35.68
N PHE J 29 44.88 -35.61 35.37
CA PHE J 29 43.86 -34.95 34.54
C PHE J 29 43.59 -35.64 33.20
N SER J 30 44.31 -36.72 32.93
CA SER J 30 44.16 -37.46 31.66
C SER J 30 42.88 -38.28 31.53
N SER J 31 42.73 -39.30 32.36
CA SER J 31 41.54 -40.15 32.27
C SER J 31 40.38 -39.68 33.16
N TYR J 32 40.26 -38.38 33.33
CA TYR J 32 39.21 -37.79 34.15
C TYR J 32 38.10 -37.20 33.28
N ALA J 33 36.85 -37.56 33.61
CA ALA J 33 35.66 -37.10 32.89
C ALA J 33 35.29 -35.67 33.31
N ILE J 34 35.72 -34.70 32.52
CA ILE J 34 35.44 -33.30 32.80
C ILE J 34 34.23 -32.79 32.04
N SER J 35 33.59 -31.76 32.58
CA SER J 35 32.45 -31.19 31.90
C SER J 35 32.15 -29.78 32.37
N TRP J 36 31.64 -28.97 31.46
CA TRP J 36 31.36 -27.60 31.81
C TRP J 36 29.94 -27.31 32.18
N VAL J 37 29.78 -26.85 33.42
CA VAL J 37 28.48 -26.49 33.97
C VAL J 37 28.45 -24.97 33.98
N ARG J 38 27.40 -24.39 33.42
CA ARG J 38 27.28 -22.96 33.46
C ARG J 38 26.11 -22.69 34.42
N GLN J 39 26.04 -21.48 34.97
CA GLN J 39 24.96 -21.14 35.89
C GLN J 39 24.55 -19.68 35.82
N ALA J 40 23.38 -19.42 35.24
CA ALA J 40 22.84 -18.06 35.09
C ALA J 40 22.55 -17.47 36.45
N PRO J 41 22.50 -16.13 36.56
CA PRO J 41 22.22 -15.53 37.87
C PRO J 41 20.88 -15.99 38.42
N GLY J 42 20.84 -16.31 39.72
CA GLY J 42 19.60 -16.77 40.34
C GLY J 42 18.88 -17.89 39.59
N GLN J 43 19.68 -18.75 38.98
CA GLN J 43 19.20 -19.88 38.19
C GLN J 43 20.02 -21.13 38.57
N GLY J 44 19.72 -22.26 37.95
CA GLY J 44 20.46 -23.47 38.26
C GLY J 44 21.71 -23.72 37.44
N LEU J 45 22.40 -24.80 37.81
CA LEU J 45 23.63 -25.23 37.13
C LEU J 45 23.16 -25.98 35.91
N GLU J 46 23.82 -25.76 34.79
CA GLU J 46 23.40 -26.40 33.56
C GLU J 46 24.54 -27.11 32.87
N TRP J 47 24.26 -28.35 32.45
CA TRP J 47 25.26 -29.15 31.80
C TRP J 47 25.40 -28.81 30.34
N MET J 48 26.56 -28.26 29.99
CA MET J 48 26.87 -27.89 28.61
C MET J 48 27.31 -29.15 27.88
N GLY J 49 28.61 -29.42 27.92
CA GLY J 49 29.16 -30.60 27.28
C GLY J 49 30.23 -31.15 28.20
N GLY J 50 30.95 -32.17 27.75
CA GLY J 50 31.99 -32.75 28.57
C GLY J 50 33.00 -33.51 27.73
N ILE J 51 34.25 -33.59 28.19
CA ILE J 51 35.29 -34.28 27.43
C ILE J 51 36.18 -35.19 28.29
N ILE J 52 37.07 -35.93 27.64
CA ILE J 52 37.95 -36.84 28.34
C ILE J 52 39.37 -36.73 27.81
N PRO J 53 40.32 -36.30 28.66
CA PRO J 53 41.74 -36.13 28.30
C PRO J 53 42.38 -37.46 27.92
N VAL J 54 41.60 -38.24 27.19
CA VAL J 54 42.01 -39.53 26.67
C VAL J 54 41.16 -39.66 25.42
N PHE J 55 40.90 -38.50 24.79
CA PHE J 55 40.10 -38.42 23.57
C PHE J 55 40.10 -37.09 22.81
N GLY J 56 39.35 -37.08 21.72
CA GLY J 56 39.22 -35.91 20.88
C GLY J 56 37.76 -35.55 20.66
N SER J 57 36.87 -36.54 20.75
CA SER J 57 35.43 -36.32 20.59
C SER J 57 34.81 -35.88 21.91
N ALA J 58 34.13 -34.74 21.91
CA ALA J 58 33.51 -34.22 23.13
C ALA J 58 32.00 -34.13 22.98
N ASN J 59 31.30 -34.45 24.06
CA ASN J 59 29.84 -34.40 24.10
C ASN J 59 29.33 -32.99 24.36
N TYR J 60 28.20 -32.66 23.76
CA TYR J 60 27.62 -31.33 23.94
C TYR J 60 26.12 -31.40 24.18
N ALA J 61 25.62 -30.48 25.01
CA ALA J 61 24.20 -30.42 25.35
C ALA J 61 23.34 -30.11 24.14
N GLN J 62 22.15 -30.70 24.16
CA GLN J 62 21.17 -30.53 23.11
C GLN J 62 21.31 -29.18 22.40
N LYS J 63 21.13 -28.08 23.16
CA LYS J 63 21.19 -26.71 22.63
C LYS J 63 22.57 -26.12 22.37
N PHE J 64 23.46 -26.16 23.37
CA PHE J 64 24.82 -25.61 23.23
C PHE J 64 25.60 -26.26 22.10
N GLN J 65 24.88 -26.91 21.20
CA GLN J 65 25.45 -27.58 20.05
C GLN J 65 25.96 -26.53 19.06
N GLY J 66 26.99 -26.88 18.30
CA GLY J 66 27.54 -25.96 17.31
C GLY J 66 27.85 -24.55 17.78
N ARG J 67 27.55 -24.25 19.04
CA ARG J 67 27.79 -22.92 19.63
C ARG J 67 28.94 -22.94 20.63
N VAL J 68 29.05 -24.04 21.38
CA VAL J 68 30.09 -24.18 22.38
C VAL J 68 31.22 -25.09 21.94
N THR J 69 32.30 -25.10 22.72
CA THR J 69 33.49 -25.90 22.43
C THR J 69 34.31 -26.26 23.68
N ILE J 70 34.52 -27.56 23.88
CA ILE J 70 35.30 -28.06 25.00
C ILE J 70 36.54 -28.79 24.49
N THR J 71 37.67 -28.56 25.13
CA THR J 71 38.90 -29.20 24.72
C THR J 71 39.85 -29.36 25.90
N ALA J 72 40.74 -30.33 25.78
CA ALA J 72 41.73 -30.64 26.80
C ALA J 72 43.13 -30.41 26.23
N ASP J 73 44.13 -30.41 27.11
CA ASP J 73 45.53 -30.23 26.71
C ASP J 73 46.39 -31.04 27.67
N GLU J 74 46.75 -32.25 27.26
CA GLU J 74 47.55 -33.15 28.08
C GLU J 74 48.70 -32.42 28.75
N ALA J 75 49.71 -32.08 27.96
CA ALA J 75 50.89 -31.37 28.46
C ALA J 75 50.56 -30.47 29.65
N THR J 76 50.09 -29.27 29.35
CA THR J 76 49.72 -28.30 30.38
C THR J 76 48.58 -28.83 31.21
N SER J 77 47.99 -29.94 30.75
CA SER J 77 46.87 -30.58 31.43
C SER J 77 45.80 -29.53 31.68
N THR J 78 45.13 -29.10 30.62
CA THR J 78 44.10 -28.07 30.75
C THR J 78 42.90 -28.27 29.84
N THR J 79 41.72 -27.99 30.37
CA THR J 79 40.50 -28.11 29.60
C THR J 79 40.05 -26.72 29.24
N TYR J 80 39.51 -26.57 28.05
CA TYR J 80 39.06 -25.25 27.65
C TYR J 80 37.56 -25.26 27.32
N MET J 81 36.97 -24.08 27.37
CA MET J 81 35.57 -23.90 27.07
C MET J 81 35.45 -22.65 26.21
N GLU J 82 34.92 -22.79 25.01
CA GLU J 82 34.79 -21.63 24.16
C GLU J 82 33.38 -21.48 23.63
N LEU J 83 32.59 -20.63 24.29
CA LEU J 83 31.20 -20.39 23.88
C LEU J 83 31.15 -19.21 22.93
N SER J 84 31.05 -19.48 21.62
CA SER J 84 31.01 -18.44 20.59
C SER J 84 29.62 -17.87 20.35
N SER J 85 29.55 -16.62 19.90
CA SER J 85 28.27 -15.96 19.65
C SER J 85 27.66 -15.85 21.05
N LEU J 86 27.41 -14.64 21.53
CA LEU J 86 26.88 -14.54 22.88
C LEU J 86 25.72 -13.63 23.20
N ARG J 87 24.87 -14.10 24.10
CA ARG J 87 23.67 -13.41 24.56
C ARG J 87 23.75 -12.84 25.97
N SER J 88 22.90 -11.86 26.25
CA SER J 88 22.90 -11.25 27.55
C SER J 88 22.51 -12.31 28.56
N GLU J 89 21.75 -13.30 28.09
CA GLU J 89 21.31 -14.42 28.94
C GLU J 89 22.50 -15.22 29.48
N ASP J 90 23.42 -15.54 28.58
CA ASP J 90 24.61 -16.28 28.88
C ASP J 90 25.38 -15.69 30.04
N THR J 91 25.03 -14.48 30.44
CA THR J 91 25.71 -13.86 31.57
C THR J 91 25.63 -14.87 32.70
N ALA J 92 26.62 -15.75 32.76
CA ALA J 92 26.61 -16.78 33.77
C ALA J 92 28.00 -17.10 34.30
N VAL J 93 28.04 -17.82 35.42
CA VAL J 93 29.30 -18.24 36.04
C VAL J 93 29.52 -19.66 35.57
N TYR J 94 30.61 -19.85 34.84
CA TYR J 94 30.93 -21.15 34.28
C TYR J 94 32.05 -21.87 35.01
N PHE J 95 31.86 -23.16 35.19
CA PHE J 95 32.86 -23.98 35.84
C PHE J 95 32.97 -25.34 35.19
N CYS J 96 34.06 -26.01 35.52
CA CYS J 96 34.35 -27.34 35.04
C CYS J 96 34.26 -28.24 36.27
N ALA J 97 34.23 -29.54 36.04
CA ALA J 97 34.12 -30.47 37.14
C ALA J 97 34.71 -31.80 36.73
N LYS J 98 35.23 -32.54 37.70
CA LYS J 98 35.83 -33.84 37.44
C LYS J 98 35.30 -34.86 38.44
N GLY J 99 35.56 -36.13 38.18
CA GLY J 99 35.11 -37.17 39.09
C GLY J 99 36.23 -37.71 39.96
N GLY J 100 36.81 -36.85 40.80
CA GLY J 100 37.89 -37.30 41.68
C GLY J 100 37.49 -38.46 42.57
N HIS J 114 30.50 -42.30 40.48
CA HIS J 114 30.63 -41.28 39.44
C HIS J 114 30.40 -39.90 40.04
N GLY J 115 29.52 -39.14 39.40
CA GLY J 115 29.22 -37.81 39.89
C GLY J 115 30.40 -36.86 39.78
N MET J 116 30.11 -35.60 39.52
CA MET J 116 31.14 -34.57 39.39
C MET J 116 31.58 -34.08 40.78
N ASP J 117 32.81 -34.45 41.14
CA ASP J 117 33.40 -34.13 42.44
C ASP J 117 34.18 -32.83 42.63
N VAL J 118 35.15 -32.56 41.75
CA VAL J 118 35.93 -31.33 41.85
C VAL J 118 35.52 -30.31 40.80
N TRP J 119 35.12 -29.14 41.26
CA TRP J 119 34.65 -28.10 40.37
C TRP J 119 35.60 -26.94 40.38
N GLY J 120 35.63 -26.21 39.27
CA GLY J 120 36.50 -25.07 39.18
C GLY J 120 36.12 -24.03 40.20
N GLN J 121 36.92 -22.96 40.28
CA GLN J 121 36.66 -21.88 41.23
C GLN J 121 35.52 -21.02 40.67
N GLY J 122 35.00 -21.41 39.49
CA GLY J 122 33.93 -20.68 38.85
C GLY J 122 34.33 -19.37 38.19
N THR J 123 34.05 -19.24 36.88
CA THR J 123 34.41 -18.05 36.13
C THR J 123 33.22 -17.19 35.68
N THR J 124 33.20 -15.93 36.12
CA THR J 124 32.14 -15.02 35.74
C THR J 124 32.31 -14.69 34.28
N VAL J 125 31.23 -14.32 33.60
CA VAL J 125 31.31 -13.98 32.18
C VAL J 125 30.13 -13.09 31.83
N THR J 126 30.08 -11.89 32.42
CA THR J 126 28.97 -11.01 32.12
C THR J 126 28.99 -10.87 30.59
N VAL J 127 27.83 -10.65 29.99
CA VAL J 127 27.75 -10.51 28.56
C VAL J 127 26.63 -9.57 28.24
N ALA J 128 26.98 -8.48 27.57
CA ALA J 128 26.02 -7.47 27.18
C ALA J 128 26.85 -6.38 26.54
N SER J 129 26.17 -5.42 25.92
CA SER J 129 26.88 -4.35 25.26
C SER J 129 27.11 -3.19 26.21
N ALA J 130 26.18 -2.96 27.14
CA ALA J 130 26.38 -1.89 28.11
C ALA J 130 27.85 -2.01 28.54
N SER J 131 28.57 -0.89 28.53
CA SER J 131 30.00 -0.93 28.87
C SER J 131 30.38 -0.57 30.30
N THR J 132 31.63 -0.89 30.67
CA THR J 132 32.16 -0.63 32.02
C THR J 132 31.95 0.79 32.48
N LYS J 133 31.37 0.93 33.66
CA LYS J 133 31.09 2.24 34.21
C LYS J 133 31.45 2.23 35.68
N GLY J 134 31.64 3.41 36.24
CA GLY J 134 31.94 3.48 37.65
C GLY J 134 30.61 3.74 38.31
N PRO J 135 30.40 3.34 39.58
CA PRO J 135 29.14 3.57 40.26
C PRO J 135 28.97 4.97 40.82
N SER J 136 27.72 5.41 40.87
CA SER J 136 27.37 6.72 41.40
C SER J 136 26.70 6.45 42.74
N VAL J 137 27.36 6.75 43.84
CA VAL J 137 26.74 6.47 45.12
C VAL J 137 25.78 7.56 45.54
N PHE J 138 24.64 7.18 46.09
CA PHE J 138 23.62 8.14 46.54
C PHE J 138 23.04 7.84 47.91
N PRO J 139 23.22 8.79 48.85
CA PRO J 139 22.74 8.71 50.23
C PRO J 139 21.23 8.55 50.45
N LEU J 140 20.86 7.62 51.32
CA LEU J 140 19.45 7.39 51.63
C LEU J 140 19.33 7.81 53.09
N ALA J 141 19.75 9.05 53.36
CA ALA J 141 19.77 9.65 54.70
C ALA J 141 18.57 9.40 55.60
N PRO J 142 18.82 9.29 56.92
CA PRO J 142 17.88 9.04 58.02
C PRO J 142 16.71 10.03 58.09
N SER J 143 15.77 9.87 57.17
CA SER J 143 14.59 10.72 57.13
C SER J 143 13.80 10.54 58.44
N SER J 144 12.59 11.05 58.46
CA SER J 144 11.75 10.90 59.64
C SER J 144 11.17 9.51 59.47
N LYS J 145 10.97 9.15 58.21
CA LYS J 145 10.41 7.87 57.80
C LYS J 145 11.36 6.68 57.97
N SER J 146 12.57 6.96 58.45
CA SER J 146 13.58 5.92 58.62
C SER J 146 13.70 5.29 60.02
N THR J 147 12.79 5.61 60.94
CA THR J 147 12.86 5.03 62.28
C THR J 147 11.53 4.49 62.81
N SER J 148 11.63 3.55 63.74
CA SER J 148 10.48 2.92 64.36
C SER J 148 10.51 3.27 65.86
N GLY J 149 11.69 3.66 66.33
CA GLY J 149 11.87 4.03 67.71
C GLY J 149 13.32 4.43 67.91
N GLY J 150 14.07 3.59 68.62
CA GLY J 150 15.48 3.87 68.87
C GLY J 150 16.35 3.45 67.70
N THR J 151 15.71 2.82 66.72
CA THR J 151 16.40 2.36 65.51
C THR J 151 16.21 3.36 64.36
N ALA J 152 17.26 3.57 63.60
CA ALA J 152 17.23 4.49 62.48
C ALA J 152 17.76 3.79 61.23
N ALA J 153 16.92 3.69 60.22
CA ALA J 153 17.32 3.05 58.97
C ALA J 153 17.97 4.07 58.04
N LEU J 154 19.16 3.73 57.59
CA LEU J 154 19.89 4.64 56.71
C LEU J 154 20.79 3.81 55.81
N GLY J 155 21.12 4.36 54.65
CA GLY J 155 21.97 3.62 53.73
C GLY J 155 22.35 4.28 52.43
N CYS J 156 23.24 3.60 51.70
CA CYS J 156 23.75 4.05 50.40
C CYS J 156 23.01 3.41 49.24
N LEU J 157 23.08 4.06 48.09
CA LEU J 157 22.43 3.57 46.88
C LEU J 157 23.42 3.57 45.72
N VAL J 158 24.11 2.45 45.51
CA VAL J 158 25.05 2.35 44.41
C VAL J 158 24.21 2.24 43.14
N LYS J 159 24.32 3.22 42.25
CA LYS J 159 23.52 3.22 41.05
C LYS J 159 24.36 3.12 39.79
N ASP J 160 23.75 2.49 38.78
CA ASP J 160 24.32 2.27 37.45
C ASP J 160 25.80 2.01 37.29
N TYR J 161 26.26 0.87 37.78
CA TYR J 161 27.66 0.51 37.62
C TYR J 161 27.62 -0.70 36.67
N PHE J 162 28.75 -1.38 36.49
CA PHE J 162 28.82 -2.53 35.59
C PHE J 162 30.27 -2.74 35.18
N PRO J 163 30.69 -4.01 35.06
CA PRO J 163 29.91 -5.22 35.30
C PRO J 163 29.82 -5.55 36.79
N GLU J 164 29.02 -6.55 37.17
CA GLU J 164 28.91 -6.92 38.57
C GLU J 164 30.25 -7.56 38.96
N PRO J 165 30.62 -7.55 40.25
CA PRO J 165 29.99 -7.06 41.48
C PRO J 165 30.72 -5.86 42.04
N VAL J 166 30.08 -5.18 43.00
CA VAL J 166 30.67 -4.02 43.65
C VAL J 166 30.71 -4.35 45.12
N THR J 167 31.51 -3.60 45.89
CA THR J 167 31.61 -3.84 47.33
C THR J 167 30.86 -2.79 48.11
N VAL J 168 30.69 -3.01 49.41
CA VAL J 168 30.01 -2.06 50.27
C VAL J 168 30.27 -2.37 51.72
N SER J 169 31.05 -1.50 52.38
CA SER J 169 31.36 -1.65 53.80
C SER J 169 30.76 -0.44 54.53
N TRP J 170 30.85 -0.40 55.85
CA TRP J 170 30.34 0.73 56.62
C TRP J 170 31.31 1.12 57.73
N ASN J 171 31.43 2.43 57.95
CA ASN J 171 32.36 2.98 58.93
C ASN J 171 33.65 2.17 58.88
N SER J 172 34.11 2.02 57.65
CA SER J 172 35.33 1.31 57.30
C SER J 172 35.46 -0.13 57.78
N GLY J 173 34.43 -0.92 57.48
CA GLY J 173 34.43 -2.31 57.89
C GLY J 173 34.16 -2.42 59.37
N ALA J 174 34.37 -1.31 60.07
CA ALA J 174 34.16 -1.24 61.52
C ALA J 174 32.69 -1.13 61.88
N LEU J 175 31.84 -1.73 61.04
CA LEU J 175 30.40 -1.74 61.26
C LEU J 175 29.81 -2.90 60.48
N THR J 176 29.42 -3.95 61.20
CA THR J 176 28.85 -5.12 60.56
C THR J 176 27.46 -5.48 61.07
N SER J 177 26.93 -4.67 61.99
CA SER J 177 25.60 -4.93 62.55
C SER J 177 24.54 -4.06 61.91
N GLY J 178 23.30 -4.55 61.91
CA GLY J 178 22.20 -3.83 61.30
C GLY J 178 22.35 -3.81 59.79
N VAL J 179 23.59 -4.04 59.36
CA VAL J 179 23.92 -4.04 57.94
C VAL J 179 22.98 -4.93 57.15
N HIS J 180 22.99 -4.70 55.83
CA HIS J 180 22.15 -5.43 54.90
C HIS J 180 22.40 -4.94 53.48
N THR J 181 23.50 -5.39 52.89
CA THR J 181 23.85 -5.03 51.53
C THR J 181 22.99 -5.88 50.60
N PHE J 182 21.95 -5.30 50.03
CA PHE J 182 21.08 -6.04 49.14
C PHE J 182 21.73 -6.60 47.91
N PRO J 183 21.07 -7.59 47.30
CA PRO J 183 21.54 -8.25 46.08
C PRO J 183 21.38 -7.28 44.92
N ALA J 184 22.36 -7.21 44.04
CA ALA J 184 22.29 -6.31 42.91
C ALA J 184 21.07 -6.63 42.08
N VAL J 185 20.74 -5.73 41.15
CA VAL J 185 19.59 -5.94 40.27
C VAL J 185 19.77 -5.25 38.94
N LEU J 186 19.87 -6.06 37.90
CA LEU J 186 20.05 -5.61 36.53
C LEU J 186 18.86 -4.82 36.00
N GLN J 187 19.12 -3.58 35.60
CA GLN J 187 18.11 -2.67 35.08
C GLN J 187 18.00 -2.82 33.54
N SER J 188 17.03 -2.15 32.93
CA SER J 188 16.85 -2.25 31.47
C SER J 188 17.97 -1.45 30.83
N SER J 189 18.95 -1.11 31.65
CA SER J 189 20.09 -0.32 31.23
C SER J 189 21.27 -1.20 30.82
N GLY J 190 21.23 -2.46 31.25
CA GLY J 190 22.34 -3.35 30.98
C GLY J 190 23.34 -3.14 32.11
N LEU J 191 23.12 -2.08 32.89
CA LEU J 191 23.98 -1.70 34.02
C LEU J 191 23.34 -2.23 35.29
N TYR J 192 24.09 -2.28 36.38
CA TYR J 192 23.54 -2.78 37.64
C TYR J 192 23.18 -1.69 38.64
N SER J 193 22.73 -2.12 39.81
CA SER J 193 22.34 -1.22 40.88
C SER J 193 21.82 -1.98 42.10
N LEU J 194 22.35 -1.61 43.26
CA LEU J 194 21.97 -2.23 44.52
C LEU J 194 21.87 -1.10 45.52
N SER J 195 21.29 -1.43 46.67
CA SER J 195 21.12 -0.46 47.74
C SER J 195 21.70 -1.04 49.01
N SER J 196 21.94 -0.21 50.00
CA SER J 196 22.47 -0.69 51.25
C SER J 196 21.73 -0.01 52.38
N VAL J 197 21.58 -0.73 53.48
CA VAL J 197 20.89 -0.16 54.63
C VAL J 197 21.52 -0.67 55.90
N VAL J 198 21.08 -0.11 57.01
CA VAL J 198 21.57 -0.48 58.32
C VAL J 198 20.95 0.44 59.39
N THR J 199 20.07 -0.16 60.17
CA THR J 199 19.37 0.54 61.23
C THR J 199 20.39 0.83 62.34
N VAL J 200 20.37 2.06 62.86
CA VAL J 200 21.31 2.47 63.90
C VAL J 200 20.58 3.18 65.05
N PRO J 201 21.25 3.37 66.21
CA PRO J 201 20.65 4.05 67.36
C PRO J 201 20.29 5.50 67.03
N SER J 202 19.01 5.85 67.19
CA SER J 202 18.54 7.22 66.92
C SER J 202 19.41 8.25 67.66
N SER J 203 19.91 7.81 68.82
CA SER J 203 20.75 8.61 69.69
C SER J 203 22.24 8.61 69.29
N SER J 204 22.54 8.06 68.12
CA SER J 204 23.92 7.96 67.64
C SER J 204 24.12 8.70 66.34
N LEU J 205 23.17 9.55 65.98
CA LEU J 205 23.25 10.27 64.71
C LEU J 205 24.16 11.50 64.59
N GLY J 206 23.74 12.64 65.13
CA GLY J 206 24.57 13.82 65.04
C GLY J 206 25.88 13.68 65.78
N THR J 207 26.24 12.42 66.10
CA THR J 207 27.45 12.09 66.84
C THR J 207 28.37 11.06 66.16
N GLN J 208 27.76 10.05 65.54
CA GLN J 208 28.52 9.00 64.84
C GLN J 208 28.54 9.22 63.35
N THR J 209 29.75 9.27 62.79
CA THR J 209 29.93 9.48 61.37
C THR J 209 29.57 8.24 60.60
N TYR J 210 28.82 8.43 59.51
CA TYR J 210 28.38 7.31 58.71
C TYR J 210 28.84 7.31 57.26
N ILE J 211 29.97 6.65 57.03
CA ILE J 211 30.56 6.57 55.71
C ILE J 211 30.43 5.17 55.12
N CYS J 212 29.82 5.06 53.95
CA CYS J 212 29.73 3.75 53.31
C CYS J 212 30.90 3.71 52.33
N ASN J 213 31.79 2.75 52.51
CA ASN J 213 32.96 2.61 51.66
C ASN J 213 32.69 1.59 50.58
N VAL J 214 32.63 2.08 49.34
CA VAL J 214 32.37 1.23 48.20
C VAL J 214 33.60 1.18 47.31
N ASN J 215 33.74 0.09 46.57
CA ASN J 215 34.84 -0.07 45.63
C ASN J 215 34.37 -0.93 44.47
N HIS J 216 34.49 -0.40 43.25
CA HIS J 216 34.09 -1.19 42.11
C HIS J 216 35.40 -1.57 41.44
N LYS J 217 35.86 -2.78 41.69
CA LYS J 217 37.11 -3.27 41.13
C LYS J 217 37.13 -3.26 39.61
N PRO J 218 36.09 -3.81 38.97
CA PRO J 218 36.01 -3.87 37.50
C PRO J 218 36.24 -2.51 36.83
N SER J 219 36.44 -1.49 37.66
CA SER J 219 36.70 -0.12 37.23
C SER J 219 37.60 0.56 38.26
N ASN J 220 38.29 -0.25 39.06
CA ASN J 220 39.18 0.26 40.10
C ASN J 220 38.74 1.60 40.68
N THR J 221 37.43 1.78 40.82
CA THR J 221 36.88 3.00 41.38
C THR J 221 36.60 2.70 42.86
N LYS J 222 36.69 3.71 43.71
CA LYS J 222 36.42 3.51 45.13
C LYS J 222 35.75 4.72 45.79
N VAL J 223 34.43 4.85 45.61
CA VAL J 223 33.67 5.96 46.17
C VAL J 223 33.32 5.75 47.64
N ASP J 224 32.95 6.83 48.31
CA ASP J 224 32.60 6.80 49.73
C ASP J 224 31.75 8.01 50.13
N LYS J 225 30.48 7.98 49.75
CA LYS J 225 29.57 9.07 50.10
C LYS J 225 29.31 9.08 51.61
N LYS J 226 29.26 10.27 52.17
CA LYS J 226 29.04 10.48 53.60
C LYS J 226 27.55 10.61 53.85
N VAL J 227 26.94 9.61 54.47
CA VAL J 227 25.52 9.70 54.75
C VAL J 227 25.31 10.47 56.06
N GLU J 228 24.60 11.60 55.96
CA GLU J 228 24.32 12.46 57.09
C GLU J 228 22.82 12.58 57.32
N PRO J 229 22.41 12.97 58.52
CA PRO J 229 20.99 13.11 58.85
C PRO J 229 20.34 14.27 58.09
N ILE K 2 61.42 -12.71 -10.34
CA ILE K 2 60.28 -12.31 -9.46
C ILE K 2 59.02 -13.02 -9.90
N GLN K 3 59.00 -13.45 -11.17
CA GLN K 3 57.84 -14.15 -11.76
C GLN K 3 58.11 -15.63 -11.96
N MET K 4 57.55 -16.46 -11.07
CA MET K 4 57.73 -17.89 -11.17
C MET K 4 56.73 -18.50 -12.12
N THR K 5 57.16 -18.70 -13.35
CA THR K 5 56.33 -19.25 -14.40
C THR K 5 56.36 -20.77 -14.53
N GLN K 6 55.28 -21.43 -14.11
CA GLN K 6 55.14 -22.90 -14.18
C GLN K 6 54.05 -23.25 -15.16
N SER K 7 53.64 -24.49 -15.31
CA SER K 7 52.46 -24.59 -16.17
C SER K 7 51.81 -26.01 -15.97
N PRO K 8 50.66 -26.31 -15.09
CA PRO K 8 49.46 -26.56 -14.16
C PRO K 8 48.88 -28.04 -13.89
N SER K 9 48.68 -28.86 -14.99
CA SER K 9 48.15 -30.32 -15.25
C SER K 9 49.18 -31.29 -15.93
N LEU K 10 49.54 -32.38 -15.23
CA LEU K 10 50.53 -33.35 -15.71
C LEU K 10 49.92 -34.72 -15.49
N SER K 11 49.54 -35.34 -16.60
CA SER K 11 48.92 -36.65 -16.57
C SER K 11 49.98 -37.71 -16.88
N ALA K 12 50.21 -38.63 -15.95
CA ALA K 12 51.19 -39.67 -16.17
C ALA K 12 50.79 -40.98 -15.51
N SER K 13 51.43 -42.07 -15.92
CA SER K 13 51.16 -43.41 -15.39
C SER K 13 52.25 -43.86 -14.43
N VAL K 14 51.83 -44.45 -13.32
CA VAL K 14 52.77 -44.93 -12.32
C VAL K 14 53.98 -45.60 -12.98
N GLY K 15 55.17 -45.20 -12.53
CA GLY K 15 56.39 -45.76 -13.08
C GLY K 15 56.95 -44.82 -14.12
N ASP K 16 56.24 -43.75 -14.39
CA ASP K 16 56.69 -42.79 -15.38
C ASP K 16 57.80 -41.86 -14.95
N ARG K 17 58.33 -41.12 -15.92
CA ARG K 17 59.40 -40.18 -15.70
C ARG K 17 58.91 -38.75 -15.92
N VAL K 18 58.57 -38.08 -14.83
CA VAL K 18 58.09 -36.70 -14.89
C VAL K 18 59.24 -35.72 -14.69
N THR K 19 59.18 -34.58 -15.35
CA THR K 19 60.23 -33.57 -15.23
C THR K 19 59.59 -32.19 -15.25
N ILE K 20 58.94 -31.84 -14.14
CA ILE K 20 58.26 -30.56 -13.96
C ILE K 20 59.23 -29.40 -13.89
N THR K 21 59.16 -28.47 -14.84
CA THR K 21 60.09 -27.33 -14.79
C THR K 21 59.52 -26.15 -14.01
N CYS K 22 60.19 -25.01 -14.12
CA CYS K 22 59.77 -23.80 -13.44
C CYS K 22 60.81 -22.75 -13.78
N ARG K 23 60.38 -21.59 -14.26
CA ARG K 23 61.30 -20.50 -14.60
C ARG K 23 60.85 -19.16 -14.03
N ALA K 24 61.82 -18.31 -13.70
CA ALA K 24 61.53 -17.00 -13.16
C ALA K 24 61.91 -15.99 -14.21
N SER K 25 61.06 -14.99 -14.41
CA SER K 25 61.31 -13.96 -15.41
C SER K 25 62.74 -13.45 -15.33
N GLN K 26 63.31 -13.53 -14.14
CA GLN K 26 64.68 -13.10 -13.89
C GLN K 26 65.49 -14.24 -13.25
N SER K 27 66.68 -13.94 -12.74
CA SER K 27 67.51 -14.97 -12.12
C SER K 27 67.63 -14.85 -10.62
N ILE K 28 67.27 -15.93 -9.93
CA ILE K 28 67.32 -15.95 -8.48
C ILE K 28 68.52 -16.72 -7.93
N SER K 29 69.27 -17.33 -8.84
CA SER K 29 70.44 -18.13 -8.50
C SER K 29 70.08 -19.58 -8.26
N SER K 30 70.11 -20.00 -7.00
CA SER K 30 69.79 -21.38 -6.68
C SER K 30 68.74 -21.51 -5.61
N TYR K 31 68.29 -20.37 -5.07
CA TYR K 31 67.30 -20.35 -4.00
C TYR K 31 65.92 -20.92 -4.35
N LEU K 32 65.80 -21.49 -5.53
CA LEU K 32 64.54 -22.07 -5.94
C LEU K 32 64.30 -23.24 -5.00
N ASN K 33 63.06 -23.38 -4.51
CA ASN K 33 62.71 -24.47 -3.61
C ASN K 33 61.44 -25.15 -4.11
N TRP K 34 61.24 -26.42 -3.76
CA TRP K 34 60.04 -27.13 -4.19
C TRP K 34 59.16 -27.63 -3.06
N TYR K 35 57.85 -27.49 -3.20
CA TYR K 35 56.93 -27.95 -2.17
C TYR K 35 55.86 -28.89 -2.74
N GLN K 36 55.48 -29.86 -1.93
CA GLN K 36 54.47 -30.81 -2.34
C GLN K 36 53.25 -30.65 -1.45
N GLN K 37 52.09 -30.47 -2.07
CA GLN K 37 50.86 -30.35 -1.31
C GLN K 37 49.87 -31.35 -1.87
N LYS K 38 49.04 -31.89 -1.00
CA LYS K 38 48.03 -32.86 -1.38
C LYS K 38 46.65 -32.26 -1.11
N PRO K 39 45.61 -32.81 -1.76
CA PRO K 39 44.27 -32.26 -1.52
C PRO K 39 43.97 -32.15 -0.03
N GLY K 40 43.69 -30.94 0.44
CA GLY K 40 43.38 -30.71 1.83
C GLY K 40 44.53 -30.84 2.82
N LYS K 41 45.74 -31.06 2.34
CA LYS K 41 46.88 -31.19 3.24
C LYS K 41 47.66 -29.89 3.40
N VAL K 42 48.60 -29.90 4.33
CA VAL K 42 49.45 -28.76 4.58
C VAL K 42 50.69 -29.03 3.73
N PRO K 43 51.13 -28.04 2.95
CA PRO K 43 52.29 -28.19 2.09
C PRO K 43 53.48 -28.93 2.69
N LYS K 44 54.31 -29.47 1.81
CA LYS K 44 55.48 -30.22 2.20
C LYS K 44 56.69 -29.75 1.39
N LEU K 45 57.79 -29.49 2.09
CA LEU K 45 59.02 -29.05 1.48
C LEU K 45 59.79 -30.26 1.02
N LEU K 46 60.06 -30.32 -0.27
CA LEU K 46 60.79 -31.45 -0.82
C LEU K 46 62.23 -31.07 -1.05
N ILE K 47 62.46 -29.90 -1.63
CA ILE K 47 63.81 -29.48 -1.95
C ILE K 47 63.95 -27.98 -1.86
N TYR K 48 65.04 -27.56 -1.23
CA TYR K 48 65.35 -26.16 -1.06
C TYR K 48 66.74 -25.97 -1.66
N ALA K 49 67.00 -24.79 -2.21
CA ALA K 49 68.30 -24.47 -2.80
C ALA K 49 68.55 -25.20 -4.10
N ALA K 50 67.50 -25.32 -4.91
CA ALA K 50 67.54 -25.97 -6.22
C ALA K 50 67.61 -27.49 -6.12
N SER K 51 68.78 -28.00 -5.80
CA SER K 51 68.92 -29.43 -5.69
C SER K 51 69.03 -29.89 -4.25
N SER K 52 70.10 -29.48 -3.55
CA SER K 52 70.26 -29.91 -2.17
C SER K 52 68.89 -30.35 -1.61
N LEU K 53 68.68 -31.66 -1.67
CA LEU K 53 67.45 -32.33 -1.24
C LEU K 53 67.14 -32.23 0.23
N GLN K 54 65.86 -32.10 0.54
CA GLN K 54 65.40 -31.99 1.91
C GLN K 54 65.56 -33.28 2.69
N SER K 55 65.53 -33.14 4.01
CA SER K 55 65.63 -34.28 4.92
C SER K 55 64.36 -35.12 4.86
N GLY K 56 64.53 -36.43 4.79
CA GLY K 56 63.40 -37.34 4.74
C GLY K 56 62.72 -37.39 3.40
N VAL K 57 63.48 -37.18 2.35
CA VAL K 57 62.87 -37.20 1.03
C VAL K 57 63.29 -38.38 0.17
N PRO K 58 62.31 -39.17 -0.28
CA PRO K 58 62.53 -40.32 -1.13
C PRO K 58 63.53 -39.99 -2.23
N SER K 59 64.54 -40.84 -2.42
CA SER K 59 65.56 -40.60 -3.43
C SER K 59 64.95 -40.29 -4.79
N ARG K 60 63.86 -40.98 -5.12
CA ARG K 60 63.15 -40.80 -6.39
C ARG K 60 62.80 -39.33 -6.67
N PHE K 61 63.02 -38.50 -5.66
CA PHE K 61 62.75 -37.07 -5.75
C PHE K 61 64.01 -36.23 -5.85
N SER K 62 64.32 -35.80 -7.07
CA SER K 62 65.49 -34.97 -7.32
C SER K 62 65.11 -33.60 -7.84
N GLY K 63 66.03 -32.65 -7.64
CA GLY K 63 65.83 -31.29 -8.07
C GLY K 63 67.10 -30.71 -8.63
N SER K 64 66.98 -30.00 -9.74
CA SER K 64 68.14 -29.40 -10.39
C SER K 64 67.79 -28.05 -11.00
N GLY K 65 68.76 -27.42 -11.65
CA GLY K 65 68.53 -26.13 -12.27
C GLY K 65 69.13 -24.96 -11.51
N SER K 66 69.47 -23.90 -12.24
CA SER K 66 70.05 -22.69 -11.63
C SER K 66 69.75 -21.42 -12.43
N GLY K 67 69.56 -20.31 -11.71
CA GLY K 67 69.28 -19.04 -12.34
C GLY K 67 67.81 -18.85 -12.68
N THR K 68 67.49 -19.13 -13.95
CA THR K 68 66.12 -19.02 -14.48
C THR K 68 65.51 -20.38 -14.81
N ASP K 69 66.29 -21.45 -14.60
CA ASP K 69 65.83 -22.79 -14.90
C ASP K 69 65.90 -23.76 -13.72
N PHE K 70 64.74 -24.29 -13.34
CA PHE K 70 64.70 -25.24 -12.25
C PHE K 70 63.68 -26.31 -12.55
N THR K 71 64.16 -27.52 -12.67
CA THR K 71 63.32 -28.67 -12.98
C THR K 71 63.24 -29.68 -11.85
N LEU K 72 62.02 -30.03 -11.47
CA LEU K 72 61.82 -31.03 -10.45
C LEU K 72 61.51 -32.31 -11.19
N THR K 73 62.26 -33.36 -10.89
CA THR K 73 62.01 -34.61 -11.57
C THR K 73 61.84 -35.74 -10.59
N ILE K 74 60.83 -36.53 -10.83
CA ILE K 74 60.52 -37.68 -10.02
C ILE K 74 60.79 -38.89 -10.93
N SER K 75 61.74 -39.72 -10.49
CA SER K 75 62.18 -40.89 -11.23
C SER K 75 61.19 -42.04 -11.37
N SER K 76 60.31 -42.22 -10.39
CA SER K 76 59.37 -43.32 -10.44
C SER K 76 58.07 -43.01 -9.74
N LEU K 77 57.16 -42.35 -10.45
CA LEU K 77 55.88 -41.99 -9.86
C LEU K 77 55.25 -43.05 -8.96
N GLN K 78 54.93 -42.64 -7.74
CA GLN K 78 54.30 -43.52 -6.78
C GLN K 78 52.83 -43.11 -6.67
N PRO K 79 52.01 -43.91 -5.95
CA PRO K 79 50.58 -43.63 -5.78
C PRO K 79 50.26 -42.49 -4.81
N GLU K 80 51.23 -42.11 -3.99
CA GLU K 80 51.02 -41.01 -3.05
C GLU K 80 51.86 -39.86 -3.56
N ASP K 81 52.45 -40.10 -4.73
CA ASP K 81 53.28 -39.14 -5.41
C ASP K 81 52.41 -38.22 -6.23
N PHE K 82 51.11 -38.54 -6.27
CA PHE K 82 50.19 -37.73 -7.04
C PHE K 82 49.55 -36.61 -6.23
N ALA K 83 50.03 -35.39 -6.48
CA ALA K 83 49.56 -34.20 -5.81
C ALA K 83 49.96 -32.97 -6.67
N THR K 84 50.26 -31.85 -6.03
CA THR K 84 50.68 -30.67 -6.76
C THR K 84 51.95 -30.07 -6.20
N TYR K 85 52.85 -29.70 -7.11
CA TYR K 85 54.14 -29.12 -6.76
C TYR K 85 54.23 -27.65 -7.15
N TYR K 86 54.61 -26.82 -6.19
CA TYR K 86 54.76 -25.39 -6.42
C TYR K 86 56.24 -25.13 -6.27
N CYS K 87 56.75 -24.14 -6.99
CA CYS K 87 58.15 -23.77 -6.87
C CYS K 87 58.21 -22.40 -6.23
N GLN K 88 58.87 -22.31 -5.09
CA GLN K 88 58.99 -21.03 -4.39
C GLN K 88 60.41 -20.45 -4.55
N GLN K 89 60.48 -19.15 -4.82
CA GLN K 89 61.74 -18.45 -5.00
C GLN K 89 62.08 -17.55 -3.77
N SER K 90 63.22 -17.80 -3.14
CA SER K 90 63.64 -17.05 -1.97
C SER K 90 64.82 -16.14 -2.22
N TYR K 91 64.80 -15.44 -3.36
CA TYR K 91 65.90 -14.54 -3.72
C TYR K 91 65.78 -13.14 -3.14
N SER K 92 64.73 -12.42 -3.50
CA SER K 92 64.50 -11.08 -2.98
C SER K 92 63.77 -11.17 -1.65
N THR K 93 62.73 -10.36 -1.51
CA THR K 93 61.91 -10.34 -0.31
C THR K 93 60.53 -10.87 -0.70
N SER K 94 60.25 -10.79 -2.00
CA SER K 94 58.99 -11.27 -2.54
C SER K 94 59.06 -12.78 -2.73
N HIS K 95 58.80 -13.53 -1.67
CA HIS K 95 58.81 -14.98 -1.76
C HIS K 95 57.59 -15.40 -2.58
N THR K 96 57.81 -15.58 -3.88
CA THR K 96 56.76 -15.95 -4.82
C THR K 96 56.64 -17.45 -5.04
N PHE K 97 55.52 -17.88 -5.62
CA PHE K 97 55.29 -19.31 -5.88
C PHE K 97 55.01 -19.64 -7.35
N GLY K 98 53.88 -20.30 -7.57
CA GLY K 98 53.45 -20.68 -8.89
C GLY K 98 52.02 -21.19 -8.84
N GLN K 99 51.33 -21.14 -9.99
CA GLN K 99 49.96 -21.63 -10.06
C GLN K 99 50.08 -23.06 -9.61
N GLY K 100 51.17 -23.67 -10.03
CA GLY K 100 51.44 -25.04 -9.67
C GLY K 100 51.34 -25.96 -10.86
N THR K 101 51.48 -27.23 -10.55
CA THR K 101 51.39 -28.30 -11.52
C THR K 101 50.86 -29.46 -10.71
N LYS K 102 49.58 -29.76 -10.87
CA LYS K 102 48.95 -30.86 -10.17
C LYS K 102 49.17 -32.09 -11.04
N LEU K 103 49.74 -33.15 -10.44
CA LEU K 103 49.97 -34.41 -11.15
C LEU K 103 48.67 -35.19 -11.11
N GLU K 104 48.22 -35.60 -12.29
CA GLU K 104 46.99 -36.36 -12.42
C GLU K 104 47.28 -37.73 -13.01
N ILE K 105 46.64 -38.75 -12.42
CA ILE K 105 46.81 -40.12 -12.85
C ILE K 105 46.23 -40.47 -14.22
N LYS K 106 47.12 -40.89 -15.12
CA LYS K 106 46.71 -41.27 -16.45
C LYS K 106 46.04 -42.63 -16.27
N ARG K 107 45.08 -42.96 -17.14
CA ARG K 107 44.41 -44.25 -17.07
C ARG K 107 43.28 -44.39 -18.08
N THR K 108 43.10 -45.62 -18.55
CA THR K 108 42.11 -45.98 -19.55
C THR K 108 40.87 -45.10 -19.56
N VAL K 109 40.47 -44.67 -20.77
CA VAL K 109 39.30 -43.85 -20.97
C VAL K 109 38.05 -44.58 -20.48
N ALA K 110 37.12 -43.86 -19.86
CA ALA K 110 35.87 -44.46 -19.35
C ALA K 110 34.67 -43.52 -19.51
N ALA K 111 33.95 -43.66 -20.61
CA ALA K 111 32.78 -42.82 -20.87
C ALA K 111 31.90 -42.69 -19.63
N PRO K 112 31.16 -41.59 -19.53
CA PRO K 112 30.27 -41.32 -18.40
C PRO K 112 28.90 -41.98 -18.46
N SER K 113 28.12 -41.74 -17.40
CA SER K 113 26.76 -42.26 -17.27
C SER K 113 25.89 -41.09 -16.82
N VAL K 114 25.14 -40.55 -17.77
CA VAL K 114 24.28 -39.41 -17.53
C VAL K 114 22.91 -39.70 -16.95
N PHE K 115 22.57 -38.92 -15.93
CA PHE K 115 21.31 -39.03 -15.23
C PHE K 115 20.69 -37.64 -15.17
N ILE K 116 19.48 -37.52 -14.63
CA ILE K 116 18.86 -36.21 -14.52
C ILE K 116 17.75 -36.24 -13.49
N PHE K 117 17.70 -35.18 -12.68
CA PHE K 117 16.74 -35.04 -11.61
C PHE K 117 15.92 -33.75 -11.64
N PRO K 118 14.65 -33.81 -12.08
CA PRO K 118 13.87 -32.57 -12.09
C PRO K 118 13.77 -32.04 -10.66
N PRO K 119 13.40 -30.76 -10.50
CA PRO K 119 13.31 -30.24 -9.13
C PRO K 119 12.27 -30.94 -8.27
N SER K 120 12.29 -30.67 -6.97
CA SER K 120 11.33 -31.26 -6.03
C SER K 120 10.24 -30.24 -5.73
N ASP K 121 9.09 -30.73 -5.28
CA ASP K 121 7.97 -29.84 -4.95
C ASP K 121 8.20 -29.08 -3.66
N GLU K 122 8.63 -29.81 -2.64
CA GLU K 122 8.92 -29.23 -1.34
C GLU K 122 9.78 -28.02 -1.64
N GLN K 123 10.43 -28.10 -2.81
CA GLN K 123 11.29 -27.05 -3.29
C GLN K 123 10.43 -25.99 -3.97
N LEU K 124 10.08 -26.23 -5.24
CA LEU K 124 9.26 -25.29 -5.99
C LEU K 124 8.48 -24.41 -5.04
N LYS K 125 7.88 -25.01 -4.02
CA LYS K 125 7.11 -24.26 -3.04
C LYS K 125 7.82 -22.97 -2.63
N SER K 126 8.98 -23.08 -1.99
CA SER K 126 9.71 -21.88 -1.57
C SER K 126 9.83 -20.89 -2.73
N GLY K 127 9.54 -21.38 -3.94
CA GLY K 127 9.59 -20.54 -5.13
C GLY K 127 10.89 -20.67 -5.89
N THR K 128 11.54 -21.83 -5.75
CA THR K 128 12.83 -22.08 -6.40
C THR K 128 12.83 -23.39 -7.23
N ALA K 129 13.66 -23.49 -8.26
CA ALA K 129 13.69 -24.71 -9.08
C ALA K 129 15.07 -25.11 -9.61
N SER K 130 15.54 -26.30 -9.20
CA SER K 130 16.86 -26.81 -9.59
C SER K 130 16.81 -28.16 -10.29
N VAL K 131 17.31 -28.20 -11.51
CA VAL K 131 17.36 -29.43 -12.29
C VAL K 131 18.81 -29.91 -12.25
N VAL K 132 19.04 -31.14 -11.80
CA VAL K 132 20.41 -31.65 -11.71
C VAL K 132 20.74 -32.76 -12.69
N CYS K 133 21.69 -32.50 -13.56
CA CYS K 133 22.15 -33.48 -14.53
C CYS K 133 23.30 -34.15 -13.74
N LEU K 134 23.67 -35.37 -14.09
CA LEU K 134 24.74 -36.06 -13.38
C LEU K 134 25.61 -36.97 -14.25
N LEU K 135 26.88 -36.62 -14.37
CA LEU K 135 27.81 -37.45 -15.15
C LEU K 135 28.46 -38.31 -14.06
N ASN K 136 28.76 -39.57 -14.37
CA ASN K 136 29.34 -40.46 -13.35
C ASN K 136 30.41 -41.48 -13.82
N ASN K 137 31.50 -41.53 -13.05
CA ASN K 137 32.61 -42.45 -13.30
C ASN K 137 33.12 -42.43 -14.74
N PHE K 138 33.86 -41.38 -15.09
CA PHE K 138 34.42 -41.20 -16.42
C PHE K 138 35.84 -40.67 -16.40
N TYR K 139 36.50 -40.72 -17.55
CA TYR K 139 37.86 -40.24 -17.67
C TYR K 139 38.21 -40.13 -19.15
N PRO K 140 39.00 -39.11 -19.53
CA PRO K 140 39.65 -38.01 -18.80
C PRO K 140 38.72 -37.11 -17.98
N ARG K 141 39.15 -35.89 -17.65
CA ARG K 141 38.30 -34.96 -16.88
C ARG K 141 37.46 -34.08 -17.78
N GLU K 142 37.83 -34.04 -19.05
CA GLU K 142 37.16 -33.22 -20.04
C GLU K 142 35.80 -33.81 -20.42
N ALA K 143 34.75 -33.05 -20.14
CA ALA K 143 33.38 -33.46 -20.45
C ALA K 143 32.66 -32.18 -20.86
N LYS K 144 31.56 -32.32 -21.60
CA LYS K 144 30.82 -31.14 -22.03
C LYS K 144 29.39 -31.19 -21.56
N VAL K 145 29.10 -30.48 -20.48
CA VAL K 145 27.75 -30.43 -19.94
C VAL K 145 26.95 -29.34 -20.67
N GLN K 146 25.92 -29.76 -21.38
CA GLN K 146 25.12 -28.82 -22.16
C GLN K 146 23.66 -28.91 -21.80
N TRP K 147 23.05 -27.75 -21.50
CA TRP K 147 21.63 -27.63 -21.15
C TRP K 147 20.78 -26.94 -22.21
N LYS K 148 19.65 -27.53 -22.57
CA LYS K 148 18.75 -26.92 -23.54
C LYS K 148 17.42 -26.83 -22.83
N VAL K 149 16.58 -25.91 -23.26
CA VAL K 149 15.26 -25.76 -22.66
C VAL K 149 14.41 -25.38 -23.85
N ASP K 150 13.63 -26.34 -24.34
CA ASP K 150 12.81 -26.11 -25.51
C ASP K 150 13.72 -25.56 -26.61
N ASN K 151 14.69 -26.36 -27.02
CA ASN K 151 15.64 -26.00 -28.08
C ASN K 151 16.41 -24.67 -27.94
N ALA K 152 16.52 -24.18 -26.72
CA ALA K 152 17.26 -22.94 -26.47
C ALA K 152 18.52 -23.23 -25.62
N LEU K 153 19.63 -23.55 -26.26
CA LEU K 153 20.88 -23.81 -25.55
C LEU K 153 21.01 -22.80 -24.43
N GLN K 154 21.12 -23.25 -23.19
CA GLN K 154 21.25 -22.34 -22.07
C GLN K 154 22.72 -22.07 -21.70
N SER K 155 22.93 -21.22 -20.69
CA SER K 155 24.27 -20.85 -20.23
C SER K 155 24.18 -20.05 -18.91
N GLY K 156 25.35 -19.70 -18.37
CA GLY K 156 25.42 -18.94 -17.14
C GLY K 156 24.43 -19.26 -16.03
N ASN K 157 23.41 -20.07 -16.28
CA ASN K 157 22.43 -20.37 -15.24
C ASN K 157 22.56 -21.77 -14.64
N SER K 158 23.76 -22.35 -14.72
CA SER K 158 24.01 -23.68 -14.20
C SER K 158 25.40 -23.81 -13.56
N GLN K 159 25.49 -24.54 -12.45
CA GLN K 159 26.74 -24.75 -11.72
C GLN K 159 27.16 -26.23 -11.60
N GLU K 160 28.38 -26.48 -12.07
CA GLU K 160 29.00 -27.80 -12.07
C GLU K 160 29.96 -28.01 -10.90
N SER K 161 30.00 -29.22 -10.38
CA SER K 161 30.89 -29.55 -9.26
C SER K 161 31.72 -30.73 -9.73
N VAL K 162 32.73 -31.10 -8.95
CA VAL K 162 33.61 -32.20 -9.32
C VAL K 162 34.32 -32.95 -8.20
N THR K 163 34.29 -34.27 -8.30
CA THR K 163 34.91 -35.17 -7.35
C THR K 163 36.38 -35.29 -7.69
N GLU K 164 37.23 -35.21 -6.66
CA GLU K 164 38.67 -35.34 -6.87
C GLU K 164 38.95 -36.73 -7.43
N GLN K 165 39.88 -36.83 -8.40
CA GLN K 165 40.21 -38.11 -9.04
C GLN K 165 40.12 -39.25 -8.04
N ASP K 166 39.04 -40.03 -8.15
CA ASP K 166 38.79 -41.14 -7.24
C ASP K 166 40.02 -41.99 -6.92
N SER K 167 40.12 -42.41 -5.66
CA SER K 167 41.21 -43.25 -5.18
C SER K 167 41.25 -44.59 -5.90
N LYS K 168 40.29 -45.45 -5.57
CA LYS K 168 40.19 -46.78 -6.15
C LYS K 168 40.30 -46.90 -7.68
N ASP K 169 39.44 -46.22 -8.43
CA ASP K 169 39.49 -46.32 -9.91
C ASP K 169 40.07 -45.17 -10.74
N SER K 170 40.45 -44.07 -10.08
CA SER K 170 41.01 -42.94 -10.79
C SER K 170 40.02 -42.41 -11.79
N THR K 171 38.77 -42.35 -11.36
CA THR K 171 37.71 -41.84 -12.22
C THR K 171 37.14 -40.53 -11.68
N TYR K 172 36.34 -39.88 -12.53
CA TYR K 172 35.73 -38.63 -12.17
C TYR K 172 34.22 -38.73 -12.12
N SER K 173 33.62 -37.88 -11.31
CA SER K 173 32.19 -37.81 -11.18
C SER K 173 31.79 -36.34 -11.04
N LEU K 174 31.08 -35.88 -12.04
CA LEU K 174 30.62 -34.53 -12.17
C LEU K 174 29.13 -34.42 -11.93
N SER K 175 28.72 -33.22 -11.55
CA SER K 175 27.34 -32.90 -11.32
C SER K 175 27.22 -31.45 -11.76
N SER K 176 26.31 -31.19 -12.69
CA SER K 176 26.07 -29.85 -13.18
C SER K 176 24.65 -29.52 -12.75
N THR K 177 24.51 -28.56 -11.86
CA THR K 177 23.18 -28.18 -11.40
C THR K 177 22.65 -27.04 -12.25
N LEU K 178 21.36 -27.04 -12.50
CA LEU K 178 20.73 -25.98 -13.26
C LEU K 178 19.73 -25.32 -12.31
N THR K 179 19.80 -24.02 -12.17
CA THR K 179 18.91 -23.39 -11.25
C THR K 179 18.11 -22.26 -11.84
N LEU K 180 16.80 -22.46 -11.79
CA LEU K 180 15.80 -21.52 -12.29
C LEU K 180 14.79 -21.33 -11.21
N SER K 181 13.92 -20.36 -11.41
CA SER K 181 12.86 -20.07 -10.47
C SER K 181 11.59 -20.75 -10.98
N LYS K 182 10.93 -21.46 -10.08
CA LYS K 182 9.68 -22.13 -10.39
C LYS K 182 8.93 -21.15 -11.29
N ALA K 183 8.98 -19.88 -10.91
CA ALA K 183 8.33 -18.84 -11.68
C ALA K 183 8.63 -19.07 -13.16
N ASP K 184 9.91 -19.11 -13.52
CA ASP K 184 10.30 -19.33 -14.92
C ASP K 184 10.27 -20.81 -15.32
N TYR K 185 10.62 -21.67 -14.37
CA TYR K 185 10.64 -23.09 -14.61
C TYR K 185 9.37 -23.47 -15.39
N GLU K 186 8.22 -22.98 -14.96
CA GLU K 186 6.97 -23.30 -15.65
C GLU K 186 6.88 -22.70 -17.06
N LYS K 187 7.73 -21.71 -17.34
CA LYS K 187 7.73 -21.07 -18.65
C LYS K 187 8.15 -22.01 -19.78
N HIS K 188 8.38 -23.28 -19.46
CA HIS K 188 8.80 -24.22 -20.49
C HIS K 188 8.40 -25.64 -20.14
N LYS K 189 8.68 -26.56 -21.06
CA LYS K 189 8.32 -27.95 -20.81
C LYS K 189 9.51 -28.88 -20.89
N VAL K 190 10.21 -28.88 -22.02
CA VAL K 190 11.35 -29.78 -22.20
C VAL K 190 12.63 -29.28 -21.55
N TYR K 191 13.19 -30.15 -20.71
CA TYR K 191 14.42 -29.88 -19.98
C TYR K 191 15.44 -30.94 -20.37
N ALA K 192 16.45 -30.53 -21.13
CA ALA K 192 17.47 -31.46 -21.58
C ALA K 192 18.92 -31.01 -21.43
N CYS K 193 19.75 -31.93 -20.93
CA CYS K 193 21.17 -31.68 -20.83
C CYS K 193 21.70 -32.78 -21.72
N GLU K 194 22.76 -32.48 -22.46
CA GLU K 194 23.36 -33.44 -23.37
C GLU K 194 24.86 -33.43 -23.19
N VAL K 195 25.40 -34.54 -22.72
CA VAL K 195 26.84 -34.64 -22.48
C VAL K 195 27.59 -35.11 -23.72
N THR K 196 28.76 -34.55 -23.97
CA THR K 196 29.58 -34.93 -25.11
C THR K 196 30.88 -35.34 -24.47
N HIS K 197 31.48 -36.46 -24.90
CA HIS K 197 32.71 -36.91 -24.26
C HIS K 197 33.77 -37.65 -25.09
N GLN K 198 35.03 -37.51 -24.66
CA GLN K 198 36.16 -38.16 -25.33
C GLN K 198 36.00 -39.68 -25.31
N GLY K 199 34.93 -40.15 -24.67
CA GLY K 199 34.67 -41.57 -24.60
C GLY K 199 33.32 -41.97 -25.18
N LEU K 200 32.47 -40.99 -25.47
CA LEU K 200 31.16 -41.22 -26.05
C LEU K 200 31.14 -40.57 -27.43
N SER K 201 31.07 -41.42 -28.46
CA SER K 201 31.05 -40.97 -29.85
C SER K 201 29.70 -40.41 -30.33
N SER K 202 29.23 -39.32 -29.69
CA SER K 202 27.96 -38.67 -30.02
C SER K 202 27.21 -38.22 -28.77
N PRO K 203 27.08 -36.91 -28.56
CA PRO K 203 26.37 -36.39 -27.40
C PRO K 203 25.22 -37.27 -26.94
N VAL K 204 25.10 -37.41 -25.61
CA VAL K 204 24.05 -38.20 -24.96
C VAL K 204 23.07 -37.19 -24.38
N THR K 205 21.77 -37.48 -24.44
CA THR K 205 20.81 -36.50 -23.94
C THR K 205 19.65 -36.94 -23.04
N LYS K 206 19.87 -37.05 -21.74
CA LYS K 206 18.79 -37.39 -20.83
C LYS K 206 17.93 -36.14 -20.57
N SER K 207 16.64 -36.23 -20.88
CA SER K 207 15.73 -35.10 -20.70
C SER K 207 14.35 -35.47 -20.15
N PHE K 208 13.50 -34.46 -20.06
CA PHE K 208 12.13 -34.59 -19.57
C PHE K 208 11.40 -33.28 -19.81
N ASN K 209 10.09 -33.29 -19.59
CA ASN K 209 9.29 -32.10 -19.73
C ASN K 209 8.29 -32.03 -18.58
N ARG K 210 8.43 -31.02 -17.74
CA ARG K 210 7.54 -30.85 -16.59
C ARG K 210 6.11 -31.29 -16.90
N GLY K 211 5.67 -32.35 -16.21
CA GLY K 211 4.33 -32.87 -16.37
C GLY K 211 4.31 -34.37 -16.09
N GLU K 212 3.45 -34.81 -15.18
CA GLU K 212 3.37 -36.23 -14.84
C GLU K 212 1.95 -36.67 -14.48
N GLN L 1 59.94 -30.90 16.53
CA GLN L 1 59.16 -30.84 17.76
C GLN L 1 58.59 -29.44 17.97
N VAL L 2 58.26 -28.77 16.86
CA VAL L 2 57.69 -27.42 16.89
C VAL L 2 56.17 -27.56 16.79
N GLN L 3 55.42 -26.57 17.26
CA GLN L 3 53.96 -26.66 17.20
C GLN L 3 53.28 -25.31 17.00
N LEU L 4 53.11 -24.94 15.74
CA LEU L 4 52.48 -23.68 15.35
C LEU L 4 50.96 -23.85 15.25
N LEU L 5 50.23 -23.31 16.23
CA LEU L 5 48.78 -23.45 16.20
C LEU L 5 48.09 -22.18 15.71
N GLN L 6 47.89 -22.08 14.39
CA GLN L 6 47.23 -20.93 13.79
C GLN L 6 45.80 -20.86 14.27
N SER L 7 45.24 -19.66 14.23
CA SER L 7 43.86 -19.44 14.67
C SER L 7 42.88 -20.47 14.11
N GLY L 8 41.62 -20.34 14.52
CA GLY L 8 40.60 -21.26 14.06
C GLY L 8 39.56 -20.63 13.17
N ALA L 9 39.10 -21.39 12.18
CA ALA L 9 38.10 -20.95 11.23
C ALA L 9 37.37 -19.68 11.65
N GLU L 10 37.43 -18.67 10.78
CA GLU L 10 36.79 -17.38 11.03
C GLU L 10 36.12 -16.83 9.78
N VAL L 11 34.88 -16.38 9.96
CA VAL L 11 34.10 -15.81 8.90
C VAL L 11 33.91 -14.34 9.22
N LYS L 12 34.04 -13.49 8.22
CA LYS L 12 33.89 -12.08 8.47
C LYS L 12 33.05 -11.33 7.45
N LYS L 13 32.23 -10.42 7.96
CA LYS L 13 31.39 -9.57 7.13
C LYS L 13 32.36 -8.60 6.48
N PRO L 14 32.23 -8.38 5.16
CA PRO L 14 33.14 -7.46 4.47
C PRO L 14 33.45 -6.21 5.27
N GLY L 15 34.43 -5.45 4.82
CA GLY L 15 34.80 -4.23 5.53
C GLY L 15 35.49 -4.50 6.86
N SER L 16 35.16 -5.61 7.48
CA SER L 16 35.81 -5.94 8.73
C SER L 16 37.30 -6.09 8.45
N SER L 17 38.06 -6.30 9.50
CA SER L 17 39.50 -6.52 9.42
C SER L 17 39.73 -7.76 10.29
N VAL L 18 40.83 -8.49 10.10
CA VAL L 18 40.98 -9.70 10.89
C VAL L 18 42.37 -10.08 11.42
N LYS L 19 42.36 -10.87 12.49
CA LYS L 19 43.59 -11.31 13.13
C LYS L 19 43.76 -12.84 13.20
N VAL L 20 44.92 -13.31 12.75
CA VAL L 20 45.27 -14.73 12.74
C VAL L 20 46.46 -14.89 13.70
N SER L 21 46.45 -15.94 14.52
CA SER L 21 47.54 -16.15 15.47
C SER L 21 48.38 -17.38 15.15
N CYS L 22 49.69 -17.29 15.41
CA CYS L 22 50.62 -18.36 15.11
C CYS L 22 51.49 -18.71 16.33
N LYS L 23 50.90 -19.40 17.30
CA LYS L 23 51.58 -19.81 18.53
C LYS L 23 52.76 -20.70 18.25
N ALA L 24 53.96 -20.17 18.44
CA ALA L 24 55.17 -20.94 18.21
C ALA L 24 55.15 -22.18 19.11
N SER L 25 56.31 -22.75 19.36
CA SER L 25 56.36 -23.93 20.22
C SER L 25 57.75 -24.51 20.42
N GLY L 26 58.27 -24.27 21.62
CA GLY L 26 59.58 -24.75 22.01
C GLY L 26 60.63 -24.70 20.91
N GLY L 27 61.27 -23.54 20.79
CA GLY L 27 62.31 -23.35 19.79
C GLY L 27 63.13 -22.11 20.09
N THR L 28 63.61 -21.44 19.05
CA THR L 28 64.39 -20.23 19.20
C THR L 28 63.68 -19.16 18.38
N PHE L 29 62.36 -19.34 18.29
CA PHE L 29 61.45 -18.45 17.59
C PHE L 29 62.01 -17.06 17.30
N SER L 30 62.43 -16.35 18.34
CA SER L 30 62.98 -15.00 18.16
C SER L 30 63.96 -14.95 16.99
N SER L 31 64.67 -16.05 16.76
CA SER L 31 65.64 -16.14 15.66
C SER L 31 65.00 -16.67 14.37
N TYR L 32 63.90 -17.41 14.52
CA TYR L 32 63.20 -18.01 13.38
C TYR L 32 62.69 -16.98 12.36
N ALA L 33 62.47 -17.43 11.13
CA ALA L 33 61.97 -16.55 10.10
C ALA L 33 60.53 -16.91 9.79
N ILE L 34 59.62 -16.38 10.59
CA ILE L 34 58.18 -16.61 10.44
C ILE L 34 57.65 -16.07 9.12
N SER L 35 56.73 -16.78 8.48
CA SER L 35 56.19 -16.32 7.23
C SER L 35 54.69 -16.58 7.11
N TRP L 36 54.01 -15.83 6.25
CA TRP L 36 52.57 -15.96 6.05
C TRP L 36 52.14 -16.20 4.59
N VAL L 37 51.45 -17.32 4.38
CA VAL L 37 50.97 -17.73 3.05
C VAL L 37 49.47 -17.83 2.98
N ARG L 38 48.98 -17.66 1.77
CA ARG L 38 47.56 -17.67 1.51
C ARG L 38 47.18 -18.59 0.33
N GLN L 39 46.07 -19.28 0.46
CA GLN L 39 45.62 -20.17 -0.60
C GLN L 39 44.12 -20.09 -0.72
N ALA L 40 43.67 -19.34 -1.72
CA ALA L 40 42.24 -19.19 -1.97
C ALA L 40 41.73 -20.58 -2.31
N PRO L 41 40.46 -20.88 -1.98
CA PRO L 41 39.89 -22.19 -2.28
C PRO L 41 40.10 -22.64 -3.74
N GLY L 42 40.71 -23.83 -3.89
CA GLY L 42 40.97 -24.35 -5.22
C GLY L 42 42.06 -23.55 -5.94
N GLN L 43 42.83 -22.78 -5.18
CA GLN L 43 43.88 -21.96 -5.75
C GLN L 43 45.28 -22.34 -5.30
N GLY L 44 46.27 -21.56 -5.77
CA GLY L 44 47.65 -21.81 -5.43
C GLY L 44 48.09 -21.09 -4.18
N LEU L 45 49.35 -21.31 -3.81
CA LEU L 45 49.93 -20.69 -2.63
C LEU L 45 50.40 -19.27 -2.96
N GLU L 46 50.08 -18.31 -2.09
CA GLU L 46 50.48 -16.92 -2.28
C GLU L 46 51.11 -16.39 -0.98
N TRP L 47 52.40 -16.09 -1.07
CA TRP L 47 53.16 -15.58 0.08
C TRP L 47 52.85 -14.12 0.33
N MET L 48 52.47 -13.79 1.55
CA MET L 48 52.11 -12.42 1.88
C MET L 48 53.25 -11.58 2.43
N GLY L 49 54.14 -12.19 3.20
CA GLY L 49 55.25 -11.43 3.72
C GLY L 49 55.90 -12.23 4.81
N GLY L 50 56.89 -11.66 5.50
CA GLY L 50 57.55 -12.38 6.58
C GLY L 50 57.92 -11.49 7.75
N ILE L 51 58.80 -11.98 8.64
CA ILE L 51 59.24 -11.20 9.80
C ILE L 51 60.12 -11.98 10.74
N ILE L 52 61.24 -11.37 11.14
CA ILE L 52 62.12 -12.01 12.09
C ILE L 52 61.94 -11.32 13.40
N PRO L 53 61.26 -12.00 14.32
CA PRO L 53 60.90 -11.59 15.68
C PRO L 53 61.88 -10.68 16.42
N VAL L 54 63.11 -11.15 16.59
CA VAL L 54 64.13 -10.37 17.29
C VAL L 54 64.16 -8.91 16.92
N PHE L 55 63.71 -8.58 15.71
CA PHE L 55 63.67 -7.18 15.26
C PHE L 55 62.53 -6.84 14.29
N GLY L 56 61.47 -6.27 14.85
CA GLY L 56 60.30 -5.91 14.09
C GLY L 56 60.51 -5.16 12.77
N SER L 57 59.49 -5.23 11.94
CA SER L 57 59.45 -4.63 10.63
C SER L 57 59.43 -5.87 9.76
N ALA L 58 58.46 -5.95 8.87
CA ALA L 58 58.34 -7.10 8.02
C ALA L 58 58.39 -6.62 6.59
N ASN L 59 58.66 -7.54 5.67
CA ASN L 59 58.67 -7.24 4.24
C ASN L 59 57.29 -7.74 3.80
N TYR L 60 56.48 -6.87 3.25
CA TYR L 60 55.16 -7.29 2.83
C TYR L 60 55.18 -7.49 1.34
N ALA L 61 54.38 -8.43 0.85
CA ALA L 61 54.33 -8.69 -0.58
C ALA L 61 53.65 -7.52 -1.29
N GLN L 62 54.37 -6.95 -2.26
CA GLN L 62 53.93 -5.82 -3.07
C GLN L 62 52.42 -5.51 -3.07
N LYS L 63 51.63 -6.33 -3.78
CA LYS L 63 50.18 -6.15 -3.87
C LYS L 63 49.49 -5.91 -2.54
N PHE L 64 49.91 -6.64 -1.52
CA PHE L 64 49.32 -6.52 -0.20
C PHE L 64 49.87 -5.28 0.53
N GLN L 65 50.82 -4.60 -0.08
CA GLN L 65 51.40 -3.42 0.55
C GLN L 65 50.26 -2.46 0.93
N GLY L 66 50.06 -2.29 2.24
CA GLY L 66 49.02 -1.43 2.74
C GLY L 66 48.34 -2.05 3.93
N ARG L 67 47.21 -2.73 3.66
CA ARG L 67 46.38 -3.40 4.68
C ARG L 67 47.06 -4.43 5.59
N VAL L 68 47.51 -5.53 4.99
CA VAL L 68 48.15 -6.62 5.73
C VAL L 68 49.18 -6.14 6.76
N THR L 69 49.15 -6.76 7.93
CA THR L 69 50.06 -6.40 9.00
C THR L 69 50.52 -7.63 9.80
N ILE L 70 51.83 -7.79 9.96
CA ILE L 70 52.40 -8.92 10.70
C ILE L 70 53.24 -8.40 11.86
N THR L 71 53.01 -8.92 13.05
CA THR L 71 53.76 -8.47 14.21
C THR L 71 54.03 -9.63 15.14
N ALA L 72 55.30 -9.82 15.49
CA ALA L 72 55.71 -10.91 16.36
C ALA L 72 55.40 -10.64 17.83
N ASP L 73 56.16 -11.26 18.73
CA ASP L 73 55.94 -11.12 20.17
C ASP L 73 56.61 -12.27 20.92
N GLU L 74 57.82 -12.03 21.39
CA GLU L 74 58.64 -13.01 22.09
C GLU L 74 58.14 -13.48 23.45
N ALA L 75 57.58 -12.58 24.26
CA ALA L 75 57.10 -12.98 25.57
C ALA L 75 55.95 -13.98 25.43
N THR L 76 55.77 -14.49 24.21
CA THR L 76 54.73 -15.46 23.91
C THR L 76 55.14 -16.29 22.71
N SER L 77 56.04 -15.76 21.90
CA SER L 77 56.51 -16.45 20.71
C SER L 77 55.36 -16.58 19.71
N THR L 78 54.53 -15.55 19.62
CA THR L 78 53.40 -15.58 18.70
C THR L 78 53.44 -14.47 17.66
N THR L 79 53.30 -14.86 16.40
CA THR L 79 53.26 -13.92 15.30
C THR L 79 51.80 -13.72 14.96
N TYR L 80 51.38 -12.48 14.83
CA TYR L 80 49.99 -12.18 14.50
C TYR L 80 49.90 -11.66 13.10
N MET L 81 48.77 -11.88 12.43
CA MET L 81 48.64 -11.36 11.10
C MET L 81 47.32 -10.63 11.04
N GLU L 82 47.28 -9.54 10.29
CA GLU L 82 46.06 -8.79 10.16
C GLU L 82 45.90 -8.32 8.72
N LEU L 83 44.66 -8.28 8.26
CA LEU L 83 44.35 -7.85 6.89
C LEU L 83 43.05 -7.08 6.89
N SER L 84 43.13 -5.75 6.93
CA SER L 84 41.92 -4.93 6.93
C SER L 84 41.44 -4.67 5.51
N SER L 85 40.15 -4.37 5.36
CA SER L 85 39.54 -4.12 4.05
C SER L 85 39.11 -5.44 3.45
N LEU L 86 38.64 -6.33 4.32
CA LEU L 86 38.20 -7.63 3.90
C LEU L 86 37.32 -7.49 2.69
N ARG L 87 37.50 -8.42 1.76
CA ARG L 87 36.74 -8.48 0.52
C ARG L 87 36.45 -9.97 0.42
N SER L 88 35.43 -10.34 -0.35
CA SER L 88 35.09 -11.76 -0.51
C SER L 88 36.37 -12.45 -1.02
N GLU L 89 37.14 -11.68 -1.76
CA GLU L 89 38.38 -12.13 -2.35
C GLU L 89 39.44 -12.47 -1.30
N ASP L 90 39.11 -12.29 -0.03
CA ASP L 90 40.06 -12.59 1.02
C ASP L 90 39.72 -13.89 1.67
N THR L 91 38.82 -14.67 1.07
CA THR L 91 38.47 -15.96 1.64
C THR L 91 39.50 -16.96 1.19
N ALA L 92 40.10 -17.65 2.14
CA ALA L 92 41.13 -18.62 1.80
C ALA L 92 41.70 -19.20 3.06
N VAL L 93 42.80 -19.93 2.89
CA VAL L 93 43.49 -20.54 4.01
C VAL L 93 44.78 -19.75 4.19
N TYR L 94 45.05 -19.43 5.45
CA TYR L 94 46.23 -18.66 5.80
C TYR L 94 47.12 -19.51 6.70
N PHE L 95 48.31 -19.81 6.22
CA PHE L 95 49.27 -20.61 6.96
C PHE L 95 50.39 -19.69 7.41
N CYS L 96 51.10 -20.09 8.45
CA CYS L 96 52.23 -19.31 8.93
C CYS L 96 53.45 -20.25 8.90
N ALA L 97 54.23 -20.13 7.84
CA ALA L 97 55.42 -20.95 7.60
C ALA L 97 56.67 -20.49 8.32
N LYS L 98 57.42 -21.47 8.83
CA LYS L 98 58.66 -21.24 9.55
C LYS L 98 59.80 -21.73 8.67
N GLY L 99 60.70 -20.82 8.31
CA GLY L 99 61.83 -21.19 7.47
C GLY L 99 62.76 -22.20 8.13
N HIS L 114 65.66 -19.69 2.33
CA HIS L 114 65.98 -20.75 3.29
C HIS L 114 65.19 -22.02 2.98
N GLY L 115 63.87 -21.85 2.98
CA GLY L 115 62.97 -22.96 2.73
C GLY L 115 62.01 -23.07 3.91
N MET L 116 60.72 -22.96 3.64
CA MET L 116 59.76 -23.06 4.70
C MET L 116 59.55 -24.53 5.05
N ASP L 117 60.51 -25.06 5.81
CA ASP L 117 60.51 -26.45 6.23
C ASP L 117 59.27 -26.85 7.05
N VAL L 118 58.66 -25.90 7.76
CA VAL L 118 57.49 -26.21 8.57
C VAL L 118 56.31 -25.24 8.45
N TRP L 119 55.16 -25.78 8.06
CA TRP L 119 53.95 -25.01 7.90
C TRP L 119 53.03 -25.21 9.09
N GLY L 120 51.77 -24.81 8.93
CA GLY L 120 50.80 -24.96 10.00
C GLY L 120 49.42 -25.25 9.45
N GLN L 121 48.52 -25.72 10.29
CA GLN L 121 47.16 -26.03 9.85
C GLN L 121 46.50 -24.89 9.10
N GLY L 122 46.87 -23.66 9.43
CA GLY L 122 46.26 -22.53 8.75
C GLY L 122 44.78 -22.42 9.08
N THR L 123 44.23 -21.21 8.96
CA THR L 123 42.84 -20.95 9.28
C THR L 123 42.08 -20.54 8.03
N THR L 124 40.75 -20.70 8.04
CA THR L 124 39.92 -20.35 6.90
C THR L 124 39.26 -18.99 7.06
N VAL L 125 39.72 -18.00 6.32
CA VAL L 125 39.12 -16.69 6.38
C VAL L 125 37.93 -16.67 5.44
N THR L 126 36.73 -16.79 6.00
CA THR L 126 35.49 -16.77 5.20
C THR L 126 34.98 -15.33 5.21
N VAL L 127 35.11 -14.61 4.10
CA VAL L 127 34.64 -13.24 4.08
C VAL L 127 33.29 -13.11 3.41
N ALA L 128 32.24 -13.27 4.20
CA ALA L 128 30.88 -13.19 3.69
C ALA L 128 29.93 -12.58 4.71
N SER L 129 28.87 -11.96 4.21
CA SER L 129 27.89 -11.31 5.05
C SER L 129 26.71 -12.19 5.49
N ALA L 130 26.41 -13.23 4.74
CA ALA L 130 25.29 -14.08 5.11
C ALA L 130 25.41 -14.52 6.56
N SER L 131 24.39 -15.20 7.06
CA SER L 131 24.39 -15.64 8.46
C SER L 131 24.38 -17.17 8.61
N THR L 132 24.22 -17.64 9.85
CA THR L 132 24.17 -19.06 10.18
C THR L 132 22.89 -19.65 9.59
N LYS L 133 22.83 -19.73 8.26
CA LYS L 133 21.64 -20.25 7.60
C LYS L 133 21.75 -21.73 7.38
N GLY L 134 20.89 -22.50 8.05
CA GLY L 134 20.92 -23.92 7.84
C GLY L 134 20.33 -24.15 6.45
N PRO L 135 20.52 -25.33 5.83
CA PRO L 135 19.97 -25.61 4.50
C PRO L 135 18.72 -26.49 4.56
N SER L 136 17.95 -26.48 3.48
CA SER L 136 16.76 -27.32 3.35
C SER L 136 17.25 -28.39 2.38
N VAL L 137 16.80 -29.63 2.53
CA VAL L 137 17.31 -30.66 1.65
C VAL L 137 16.28 -31.45 0.87
N PHE L 138 16.42 -31.35 -0.44
CA PHE L 138 15.53 -32.00 -1.40
C PHE L 138 16.12 -33.28 -2.00
N PRO L 139 15.30 -34.34 -2.06
CA PRO L 139 15.74 -35.63 -2.60
C PRO L 139 15.89 -35.61 -4.10
N LEU L 140 16.66 -36.56 -4.63
CA LEU L 140 16.84 -36.72 -6.07
C LEU L 140 16.32 -38.11 -6.38
N ALA L 141 15.01 -38.18 -6.65
CA ALA L 141 14.29 -39.41 -6.96
C ALA L 141 14.78 -40.20 -8.18
N PRO L 142 14.98 -41.52 -8.02
CA PRO L 142 15.44 -42.44 -9.05
C PRO L 142 14.38 -42.60 -10.13
N SER L 143 14.78 -43.05 -11.31
CA SER L 143 13.84 -43.22 -12.40
C SER L 143 14.46 -44.05 -13.50
N SER L 144 13.91 -43.93 -14.70
CA SER L 144 14.42 -44.64 -15.87
C SER L 144 15.41 -43.63 -16.45
N LYS L 145 15.46 -42.49 -15.77
CA LYS L 145 16.33 -41.38 -16.13
C LYS L 145 17.59 -41.42 -15.28
N SER L 146 17.58 -42.27 -14.25
CA SER L 146 18.72 -42.45 -13.36
C SER L 146 19.23 -43.88 -13.52
N THR L 147 18.63 -44.61 -14.47
CA THR L 147 19.01 -45.99 -14.73
C THR L 147 19.84 -46.20 -15.99
N SER L 148 20.40 -47.40 -16.09
CA SER L 148 21.24 -47.84 -17.22
C SER L 148 20.86 -49.29 -17.47
N GLY L 149 19.77 -49.70 -16.83
CA GLY L 149 19.27 -51.05 -16.92
C GLY L 149 19.38 -51.70 -15.55
N GLY L 150 20.61 -51.80 -15.06
CA GLY L 150 20.86 -52.38 -13.76
C GLY L 150 21.25 -51.29 -12.78
N THR L 151 21.82 -50.21 -13.30
CA THR L 151 22.26 -49.10 -12.46
C THR L 151 21.12 -48.14 -12.16
N ALA L 152 21.07 -47.66 -10.92
CA ALA L 152 20.05 -46.72 -10.45
C ALA L 152 20.70 -45.62 -9.61
N ALA L 153 20.49 -44.36 -10.02
CA ALA L 153 21.06 -43.22 -9.30
C ALA L 153 20.03 -42.32 -8.64
N LEU L 154 20.28 -41.99 -7.38
CA LEU L 154 19.40 -41.12 -6.60
C LEU L 154 20.34 -40.26 -5.78
N GLY L 155 19.79 -39.24 -5.15
CA GLY L 155 20.64 -38.39 -4.35
C GLY L 155 19.93 -37.37 -3.51
N CYS L 156 20.74 -36.48 -2.95
CA CYS L 156 20.27 -35.42 -2.10
C CYS L 156 20.79 -34.09 -2.62
N LEU L 157 20.09 -33.02 -2.29
CA LEU L 157 20.55 -31.72 -2.67
C LEU L 157 20.42 -30.84 -1.45
N VAL L 158 21.58 -30.51 -0.88
CA VAL L 158 21.60 -29.66 0.28
C VAL L 158 21.76 -28.27 -0.30
N LYS L 159 20.71 -27.45 -0.18
CA LYS L 159 20.76 -26.11 -0.75
C LYS L 159 20.73 -25.00 0.31
N ASP L 160 21.36 -23.88 -0.03
CA ASP L 160 21.43 -22.69 0.81
C ASP L 160 21.66 -22.88 2.32
N TYR L 161 22.93 -23.06 2.67
CA TYR L 161 23.33 -23.23 4.05
C TYR L 161 24.59 -22.39 4.24
N PHE L 162 24.82 -21.90 5.46
CA PHE L 162 26.00 -21.09 5.73
C PHE L 162 26.35 -21.16 7.20
N PRO L 163 27.66 -21.26 7.52
CA PRO L 163 28.79 -21.33 6.58
C PRO L 163 29.18 -22.81 6.45
N GLU L 164 30.31 -23.10 5.82
CA GLU L 164 30.70 -24.50 5.73
C GLU L 164 31.11 -24.91 7.16
N PRO L 165 31.17 -26.22 7.47
CA PRO L 165 30.91 -27.38 6.62
C PRO L 165 29.71 -28.20 7.12
N VAL L 166 29.10 -28.95 6.20
CA VAL L 166 27.95 -29.80 6.51
C VAL L 166 28.35 -31.26 6.26
N THR L 167 27.51 -32.22 6.66
CA THR L 167 27.83 -33.64 6.47
C THR L 167 26.78 -34.43 5.71
N VAL L 168 27.28 -35.28 4.81
CA VAL L 168 26.42 -36.12 4.00
C VAL L 168 26.72 -37.60 4.25
N SER L 169 25.68 -38.37 4.57
CA SER L 169 25.82 -39.79 4.82
C SER L 169 24.52 -40.48 4.44
N TRP L 170 24.54 -41.79 4.33
CA TRP L 170 23.32 -42.50 3.96
C TRP L 170 22.89 -43.56 4.96
N ASN L 171 21.58 -43.67 5.15
CA ASN L 171 20.97 -44.62 6.07
C ASN L 171 21.76 -44.77 7.35
N SER L 172 22.01 -43.63 8.00
CA SER L 172 22.74 -43.55 9.25
C SER L 172 24.22 -43.93 9.13
N GLY L 173 24.64 -44.33 7.93
CA GLY L 173 26.03 -44.69 7.69
C GLY L 173 26.19 -46.04 7.02
N ALA L 174 25.10 -46.79 6.95
CA ALA L 174 25.07 -48.13 6.35
C ALA L 174 25.47 -48.20 4.88
N LEU L 175 25.21 -47.14 4.14
CA LEU L 175 25.55 -47.14 2.74
C LEU L 175 26.88 -46.46 2.43
N THR L 176 27.76 -47.16 1.73
CA THR L 176 29.06 -46.62 1.39
C THR L 176 29.51 -46.91 -0.04
N SER L 177 29.16 -48.07 -0.58
CA SER L 177 29.54 -48.43 -1.94
C SER L 177 28.80 -47.64 -3.02
N GLY L 178 29.52 -46.79 -3.74
CA GLY L 178 28.91 -46.01 -4.80
C GLY L 178 28.29 -44.69 -4.38
N VAL L 179 28.77 -44.12 -3.28
CA VAL L 179 28.24 -42.84 -2.81
C VAL L 179 29.15 -41.69 -3.19
N HIS L 180 28.55 -40.56 -3.55
CA HIS L 180 29.30 -39.37 -3.96
C HIS L 180 28.82 -38.11 -3.20
N THR L 181 29.71 -37.51 -2.43
CA THR L 181 29.38 -36.28 -1.73
C THR L 181 30.21 -35.23 -2.45
N PHE L 182 29.61 -34.59 -3.44
CA PHE L 182 30.32 -33.58 -4.22
C PHE L 182 30.86 -32.41 -3.44
N PRO L 183 31.94 -31.81 -3.96
CA PRO L 183 32.60 -30.65 -3.37
C PRO L 183 31.62 -29.48 -3.25
N ALA L 184 31.54 -28.92 -2.05
CA ALA L 184 30.63 -27.79 -1.79
C ALA L 184 30.84 -26.72 -2.86
N VAL L 185 29.81 -25.92 -3.14
CA VAL L 185 29.95 -24.87 -4.14
C VAL L 185 29.20 -23.59 -3.81
N LEU L 186 29.96 -22.54 -3.51
CA LEU L 186 29.42 -21.22 -3.20
C LEU L 186 28.57 -20.76 -4.36
N GLN L 187 27.62 -19.88 -4.08
CA GLN L 187 26.72 -19.41 -5.12
C GLN L 187 26.82 -17.94 -5.50
N SER L 188 25.74 -17.46 -6.12
CA SER L 188 25.63 -16.08 -6.56
C SER L 188 24.84 -15.36 -5.47
N SER L 189 24.41 -16.15 -4.49
CA SER L 189 23.64 -15.63 -3.38
C SER L 189 24.54 -15.52 -2.17
N GLY L 190 25.78 -15.97 -2.34
CA GLY L 190 26.75 -15.93 -1.25
C GLY L 190 26.72 -17.21 -0.43
N LEU L 191 25.52 -17.72 -0.17
CA LEU L 191 25.32 -18.94 0.62
C LEU L 191 25.97 -20.19 0.02
N TYR L 192 25.98 -21.28 0.78
CA TYR L 192 26.56 -22.55 0.32
C TYR L 192 25.50 -23.54 -0.12
N SER L 193 25.95 -24.57 -0.85
CA SER L 193 25.04 -25.59 -1.36
C SER L 193 25.73 -26.64 -2.22
N LEU L 194 25.46 -27.91 -1.95
CA LEU L 194 26.05 -29.00 -2.71
C LEU L 194 25.05 -30.13 -2.94
N SER L 195 25.52 -31.24 -3.49
CA SER L 195 24.66 -32.40 -3.75
C SER L 195 25.40 -33.71 -3.49
N SER L 196 24.67 -34.69 -2.97
CA SER L 196 25.24 -35.98 -2.66
C SER L 196 24.46 -37.11 -3.28
N VAL L 197 25.12 -37.97 -4.03
CA VAL L 197 24.44 -39.08 -4.67
C VAL L 197 24.92 -40.44 -4.17
N VAL L 198 24.52 -41.48 -4.89
CA VAL L 198 24.89 -42.85 -4.57
C VAL L 198 24.19 -43.80 -5.54
N THR L 199 24.97 -44.43 -6.41
CA THR L 199 24.42 -45.36 -7.39
C THR L 199 24.13 -46.65 -6.64
N VAL L 200 22.88 -47.07 -6.71
CA VAL L 200 22.48 -48.29 -6.03
C VAL L 200 21.64 -49.21 -6.91
N PRO L 201 21.41 -50.44 -6.44
CA PRO L 201 20.63 -51.51 -7.08
C PRO L 201 19.19 -51.10 -7.37
N SER L 202 18.85 -51.01 -8.64
CA SER L 202 17.49 -50.61 -9.05
C SER L 202 16.40 -51.57 -8.56
N SER L 203 16.52 -52.85 -8.91
CA SER L 203 15.53 -53.87 -8.51
C SER L 203 15.16 -53.83 -7.03
N SER L 204 15.87 -53.00 -6.27
CA SER L 204 15.62 -52.89 -4.85
C SER L 204 14.99 -51.56 -4.49
N LEU L 205 15.15 -50.57 -5.38
CA LEU L 205 14.60 -49.22 -5.16
C LEU L 205 13.23 -49.26 -4.53
N GLY L 206 12.33 -49.99 -5.20
CA GLY L 206 10.96 -50.14 -4.75
C GLY L 206 10.77 -50.54 -3.31
N THR L 207 11.48 -51.56 -2.85
CA THR L 207 11.30 -52.01 -1.47
C THR L 207 12.36 -51.49 -0.51
N GLN L 208 13.56 -51.26 -1.03
CA GLN L 208 14.70 -50.78 -0.25
C GLN L 208 14.59 -49.31 0.16
N THR L 209 14.77 -49.04 1.46
CA THR L 209 14.69 -47.68 2.00
C THR L 209 16.04 -46.95 1.86
N TYR L 210 15.99 -45.62 1.98
CA TYR L 210 17.19 -44.78 1.86
C TYR L 210 16.90 -43.39 2.46
N ILE L 211 17.78 -42.91 3.34
CA ILE L 211 17.61 -41.61 3.96
C ILE L 211 18.97 -40.91 4.10
N CYS L 212 19.23 -39.81 3.38
CA CYS L 212 20.52 -39.14 3.55
C CYS L 212 20.43 -38.24 4.79
N ASN L 213 21.42 -38.38 5.68
CA ASN L 213 21.43 -37.59 6.91
C ASN L 213 22.36 -36.41 6.85
N VAL L 214 21.76 -35.23 6.76
CA VAL L 214 22.50 -33.99 6.67
C VAL L 214 22.73 -33.36 8.03
N ASN L 215 24.00 -33.22 8.39
CA ASN L 215 24.35 -32.59 9.65
C ASN L 215 25.23 -31.36 9.42
N HIS L 216 24.66 -30.20 9.68
CA HIS L 216 25.36 -28.92 9.51
C HIS L 216 25.75 -28.43 10.92
N LYS L 217 26.80 -29.04 11.47
CA LYS L 217 27.27 -28.69 12.81
C LYS L 217 27.17 -27.21 13.22
N PRO L 218 27.23 -26.28 12.24
CA PRO L 218 27.14 -24.86 12.61
C PRO L 218 25.74 -24.27 12.79
N SER L 219 24.82 -25.00 13.42
CA SER L 219 23.49 -24.43 13.59
C SER L 219 22.45 -25.45 13.98
N ASN L 220 22.89 -26.66 14.29
CA ASN L 220 21.97 -27.73 14.67
C ASN L 220 20.97 -27.94 13.57
N THR L 221 21.47 -28.43 12.43
CA THR L 221 20.63 -28.71 11.28
C THR L 221 20.76 -30.19 10.91
N LYS L 222 20.27 -31.05 11.79
CA LYS L 222 20.31 -32.50 11.57
C LYS L 222 18.99 -32.93 10.95
N VAL L 223 19.04 -33.24 9.66
CA VAL L 223 17.87 -33.63 8.91
C VAL L 223 18.00 -35.03 8.33
N ASP L 224 16.89 -35.57 7.83
CA ASP L 224 16.89 -36.89 7.20
C ASP L 224 15.72 -36.99 6.24
N LYS L 225 16.01 -36.83 4.94
CA LYS L 225 14.99 -36.87 3.88
C LYS L 225 15.09 -38.12 3.00
N LYS L 226 14.24 -39.10 3.31
CA LYS L 226 14.17 -40.36 2.59
C LYS L 226 13.93 -40.08 1.11
N VAL L 227 14.87 -40.47 0.25
CA VAL L 227 14.68 -40.25 -1.18
C VAL L 227 13.81 -41.34 -1.80
N GLU L 228 12.56 -40.99 -2.11
CA GLU L 228 11.61 -41.93 -2.70
C GLU L 228 11.59 -41.83 -4.22
N PRO L 229 11.40 -42.96 -4.93
CA PRO L 229 11.36 -42.99 -6.40
C PRO L 229 10.24 -42.13 -7.00
N ILE M 2 -46.35 -2.09 18.07
CA ILE M 2 -46.07 -1.24 16.87
C ILE M 2 -46.08 0.24 17.22
N GLN M 3 -45.28 0.62 18.20
CA GLN M 3 -45.20 2.01 18.62
C GLN M 3 -44.08 2.18 19.60
N MET M 4 -42.94 2.67 19.12
CA MET M 4 -41.82 2.83 20.00
C MET M 4 -41.67 4.26 20.51
N THR M 5 -41.74 4.40 21.83
CA THR M 5 -41.60 5.71 22.49
C THR M 5 -40.26 5.96 23.22
N GLN M 6 -39.60 7.10 22.90
CA GLN M 6 -38.32 7.70 23.45
C GLN M 6 -38.15 9.34 23.53
N SER M 7 -38.72 10.13 24.49
CA SER M 7 -38.33 11.59 24.63
C SER M 7 -36.74 11.50 24.53
N PRO M 8 -36.05 12.09 23.50
CA PRO M 8 -35.59 12.84 22.35
C PRO M 8 -34.05 12.93 22.35
N SER M 9 -33.56 13.52 23.47
CA SER M 9 -32.19 13.81 23.95
C SER M 9 -32.13 13.91 25.54
N LEU M 10 -30.98 13.48 26.12
CA LEU M 10 -30.70 13.50 27.57
C LEU M 10 -29.29 14.08 27.71
N SER M 11 -29.10 14.93 28.71
CA SER M 11 -27.79 15.53 28.92
C SER M 11 -27.25 14.93 30.21
N ALA M 12 -26.01 14.47 30.21
CA ALA M 12 -25.45 13.88 31.42
C ALA M 12 -23.93 13.99 31.51
N SER M 13 -23.41 13.93 32.71
CA SER M 13 -21.97 14.04 32.90
C SER M 13 -21.22 12.70 32.79
N VAL M 14 -20.01 12.76 32.24
CA VAL M 14 -19.16 11.58 32.09
C VAL M 14 -18.97 10.96 33.44
N GLY M 15 -19.46 9.74 33.62
CA GLY M 15 -19.35 9.05 34.88
C GLY M 15 -20.68 8.88 35.60
N ASP M 16 -21.73 9.49 35.03
CA ASP M 16 -23.07 9.40 35.61
C ASP M 16 -23.73 8.14 35.15
N ARG M 17 -24.66 7.63 35.96
CA ARG M 17 -25.39 6.43 35.60
C ARG M 17 -26.65 6.90 34.86
N VAL M 18 -26.90 6.28 33.72
CA VAL M 18 -28.05 6.62 32.89
C VAL M 18 -29.09 5.50 32.84
N THR M 19 -30.21 5.75 32.18
CA THR M 19 -31.30 4.80 32.07
C THR M 19 -32.18 5.36 30.98
N ILE M 20 -32.21 4.70 29.83
CA ILE M 20 -33.06 5.18 28.76
C ILE M 20 -34.19 4.20 28.57
N THR M 21 -35.40 4.63 28.90
CA THR M 21 -36.53 3.73 28.76
C THR M 21 -37.28 3.89 27.45
N CYS M 22 -37.84 2.79 26.99
CA CYS M 22 -38.56 2.76 25.76
C CYS M 22 -39.75 1.96 26.17
N ARG M 23 -40.95 2.40 25.79
CA ARG M 23 -42.16 1.65 26.13
C ARG M 23 -42.84 1.33 24.82
N ALA M 24 -43.48 0.17 24.76
CA ALA M 24 -44.15 -0.26 23.53
C ALA M 24 -45.64 -0.01 23.65
N SER M 25 -46.29 0.39 22.56
CA SER M 25 -47.73 0.65 22.63
C SER M 25 -48.47 -0.59 23.05
N GLN M 26 -47.83 -1.75 22.90
CA GLN M 26 -48.39 -3.05 23.26
C GLN M 26 -47.25 -3.99 23.66
N SER M 27 -47.58 -5.06 24.39
CA SER M 27 -46.55 -6.02 24.81
C SER M 27 -45.88 -6.77 23.67
N ILE M 28 -44.70 -6.31 23.31
CA ILE M 28 -43.93 -6.95 22.26
C ILE M 28 -43.29 -8.17 22.91
N SER M 29 -43.53 -8.32 24.21
CA SER M 29 -42.97 -9.44 24.95
C SER M 29 -41.53 -9.17 25.37
N SER M 30 -40.58 -9.85 24.74
CA SER M 30 -39.19 -9.66 25.10
C SER M 30 -38.27 -9.32 23.92
N TYR M 31 -38.81 -9.25 22.71
CA TYR M 31 -37.99 -8.96 21.52
C TYR M 31 -37.68 -7.50 21.26
N LEU M 32 -37.33 -6.77 22.30
CA LEU M 32 -36.98 -5.36 22.18
C LEU M 32 -35.48 -5.35 22.03
N ASN M 33 -34.96 -4.57 21.10
CA ASN M 33 -33.52 -4.52 20.89
C ASN M 33 -32.99 -3.14 21.15
N TRP M 34 -31.68 -2.97 21.09
CA TRP M 34 -31.12 -1.65 21.31
C TRP M 34 -29.96 -1.38 20.37
N TYR M 35 -30.01 -0.26 19.68
CA TYR M 35 -28.95 0.12 18.77
C TYR M 35 -28.37 1.47 19.10
N GLN M 36 -27.06 1.61 18.93
CA GLN M 36 -26.40 2.88 19.16
C GLN M 36 -25.94 3.39 17.82
N GLN M 37 -26.00 4.70 17.62
CA GLN M 37 -25.55 5.29 16.37
C GLN M 37 -24.92 6.65 16.58
N LYS M 38 -23.87 6.92 15.82
CA LYS M 38 -23.17 8.19 15.88
C LYS M 38 -23.24 8.86 14.50
N PRO M 39 -23.16 10.19 14.46
CA PRO M 39 -23.22 10.94 13.20
C PRO M 39 -22.43 10.35 12.04
N GLY M 40 -23.12 10.11 10.92
CA GLY M 40 -22.48 9.55 9.74
C GLY M 40 -22.14 8.08 9.91
N LYS M 41 -22.00 7.66 11.16
CA LYS M 41 -21.69 6.28 11.51
C LYS M 41 -22.92 5.39 11.33
N VAL M 42 -22.68 4.14 11.00
CA VAL M 42 -23.77 3.19 10.79
C VAL M 42 -24.31 2.67 12.12
N PRO M 43 -25.62 2.37 12.18
CA PRO M 43 -26.18 1.85 13.42
C PRO M 43 -25.39 0.69 14.00
N LYS M 44 -25.57 0.47 15.29
CA LYS M 44 -24.82 -0.57 15.96
C LYS M 44 -25.70 -1.33 16.94
N LEU M 45 -25.94 -2.60 16.64
CA LEU M 45 -26.73 -3.41 17.56
C LEU M 45 -25.89 -3.60 18.82
N LEU M 46 -26.53 -3.42 19.98
CA LEU M 46 -25.86 -3.55 21.25
C LEU M 46 -26.53 -4.60 22.14
N ILE M 47 -27.86 -4.65 22.07
CA ILE M 47 -28.61 -5.54 22.92
C ILE M 47 -29.87 -6.04 22.25
N TYR M 48 -29.91 -7.35 22.00
CA TYR M 48 -31.07 -7.99 21.37
C TYR M 48 -31.81 -8.84 22.41
N ALA M 49 -33.11 -8.96 22.24
CA ALA M 49 -33.90 -9.75 23.16
C ALA M 49 -33.96 -9.17 24.58
N ALA M 50 -34.22 -7.87 24.67
CA ALA M 50 -34.33 -7.19 25.97
C ALA M 50 -33.06 -7.11 26.83
N SER M 51 -32.18 -8.11 26.78
CA SER M 51 -31.01 -8.02 27.61
C SER M 51 -29.71 -8.69 27.17
N SER M 52 -29.76 -9.60 26.21
CA SER M 52 -28.52 -10.24 25.79
C SER M 52 -27.66 -9.33 24.93
N LEU M 53 -26.42 -9.13 25.37
CA LEU M 53 -25.49 -8.26 24.67
C LEU M 53 -25.01 -8.86 23.40
N GLN M 54 -24.71 -7.99 22.45
CA GLN M 54 -24.18 -8.37 21.16
C GLN M 54 -22.70 -8.66 21.36
N SER M 55 -22.11 -9.36 20.41
CA SER M 55 -20.68 -9.71 20.49
C SER M 55 -19.80 -8.45 20.59
N GLY M 56 -18.88 -8.45 21.55
CA GLY M 56 -17.97 -7.34 21.75
C GLY M 56 -18.64 -6.06 22.18
N VAL M 57 -19.33 -6.09 23.32
CA VAL M 57 -20.01 -4.89 23.79
C VAL M 57 -19.70 -4.55 25.24
N PRO M 58 -19.06 -3.39 25.47
CA PRO M 58 -18.73 -2.97 26.83
C PRO M 58 -19.68 -3.48 27.90
N SER M 59 -19.09 -3.91 29.01
CA SER M 59 -19.85 -4.43 30.12
C SER M 59 -20.69 -3.38 30.84
N ARG M 60 -20.70 -2.15 30.36
CA ARG M 60 -21.52 -1.13 31.02
C ARG M 60 -22.93 -1.07 30.44
N PHE M 61 -23.03 -1.35 29.15
CA PHE M 61 -24.34 -1.34 28.49
C PHE M 61 -25.07 -2.54 28.97
N SER M 62 -26.37 -2.40 29.20
CA SER M 62 -27.15 -3.51 29.68
C SER M 62 -28.62 -3.29 29.48
N GLY M 63 -29.31 -4.38 29.14
CA GLY M 63 -30.74 -4.32 28.93
C GLY M 63 -31.47 -5.00 30.08
N SER M 64 -32.73 -4.63 30.26
CA SER M 64 -33.57 -5.18 31.31
C SER M 64 -35.02 -4.84 31.05
N GLY M 65 -35.92 -5.55 31.73
CA GLY M 65 -37.34 -5.31 31.56
C GLY M 65 -38.02 -6.14 30.48
N SER M 66 -39.30 -6.43 30.68
CA SER M 66 -40.05 -7.21 29.70
C SER M 66 -41.49 -6.80 29.58
N GLY M 67 -42.08 -7.18 28.45
CA GLY M 67 -43.47 -6.85 28.16
C GLY M 67 -43.58 -5.60 27.32
N THR M 68 -43.50 -4.45 27.99
CA THR M 68 -43.61 -3.12 27.36
C THR M 68 -42.73 -2.02 27.97
N ASP M 69 -41.99 -2.33 29.04
CA ASP M 69 -41.16 -1.33 29.71
C ASP M 69 -39.69 -1.71 29.73
N PHE M 70 -39.03 -1.62 28.60
CA PHE M 70 -37.63 -1.98 28.56
C PHE M 70 -36.76 -0.77 28.83
N THR M 71 -35.62 -0.99 29.46
CA THR M 71 -34.73 0.10 29.79
C THR M 71 -33.26 -0.19 29.58
N LEU M 72 -32.61 0.65 28.79
CA LEU M 72 -31.18 0.49 28.53
C LEU M 72 -30.36 1.40 29.43
N THR M 73 -29.53 0.79 30.30
CA THR M 73 -28.69 1.56 31.23
C THR M 73 -27.19 1.48 31.00
N ILE M 74 -26.55 2.63 30.89
CA ILE M 74 -25.10 2.72 30.71
C ILE M 74 -24.46 3.20 32.02
N SER M 75 -23.83 2.27 32.74
CA SER M 75 -23.23 2.53 34.04
C SER M 75 -22.15 3.61 34.22
N SER M 76 -21.43 4.00 33.16
CA SER M 76 -20.42 5.04 33.33
C SER M 76 -20.02 5.73 32.02
N LEU M 77 -20.90 6.58 31.52
CA LEU M 77 -20.67 7.29 30.28
C LEU M 77 -19.23 7.52 29.96
N GLN M 78 -18.69 6.76 29.03
CA GLN M 78 -17.32 6.98 28.61
C GLN M 78 -17.51 8.03 27.51
N PRO M 79 -16.43 8.69 27.06
CA PRO M 79 -16.62 9.69 26.00
C PRO M 79 -17.35 9.11 24.81
N GLU M 80 -16.82 8.02 24.27
CA GLU M 80 -17.43 7.38 23.11
C GLU M 80 -18.85 6.87 23.32
N ASP M 81 -19.42 7.18 24.46
CA ASP M 81 -20.78 6.75 24.73
C ASP M 81 -21.84 7.76 24.23
N PHE M 82 -21.43 8.99 23.96
CA PHE M 82 -22.40 9.97 23.52
C PHE M 82 -22.72 9.82 22.06
N ALA M 83 -24.00 9.54 21.81
CA ALA M 83 -24.52 9.38 20.46
C ALA M 83 -26.04 9.21 20.53
N THR M 84 -26.62 8.61 19.49
CA THR M 84 -28.06 8.39 19.48
C THR M 84 -28.39 6.93 19.72
N TYR M 85 -29.25 6.69 20.71
CA TYR M 85 -29.67 5.34 21.06
C TYR M 85 -31.06 5.02 20.54
N TYR M 86 -31.17 4.02 19.66
CA TYR M 86 -32.48 3.67 19.18
C TYR M 86 -32.90 2.34 19.77
N CYS M 87 -34.21 2.17 19.97
CA CYS M 87 -34.74 0.92 20.50
C CYS M 87 -35.59 0.39 19.36
N GLN M 88 -35.66 -0.93 19.22
CA GLN M 88 -36.44 -1.53 18.14
C GLN M 88 -37.20 -2.75 18.58
N GLN M 89 -38.39 -2.88 18.03
CA GLN M 89 -39.26 -3.98 18.34
C GLN M 89 -39.22 -5.05 17.25
N SER M 90 -39.16 -6.31 17.69
CA SER M 90 -39.11 -7.47 16.81
C SER M 90 -40.19 -8.49 17.19
N TYR M 91 -41.42 -8.04 17.38
CA TYR M 91 -42.48 -8.95 17.73
C TYR M 91 -43.32 -9.14 16.48
N SER M 92 -43.97 -8.06 16.06
CA SER M 92 -44.78 -8.12 14.85
C SER M 92 -43.95 -8.64 13.68
N THR M 93 -44.45 -8.41 12.48
CA THR M 93 -43.76 -8.86 11.29
C THR M 93 -43.58 -7.61 10.41
N SER M 94 -43.28 -6.53 11.10
CA SER M 94 -43.05 -5.21 10.53
C SER M 94 -42.41 -4.54 11.72
N HIS M 95 -41.09 -4.70 11.84
CA HIS M 95 -40.31 -4.17 12.95
C HIS M 95 -40.26 -2.64 13.07
N THR M 96 -41.00 -2.11 14.04
CA THR M 96 -41.08 -0.68 14.29
C THR M 96 -39.83 -0.22 15.01
N PHE M 97 -39.50 1.05 14.85
CA PHE M 97 -38.35 1.65 15.50
C PHE M 97 -38.73 2.65 16.59
N GLY M 98 -37.87 2.79 17.59
CA GLY M 98 -38.13 3.75 18.64
C GLY M 98 -37.78 5.09 18.04
N GLN M 99 -38.42 6.16 18.51
CA GLN M 99 -38.12 7.50 17.98
C GLN M 99 -36.60 7.80 17.91
N GLY M 100 -35.92 7.64 19.04
CA GLY M 100 -34.49 7.86 19.16
C GLY M 100 -34.15 8.73 20.37
N THR M 101 -32.94 8.61 20.90
CA THR M 101 -32.49 9.44 22.03
C THR M 101 -31.01 9.78 21.96
N LYS M 102 -30.71 11.01 21.58
CA LYS M 102 -29.34 11.49 21.46
C LYS M 102 -28.82 11.87 22.81
N LEU M 103 -27.73 11.22 23.22
CA LEU M 103 -27.11 11.51 24.51
C LEU M 103 -26.10 12.61 24.28
N GLU M 104 -26.17 13.66 25.10
CA GLU M 104 -25.25 14.79 24.98
C GLU M 104 -24.52 15.13 26.28
N ILE M 105 -23.45 15.90 26.17
CA ILE M 105 -22.63 16.28 27.33
C ILE M 105 -23.13 17.43 28.21
N LYS M 106 -23.19 17.17 29.52
CA LYS M 106 -23.63 18.14 30.51
C LYS M 106 -22.48 19.03 31.03
N ARG M 107 -21.87 19.81 30.16
CA ARG M 107 -20.76 20.70 30.57
C ARG M 107 -21.26 22.02 31.13
N THR M 108 -20.33 22.93 31.38
CA THR M 108 -20.69 24.22 31.95
C THR M 108 -21.24 25.28 31.01
N VAL M 109 -22.33 25.87 31.47
CA VAL M 109 -23.02 26.94 30.76
C VAL M 109 -22.04 28.02 30.34
N ALA M 110 -21.87 28.17 29.04
CA ALA M 110 -20.98 29.18 28.50
C ALA M 110 -21.76 30.07 27.52
N ALA M 111 -22.04 31.31 27.93
CA ALA M 111 -22.76 32.29 27.12
C ALA M 111 -21.96 32.56 25.84
N PRO M 112 -22.64 32.72 24.69
CA PRO M 112 -21.94 32.97 23.44
C PRO M 112 -21.52 34.40 23.25
N SER M 113 -20.71 34.60 22.21
CA SER M 113 -20.21 35.90 21.81
C SER M 113 -20.73 36.11 20.38
N VAL M 114 -21.72 36.98 20.23
CA VAL M 114 -22.33 37.24 18.95
C VAL M 114 -21.57 38.15 17.98
N PHE M 115 -21.74 37.86 16.68
CA PHE M 115 -21.12 38.61 15.58
C PHE M 115 -22.16 38.88 14.52
N ILE M 116 -21.95 39.94 13.77
CA ILE M 116 -22.88 40.31 12.69
C ILE M 116 -22.09 40.55 11.43
N PHE M 117 -22.65 40.07 10.32
CA PHE M 117 -22.01 40.20 9.03
C PHE M 117 -23.02 40.72 8.05
N PRO M 118 -22.81 41.94 7.54
CA PRO M 118 -23.74 42.54 6.58
C PRO M 118 -23.65 41.87 5.21
N PRO M 119 -24.57 42.19 4.30
CA PRO M 119 -24.46 41.53 3.00
C PRO M 119 -23.20 42.03 2.35
N SER M 120 -22.95 41.64 1.11
CA SER M 120 -21.75 42.11 0.42
C SER M 120 -22.10 42.79 -0.89
N ASP M 121 -21.20 43.63 -1.40
CA ASP M 121 -21.43 44.31 -2.67
C ASP M 121 -21.57 43.17 -3.64
N GLU M 122 -20.73 42.17 -3.43
CA GLU M 122 -20.72 40.97 -4.22
C GLU M 122 -22.17 40.53 -4.42
N GLN M 123 -22.75 39.99 -3.36
CA GLN M 123 -24.11 39.48 -3.36
C GLN M 123 -25.16 40.50 -3.85
N LEU M 124 -25.19 41.68 -3.23
CA LEU M 124 -26.13 42.72 -3.61
C LEU M 124 -26.27 42.83 -5.11
N LYS M 125 -25.21 42.48 -5.83
CA LYS M 125 -25.23 42.55 -7.29
C LYS M 125 -26.01 41.41 -7.89
N SER M 126 -26.70 40.63 -7.06
CA SER M 126 -27.49 39.49 -7.54
C SER M 126 -29.00 39.71 -7.43
N GLY M 127 -29.40 40.75 -6.70
CA GLY M 127 -30.81 41.03 -6.53
C GLY M 127 -31.29 40.39 -5.23
N THR M 128 -30.33 39.88 -4.47
CA THR M 128 -30.59 39.22 -3.20
C THR M 128 -29.49 39.58 -2.19
N ALA M 129 -29.81 39.54 -0.91
CA ALA M 129 -28.82 39.90 0.10
C ALA M 129 -29.02 39.19 1.44
N SER M 130 -28.02 38.37 1.80
CA SER M 130 -28.04 37.59 3.04
C SER M 130 -27.26 38.30 4.15
N VAL M 131 -27.87 38.38 5.33
CA VAL M 131 -27.23 38.99 6.50
C VAL M 131 -27.01 37.90 7.53
N VAL M 132 -25.75 37.61 7.85
CA VAL M 132 -25.42 36.56 8.82
C VAL M 132 -25.11 37.07 10.22
N CYS M 133 -25.68 36.39 11.22
CA CYS M 133 -25.49 36.69 12.63
C CYS M 133 -24.83 35.39 13.16
N LEU M 134 -23.85 35.49 14.06
CA LEU M 134 -23.18 34.30 14.57
C LEU M 134 -23.00 34.26 16.11
N LEU M 135 -23.64 33.28 16.77
CA LEU M 135 -23.56 33.11 18.22
C LEU M 135 -22.53 32.02 18.53
N ASN M 136 -21.26 32.40 18.53
CA ASN M 136 -20.11 31.50 18.74
C ASN M 136 -19.87 30.79 20.08
N ASN M 137 -19.30 29.58 20.00
CA ASN M 137 -18.96 28.75 21.14
C ASN M 137 -19.76 28.85 22.42
N PHE M 138 -20.95 28.24 22.43
CA PHE M 138 -21.80 28.32 23.60
C PHE M 138 -22.51 27.03 23.99
N TYR M 139 -22.91 26.99 25.26
CA TYR M 139 -23.64 25.86 25.84
C TYR M 139 -24.52 26.44 26.93
N PRO M 140 -25.74 25.93 27.11
CA PRO M 140 -26.44 24.86 26.41
C PRO M 140 -26.51 25.01 24.91
N ARG M 141 -27.36 24.18 24.31
CA ARG M 141 -27.53 24.22 22.87
C ARG M 141 -28.62 25.19 22.48
N GLU M 142 -29.50 25.54 23.43
CA GLU M 142 -30.59 26.48 23.14
C GLU M 142 -30.15 27.94 23.06
N ALA M 143 -30.71 28.62 22.09
CA ALA M 143 -30.41 30.01 21.88
C ALA M 143 -31.50 30.52 20.96
N LYS M 144 -32.11 31.63 21.33
CA LYS M 144 -33.13 32.21 20.50
C LYS M 144 -32.55 33.47 19.88
N VAL M 145 -32.66 33.57 18.55
CA VAL M 145 -32.21 34.76 17.84
C VAL M 145 -33.48 35.41 17.33
N GLN M 146 -33.45 36.72 17.21
CA GLN M 146 -34.61 37.45 16.72
C GLN M 146 -34.08 38.55 15.83
N TRP M 147 -34.67 38.71 14.65
CA TRP M 147 -34.25 39.75 13.71
C TRP M 147 -35.19 40.93 13.72
N LYS M 148 -34.59 42.11 13.73
CA LYS M 148 -35.31 43.38 13.76
C LYS M 148 -34.81 44.27 12.64
N VAL M 149 -35.70 44.59 11.74
CA VAL M 149 -35.32 45.48 10.66
C VAL M 149 -36.17 46.71 10.91
N ASP M 150 -35.72 47.53 11.86
CA ASP M 150 -36.41 48.75 12.26
C ASP M 150 -37.64 48.48 13.08
N ASN M 151 -37.49 48.35 14.39
CA ASN M 151 -38.66 48.14 15.25
C ASN M 151 -39.58 46.98 14.80
N ALA M 152 -39.37 46.49 13.59
CA ALA M 152 -40.18 45.40 13.08
C ALA M 152 -39.46 44.07 13.34
N LEU M 153 -40.15 43.17 14.02
CA LEU M 153 -39.57 41.88 14.29
C LEU M 153 -39.76 41.09 13.02
N GLN M 154 -38.83 40.19 12.74
CA GLN M 154 -38.91 39.35 11.56
C GLN M 154 -39.20 37.92 12.01
N SER M 155 -39.28 37.02 11.02
CA SER M 155 -39.59 35.61 11.24
C SER M 155 -39.91 35.00 9.89
N GLY M 156 -39.36 33.84 9.61
CA GLY M 156 -39.69 33.20 8.35
C GLY M 156 -38.92 33.68 7.13
N ASN M 157 -37.91 34.51 7.37
CA ASN M 157 -37.08 35.00 6.30
C ASN M 157 -35.63 34.74 6.72
N SER M 158 -35.44 33.81 7.67
CA SER M 158 -34.12 33.46 8.19
C SER M 158 -33.93 31.96 8.51
N GLN M 159 -32.72 31.46 8.26
CA GLN M 159 -32.37 30.05 8.47
C GLN M 159 -31.17 29.85 9.42
N GLU M 160 -31.39 29.14 10.53
CA GLU M 160 -30.33 28.89 11.50
C GLU M 160 -29.80 27.47 11.43
N SER M 161 -28.48 27.34 11.46
CA SER M 161 -27.80 26.07 11.38
C SER M 161 -26.95 25.88 12.61
N VAL M 162 -26.87 24.63 13.07
CA VAL M 162 -26.10 24.36 14.27
C VAL M 162 -24.86 23.50 14.09
N THR M 163 -23.99 23.57 15.08
CA THR M 163 -22.72 22.86 15.14
C THR M 163 -22.91 21.58 15.93
N GLU M 164 -22.40 20.47 15.41
CA GLU M 164 -22.48 19.23 16.16
C GLU M 164 -21.54 19.40 17.36
N GLN M 165 -22.06 19.20 18.56
CA GLN M 165 -21.28 19.40 19.79
C GLN M 165 -19.76 19.22 19.62
N ASP M 166 -19.00 20.26 19.98
CA ASP M 166 -17.55 20.21 19.83
C ASP M 166 -16.86 19.15 20.68
N SER M 167 -16.10 18.30 19.99
CA SER M 167 -15.35 17.21 20.61
C SER M 167 -14.42 17.65 21.73
N LYS M 168 -13.64 18.71 21.53
CA LYS M 168 -12.72 19.15 22.57
C LYS M 168 -13.25 20.10 23.69
N ASP M 169 -14.34 20.83 23.45
CA ASP M 169 -14.88 21.74 24.49
C ASP M 169 -16.39 21.61 24.77
N SER M 170 -17.02 20.62 24.15
CA SER M 170 -18.43 20.34 24.35
C SER M 170 -19.35 21.50 24.11
N THR M 171 -19.01 22.35 23.15
CA THR M 171 -19.84 23.53 22.85
C THR M 171 -20.49 23.54 21.47
N TYR M 172 -21.32 24.55 21.26
CA TYR M 172 -21.98 24.69 20.00
C TYR M 172 -21.82 26.09 19.47
N SER M 173 -21.83 26.21 18.15
CA SER M 173 -21.75 27.50 17.52
C SER M 173 -23.04 27.52 16.71
N LEU M 174 -23.37 28.63 16.07
CA LEU M 174 -24.61 28.73 15.31
C LEU M 174 -24.59 29.93 14.38
N SER M 175 -25.23 29.76 13.21
CA SER M 175 -25.27 30.82 12.20
C SER M 175 -26.70 31.04 11.70
N SER M 176 -27.36 32.07 12.23
CA SER M 176 -28.70 32.38 11.75
C SER M 176 -28.44 33.19 10.50
N THR M 177 -29.33 33.09 9.52
CA THR M 177 -29.14 33.84 8.31
C THR M 177 -30.42 34.51 7.82
N LEU M 178 -30.37 35.83 7.64
CA LEU M 178 -31.50 36.57 7.14
C LEU M 178 -31.27 36.85 5.64
N THR M 179 -32.30 36.61 4.86
CA THR M 179 -32.24 36.81 3.42
C THR M 179 -33.41 37.67 2.97
N LEU M 180 -33.13 38.65 2.13
CA LEU M 180 -34.13 39.56 1.59
C LEU M 180 -33.57 40.01 0.27
N SER M 181 -34.43 40.30 -0.70
CA SER M 181 -33.95 40.77 -1.99
C SER M 181 -33.38 42.17 -1.80
N LYS M 182 -32.32 42.50 -2.55
CA LYS M 182 -31.67 43.82 -2.45
C LYS M 182 -32.77 44.87 -2.49
N ALA M 183 -33.75 44.62 -3.35
CA ALA M 183 -34.87 45.52 -3.48
C ALA M 183 -35.32 45.93 -2.10
N ASP M 184 -35.91 44.98 -1.39
CA ASP M 184 -36.42 45.24 -0.05
C ASP M 184 -35.37 45.50 1.00
N TYR M 185 -34.15 45.03 0.76
CA TYR M 185 -33.07 45.26 1.70
C TYR M 185 -32.96 46.75 1.85
N GLU M 186 -32.60 47.42 0.75
CA GLU M 186 -32.44 48.86 0.78
C GLU M 186 -33.68 49.64 1.14
N LYS M 187 -34.74 48.93 1.52
CA LYS M 187 -35.97 49.58 1.95
C LYS M 187 -35.81 49.99 3.43
N HIS M 188 -34.79 49.44 4.09
CA HIS M 188 -34.59 49.72 5.50
C HIS M 188 -33.19 50.19 5.86
N LYS M 189 -33.02 50.70 7.08
CA LYS M 189 -31.71 51.19 7.42
C LYS M 189 -31.01 50.49 8.57
N VAL M 190 -31.78 49.95 9.52
CA VAL M 190 -31.13 49.26 10.63
C VAL M 190 -31.53 47.81 10.72
N TYR M 191 -30.52 46.95 10.65
CA TYR M 191 -30.68 45.50 10.73
C TYR M 191 -30.07 45.10 12.05
N ALA M 192 -30.80 44.35 12.86
CA ALA M 192 -30.28 43.94 14.16
C ALA M 192 -30.79 42.59 14.68
N CYS M 193 -29.86 41.69 15.02
CA CYS M 193 -30.21 40.39 15.55
C CYS M 193 -29.90 40.42 17.05
N GLU M 194 -30.87 39.97 17.84
CA GLU M 194 -30.78 39.95 19.30
C GLU M 194 -30.84 38.54 19.86
N VAL M 195 -29.83 38.18 20.64
CA VAL M 195 -29.76 36.84 21.23
C VAL M 195 -30.01 36.73 22.73
N THR M 196 -30.88 35.80 23.10
CA THR M 196 -31.20 35.58 24.50
C THR M 196 -30.71 34.17 24.83
N HIS M 197 -30.01 34.05 25.95
CA HIS M 197 -29.42 32.77 26.36
C HIS M 197 -29.26 32.63 27.85
N GLN M 198 -29.28 31.38 28.31
CA GLN M 198 -29.13 31.03 29.73
C GLN M 198 -27.84 31.63 30.28
N GLY M 199 -26.84 31.79 29.42
CA GLY M 199 -25.58 32.35 29.86
C GLY M 199 -25.54 33.85 29.66
N LEU M 200 -26.59 34.40 29.06
CA LEU M 200 -26.67 35.84 28.83
C LEU M 200 -27.75 36.50 29.65
N SER M 201 -27.39 36.87 30.88
CA SER M 201 -28.31 37.53 31.83
C SER M 201 -29.03 38.72 31.24
N SER M 202 -28.60 39.19 30.08
CA SER M 202 -29.28 40.30 29.42
C SER M 202 -29.07 40.17 27.90
N PRO M 203 -30.15 39.96 27.14
CA PRO M 203 -30.14 39.82 25.68
C PRO M 203 -29.20 40.77 24.92
N VAL M 204 -28.09 40.23 24.40
CA VAL M 204 -27.10 40.99 23.64
C VAL M 204 -27.64 41.35 22.26
N THR M 205 -27.28 42.51 21.71
CA THR M 205 -27.79 42.84 20.36
C THR M 205 -26.88 43.62 19.40
N LYS M 206 -26.33 42.90 18.42
CA LYS M 206 -25.47 43.54 17.45
C LYS M 206 -26.25 43.91 16.20
N SER M 207 -25.89 45.03 15.60
CA SER M 207 -26.58 45.51 14.42
C SER M 207 -25.78 46.48 13.56
N PHE M 208 -26.45 47.03 12.54
CA PHE M 208 -25.84 47.99 11.64
C PHE M 208 -26.83 48.79 10.84
N ASN M 209 -26.34 49.88 10.25
CA ASN M 209 -27.17 50.75 9.44
C ASN M 209 -26.69 50.70 7.98
N ARG M 210 -27.48 50.08 7.11
CA ARG M 210 -27.10 49.97 5.71
C ARG M 210 -26.72 51.33 5.16
N GLY M 211 -25.46 51.47 4.74
CA GLY M 211 -25.03 52.74 4.20
C GLY M 211 -24.08 53.45 5.15
N GLU M 212 -22.98 52.77 5.48
CA GLU M 212 -21.99 53.34 6.37
C GLU M 212 -20.58 53.14 5.83
N GLN N 1 -16.68 -10.25 8.92
CA GLN N 1 -16.84 -11.40 8.03
C GLN N 1 -17.86 -11.16 6.90
N VAL N 2 -19.13 -11.50 7.10
CA VAL N 2 -20.12 -11.27 6.06
C VAL N 2 -20.32 -9.76 5.88
N GLN N 3 -20.29 -9.30 4.63
CA GLN N 3 -20.40 -7.88 4.32
C GLN N 3 -21.46 -7.53 3.28
N LEU N 4 -21.95 -6.29 3.33
CA LEU N 4 -22.98 -5.81 2.40
C LEU N 4 -22.46 -4.60 1.64
N LEU N 5 -22.61 -4.61 0.31
CA LEU N 5 -22.11 -3.49 -0.50
C LEU N 5 -23.25 -2.73 -1.21
N GLN N 6 -24.03 -1.99 -0.44
CA GLN N 6 -25.15 -1.22 -1.00
C GLN N 6 -24.69 -0.46 -2.21
N SER N 7 -25.66 0.06 -2.97
CA SER N 7 -25.38 0.83 -4.17
C SER N 7 -24.82 2.23 -3.88
N GLY N 8 -24.62 3.02 -4.95
CA GLY N 8 -24.07 4.36 -4.83
C GLY N 8 -25.07 5.47 -5.06
N ALA N 9 -25.23 6.31 -4.04
CA ALA N 9 -26.15 7.45 -4.03
C ALA N 9 -26.58 8.05 -5.38
N GLU N 10 -27.82 8.52 -5.44
CA GLU N 10 -28.39 9.11 -6.66
C GLU N 10 -29.16 10.42 -6.49
N VAL N 11 -29.49 11.05 -7.62
CA VAL N 11 -30.24 12.29 -7.64
C VAL N 11 -31.53 12.01 -8.41
N LYS N 12 -32.67 12.28 -7.80
CA LYS N 12 -33.93 11.99 -8.46
C LYS N 12 -34.98 13.08 -8.48
N LYS N 13 -35.69 13.17 -9.61
CA LYS N 13 -36.74 14.17 -9.83
C LYS N 13 -38.04 13.59 -9.29
N PRO N 14 -38.81 14.39 -8.53
CA PRO N 14 -40.10 13.98 -7.95
C PRO N 14 -40.99 13.28 -8.95
N GLY N 15 -41.64 12.21 -8.53
CA GLY N 15 -42.51 11.49 -9.44
C GLY N 15 -41.89 10.27 -10.14
N SER N 16 -40.57 10.15 -10.12
CA SER N 16 -39.93 9.01 -10.76
C SER N 16 -39.74 7.87 -9.77
N SER N 17 -38.81 6.97 -10.06
CA SER N 17 -38.56 5.83 -9.18
C SER N 17 -37.08 5.41 -9.13
N VAL N 18 -36.68 4.90 -7.96
CA VAL N 18 -35.30 4.50 -7.74
C VAL N 18 -35.15 3.05 -7.27
N LYS N 19 -34.00 2.47 -7.59
CA LYS N 19 -33.69 1.10 -7.20
C LYS N 19 -32.36 1.10 -6.44
N VAL N 20 -32.38 0.64 -5.20
CA VAL N 20 -31.21 0.58 -4.36
C VAL N 20 -30.83 -0.89 -4.17
N SER N 21 -29.58 -1.26 -4.44
CA SER N 21 -29.15 -2.64 -4.33
C SER N 21 -28.34 -2.88 -3.07
N CYS N 22 -28.22 -4.17 -2.71
CA CYS N 22 -27.49 -4.57 -1.51
C CYS N 22 -26.94 -5.97 -1.74
N LYS N 23 -25.66 -6.06 -2.10
CA LYS N 23 -25.02 -7.35 -2.36
C LYS N 23 -24.32 -7.90 -1.12
N ALA N 24 -24.77 -9.07 -0.69
CA ALA N 24 -24.27 -9.76 0.50
C ALA N 24 -22.93 -10.50 0.33
N SER N 25 -21.85 -9.77 0.07
CA SER N 25 -20.54 -10.40 -0.12
C SER N 25 -20.02 -11.16 1.11
N GLY N 26 -20.45 -12.42 1.31
CA GLY N 26 -19.92 -13.13 2.47
C GLY N 26 -20.58 -14.33 3.15
N GLY N 27 -21.76 -14.76 2.71
CA GLY N 27 -22.36 -15.91 3.38
C GLY N 27 -23.52 -16.55 2.66
N THR N 28 -24.28 -17.36 3.38
CA THR N 28 -25.44 -18.06 2.82
C THR N 28 -26.60 -17.08 2.61
N PHE N 29 -26.56 -16.37 1.50
CA PHE N 29 -27.59 -15.39 1.17
C PHE N 29 -29.03 -15.92 1.29
N SER N 30 -29.33 -16.98 0.54
CA SER N 30 -30.67 -17.61 0.53
C SER N 30 -31.38 -17.53 1.87
N SER N 31 -30.65 -17.77 2.94
CA SER N 31 -31.19 -17.73 4.28
C SER N 31 -31.39 -16.29 4.74
N TYR N 32 -30.34 -15.72 5.31
CA TYR N 32 -30.34 -14.36 5.85
C TYR N 32 -31.61 -13.58 5.55
N ALA N 33 -32.25 -13.08 6.60
CA ALA N 33 -33.46 -12.28 6.46
C ALA N 33 -33.02 -10.83 6.33
N ILE N 34 -32.98 -10.33 5.11
CA ILE N 34 -32.56 -8.96 4.87
C ILE N 34 -33.67 -7.92 5.07
N SER N 35 -33.31 -6.86 5.79
CA SER N 35 -34.23 -5.79 6.14
C SER N 35 -33.74 -4.45 5.58
N TRP N 36 -34.68 -3.54 5.32
CA TRP N 36 -34.39 -2.20 4.78
C TRP N 36 -34.86 -1.06 5.68
N VAL N 37 -33.91 -0.24 6.12
CA VAL N 37 -34.21 0.90 6.98
C VAL N 37 -33.78 2.16 6.25
N ARG N 38 -34.44 3.27 6.56
CA ARG N 38 -34.08 4.54 5.95
C ARG N 38 -34.05 5.61 7.04
N GLN N 39 -33.18 6.60 6.86
CA GLN N 39 -33.06 7.67 7.83
C GLN N 39 -33.00 8.97 7.08
N ALA N 40 -33.99 9.82 7.31
CA ALA N 40 -34.07 11.12 6.64
C ALA N 40 -33.03 12.08 7.21
N PRO N 41 -32.52 13.01 6.39
CA PRO N 41 -31.51 13.94 6.91
C PRO N 41 -31.77 14.31 8.37
N GLY N 42 -30.77 14.09 9.22
CA GLY N 42 -30.90 14.38 10.65
C GLY N 42 -32.25 13.97 11.17
N GLN N 43 -32.51 12.66 11.17
CA GLN N 43 -33.81 12.16 11.62
C GLN N 43 -33.70 10.73 12.08
N GLY N 44 -34.81 10.20 12.60
CA GLY N 44 -34.84 8.84 13.10
C GLY N 44 -34.86 7.71 12.07
N LEU N 45 -34.53 6.51 12.52
CA LEU N 45 -34.52 5.34 11.67
C LEU N 45 -35.95 4.98 11.38
N GLU N 46 -36.19 4.39 10.21
CA GLU N 46 -37.55 4.00 9.86
C GLU N 46 -37.53 2.71 9.04
N TRP N 47 -38.19 1.69 9.60
CA TRP N 47 -38.28 0.36 8.99
C TRP N 47 -39.14 0.33 7.72
N MET N 48 -38.54 0.00 6.57
CA MET N 48 -39.25 -0.03 5.29
C MET N 48 -39.86 -1.39 4.97
N GLY N 49 -39.14 -2.45 5.34
CA GLY N 49 -39.61 -3.80 5.11
C GLY N 49 -38.43 -4.75 4.99
N GLY N 50 -38.67 -6.04 5.19
CA GLY N 50 -37.61 -7.02 5.07
C GLY N 50 -38.02 -8.17 4.17
N ILE N 51 -37.04 -8.96 3.72
CA ILE N 51 -37.33 -10.10 2.86
C ILE N 51 -36.39 -11.25 3.12
N ILE N 52 -36.96 -12.45 3.14
CA ILE N 52 -36.18 -13.67 3.34
C ILE N 52 -35.96 -14.26 1.98
N PRO N 53 -34.73 -14.17 1.49
CA PRO N 53 -34.53 -14.76 0.18
C PRO N 53 -34.91 -16.22 0.37
N VAL N 54 -34.86 -17.02 -0.70
CA VAL N 54 -35.19 -18.44 -0.61
C VAL N 54 -36.65 -18.63 -0.98
N PHE N 55 -37.49 -17.74 -0.50
CA PHE N 55 -38.90 -17.82 -0.84
C PHE N 55 -39.58 -16.48 -1.15
N GLY N 56 -40.11 -16.43 -2.38
CA GLY N 56 -40.77 -15.24 -2.91
C GLY N 56 -41.81 -14.56 -2.04
N SER N 57 -41.47 -13.35 -1.58
CA SER N 57 -42.34 -12.53 -0.74
C SER N 57 -41.48 -11.59 0.10
N ALA N 58 -41.94 -10.36 0.26
CA ALA N 58 -41.24 -9.39 1.06
C ALA N 58 -42.25 -8.66 1.90
N ASN N 59 -41.95 -8.51 3.19
CA ASN N 59 -42.83 -7.80 4.13
C ASN N 59 -42.58 -6.29 4.05
N TYR N 60 -43.65 -5.53 3.82
CA TYR N 60 -43.54 -4.10 3.72
C TYR N 60 -44.25 -3.49 4.91
N ALA N 61 -43.91 -2.26 5.24
CA ALA N 61 -44.53 -1.58 6.37
C ALA N 61 -45.62 -0.57 5.98
N GLN N 62 -46.79 -0.73 6.59
CA GLN N 62 -47.96 0.15 6.39
C GLN N 62 -47.78 1.41 5.55
N LYS N 63 -47.11 2.42 6.11
CA LYS N 63 -46.88 3.70 5.44
C LYS N 63 -46.37 3.53 4.02
N PHE N 64 -45.39 2.65 3.83
CA PHE N 64 -44.85 2.39 2.50
C PHE N 64 -45.58 1.17 1.97
N GLN N 65 -46.91 1.26 1.88
CA GLN N 65 -47.67 0.13 1.38
C GLN N 65 -48.02 0.41 -0.07
N GLY N 66 -47.40 -0.36 -0.96
CA GLY N 66 -47.63 -0.19 -2.37
C GLY N 66 -46.45 0.46 -3.04
N ARG N 67 -46.11 1.69 -2.65
CA ARG N 67 -45.02 2.38 -3.32
C ARG N 67 -43.60 1.83 -3.24
N VAL N 68 -43.40 0.74 -2.49
CA VAL N 68 -42.07 0.15 -2.40
C VAL N 68 -42.10 -1.34 -2.76
N THR N 69 -41.00 -1.84 -3.29
CA THR N 69 -40.91 -3.24 -3.68
C THR N 69 -39.51 -3.79 -3.41
N ILE N 70 -39.43 -4.84 -2.60
CA ILE N 70 -38.15 -5.45 -2.26
C ILE N 70 -38.03 -6.88 -2.84
N THR N 71 -37.05 -7.08 -3.73
CA THR N 71 -36.82 -8.36 -4.37
C THR N 71 -35.53 -9.01 -3.89
N ALA N 72 -35.08 -10.02 -4.60
CA ALA N 72 -33.86 -10.71 -4.24
C ALA N 72 -33.26 -11.36 -5.49
N ASP N 73 -32.21 -12.13 -5.32
CA ASP N 73 -31.58 -12.81 -6.45
C ASP N 73 -30.41 -13.65 -5.97
N GLU N 74 -30.65 -14.94 -5.78
CA GLU N 74 -29.62 -15.85 -5.28
C GLU N 74 -28.45 -16.16 -6.21
N ALA N 75 -28.54 -15.79 -7.47
CA ALA N 75 -27.41 -16.05 -8.37
C ALA N 75 -26.38 -14.95 -8.12
N THR N 76 -26.82 -13.89 -7.46
CA THR N 76 -25.96 -12.76 -7.16
C THR N 76 -25.99 -12.43 -5.67
N SER N 77 -26.94 -13.02 -4.95
CA SER N 77 -27.09 -12.77 -3.51
C SER N 77 -27.18 -11.26 -3.29
N THR N 78 -28.11 -10.63 -4.00
CA THR N 78 -28.36 -9.19 -3.95
C THR N 78 -29.82 -8.94 -3.69
N THR N 79 -30.12 -7.92 -2.87
CA THR N 79 -31.49 -7.53 -2.59
C THR N 79 -31.72 -6.19 -3.27
N TYR N 80 -32.54 -6.21 -4.31
CA TYR N 80 -32.86 -4.99 -5.05
C TYR N 80 -34.06 -4.30 -4.42
N MET N 81 -33.91 -3.02 -4.10
CA MET N 81 -34.99 -2.24 -3.50
C MET N 81 -35.48 -1.26 -4.57
N GLU N 82 -36.80 -1.08 -4.67
CA GLU N 82 -37.31 -0.17 -5.67
C GLU N 82 -38.33 0.77 -5.06
N LEU N 83 -38.34 2.02 -5.50
CA LEU N 83 -39.29 2.99 -4.93
C LEU N 83 -40.01 3.81 -6.00
N SER N 84 -41.30 3.54 -6.18
CA SER N 84 -42.10 4.24 -7.17
C SER N 84 -42.45 5.65 -6.68
N SER N 85 -42.99 6.47 -7.60
CA SER N 85 -43.39 7.85 -7.33
C SER N 85 -42.73 8.51 -6.12
N LEU N 86 -41.50 8.96 -6.35
CA LEU N 86 -40.71 9.63 -5.34
C LEU N 86 -41.39 10.95 -4.98
N ARG N 87 -40.97 11.51 -3.85
CA ARG N 87 -41.49 12.77 -3.34
C ARG N 87 -40.34 13.52 -2.73
N SER N 88 -40.60 14.75 -2.35
CA SER N 88 -39.60 15.58 -1.70
C SER N 88 -39.09 14.83 -0.46
N GLU N 89 -39.99 14.55 0.47
CA GLU N 89 -39.71 13.85 1.72
C GLU N 89 -38.81 12.61 1.61
N ASP N 90 -39.12 11.74 0.65
CA ASP N 90 -38.36 10.52 0.44
C ASP N 90 -36.85 10.71 0.47
N THR N 91 -36.38 11.94 0.50
CA THR N 91 -34.95 12.18 0.54
C THR N 91 -34.47 11.60 1.87
N ALA N 92 -33.46 10.75 1.80
CA ALA N 92 -32.94 10.10 2.98
C ALA N 92 -31.82 9.15 2.65
N VAL N 93 -31.22 8.59 3.69
CA VAL N 93 -30.17 7.63 3.48
C VAL N 93 -30.79 6.27 3.73
N TYR N 94 -30.74 5.45 2.70
CA TYR N 94 -31.29 4.11 2.76
C TYR N 94 -30.25 3.07 3.15
N PHE N 95 -30.69 2.10 3.94
CA PHE N 95 -29.81 1.04 4.38
C PHE N 95 -30.47 -0.29 4.15
N CYS N 96 -29.65 -1.32 4.30
CA CYS N 96 -30.08 -2.69 4.21
C CYS N 96 -29.27 -3.28 5.35
N ALA N 97 -29.90 -4.12 6.16
CA ALA N 97 -29.23 -4.73 7.27
C ALA N 97 -29.52 -6.22 7.26
N LYS N 98 -28.88 -6.95 8.16
CA LYS N 98 -29.09 -8.38 8.28
C LYS N 98 -29.24 -8.63 9.77
N GLY N 99 -29.72 -9.81 10.15
CA GLY N 99 -29.88 -10.13 11.55
C GLY N 99 -28.85 -11.10 12.12
N GLY N 100 -28.31 -10.77 13.29
CA GLY N 100 -27.33 -11.62 13.92
C GLY N 100 -26.23 -12.07 12.99
N HIS N 114 -32.03 -12.40 18.33
CA HIS N 114 -32.26 -11.78 17.02
C HIS N 114 -31.55 -10.41 16.95
N GLY N 115 -32.07 -9.53 16.10
CA GLY N 115 -31.51 -8.20 15.97
C GLY N 115 -30.63 -8.02 14.75
N MET N 116 -30.75 -6.86 14.09
CA MET N 116 -29.95 -6.57 12.91
C MET N 116 -28.48 -6.35 13.27
N ASP N 117 -27.70 -7.39 13.00
CA ASP N 117 -26.26 -7.43 13.28
C ASP N 117 -25.42 -6.58 12.32
N VAL N 118 -25.42 -6.94 11.05
CA VAL N 118 -24.62 -6.24 10.05
C VAL N 118 -25.42 -5.21 9.23
N TRP N 119 -24.75 -4.15 8.79
CA TRP N 119 -25.41 -3.09 8.03
C TRP N 119 -24.67 -2.68 6.76
N GLY N 120 -25.34 -1.94 5.88
CA GLY N 120 -24.71 -1.51 4.66
C GLY N 120 -24.09 -0.13 4.82
N GLN N 121 -23.49 0.38 3.74
CA GLN N 121 -22.86 1.70 3.79
C GLN N 121 -23.89 2.80 3.60
N GLY N 122 -25.17 2.45 3.64
CA GLY N 122 -26.20 3.46 3.46
C GLY N 122 -26.10 4.06 2.07
N THR N 123 -27.24 4.49 1.54
CA THR N 123 -27.27 5.08 0.22
C THR N 123 -28.03 6.39 0.30
N THR N 124 -27.40 7.45 -0.18
CA THR N 124 -28.00 8.78 -0.17
C THR N 124 -28.92 8.92 -1.35
N VAL N 125 -30.20 9.13 -1.04
CA VAL N 125 -31.22 9.29 -2.06
C VAL N 125 -31.70 10.70 -2.02
N THR N 126 -31.22 11.49 -2.95
CA THR N 126 -31.58 12.89 -3.06
C THR N 126 -32.78 13.04 -4.02
N VAL N 127 -33.90 13.54 -3.51
CA VAL N 127 -35.08 13.72 -4.34
C VAL N 127 -35.36 15.19 -4.63
N ALA N 128 -34.69 15.74 -5.64
CA ALA N 128 -34.86 17.14 -6.03
C ALA N 128 -34.92 17.34 -7.55
N SER N 129 -35.46 18.49 -7.96
CA SER N 129 -35.60 18.82 -9.37
C SER N 129 -34.48 19.77 -9.81
N ALA N 130 -33.69 20.26 -8.86
CA ALA N 130 -32.60 21.16 -9.19
C ALA N 130 -31.59 20.45 -10.07
N SER N 131 -30.67 21.25 -10.62
CA SER N 131 -29.61 20.74 -11.48
C SER N 131 -28.29 20.82 -10.73
N THR N 132 -27.18 20.92 -11.45
CA THR N 132 -25.86 20.98 -10.82
C THR N 132 -25.24 22.37 -10.79
N LYS N 133 -25.69 23.17 -9.84
CA LYS N 133 -25.22 24.54 -9.68
C LYS N 133 -24.01 24.58 -8.81
N GLY N 134 -23.00 25.30 -9.27
CA GLY N 134 -21.80 25.45 -8.45
C GLY N 134 -22.15 26.46 -7.36
N PRO N 135 -21.18 26.84 -6.52
CA PRO N 135 -21.55 27.81 -5.49
C PRO N 135 -21.10 29.24 -5.71
N SER N 136 -21.92 30.18 -5.24
CA SER N 136 -21.59 31.59 -5.33
C SER N 136 -21.05 31.91 -3.94
N VAL N 137 -19.75 32.20 -3.84
CA VAL N 137 -19.19 32.47 -2.53
C VAL N 137 -19.07 33.94 -2.22
N PHE N 138 -19.35 34.28 -0.97
CA PHE N 138 -19.32 35.64 -0.48
C PHE N 138 -18.50 35.76 0.80
N PRO N 139 -17.84 36.89 0.99
CA PRO N 139 -17.05 37.01 2.22
C PRO N 139 -17.82 37.57 3.38
N LEU N 140 -17.70 36.94 4.54
CA LEU N 140 -18.37 37.47 5.71
C LEU N 140 -17.28 38.38 6.29
N ALA N 141 -17.22 39.60 5.77
CA ALA N 141 -16.22 40.57 6.19
C ALA N 141 -16.16 40.84 7.69
N PRO N 142 -14.94 40.81 8.27
CA PRO N 142 -14.68 41.06 9.68
C PRO N 142 -14.91 42.53 9.88
N SER N 143 -14.88 42.97 11.13
CA SER N 143 -15.07 44.37 11.43
C SER N 143 -15.04 44.62 12.93
N SER N 144 -15.71 45.69 13.34
CA SER N 144 -15.80 46.08 14.73
C SER N 144 -17.02 45.38 15.33
N LYS N 145 -17.97 45.06 14.46
CA LYS N 145 -19.21 44.40 14.83
C LYS N 145 -19.01 42.88 15.07
N SER N 146 -17.83 42.39 14.70
CA SER N 146 -17.51 40.97 14.85
C SER N 146 -16.31 40.75 15.77
N THR N 147 -15.90 41.81 16.48
CA THR N 147 -14.77 41.72 17.41
C THR N 147 -15.21 41.49 18.85
N SER N 148 -14.43 40.71 19.59
CA SER N 148 -14.72 40.41 21.00
C SER N 148 -13.44 40.46 21.84
N GLY N 149 -12.84 41.65 21.92
CA GLY N 149 -11.59 41.82 22.66
C GLY N 149 -10.41 41.65 21.72
N GLY N 150 -9.74 40.50 21.78
CA GLY N 150 -8.62 40.25 20.90
C GLY N 150 -9.06 39.33 19.77
N THR N 151 -10.31 38.89 19.90
CA THR N 151 -10.94 37.98 18.95
C THR N 151 -11.68 38.74 17.88
N ALA N 152 -11.71 38.18 16.67
CA ALA N 152 -12.41 38.77 15.54
C ALA N 152 -12.88 37.59 14.71
N ALA N 153 -14.00 37.74 14.04
CA ALA N 153 -14.49 36.65 13.23
C ALA N 153 -14.90 37.06 11.83
N LEU N 154 -14.59 36.17 10.89
CA LEU N 154 -14.91 36.39 9.49
C LEU N 154 -15.20 35.04 8.89
N GLY N 155 -15.51 35.01 7.60
CA GLY N 155 -15.79 33.73 6.99
C GLY N 155 -16.20 33.78 5.54
N CYS N 156 -16.81 32.71 5.10
CA CYS N 156 -17.25 32.61 3.74
C CYS N 156 -18.72 32.31 3.73
N LEU N 157 -19.34 32.55 2.58
CA LEU N 157 -20.75 32.25 2.40
C LEU N 157 -20.85 31.54 1.07
N VAL N 158 -21.20 30.28 1.12
CA VAL N 158 -21.36 29.52 -0.09
C VAL N 158 -22.85 29.36 -0.24
N LYS N 159 -23.41 30.01 -1.26
CA LYS N 159 -24.82 29.98 -1.54
C LYS N 159 -25.20 29.14 -2.76
N ASP N 160 -26.50 28.91 -2.90
CA ASP N 160 -27.08 28.17 -4.01
C ASP N 160 -26.14 27.22 -4.80
N TYR N 161 -26.20 25.94 -4.46
CA TYR N 161 -25.41 24.92 -5.14
C TYR N 161 -26.03 23.52 -4.98
N PHE N 162 -25.90 22.70 -6.02
CA PHE N 162 -26.44 21.33 -6.02
C PHE N 162 -25.53 20.48 -6.88
N PRO N 163 -25.33 19.19 -6.53
CA PRO N 163 -25.93 18.53 -5.38
C PRO N 163 -24.90 18.57 -4.27
N GLU N 164 -25.32 18.26 -3.04
CA GLU N 164 -24.37 18.23 -1.94
C GLU N 164 -23.32 17.22 -2.35
N PRO N 165 -22.07 17.33 -1.85
CA PRO N 165 -21.57 18.35 -0.92
C PRO N 165 -20.35 19.11 -1.48
N VAL N 166 -20.01 20.20 -0.81
CA VAL N 166 -18.87 21.02 -1.15
C VAL N 166 -18.02 20.97 0.11
N THR N 167 -16.74 21.32 0.03
CA THR N 167 -15.94 21.30 1.25
C THR N 167 -15.11 22.58 1.28
N VAL N 168 -14.94 23.13 2.48
CA VAL N 168 -14.21 24.38 2.66
C VAL N 168 -12.91 24.26 3.38
N SER N 169 -11.91 25.00 2.91
CA SER N 169 -10.61 25.02 3.57
C SER N 169 -10.15 26.47 3.73
N TRP N 170 -9.24 26.70 4.67
CA TRP N 170 -8.73 28.02 4.91
C TRP N 170 -7.25 28.12 4.60
N ASN N 171 -6.95 28.98 3.62
CA ASN N 171 -5.59 29.20 3.16
C ASN N 171 -4.97 27.86 2.81
N SER N 172 -5.49 27.30 1.73
CA SER N 172 -5.05 26.02 1.19
C SER N 172 -4.80 24.96 2.26
N GLY N 173 -5.52 25.06 3.38
CA GLY N 173 -5.38 24.09 4.46
C GLY N 173 -4.66 24.53 5.72
N ALA N 174 -3.80 25.55 5.62
CA ALA N 174 -3.02 26.06 6.75
C ALA N 174 -3.88 26.33 7.99
N LEU N 175 -4.62 27.43 7.96
CA LEU N 175 -5.48 27.77 9.06
C LEU N 175 -6.54 26.67 9.22
N THR N 176 -6.58 26.06 10.40
CA THR N 176 -7.56 25.00 10.70
C THR N 176 -8.05 25.15 12.13
N SER N 177 -7.44 26.07 12.85
CA SER N 177 -7.77 26.36 14.24
C SER N 177 -8.95 27.36 14.40
N GLY N 178 -9.88 27.08 15.31
CA GLY N 178 -11.02 27.96 15.55
C GLY N 178 -12.03 28.06 14.42
N VAL N 179 -11.98 27.09 13.52
CA VAL N 179 -12.88 27.03 12.38
C VAL N 179 -14.15 26.28 12.72
N HIS N 180 -15.13 26.40 11.85
CA HIS N 180 -16.43 25.74 11.98
C HIS N 180 -16.99 25.79 10.57
N THR N 181 -17.75 24.80 10.15
CA THR N 181 -18.32 24.91 8.83
C THR N 181 -19.75 24.37 8.84
N PHE N 182 -20.66 25.25 9.24
CA PHE N 182 -22.05 24.92 9.37
C PHE N 182 -22.69 23.94 8.36
N PRO N 183 -23.54 23.04 8.88
CA PRO N 183 -24.29 22.02 8.14
C PRO N 183 -25.06 22.64 6.97
N ALA N 184 -24.90 22.09 5.77
CA ALA N 184 -25.63 22.63 4.63
C ALA N 184 -27.09 22.61 4.95
N VAL N 185 -27.80 23.66 4.56
CA VAL N 185 -29.24 23.74 4.80
C VAL N 185 -29.96 23.90 3.48
N LEU N 186 -30.99 23.10 3.24
CA LEU N 186 -31.71 23.24 1.97
C LEU N 186 -32.67 24.42 2.06
N GLN N 187 -32.54 25.36 1.12
CA GLN N 187 -33.39 26.54 1.09
C GLN N 187 -34.73 26.27 0.40
N SER N 188 -35.59 27.27 0.38
CA SER N 188 -36.90 27.16 -0.24
C SER N 188 -36.69 27.11 -1.74
N SER N 189 -35.54 27.61 -2.17
CA SER N 189 -35.17 27.63 -3.57
C SER N 189 -34.81 26.22 -4.03
N GLY N 190 -34.74 25.31 -3.08
CA GLY N 190 -34.41 23.94 -3.42
C GLY N 190 -32.92 23.72 -3.59
N LEU N 191 -32.14 24.78 -3.40
CA LEU N 191 -30.69 24.69 -3.52
C LEU N 191 -30.07 24.72 -2.13
N TYR N 192 -28.86 24.20 -2.01
CA TYR N 192 -28.21 24.17 -0.72
C TYR N 192 -27.45 25.44 -0.48
N SER N 193 -27.09 25.67 0.78
CA SER N 193 -26.36 26.86 1.15
C SER N 193 -25.77 26.70 2.53
N LEU N 194 -24.46 26.92 2.64
CA LEU N 194 -23.77 26.82 3.93
C LEU N 194 -22.74 27.95 4.06
N SER N 195 -22.28 28.18 5.28
CA SER N 195 -21.29 29.20 5.50
C SER N 195 -20.29 28.71 6.52
N SER N 196 -19.02 28.84 6.17
CA SER N 196 -17.89 28.40 6.99
C SER N 196 -17.26 29.60 7.67
N VAL N 197 -16.98 29.52 8.96
CA VAL N 197 -16.34 30.68 9.64
C VAL N 197 -15.16 30.34 10.56
N VAL N 198 -14.12 31.15 10.47
CA VAL N 198 -12.93 30.98 11.30
C VAL N 198 -12.72 32.22 12.17
N THR N 199 -12.31 32.02 13.41
CA THR N 199 -12.07 33.18 14.27
C THR N 199 -10.57 33.38 14.48
N VAL N 200 -10.08 34.56 14.12
CA VAL N 200 -8.68 34.87 14.25
C VAL N 200 -8.52 36.14 15.09
N PRO N 201 -7.29 36.41 15.59
CA PRO N 201 -7.06 37.62 16.40
C PRO N 201 -7.12 38.87 15.53
N SER N 202 -7.62 39.95 16.14
CA SER N 202 -7.76 41.24 15.48
C SER N 202 -6.41 41.80 15.07
N SER N 203 -5.42 41.64 15.94
CA SER N 203 -4.08 42.12 15.68
C SER N 203 -3.67 41.90 14.22
N SER N 204 -3.79 40.64 13.78
CA SER N 204 -3.42 40.19 12.45
C SER N 204 -4.19 40.77 11.27
N LEU N 205 -5.51 40.71 11.33
CA LEU N 205 -6.40 41.20 10.27
C LEU N 205 -5.78 42.11 9.22
N GLY N 206 -5.28 43.26 9.66
CA GLY N 206 -4.68 44.21 8.74
C GLY N 206 -3.58 43.63 7.86
N THR N 207 -2.53 43.10 8.49
CA THR N 207 -1.41 42.54 7.75
C THR N 207 -1.53 41.07 7.37
N GLN N 208 -2.49 40.38 7.96
CA GLN N 208 -2.69 38.97 7.70
C GLN N 208 -3.75 38.70 6.63
N THR N 209 -3.38 37.82 5.71
CA THR N 209 -4.24 37.42 4.60
C THR N 209 -5.13 36.26 5.03
N TYR N 210 -6.20 36.02 4.29
CA TYR N 210 -7.15 34.96 4.61
C TYR N 210 -7.95 34.63 3.37
N ILE N 211 -7.90 33.36 2.96
CA ILE N 211 -8.61 32.92 1.75
C ILE N 211 -9.29 31.56 1.95
N CYS N 212 -10.61 31.49 1.74
CA CYS N 212 -11.28 30.22 1.90
C CYS N 212 -11.38 29.50 0.56
N ASN N 213 -10.86 28.27 0.51
CA ASN N 213 -10.88 27.43 -0.68
C ASN N 213 -12.21 26.70 -0.77
N VAL N 214 -12.91 26.87 -1.87
CA VAL N 214 -14.20 26.22 -2.05
C VAL N 214 -14.11 25.10 -3.07
N ASN N 215 -14.54 23.91 -2.68
CA ASN N 215 -14.50 22.77 -3.57
C ASN N 215 -15.83 22.02 -3.70
N HIS N 216 -16.33 21.95 -4.92
CA HIS N 216 -17.60 21.28 -5.21
C HIS N 216 -17.41 20.39 -6.44
N LYS N 217 -16.75 19.25 -6.25
CA LYS N 217 -16.48 18.29 -7.31
C LYS N 217 -17.66 17.97 -8.24
N PRO N 218 -18.86 17.80 -7.69
CA PRO N 218 -19.94 17.51 -8.61
C PRO N 218 -20.03 18.54 -9.73
N SER N 219 -19.19 19.56 -9.71
CA SER N 219 -19.24 20.59 -10.75
C SER N 219 -17.92 21.26 -11.06
N ASN N 220 -16.81 20.61 -10.76
CA ASN N 220 -15.52 21.21 -11.03
C ASN N 220 -15.35 22.62 -10.47
N THR N 221 -16.35 23.08 -9.72
CA THR N 221 -16.29 24.41 -9.15
C THR N 221 -15.22 24.50 -8.06
N LYS N 222 -14.03 24.94 -8.43
CA LYS N 222 -12.94 25.12 -7.49
C LYS N 222 -12.76 26.61 -7.37
N VAL N 223 -12.80 27.13 -6.15
CA VAL N 223 -12.68 28.56 -5.96
C VAL N 223 -12.17 29.05 -4.61
N ASP N 224 -11.41 30.13 -4.64
CA ASP N 224 -10.86 30.75 -3.44
C ASP N 224 -11.29 32.22 -3.45
N LYS N 225 -11.80 32.70 -2.33
CA LYS N 225 -12.26 34.09 -2.22
C LYS N 225 -11.62 34.73 -0.98
N LYS N 226 -10.90 35.82 -1.23
CA LYS N 226 -10.19 36.57 -0.21
C LYS N 226 -11.14 37.46 0.61
N VAL N 227 -11.17 37.20 1.91
CA VAL N 227 -12.04 37.92 2.84
C VAL N 227 -11.34 39.05 3.60
N GLU N 228 -11.79 40.29 3.41
CA GLU N 228 -11.17 41.44 4.09
C GLU N 228 -12.19 42.32 4.84
N PRO N 229 -11.71 43.16 5.77
CA PRO N 229 -12.52 44.08 6.58
C PRO N 229 -13.35 45.09 5.76
N ILE O 2 1.41 20.00 -19.73
CA ILE O 2 0.16 19.25 -20.00
C ILE O 2 -0.43 19.39 -21.41
N GLN O 3 0.31 20.01 -22.32
CA GLN O 3 -0.17 20.17 -23.70
C GLN O 3 0.90 19.65 -24.63
N MET O 4 0.49 18.76 -25.52
CA MET O 4 1.42 18.17 -26.46
C MET O 4 0.92 18.53 -27.81
N THR O 5 1.83 18.90 -28.70
CA THR O 5 1.48 19.29 -30.06
C THR O 5 2.17 18.49 -31.13
N GLN O 6 1.47 17.53 -31.69
CA GLN O 6 2.00 16.90 -32.84
C GLN O 6 1.13 17.62 -33.94
N SER O 7 1.58 17.86 -35.18
CA SER O 7 0.58 18.23 -36.23
C SER O 7 0.67 16.79 -36.87
N PRO O 8 -0.41 15.98 -37.31
CA PRO O 8 -1.78 15.48 -37.65
C PRO O 8 -1.65 14.11 -38.15
N SER O 9 -1.20 14.37 -39.43
CA SER O 9 -0.79 13.71 -40.74
C SER O 9 0.71 13.91 -41.28
N LEU O 10 1.20 12.98 -42.14
CA LEU O 10 2.56 12.89 -42.73
C LEU O 10 2.58 11.76 -43.75
N SER O 11 2.82 12.07 -45.02
CA SER O 11 2.87 11.07 -46.09
C SER O 11 4.33 10.74 -46.38
N ALA O 12 4.66 9.45 -46.47
CA ALA O 12 6.04 9.08 -46.76
C ALA O 12 6.10 7.89 -47.74
N SER O 13 7.32 7.47 -48.10
CA SER O 13 7.50 6.33 -49.01
C SER O 13 8.61 5.33 -48.60
N VAL O 14 8.22 4.27 -47.89
CA VAL O 14 9.12 3.21 -47.43
C VAL O 14 10.63 3.43 -47.65
N GLY O 15 11.41 3.29 -46.58
CA GLY O 15 12.85 3.47 -46.70
C GLY O 15 13.27 4.92 -46.47
N ASP O 16 12.30 5.83 -46.50
CA ASP O 16 12.54 7.25 -46.25
C ASP O 16 12.86 7.44 -44.79
N ARG O 17 13.41 8.59 -44.45
CA ARG O 17 13.72 8.87 -43.06
C ARG O 17 12.63 9.76 -42.56
N VAL O 18 12.20 9.50 -41.35
CA VAL O 18 11.12 10.25 -40.75
C VAL O 18 11.37 10.51 -39.26
N THR O 19 11.04 11.74 -38.84
CA THR O 19 11.18 12.18 -37.46
C THR O 19 9.89 12.94 -37.13
N ILE O 20 9.09 12.35 -36.25
CA ILE O 20 7.85 12.96 -35.84
C ILE O 20 8.20 13.60 -34.53
N THR O 21 7.57 14.73 -34.19
CA THR O 21 7.89 15.39 -32.93
C THR O 21 6.69 15.93 -32.20
N CYS O 22 6.77 15.81 -30.87
CA CYS O 22 5.76 16.22 -29.90
C CYS O 22 6.33 17.45 -29.17
N ARG O 23 5.46 18.35 -28.67
CA ARG O 23 5.92 19.55 -27.95
C ARG O 23 5.09 19.88 -26.69
N ALA O 24 5.78 19.97 -25.56
CA ALA O 24 5.18 20.28 -24.27
C ALA O 24 5.13 21.77 -24.03
N SER O 25 4.06 22.24 -23.38
CA SER O 25 3.88 23.66 -23.08
C SER O 25 4.53 24.01 -21.75
N GLN O 26 5.01 22.99 -21.04
CA GLN O 26 5.65 23.21 -19.75
C GLN O 26 6.71 22.13 -19.59
N SER O 27 7.91 22.51 -19.16
CA SER O 27 9.00 21.58 -18.97
C SER O 27 8.52 20.30 -18.34
N ILE O 28 8.83 19.16 -18.97
CA ILE O 28 8.40 17.87 -18.45
C ILE O 28 9.54 16.89 -18.30
N SER O 29 10.78 17.37 -18.44
CA SER O 29 11.99 16.54 -18.33
C SER O 29 11.98 15.45 -19.40
N SER O 30 12.14 14.18 -19.01
CA SER O 30 12.13 13.09 -19.97
C SER O 30 11.02 12.11 -19.66
N TYR O 31 9.97 12.61 -19.03
CA TYR O 31 8.82 11.81 -18.68
C TYR O 31 7.89 11.81 -19.88
N LEU O 32 8.40 11.30 -21.00
CA LEU O 32 7.64 11.24 -22.26
C LEU O 32 7.71 9.85 -22.91
N ASN O 33 6.63 9.45 -23.58
CA ASN O 33 6.55 8.14 -24.21
C ASN O 33 5.88 8.22 -25.58
N TRP O 34 6.11 7.23 -26.43
CA TRP O 34 5.52 7.18 -27.77
C TRP O 34 4.77 5.89 -27.98
N TYR O 35 3.62 5.94 -28.66
CA TYR O 35 2.84 4.73 -28.94
C TYR O 35 2.54 4.60 -30.41
N GLN O 36 2.23 3.39 -30.84
CA GLN O 36 1.88 3.17 -32.23
C GLN O 36 0.47 2.58 -32.24
N GLN O 37 -0.18 2.57 -33.40
CA GLN O 37 -1.53 2.04 -33.47
C GLN O 37 -2.11 2.00 -34.89
N LYS O 38 -2.15 0.82 -35.48
CA LYS O 38 -2.70 0.66 -36.83
C LYS O 38 -4.24 0.76 -36.79
N PRO O 39 -4.89 0.59 -37.96
CA PRO O 39 -6.35 0.69 -38.00
C PRO O 39 -7.06 -0.06 -36.87
N GLY O 40 -7.67 0.69 -35.97
CA GLY O 40 -8.41 0.09 -34.89
C GLY O 40 -7.78 -1.18 -34.37
N LYS O 41 -6.61 -1.01 -33.75
CA LYS O 41 -5.83 -2.09 -33.16
C LYS O 41 -5.06 -1.55 -31.92
N VAL O 42 -5.39 -2.08 -30.74
CA VAL O 42 -4.77 -1.70 -29.45
C VAL O 42 -3.44 -1.00 -29.58
N PRO O 43 -3.28 0.12 -28.89
CA PRO O 43 -2.05 0.91 -28.91
C PRO O 43 -0.85 0.15 -28.30
N LYS O 44 0.25 0.09 -29.06
CA LYS O 44 1.47 -0.60 -28.65
C LYS O 44 2.45 0.47 -28.16
N LEU O 45 3.14 0.20 -27.06
CA LEU O 45 4.11 1.17 -26.55
C LEU O 45 5.36 1.00 -27.38
N LEU O 46 6.03 2.11 -27.69
CA LEU O 46 7.24 2.09 -28.50
C LEU O 46 8.45 2.63 -27.75
N ILE O 47 8.25 3.73 -27.04
CA ILE O 47 9.33 4.34 -26.29
C ILE O 47 8.79 4.89 -25.01
N TYR O 48 9.58 4.81 -23.96
CA TYR O 48 9.21 5.37 -22.66
C TYR O 48 10.40 6.24 -22.25
N ALA O 49 10.23 7.00 -21.17
CA ALA O 49 11.33 7.84 -20.69
C ALA O 49 11.91 8.71 -21.80
N ALA O 50 11.04 9.14 -22.71
CA ALA O 50 11.42 10.02 -23.82
C ALA O 50 12.48 9.48 -24.77
N SER O 51 13.27 8.51 -24.30
CA SER O 51 14.35 8.00 -25.13
C SER O 51 14.80 6.59 -24.83
N SER O 52 14.04 5.87 -24.03
CA SER O 52 14.46 4.51 -23.76
C SER O 52 13.52 3.64 -24.55
N LEU O 53 14.09 2.89 -25.49
CA LEU O 53 13.33 1.99 -26.36
C LEU O 53 12.59 0.87 -25.60
N GLN O 54 11.44 0.48 -26.14
CA GLN O 54 10.65 -0.57 -25.53
C GLN O 54 11.04 -1.90 -26.14
N SER O 55 10.97 -2.96 -25.34
CA SER O 55 11.32 -4.29 -25.79
C SER O 55 10.39 -4.76 -26.90
N GLY O 56 10.81 -5.79 -27.63
CA GLY O 56 9.99 -6.31 -28.71
C GLY O 56 9.89 -5.34 -29.87
N VAL O 57 10.11 -4.06 -29.57
CA VAL O 57 10.03 -3.02 -30.58
C VAL O 57 11.34 -2.81 -31.30
N PRO O 58 11.34 -2.93 -32.64
CA PRO O 58 12.46 -2.77 -33.55
C PRO O 58 13.51 -1.70 -33.22
N SER O 59 14.53 -1.62 -34.07
CA SER O 59 15.65 -0.69 -33.88
C SER O 59 15.63 0.53 -34.77
N ARG O 60 14.74 0.55 -35.75
CA ARG O 60 14.66 1.67 -36.65
C ARG O 60 13.94 2.80 -35.97
N PHE O 61 13.67 2.64 -34.69
CA PHE O 61 12.96 3.64 -33.91
C PHE O 61 13.90 4.30 -32.89
N SER O 62 14.13 5.61 -33.03
CA SER O 62 15.01 6.33 -32.10
C SER O 62 14.27 7.43 -31.35
N GLY O 63 14.30 7.37 -30.03
CA GLY O 63 13.64 8.39 -29.24
C GLY O 63 14.58 9.39 -28.61
N SER O 64 14.44 10.67 -28.95
CA SER O 64 15.30 11.72 -28.38
C SER O 64 14.46 12.85 -27.75
N GLY O 65 15.06 14.02 -27.57
CA GLY O 65 14.30 15.12 -27.00
C GLY O 65 14.49 15.21 -25.50
N SER O 66 14.03 16.31 -24.93
CA SER O 66 14.11 16.56 -23.48
C SER O 66 13.48 17.89 -23.05
N GLY O 67 12.88 17.89 -21.86
CA GLY O 67 12.24 19.08 -21.33
C GLY O 67 10.94 19.46 -22.01
N THR O 68 11.07 20.18 -23.13
CA THR O 68 9.91 20.63 -23.89
C THR O 68 9.79 19.98 -25.27
N ASP O 69 10.86 19.41 -25.78
CA ASP O 69 10.80 18.80 -27.09
C ASP O 69 11.30 17.38 -27.07
N PHE O 70 10.59 16.53 -27.79
CA PHE O 70 10.95 15.14 -27.86
C PHE O 70 10.73 14.74 -29.29
N THR O 71 11.31 13.62 -29.69
CA THR O 71 11.19 13.19 -31.07
C THR O 71 11.28 11.69 -31.22
N LEU O 72 10.65 11.20 -32.29
CA LEU O 72 10.64 9.79 -32.62
C LEU O 72 11.15 9.69 -34.06
N THR O 73 12.35 9.17 -34.21
CA THR O 73 12.94 9.02 -35.52
C THR O 73 12.79 7.56 -35.95
N ILE O 74 12.32 7.35 -37.18
CA ILE O 74 12.21 6.01 -37.71
C ILE O 74 13.19 6.04 -38.88
N SER O 75 14.42 5.59 -38.63
CA SER O 75 15.50 5.62 -39.63
C SER O 75 15.22 4.97 -40.98
N SER O 76 14.28 4.03 -41.03
CA SER O 76 13.95 3.39 -42.30
C SER O 76 12.59 2.73 -42.23
N LEU O 77 11.67 3.33 -42.98
CA LEU O 77 10.26 2.94 -43.02
C LEU O 77 9.82 1.57 -43.52
N GLN O 78 9.63 0.63 -42.58
CA GLN O 78 9.16 -0.71 -42.91
C GLN O 78 7.70 -0.55 -43.27
N PRO O 79 7.24 -1.15 -44.38
CA PRO O 79 5.81 -0.98 -44.71
C PRO O 79 4.87 -1.35 -43.58
N GLU O 80 5.43 -1.92 -42.52
CA GLU O 80 4.65 -2.30 -41.36
C GLU O 80 4.66 -1.15 -40.34
N ASP O 81 5.18 0.00 -40.76
CA ASP O 81 5.29 1.18 -39.90
C ASP O 81 4.30 2.32 -40.18
N PHE O 82 3.50 2.19 -41.24
CA PHE O 82 2.52 3.22 -41.57
C PHE O 82 1.29 3.13 -40.68
N ALA O 83 1.48 3.53 -39.44
CA ALA O 83 0.45 3.53 -38.42
C ALA O 83 0.25 4.96 -37.99
N THR O 84 -0.20 5.11 -36.75
CA THR O 84 -0.42 6.41 -36.14
C THR O 84 0.47 6.43 -34.91
N TYR O 85 1.10 7.56 -34.66
CA TYR O 85 1.99 7.66 -33.53
C TYR O 85 1.48 8.71 -32.55
N TYR O 86 1.48 8.39 -31.26
CA TYR O 86 1.03 9.30 -30.23
C TYR O 86 2.12 9.43 -29.19
N CYS O 87 2.15 10.58 -28.52
CA CYS O 87 3.12 10.84 -27.47
C CYS O 87 2.35 10.94 -26.17
N GLN O 88 3.03 10.83 -25.04
CA GLN O 88 2.31 10.98 -23.80
C GLN O 88 3.00 11.75 -22.68
N GLN O 89 2.30 12.77 -22.24
CA GLN O 89 2.74 13.63 -21.16
C GLN O 89 2.53 12.88 -19.86
N SER O 90 3.58 12.58 -19.13
CA SER O 90 3.42 11.88 -17.87
C SER O 90 4.21 12.54 -16.76
N TYR O 91 4.82 13.68 -17.05
CA TYR O 91 5.60 14.35 -16.02
C TYR O 91 4.69 14.99 -14.97
N SER O 92 3.46 15.30 -15.38
CA SER O 92 2.46 15.88 -14.48
C SER O 92 1.66 14.76 -13.77
N THR O 93 0.49 15.09 -13.27
CA THR O 93 -0.35 14.11 -12.60
C THR O 93 -1.19 13.38 -13.64
N SER O 94 -1.91 14.14 -14.46
CA SER O 94 -2.76 13.60 -15.52
C SER O 94 -1.92 13.26 -16.76
N HIS O 95 -2.22 12.15 -17.42
CA HIS O 95 -1.42 11.77 -18.56
C HIS O 95 -1.93 12.17 -19.94
N THR O 96 -1.64 13.41 -20.30
CA THR O 96 -2.05 13.96 -21.59
C THR O 96 -1.39 13.31 -22.82
N PHE O 97 -2.16 13.29 -23.90
CA PHE O 97 -1.71 12.74 -25.17
C PHE O 97 -1.61 13.82 -26.25
N GLY O 98 -0.80 13.55 -27.26
CA GLY O 98 -0.68 14.47 -28.37
C GLY O 98 -1.78 13.94 -29.26
N GLN O 99 -2.27 14.74 -30.19
CA GLN O 99 -3.34 14.28 -31.06
C GLN O 99 -2.90 13.13 -32.01
N GLY O 100 -1.68 12.62 -31.84
CA GLY O 100 -1.20 11.57 -32.71
C GLY O 100 -0.86 12.10 -34.09
N THR O 101 -0.04 11.35 -34.82
CA THR O 101 0.41 11.69 -36.18
C THR O 101 0.29 10.49 -37.15
N LYS O 102 -0.58 10.55 -38.15
CA LYS O 102 -0.67 9.42 -39.08
C LYS O 102 0.27 9.51 -40.27
N LEU O 103 0.78 8.36 -40.70
CA LEU O 103 1.67 8.28 -41.84
C LEU O 103 1.09 7.36 -42.88
N GLU O 104 0.78 7.91 -44.03
CA GLU O 104 0.25 7.14 -45.11
C GLU O 104 1.43 6.92 -46.04
N ILE O 105 1.27 6.03 -47.02
CA ILE O 105 2.36 5.80 -47.98
C ILE O 105 2.15 6.66 -49.21
N LYS O 106 3.24 7.32 -49.62
CA LYS O 106 3.30 8.20 -50.77
C LYS O 106 3.42 7.34 -52.02
N ARG O 107 3.12 7.89 -53.18
CA ARG O 107 3.17 7.15 -54.44
C ARG O 107 2.61 8.00 -55.56
N THR O 108 2.90 7.66 -56.82
CA THR O 108 2.44 8.46 -57.98
C THR O 108 0.98 8.92 -57.99
N VAL O 109 0.72 10.06 -58.62
CA VAL O 109 -0.64 10.60 -58.70
C VAL O 109 -1.52 9.64 -59.42
N ALA O 110 -2.72 9.47 -58.89
CA ALA O 110 -3.68 8.54 -59.45
C ALA O 110 -5.10 9.09 -59.37
N ALA O 111 -5.62 9.64 -60.45
CA ALA O 111 -6.99 10.18 -60.45
C ALA O 111 -8.01 9.10 -60.10
N PRO O 112 -9.30 9.42 -60.12
CA PRO O 112 -10.19 8.32 -59.76
C PRO O 112 -11.39 8.07 -60.69
N SER O 113 -11.78 6.80 -60.81
CA SER O 113 -12.93 6.39 -61.62
C SER O 113 -14.12 6.90 -60.83
N VAL O 114 -14.98 7.66 -61.50
CA VAL O 114 -16.15 8.21 -60.83
C VAL O 114 -17.42 7.57 -61.37
N PHE O 115 -18.25 7.10 -60.45
CA PHE O 115 -19.48 6.45 -60.83
C PHE O 115 -20.64 7.01 -60.06
N ILE O 116 -21.78 7.08 -60.71
CA ILE O 116 -22.97 7.62 -60.07
C ILE O 116 -24.12 6.62 -60.06
N PHE O 117 -24.61 6.33 -58.87
CA PHE O 117 -25.72 5.42 -58.71
C PHE O 117 -26.94 6.19 -58.26
N PRO O 118 -27.98 6.25 -59.09
CA PRO O 118 -29.16 6.99 -58.62
C PRO O 118 -29.81 6.12 -57.54
N PRO O 119 -30.92 6.58 -56.94
CA PRO O 119 -31.48 5.69 -55.93
C PRO O 119 -32.40 4.67 -56.61
N SER O 120 -32.56 3.53 -55.96
CA SER O 120 -33.36 2.45 -56.47
C SER O 120 -34.80 2.56 -55.95
N ASP O 121 -35.75 2.08 -56.74
CA ASP O 121 -37.17 2.12 -56.39
C ASP O 121 -37.44 1.44 -55.07
N GLU O 122 -36.76 0.33 -54.83
CA GLU O 122 -36.95 -0.39 -53.58
C GLU O 122 -36.82 0.55 -52.40
N GLN O 123 -36.09 1.65 -52.61
CA GLN O 123 -35.85 2.66 -51.58
C GLN O 123 -36.82 3.84 -51.69
N LEU O 124 -37.37 4.05 -52.88
CA LEU O 124 -38.32 5.13 -53.10
C LEU O 124 -39.61 4.73 -52.40
N LYS O 125 -40.05 3.50 -52.63
CA LYS O 125 -41.26 3.05 -51.97
C LYS O 125 -41.01 3.20 -50.48
N SER O 126 -39.74 3.16 -50.09
CA SER O 126 -39.40 3.32 -48.69
C SER O 126 -39.83 4.70 -48.21
N GLY O 127 -39.40 5.74 -48.92
CA GLY O 127 -39.77 7.09 -48.54
C GLY O 127 -38.64 8.10 -48.72
N THR O 128 -37.40 7.64 -48.56
CA THR O 128 -36.26 8.51 -48.69
C THR O 128 -35.35 8.12 -49.86
N ALA O 129 -34.83 9.12 -50.59
CA ALA O 129 -33.94 8.92 -51.73
C ALA O 129 -32.46 9.09 -51.36
N SER O 130 -31.57 8.38 -52.07
CA SER O 130 -30.14 8.44 -51.81
C SER O 130 -29.27 8.31 -53.06
N VAL O 131 -28.95 9.41 -53.74
CA VAL O 131 -28.08 9.25 -54.89
C VAL O 131 -26.73 8.95 -54.25
N VAL O 132 -25.80 8.37 -55.00
CA VAL O 132 -24.49 8.02 -54.47
C VAL O 132 -23.40 8.21 -55.53
N CYS O 133 -22.28 8.80 -55.13
CA CYS O 133 -21.15 9.07 -56.01
C CYS O 133 -19.95 8.27 -55.45
N LEU O 134 -19.27 7.52 -56.31
CA LEU O 134 -18.14 6.72 -55.87
C LEU O 134 -16.84 7.02 -56.64
N LEU O 135 -15.88 7.63 -55.97
CA LEU O 135 -14.60 7.94 -56.56
C LEU O 135 -13.75 6.70 -56.31
N ASN O 136 -13.43 5.96 -57.35
CA ASN O 136 -12.68 4.72 -57.17
C ASN O 136 -11.17 4.76 -57.36
N ASN O 137 -10.46 4.21 -56.39
CA ASN O 137 -9.00 4.12 -56.39
C ASN O 137 -8.29 5.36 -56.88
N PHE O 138 -7.91 6.25 -55.95
CA PHE O 138 -7.19 7.47 -56.33
C PHE O 138 -6.12 7.86 -55.32
N TYR O 139 -5.25 8.80 -55.71
CA TYR O 139 -4.19 9.33 -54.85
C TYR O 139 -3.74 10.74 -55.22
N PRO O 140 -3.53 11.62 -54.23
CA PRO O 140 -3.68 11.42 -52.79
C PRO O 140 -5.13 11.49 -52.29
N ARG O 141 -5.25 11.27 -50.98
CA ARG O 141 -6.52 11.26 -50.23
C ARG O 141 -7.41 12.54 -50.28
N GLU O 142 -6.96 13.62 -50.93
CA GLU O 142 -7.77 14.83 -50.99
C GLU O 142 -8.66 14.87 -52.20
N ALA O 143 -9.87 14.37 -52.03
CA ALA O 143 -10.81 14.37 -53.11
C ALA O 143 -11.78 15.47 -52.79
N LYS O 144 -12.17 16.22 -53.81
CA LYS O 144 -13.14 17.27 -53.61
C LYS O 144 -14.29 16.89 -54.51
N VAL O 145 -15.47 16.80 -53.92
CA VAL O 145 -16.67 16.42 -54.62
C VAL O 145 -17.76 17.47 -54.44
N GLN O 146 -18.22 18.08 -55.53
CA GLN O 146 -19.27 19.09 -55.41
C GLN O 146 -20.59 18.66 -56.07
N TRP O 147 -21.61 18.44 -55.23
CA TRP O 147 -22.95 18.04 -55.69
C TRP O 147 -23.72 19.23 -56.26
N LYS O 148 -24.35 19.03 -57.42
CA LYS O 148 -25.11 20.07 -58.10
C LYS O 148 -26.50 19.64 -58.54
N VAL O 149 -27.53 20.02 -57.80
CA VAL O 149 -28.90 19.65 -58.20
C VAL O 149 -29.56 20.75 -59.02
N ASP O 150 -30.08 20.40 -60.20
CA ASP O 150 -30.68 21.40 -61.09
C ASP O 150 -29.87 22.68 -61.00
N ASN O 151 -28.57 22.55 -61.22
CA ASN O 151 -27.62 23.67 -61.19
C ASN O 151 -27.38 24.38 -59.88
N ALA O 152 -28.13 24.05 -58.84
CA ALA O 152 -27.92 24.68 -57.56
C ALA O 152 -26.69 24.05 -56.92
N LEU O 153 -26.00 24.79 -56.07
CA LEU O 153 -24.82 24.28 -55.40
C LEU O 153 -25.23 23.61 -54.07
N GLN O 154 -24.95 22.33 -53.94
CA GLN O 154 -25.35 21.63 -52.74
C GLN O 154 -24.32 21.55 -51.62
N SER O 155 -24.82 21.77 -50.40
CA SER O 155 -23.99 21.75 -49.22
C SER O 155 -24.90 21.32 -48.07
N GLY O 156 -24.46 20.39 -47.24
CA GLY O 156 -25.27 19.97 -46.11
C GLY O 156 -26.13 18.72 -46.24
N ASN O 157 -26.54 18.40 -47.47
CA ASN O 157 -27.37 17.23 -47.73
C ASN O 157 -26.60 15.89 -47.72
N SER O 158 -25.48 15.83 -48.45
CA SER O 158 -24.69 14.59 -48.51
C SER O 158 -23.64 14.38 -47.44
N GLN O 159 -23.01 13.21 -47.49
CA GLN O 159 -21.94 12.84 -46.56
C GLN O 159 -20.93 11.97 -47.29
N GLU O 160 -19.66 12.13 -46.96
CA GLU O 160 -18.67 11.34 -47.64
C GLU O 160 -17.92 10.48 -46.64
N SER O 161 -17.33 9.39 -47.15
CA SER O 161 -16.57 8.44 -46.36
C SER O 161 -15.41 7.87 -47.14
N VAL O 162 -14.20 7.97 -46.61
CA VAL O 162 -13.02 7.46 -47.30
C VAL O 162 -12.47 6.13 -46.80
N THR O 163 -12.15 5.26 -47.76
CA THR O 163 -11.60 3.95 -47.50
C THR O 163 -10.26 4.20 -46.81
N GLU O 164 -9.70 3.22 -46.11
CA GLU O 164 -8.40 3.48 -45.51
C GLU O 164 -7.42 3.06 -46.59
N GLN O 165 -6.28 3.75 -46.68
CA GLN O 165 -5.33 3.46 -47.73
C GLN O 165 -5.15 1.98 -48.06
N ASP O 166 -5.35 1.69 -49.33
CA ASP O 166 -5.23 0.36 -49.90
C ASP O 166 -3.86 -0.28 -49.57
N SER O 167 -3.86 -1.57 -49.25
CA SER O 167 -2.61 -2.27 -48.90
C SER O 167 -1.77 -2.61 -50.11
N LYS O 168 -2.41 -3.30 -51.05
CA LYS O 168 -1.81 -3.73 -52.30
C LYS O 168 -1.24 -2.58 -53.12
N ASP O 169 -2.07 -1.61 -53.48
CA ASP O 169 -1.64 -0.49 -54.30
C ASP O 169 -1.89 0.93 -53.77
N SER O 170 -1.46 1.19 -52.53
CA SER O 170 -1.58 2.49 -51.85
C SER O 170 -2.53 3.55 -52.37
N THR O 171 -3.65 3.16 -52.96
CA THR O 171 -4.55 4.20 -53.42
C THR O 171 -5.71 4.31 -52.45
N TYR O 172 -6.55 5.31 -52.67
CA TYR O 172 -7.73 5.53 -51.85
C TYR O 172 -9.02 5.34 -52.67
N SER O 173 -10.13 5.25 -51.97
CA SER O 173 -11.44 5.13 -52.58
C SER O 173 -12.42 5.86 -51.68
N LEU O 174 -13.18 6.77 -52.27
CA LEU O 174 -14.12 7.58 -51.51
C LEU O 174 -15.60 7.38 -51.82
N SER O 175 -16.43 7.64 -50.82
CA SER O 175 -17.87 7.50 -50.96
C SER O 175 -18.58 8.79 -50.59
N SER O 176 -19.43 9.29 -51.48
CA SER O 176 -20.18 10.51 -51.23
C SER O 176 -21.63 10.10 -51.31
N THR O 177 -22.48 10.64 -50.46
CA THR O 177 -23.86 10.21 -50.52
C THR O 177 -24.89 11.31 -50.30
N LEU O 178 -25.45 11.82 -51.40
CA LEU O 178 -26.45 12.88 -51.38
C LEU O 178 -27.84 12.30 -51.09
N THR O 179 -28.20 12.20 -49.81
CA THR O 179 -29.50 11.63 -49.43
C THR O 179 -30.58 12.65 -49.13
N LEU O 180 -31.60 12.62 -49.99
CA LEU O 180 -32.76 13.49 -49.95
C LEU O 180 -33.98 12.72 -49.50
N SER O 181 -35.15 13.25 -49.84
CA SER O 181 -36.42 12.65 -49.47
C SER O 181 -37.43 12.79 -50.61
N LYS O 182 -37.62 11.70 -51.37
CA LYS O 182 -38.54 11.63 -52.50
C LYS O 182 -39.12 12.98 -52.84
N ALA O 183 -39.91 13.53 -51.92
CA ALA O 183 -40.51 14.84 -52.14
C ALA O 183 -39.45 15.75 -52.79
N ASP O 184 -38.45 16.16 -52.01
CA ASP O 184 -37.38 17.01 -52.52
C ASP O 184 -36.74 16.36 -53.74
N TYR O 185 -36.74 15.03 -53.74
CA TYR O 185 -36.14 14.25 -54.82
C TYR O 185 -36.85 14.33 -56.17
N GLU O 186 -38.14 14.58 -56.14
CA GLU O 186 -38.92 14.66 -57.37
C GLU O 186 -39.12 16.09 -57.81
N LYS O 187 -38.63 17.03 -57.02
CA LYS O 187 -38.74 18.44 -57.33
C LYS O 187 -37.56 18.92 -58.19
N HIS O 188 -36.90 17.99 -58.87
CA HIS O 188 -35.73 18.33 -59.72
C HIS O 188 -35.40 17.23 -60.74
N LYS O 189 -34.77 17.60 -61.85
CA LYS O 189 -34.42 16.64 -62.89
C LYS O 189 -32.94 16.24 -63.01
N VAL O 190 -32.02 17.19 -62.98
CA VAL O 190 -30.60 16.87 -63.14
C VAL O 190 -29.71 16.84 -61.89
N TYR O 191 -29.12 15.67 -61.66
CA TYR O 191 -28.24 15.43 -60.52
C TYR O 191 -26.81 15.25 -61.01
N ALA O 192 -25.84 15.81 -60.29
CA ALA O 192 -24.43 15.69 -60.67
C ALA O 192 -23.50 15.81 -59.46
N CYS O 193 -22.33 15.19 -59.54
CA CYS O 193 -21.39 15.31 -58.44
C CYS O 193 -19.98 15.54 -58.92
N GLU O 194 -19.77 16.69 -59.56
CA GLU O 194 -18.46 17.06 -60.07
C GLU O 194 -17.33 16.77 -59.09
N VAL O 195 -16.25 16.18 -59.57
CA VAL O 195 -15.13 15.86 -58.71
C VAL O 195 -13.85 16.57 -59.17
N THR O 196 -12.98 16.89 -58.21
CA THR O 196 -11.72 17.55 -58.55
C THR O 196 -10.64 16.90 -57.71
N HIS O 197 -9.55 16.56 -58.37
CA HIS O 197 -8.43 15.86 -57.76
C HIS O 197 -7.07 16.36 -58.30
N GLN O 198 -6.04 16.29 -57.47
CA GLN O 198 -4.70 16.73 -57.84
C GLN O 198 -4.21 16.11 -59.14
N GLY O 199 -4.89 15.05 -59.56
CA GLY O 199 -4.52 14.38 -60.81
C GLY O 199 -5.54 14.55 -61.92
N LEU O 200 -6.06 15.76 -62.07
CA LEU O 200 -7.03 16.07 -63.09
C LEU O 200 -6.76 17.51 -63.49
N SER O 201 -6.96 17.82 -64.76
CA SER O 201 -6.72 19.17 -65.27
C SER O 201 -7.96 20.01 -65.08
N SER O 202 -9.09 19.33 -64.95
CA SER O 202 -10.33 20.04 -64.79
C SER O 202 -11.32 19.19 -64.08
N PRO O 203 -12.21 19.81 -63.33
CA PRO O 203 -13.25 19.11 -62.58
C PRO O 203 -13.80 17.96 -63.42
N VAL O 204 -14.61 17.12 -62.82
CA VAL O 204 -15.18 15.96 -63.52
C VAL O 204 -16.59 15.70 -63.05
N THR O 205 -17.56 16.25 -63.77
CA THR O 205 -18.96 16.09 -63.40
C THR O 205 -19.61 14.84 -63.96
N LYS O 206 -20.22 14.05 -63.08
CA LYS O 206 -20.91 12.81 -63.49
C LYS O 206 -22.40 13.06 -63.36
N SER O 207 -22.89 14.00 -64.16
CA SER O 207 -24.29 14.38 -64.18
C SER O 207 -25.18 13.15 -64.47
N PHE O 208 -26.50 13.36 -64.39
CA PHE O 208 -27.50 12.31 -64.66
C PHE O 208 -28.91 12.86 -64.48
N ASN O 209 -29.78 12.55 -65.43
CA ASN O 209 -31.16 13.03 -65.40
C ASN O 209 -32.18 12.06 -64.83
N ARG O 210 -32.98 12.54 -63.88
CA ARG O 210 -34.01 11.72 -63.23
C ARG O 210 -35.23 11.68 -64.11
N GLY O 211 -35.90 10.53 -64.10
CA GLY O 211 -37.06 10.36 -64.96
C GLY O 211 -36.53 10.05 -66.36
N GLU O 212 -35.34 9.45 -66.37
CA GLU O 212 -34.65 9.07 -67.60
C GLU O 212 -34.22 7.62 -67.47
N GLN P 1 3.65 -10.94 -19.87
CA GLN P 1 3.08 -11.97 -19.02
C GLN P 1 1.66 -11.63 -18.57
N VAL P 2 1.51 -10.51 -17.86
CA VAL P 2 0.21 -10.06 -17.38
C VAL P 2 -0.78 -9.92 -18.56
N GLN P 3 -1.96 -9.36 -18.31
CA GLN P 3 -2.95 -9.20 -19.38
C GLN P 3 -4.30 -8.65 -18.90
N LEU P 4 -4.83 -7.64 -19.60
CA LEU P 4 -6.11 -7.04 -19.22
C LEU P 4 -7.28 -7.29 -20.15
N LEU P 5 -8.39 -7.66 -19.53
CA LEU P 5 -9.65 -7.91 -20.24
C LEU P 5 -10.71 -6.92 -19.78
N GLN P 6 -11.37 -6.24 -20.74
CA GLN P 6 -12.38 -5.24 -20.43
C GLN P 6 -13.81 -5.71 -20.67
N SER P 7 -14.77 -4.97 -20.11
CA SER P 7 -16.20 -5.28 -20.21
C SER P 7 -16.65 -5.48 -21.64
N GLY P 8 -17.95 -5.66 -21.81
CA GLY P 8 -18.50 -5.87 -23.14
C GLY P 8 -19.17 -4.64 -23.70
N ALA P 9 -19.37 -4.64 -25.01
CA ALA P 9 -19.99 -3.54 -25.74
C ALA P 9 -21.18 -3.01 -24.98
N GLU P 10 -21.34 -1.70 -25.00
CA GLU P 10 -22.45 -1.07 -24.30
C GLU P 10 -23.07 0.03 -25.13
N VAL P 11 -24.39 0.12 -25.08
CA VAL P 11 -25.16 1.12 -25.83
C VAL P 11 -26.11 1.84 -24.87
N LYS P 12 -26.05 3.16 -24.83
CA LYS P 12 -26.91 3.90 -23.91
C LYS P 12 -27.70 5.07 -24.49
N LYS P 13 -28.26 5.89 -23.59
CA LYS P 13 -29.06 7.05 -23.96
C LYS P 13 -28.39 8.28 -23.32
N PRO P 14 -28.57 9.46 -23.94
CA PRO P 14 -28.00 10.74 -23.51
C PRO P 14 -28.45 11.27 -22.15
N GLY P 15 -27.87 10.72 -21.08
CA GLY P 15 -28.22 11.14 -19.73
C GLY P 15 -28.00 10.02 -18.74
N SER P 16 -28.07 8.79 -19.24
CA SER P 16 -27.90 7.64 -18.40
C SER P 16 -26.51 7.66 -17.77
N SER P 17 -25.99 6.49 -17.41
CA SER P 17 -24.68 6.33 -16.80
C SER P 17 -24.02 5.09 -17.39
N VAL P 18 -22.87 4.69 -16.85
CA VAL P 18 -22.18 3.51 -17.36
C VAL P 18 -20.81 3.31 -16.73
N LYS P 19 -20.55 2.11 -16.22
CA LYS P 19 -19.28 1.77 -15.61
C LYS P 19 -18.71 0.52 -16.31
N VAL P 20 -17.43 0.58 -16.67
CA VAL P 20 -16.78 -0.53 -17.35
C VAL P 20 -15.76 -1.30 -16.50
N SER P 21 -15.81 -2.63 -16.58
CA SER P 21 -14.90 -3.49 -15.83
C SER P 21 -13.58 -3.61 -16.60
N CYS P 22 -12.77 -4.59 -16.22
CA CYS P 22 -11.48 -4.79 -16.84
C CYS P 22 -10.62 -5.43 -15.76
N LYS P 23 -10.43 -6.75 -15.84
CA LYS P 23 -9.64 -7.46 -14.84
C LYS P 23 -8.36 -8.06 -15.37
N ALA P 24 -7.32 -8.03 -14.55
CA ALA P 24 -6.03 -8.57 -14.91
C ALA P 24 -6.08 -10.11 -14.84
N SER P 25 -5.72 -10.78 -15.94
CA SER P 25 -5.69 -12.23 -16.00
C SER P 25 -4.24 -12.72 -15.98
N GLY P 26 -3.59 -12.51 -14.85
CA GLY P 26 -2.20 -12.91 -14.70
C GLY P 26 -1.47 -11.72 -14.12
N GLY P 27 -0.16 -11.84 -13.95
CA GLY P 27 0.59 -10.74 -13.38
C GLY P 27 0.20 -10.49 -11.93
N THR P 28 0.13 -9.21 -11.55
CA THR P 28 -0.19 -8.82 -10.17
C THR P 28 -0.90 -7.47 -10.04
N PHE P 29 -2.21 -7.45 -10.23
CA PHE P 29 -3.01 -6.22 -10.14
C PHE P 29 -2.67 -5.24 -9.01
N SER P 30 -1.83 -5.65 -8.06
CA SER P 30 -1.49 -4.78 -6.95
C SER P 30 -0.96 -3.38 -7.33
N SER P 31 0.29 -3.30 -7.76
CA SER P 31 0.89 -2.01 -8.14
C SER P 31 0.43 -1.45 -9.48
N TYR P 32 0.48 -2.29 -10.51
CA TYR P 32 0.08 -1.91 -11.87
C TYR P 32 -0.76 -0.64 -11.93
N ALA P 33 -0.13 0.51 -12.18
CA ALA P 33 -0.85 1.78 -12.24
C ALA P 33 -1.88 1.76 -13.38
N ILE P 34 -3.12 1.38 -13.05
CA ILE P 34 -4.19 1.32 -14.06
C ILE P 34 -4.65 2.68 -14.55
N SER P 35 -4.89 2.79 -15.84
CA SER P 35 -5.32 4.04 -16.41
C SER P 35 -6.42 3.85 -17.44
N TRP P 36 -7.32 4.83 -17.54
CA TRP P 36 -8.40 4.70 -18.49
C TRP P 36 -8.29 5.71 -19.61
N VAL P 37 -7.94 5.20 -20.79
CA VAL P 37 -7.79 6.03 -21.99
C VAL P 37 -8.94 5.76 -22.94
N ARG P 38 -9.52 6.82 -23.48
CA ARG P 38 -10.61 6.61 -24.41
C ARG P 38 -10.24 7.04 -25.84
N GLN P 39 -11.24 7.06 -26.73
CA GLN P 39 -10.99 7.42 -28.10
C GLN P 39 -12.23 7.57 -28.95
N ALA P 40 -12.66 8.81 -29.19
CA ALA P 40 -13.84 9.10 -29.99
C ALA P 40 -13.57 8.64 -31.43
N PRO P 41 -14.62 8.40 -32.23
CA PRO P 41 -14.50 7.94 -33.61
C PRO P 41 -13.60 8.79 -34.52
N GLY P 42 -12.48 8.19 -34.93
CA GLY P 42 -11.54 8.86 -35.81
C GLY P 42 -10.64 9.88 -35.15
N GLN P 43 -10.74 9.97 -33.83
CA GLN P 43 -9.94 10.92 -33.04
C GLN P 43 -8.66 10.35 -32.45
N GLY P 44 -8.07 11.12 -31.54
CA GLY P 44 -6.87 10.68 -30.87
C GLY P 44 -7.26 9.95 -29.60
N LEU P 45 -6.27 9.35 -28.94
CA LEU P 45 -6.51 8.63 -27.70
C LEU P 45 -6.63 9.66 -26.61
N GLU P 46 -7.54 9.39 -25.70
CA GLU P 46 -7.84 10.30 -24.61
C GLU P 46 -7.69 9.71 -23.23
N TRP P 47 -6.88 10.40 -22.44
CA TRP P 47 -6.64 9.98 -21.09
C TRP P 47 -7.75 10.50 -20.20
N MET P 48 -8.33 9.60 -19.42
CA MET P 48 -9.43 9.90 -18.49
C MET P 48 -9.02 9.88 -17.02
N GLY P 49 -7.97 9.12 -16.71
CA GLY P 49 -7.51 9.03 -15.35
C GLY P 49 -7.07 7.63 -15.06
N GLY P 50 -6.56 7.40 -13.86
CA GLY P 50 -6.10 6.07 -13.49
C GLY P 50 -6.01 5.91 -11.99
N ILE P 51 -5.56 4.75 -11.53
CA ILE P 51 -5.41 4.47 -10.10
C ILE P 51 -4.38 3.39 -9.78
N ILE P 52 -3.82 3.44 -8.57
CA ILE P 52 -2.83 2.48 -8.09
C ILE P 52 -3.57 1.62 -7.07
N PRO P 53 -4.03 0.42 -7.47
CA PRO P 53 -4.76 -0.52 -6.63
C PRO P 53 -4.39 -0.51 -5.15
N VAL P 54 -3.14 -0.15 -4.85
CA VAL P 54 -2.67 -0.11 -3.46
C VAL P 54 -3.49 0.80 -2.51
N PHE P 55 -4.47 1.54 -3.03
CA PHE P 55 -5.32 2.42 -2.23
C PHE P 55 -6.32 3.23 -3.06
N GLY P 56 -7.53 3.40 -2.54
CA GLY P 56 -8.60 4.10 -3.25
C GLY P 56 -8.66 5.63 -3.34
N SER P 57 -8.05 6.18 -4.38
CA SER P 57 -8.04 7.63 -4.64
C SER P 57 -7.29 7.89 -5.95
N ALA P 58 -7.93 7.50 -7.05
CA ALA P 58 -7.37 7.64 -8.40
C ALA P 58 -7.27 9.08 -8.94
N ASN P 59 -6.80 9.21 -10.18
CA ASN P 59 -6.63 10.50 -10.84
C ASN P 59 -7.64 10.78 -11.93
N TYR P 60 -7.98 12.05 -12.10
CA TYR P 60 -8.95 12.43 -13.11
C TYR P 60 -8.60 13.73 -13.84
N ALA P 61 -8.53 13.65 -15.16
CA ALA P 61 -8.23 14.80 -15.99
C ALA P 61 -9.30 15.86 -15.75
N GLN P 62 -9.00 17.09 -16.14
CA GLN P 62 -9.92 18.20 -15.97
C GLN P 62 -11.30 17.90 -16.54
N LYS P 63 -11.49 18.16 -17.82
CA LYS P 63 -12.78 17.95 -18.46
C LYS P 63 -13.62 16.78 -17.92
N PHE P 64 -12.97 15.66 -17.60
CA PHE P 64 -13.71 14.51 -17.09
C PHE P 64 -13.96 14.62 -15.60
N GLN P 65 -13.38 15.63 -14.98
CA GLN P 65 -13.57 15.83 -13.55
C GLN P 65 -15.06 15.95 -13.26
N GLY P 66 -15.51 15.21 -12.24
CA GLY P 66 -16.91 15.24 -11.82
C GLY P 66 -17.77 14.09 -12.33
N ARG P 67 -17.79 13.92 -13.65
CA ARG P 67 -18.58 12.89 -14.34
C ARG P 67 -18.01 11.48 -14.23
N VAL P 68 -16.70 11.38 -14.08
CA VAL P 68 -16.04 10.10 -14.02
C VAL P 68 -15.77 9.56 -12.61
N THR P 69 -15.39 8.29 -12.56
CA THR P 69 -15.13 7.61 -11.30
C THR P 69 -14.38 6.29 -11.53
N ILE P 70 -13.08 6.30 -11.30
CA ILE P 70 -12.22 5.13 -11.48
C ILE P 70 -12.17 4.32 -10.20
N THR P 71 -12.22 3.00 -10.33
CA THR P 71 -12.23 2.14 -9.15
C THR P 71 -11.29 0.95 -9.20
N ALA P 72 -10.79 0.58 -8.02
CA ALA P 72 -9.90 -0.55 -7.87
C ALA P 72 -10.52 -1.52 -6.86
N ASP P 73 -10.36 -2.81 -7.13
CA ASP P 73 -10.89 -3.88 -6.29
C ASP P 73 -10.04 -5.14 -6.44
N GLU P 74 -9.10 -5.31 -5.51
CA GLU P 74 -8.20 -6.45 -5.50
C GLU P 74 -8.97 -7.73 -5.21
N ALA P 75 -10.30 -7.62 -5.17
CA ALA P 75 -11.14 -8.79 -4.93
C ALA P 75 -10.61 -9.82 -5.90
N THR P 76 -10.93 -9.62 -7.18
CA THR P 76 -10.47 -10.49 -8.25
C THR P 76 -9.44 -9.67 -9.01
N SER P 77 -8.80 -8.74 -8.29
CA SER P 77 -7.82 -7.86 -8.88
C SER P 77 -8.47 -7.29 -10.14
N THR P 78 -9.60 -6.62 -9.95
CA THR P 78 -10.34 -6.04 -11.06
C THR P 78 -10.52 -4.55 -10.90
N THR P 79 -10.44 -3.83 -12.02
CA THR P 79 -10.59 -2.39 -12.02
C THR P 79 -11.83 -1.97 -12.79
N TYR P 80 -12.56 -1.00 -12.26
CA TYR P 80 -13.77 -0.50 -12.91
C TYR P 80 -13.66 0.99 -13.26
N MET P 81 -14.61 1.50 -14.04
CA MET P 81 -14.60 2.90 -14.46
C MET P 81 -16.01 3.37 -14.84
N GLU P 82 -16.56 4.34 -14.12
CA GLU P 82 -17.90 4.81 -14.45
C GLU P 82 -17.99 6.25 -15.01
N LEU P 83 -18.94 6.46 -15.91
CA LEU P 83 -19.15 7.77 -16.51
C LEU P 83 -20.62 8.08 -16.65
N SER P 84 -21.11 9.03 -15.85
CA SER P 84 -22.52 9.44 -15.88
C SER P 84 -22.77 10.62 -16.84
N SER P 85 -23.82 11.38 -16.55
CA SER P 85 -24.16 12.54 -17.37
C SER P 85 -23.56 12.46 -18.77
N LEU P 86 -23.88 11.37 -19.48
CA LEU P 86 -23.39 11.11 -20.82
C LEU P 86 -24.04 11.93 -21.94
N ARG P 87 -23.29 12.17 -23.01
CA ARG P 87 -23.75 12.92 -24.18
C ARG P 87 -23.28 12.14 -25.40
N SER P 88 -23.36 12.72 -26.58
CA SER P 88 -22.90 12.01 -27.76
C SER P 88 -21.39 12.02 -27.96
N GLU P 89 -20.70 13.07 -27.51
CA GLU P 89 -19.26 13.14 -27.67
C GLU P 89 -18.60 12.11 -26.77
N ASP P 90 -19.40 11.28 -26.13
CA ASP P 90 -18.87 10.26 -25.24
C ASP P 90 -18.79 8.92 -25.95
N THR P 91 -19.40 8.84 -27.12
CA THR P 91 -19.37 7.61 -27.91
C THR P 91 -17.97 7.39 -28.40
N ALA P 92 -17.37 6.32 -27.92
CA ALA P 92 -16.02 5.98 -28.28
C ALA P 92 -15.69 4.65 -27.64
N VAL P 93 -14.45 4.22 -27.77
CA VAL P 93 -14.04 2.97 -27.17
C VAL P 93 -13.13 3.24 -25.97
N TYR P 94 -13.52 2.67 -24.83
CA TYR P 94 -12.78 2.88 -23.61
C TYR P 94 -11.80 1.78 -23.26
N PHE P 95 -10.51 2.12 -23.30
CA PHE P 95 -9.47 1.16 -23.00
C PHE P 95 -9.02 1.32 -21.57
N CYS P 96 -8.50 0.22 -21.00
CA CYS P 96 -7.95 0.23 -19.66
C CYS P 96 -6.58 -0.33 -19.89
N ALA P 97 -5.54 0.46 -19.61
CA ALA P 97 -4.18 0.02 -19.83
C ALA P 97 -3.50 -0.24 -18.52
N LYS P 98 -2.41 -1.01 -18.57
CA LYS P 98 -1.64 -1.32 -17.37
C LYS P 98 -0.28 -0.66 -17.47
N GLY P 99 0.21 -0.18 -16.33
CA GLY P 99 1.50 0.49 -16.31
C GLY P 99 2.50 0.04 -15.26
N GLY P 100 3.29 -0.97 -15.60
CA GLY P 100 4.29 -1.47 -14.68
C GLY P 100 5.43 -2.21 -15.35
N HIS P 114 8.18 3.91 -17.74
CA HIS P 114 6.78 4.19 -17.49
C HIS P 114 5.95 3.95 -18.76
N GLY P 115 4.83 4.64 -18.89
CA GLY P 115 3.97 4.49 -20.05
C GLY P 115 3.09 3.25 -20.01
N MET P 116 1.85 3.37 -20.46
CA MET P 116 0.92 2.25 -20.48
C MET P 116 1.39 1.11 -21.37
N ASP P 117 2.28 0.28 -20.84
CA ASP P 117 2.86 -0.86 -21.56
C ASP P 117 1.89 -1.85 -22.20
N VAL P 118 0.91 -2.35 -21.44
CA VAL P 118 -0.06 -3.27 -22.02
C VAL P 118 -1.47 -2.78 -21.82
N TRP P 119 -2.24 -2.84 -22.89
CA TRP P 119 -3.61 -2.34 -22.90
C TRP P 119 -4.59 -3.46 -22.90
N GLY P 120 -5.87 -3.10 -22.88
CA GLY P 120 -6.91 -4.10 -22.86
C GLY P 120 -7.57 -4.21 -24.22
N GLN P 121 -8.52 -5.14 -24.31
CA GLN P 121 -9.26 -5.38 -25.54
C GLN P 121 -9.87 -4.06 -25.98
N GLY P 122 -10.50 -3.38 -25.04
CA GLY P 122 -11.14 -2.12 -25.35
C GLY P 122 -12.64 -2.27 -25.54
N THR P 123 -13.40 -1.42 -24.86
CA THR P 123 -14.88 -1.45 -24.89
C THR P 123 -15.56 -0.38 -25.78
N THR P 124 -16.63 -0.77 -26.46
CA THR P 124 -17.35 0.18 -27.31
C THR P 124 -18.62 0.64 -26.62
N VAL P 125 -18.84 1.94 -26.58
CA VAL P 125 -20.00 2.50 -25.95
C VAL P 125 -20.60 3.54 -26.86
N THR P 126 -21.70 3.21 -27.53
CA THR P 126 -22.34 4.19 -28.39
C THR P 126 -23.35 4.90 -27.50
N VAL P 127 -23.21 6.21 -27.40
CA VAL P 127 -24.14 7.00 -26.60
C VAL P 127 -24.87 7.90 -27.54
N ALA P 128 -26.11 7.54 -27.83
CA ALA P 128 -26.95 8.30 -28.72
C ALA P 128 -28.34 8.11 -28.18
N SER P 129 -29.31 8.75 -28.80
CA SER P 129 -30.67 8.61 -28.33
C SER P 129 -31.34 7.38 -28.94
N ALA P 130 -31.40 7.34 -30.27
CA ALA P 130 -32.04 6.24 -30.98
C ALA P 130 -31.80 4.83 -30.41
N SER P 131 -32.82 3.98 -30.55
CA SER P 131 -32.76 2.59 -30.07
C SER P 131 -32.29 1.66 -31.18
N THR P 132 -32.13 0.38 -30.85
CA THR P 132 -31.69 -0.63 -31.82
C THR P 132 -32.60 -0.79 -33.04
N LYS P 133 -31.98 -0.94 -34.21
CA LYS P 133 -32.70 -1.11 -35.45
C LYS P 133 -31.81 -1.80 -36.45
N GLY P 134 -32.39 -2.67 -37.25
CA GLY P 134 -31.62 -3.37 -38.27
C GLY P 134 -31.45 -2.53 -39.53
N PRO P 135 -30.50 -2.87 -40.39
CA PRO P 135 -30.22 -2.17 -41.64
C PRO P 135 -31.19 -2.43 -42.75
N SER P 136 -31.34 -1.44 -43.62
CA SER P 136 -32.21 -1.56 -44.79
C SER P 136 -31.28 -1.57 -45.98
N VAL P 137 -31.21 -2.71 -46.66
CA VAL P 137 -30.30 -2.86 -47.78
C VAL P 137 -30.91 -2.66 -49.15
N PHE P 138 -30.23 -1.86 -49.96
CA PHE P 138 -30.68 -1.57 -51.32
C PHE P 138 -29.48 -1.69 -52.26
N PRO P 139 -29.74 -2.05 -53.53
CA PRO P 139 -28.77 -2.22 -54.61
C PRO P 139 -28.37 -0.96 -55.39
N LEU P 140 -27.08 -0.79 -55.59
CA LEU P 140 -26.58 0.33 -56.33
C LEU P 140 -26.24 -0.31 -57.66
N ALA P 141 -27.30 -0.64 -58.40
CA ALA P 141 -27.25 -1.32 -59.68
C ALA P 141 -26.46 -0.66 -60.81
N PRO P 142 -25.71 -1.49 -61.57
CA PRO P 142 -24.85 -1.16 -62.72
C PRO P 142 -25.58 -0.58 -63.93
N SER P 143 -24.82 0.06 -64.81
CA SER P 143 -25.37 0.68 -66.00
C SER P 143 -24.24 1.27 -66.84
N SER P 144 -24.46 2.50 -67.31
CA SER P 144 -23.46 3.22 -68.11
C SER P 144 -22.84 4.27 -67.19
N LYS P 145 -23.68 4.75 -66.26
CA LYS P 145 -23.29 5.75 -65.28
C LYS P 145 -22.38 5.07 -64.26
N SER P 146 -22.32 3.75 -64.34
CA SER P 146 -21.52 2.93 -63.45
C SER P 146 -20.48 2.12 -64.24
N THR P 147 -20.03 2.66 -65.37
CA THR P 147 -19.05 1.99 -66.24
C THR P 147 -17.83 2.84 -66.60
N SER P 148 -16.71 2.17 -66.84
CA SER P 148 -15.46 2.83 -67.22
C SER P 148 -14.56 1.88 -68.02
N GLY P 149 -15.10 1.38 -69.14
CA GLY P 149 -14.37 0.46 -69.99
C GLY P 149 -14.83 -0.99 -69.85
N GLY P 150 -13.87 -1.87 -69.56
CA GLY P 150 -14.21 -3.28 -69.40
C GLY P 150 -14.68 -3.55 -67.99
N THR P 151 -14.70 -2.50 -67.17
CA THR P 151 -15.13 -2.62 -65.78
C THR P 151 -16.34 -1.72 -65.50
N ALA P 152 -17.33 -2.31 -64.84
CA ALA P 152 -18.55 -1.60 -64.50
C ALA P 152 -18.91 -1.98 -63.07
N ALA P 153 -18.69 -1.03 -62.17
CA ALA P 153 -18.93 -1.17 -60.73
C ALA P 153 -20.39 -1.27 -60.31
N LEU P 154 -20.63 -1.87 -59.16
CA LEU P 154 -21.97 -2.05 -58.61
C LEU P 154 -21.82 -2.11 -57.09
N GLY P 155 -22.88 -2.44 -56.35
CA GLY P 155 -22.69 -2.51 -54.92
C GLY P 155 -23.92 -2.74 -54.07
N CYS P 156 -23.72 -2.46 -52.78
CA CYS P 156 -24.75 -2.61 -51.76
C CYS P 156 -24.76 -1.39 -50.85
N LEU P 157 -25.95 -0.81 -50.66
CA LEU P 157 -26.10 0.35 -49.81
C LEU P 157 -26.82 -0.03 -48.51
N VAL P 158 -26.11 0.12 -47.39
CA VAL P 158 -26.69 -0.24 -46.09
C VAL P 158 -27.03 1.02 -45.32
N LYS P 159 -28.33 1.31 -45.22
CA LYS P 159 -28.83 2.51 -44.56
C LYS P 159 -29.69 2.31 -43.31
N ASP P 160 -29.51 3.21 -42.34
CA ASP P 160 -30.23 3.25 -41.06
C ASP P 160 -30.23 2.05 -40.14
N TYR P 161 -29.09 1.71 -39.56
CA TYR P 161 -29.06 0.61 -38.62
C TYR P 161 -28.53 1.18 -37.30
N PHE P 162 -28.19 0.34 -36.34
CA PHE P 162 -27.69 0.84 -35.06
C PHE P 162 -27.90 -0.18 -33.98
N PRO P 163 -26.91 -0.37 -33.13
CA PRO P 163 -25.62 0.31 -33.16
C PRO P 163 -24.70 -0.24 -34.24
N GLU P 164 -23.41 -0.03 -34.07
CA GLU P 164 -22.41 -0.53 -35.00
C GLU P 164 -21.88 -1.81 -34.42
N PRO P 165 -21.25 -2.64 -35.25
CA PRO P 165 -21.07 -2.35 -36.66
C PRO P 165 -21.92 -3.30 -37.49
N VAL P 166 -21.70 -3.32 -38.78
CA VAL P 166 -22.45 -4.22 -39.61
C VAL P 166 -21.36 -4.96 -40.36
N THR P 167 -21.68 -6.10 -40.96
CA THR P 167 -20.68 -6.84 -41.71
C THR P 167 -21.20 -7.05 -43.12
N VAL P 168 -20.31 -7.02 -44.09
CA VAL P 168 -20.71 -7.18 -45.48
C VAL P 168 -19.72 -7.98 -46.30
N SER P 169 -20.20 -9.08 -46.90
CA SER P 169 -19.36 -9.91 -47.74
C SER P 169 -20.09 -10.12 -49.05
N TRP P 170 -19.39 -10.67 -50.04
CA TRP P 170 -19.99 -10.93 -51.35
C TRP P 170 -19.85 -12.39 -51.77
N ASN P 171 -20.98 -12.97 -52.17
CA ASN P 171 -21.05 -14.35 -52.59
C ASN P 171 -20.59 -15.23 -51.44
N SER P 172 -20.88 -14.76 -50.23
CA SER P 172 -20.53 -15.47 -49.00
C SER P 172 -19.03 -15.74 -48.84
N GLY P 173 -18.20 -14.92 -49.46
CA GLY P 173 -16.76 -15.11 -49.36
C GLY P 173 -16.11 -15.13 -50.72
N ALA P 174 -16.74 -15.85 -51.67
CA ALA P 174 -16.24 -15.99 -53.04
C ALA P 174 -15.65 -14.72 -53.58
N LEU P 175 -16.40 -13.63 -53.47
CA LEU P 175 -15.94 -12.36 -53.98
C LEU P 175 -15.25 -11.50 -52.93
N THR P 176 -14.04 -11.02 -53.25
CA THR P 176 -13.29 -10.18 -52.32
C THR P 176 -12.30 -9.24 -53.02
N SER P 177 -12.16 -9.38 -54.33
CA SER P 177 -11.23 -8.53 -55.09
C SER P 177 -11.90 -7.24 -55.52
N GLY P 178 -11.22 -6.11 -55.27
CA GLY P 178 -11.76 -4.81 -55.64
C GLY P 178 -13.02 -4.48 -54.88
N VAL P 179 -13.19 -5.10 -53.72
CA VAL P 179 -14.34 -4.88 -52.86
C VAL P 179 -13.96 -3.82 -51.86
N HIS P 180 -14.79 -2.78 -51.78
CA HIS P 180 -14.53 -1.68 -50.88
C HIS P 180 -15.73 -1.35 -50.00
N THR P 181 -15.68 -1.82 -48.76
CA THR P 181 -16.76 -1.52 -47.82
C THR P 181 -16.38 -0.26 -47.04
N PHE P 182 -16.95 0.88 -47.43
CA PHE P 182 -16.65 2.14 -46.77
C PHE P 182 -16.97 2.22 -45.29
N PRO P 183 -16.29 3.13 -44.56
CA PRO P 183 -16.54 3.31 -43.13
C PRO P 183 -17.94 3.88 -42.96
N ALA P 184 -18.56 3.65 -41.80
CA ALA P 184 -19.91 4.13 -41.59
C ALA P 184 -19.88 5.60 -41.34
N VAL P 185 -21.05 6.16 -41.10
CA VAL P 185 -21.19 7.59 -40.83
C VAL P 185 -22.38 7.75 -39.93
N LEU P 186 -22.22 8.58 -38.92
CA LEU P 186 -23.29 8.88 -37.99
C LEU P 186 -24.14 9.90 -38.69
N GLN P 187 -25.43 9.64 -38.80
CA GLN P 187 -26.31 10.55 -39.50
C GLN P 187 -26.99 11.58 -38.64
N SER P 188 -27.60 12.53 -39.34
CA SER P 188 -28.35 13.60 -38.74
C SER P 188 -29.34 12.86 -37.83
N SER P 189 -29.87 11.76 -38.36
CA SER P 189 -30.83 10.92 -37.67
C SER P 189 -30.26 10.44 -36.35
N GLY P 190 -29.07 9.88 -36.43
CA GLY P 190 -28.43 9.35 -35.24
C GLY P 190 -28.14 7.89 -35.52
N LEU P 191 -28.67 7.42 -36.65
CA LEU P 191 -28.47 6.04 -37.09
C LEU P 191 -27.25 6.02 -38.00
N TYR P 192 -26.55 4.88 -38.07
CA TYR P 192 -25.39 4.79 -38.94
C TYR P 192 -25.79 4.39 -40.37
N SER P 193 -24.78 4.19 -41.21
CA SER P 193 -25.01 3.79 -42.60
C SER P 193 -23.73 3.89 -43.44
N LEU P 194 -23.47 2.85 -44.20
CA LEU P 194 -22.33 2.79 -45.08
C LEU P 194 -22.83 2.05 -46.31
N SER P 195 -21.92 1.69 -47.19
CA SER P 195 -22.31 0.94 -48.37
C SER P 195 -21.07 0.35 -48.97
N SER P 196 -21.19 -0.87 -49.43
CA SER P 196 -20.07 -1.54 -50.06
C SER P 196 -20.36 -1.55 -51.56
N VAL P 197 -19.29 -1.67 -52.32
CA VAL P 197 -19.37 -1.68 -53.76
C VAL P 197 -18.27 -2.61 -54.24
N VAL P 198 -18.35 -2.99 -55.52
CA VAL P 198 -17.37 -3.89 -56.11
C VAL P 198 -17.10 -3.58 -57.56
N THR P 199 -15.88 -3.84 -58.00
CA THR P 199 -15.53 -3.57 -59.39
C THR P 199 -15.09 -4.84 -60.15
N VAL P 200 -16.02 -5.32 -60.99
CA VAL P 200 -15.85 -6.50 -61.82
C VAL P 200 -15.79 -6.03 -63.27
N PRO P 201 -15.66 -6.95 -64.25
CA PRO P 201 -15.59 -6.61 -65.68
C PRO P 201 -16.97 -6.44 -66.30
N SER P 202 -17.23 -5.28 -66.90
CA SER P 202 -18.52 -4.97 -67.53
C SER P 202 -19.13 -6.26 -68.04
N SER P 203 -18.44 -6.83 -69.03
CA SER P 203 -18.83 -8.07 -69.68
C SER P 203 -19.56 -9.04 -68.77
N SER P 204 -18.90 -9.46 -67.71
CA SER P 204 -19.47 -10.42 -66.77
C SER P 204 -20.80 -10.04 -66.16
N LEU P 205 -21.19 -8.77 -66.26
CA LEU P 205 -22.45 -8.34 -65.65
C LEU P 205 -23.58 -9.28 -65.94
N GLY P 206 -23.61 -9.83 -67.15
CA GLY P 206 -24.68 -10.75 -67.48
C GLY P 206 -24.40 -12.22 -67.20
N THR P 207 -23.13 -12.57 -67.05
CA THR P 207 -22.76 -13.97 -66.82
C THR P 207 -22.59 -14.43 -65.37
N GLN P 208 -22.28 -13.51 -64.46
CA GLN P 208 -22.12 -13.85 -63.04
C GLN P 208 -23.19 -13.22 -62.13
N THR P 209 -23.56 -13.94 -61.05
CA THR P 209 -24.55 -13.48 -60.08
C THR P 209 -23.87 -12.77 -58.95
N TYR P 210 -24.27 -11.52 -58.72
CA TYR P 210 -23.66 -10.75 -57.64
C TYR P 210 -24.60 -10.48 -56.48
N ILE P 211 -24.23 -10.99 -55.31
CA ILE P 211 -25.05 -10.82 -54.12
C ILE P 211 -24.22 -10.47 -52.89
N CYS P 212 -24.71 -9.51 -52.12
CA CYS P 212 -24.02 -9.09 -50.91
C CYS P 212 -24.73 -9.56 -49.65
N ASN P 213 -23.95 -10.05 -48.70
CA ASN P 213 -24.49 -10.56 -47.45
C ASN P 213 -24.27 -9.55 -46.34
N VAL P 214 -25.36 -8.98 -45.86
CA VAL P 214 -25.27 -7.99 -44.81
C VAL P 214 -25.73 -8.54 -43.47
N ASN P 215 -24.78 -8.80 -42.60
CA ASN P 215 -25.15 -9.30 -41.30
C ASN P 215 -24.94 -8.19 -40.27
N HIS P 216 -26.00 -7.87 -39.53
CA HIS P 216 -25.90 -6.85 -38.49
C HIS P 216 -26.16 -7.51 -37.14
N LYS P 217 -25.08 -7.98 -36.54
CA LYS P 217 -25.12 -8.66 -35.27
C LYS P 217 -26.21 -8.17 -34.31
N PRO P 218 -26.01 -7.00 -33.66
CA PRO P 218 -26.98 -6.44 -32.73
C PRO P 218 -28.44 -6.87 -32.84
N SER P 219 -29.04 -6.69 -34.01
CA SER P 219 -30.45 -7.04 -34.20
C SER P 219 -30.72 -8.31 -35.02
N ASN P 220 -30.05 -9.40 -34.67
CA ASN P 220 -30.20 -10.71 -35.34
C ASN P 220 -30.54 -10.58 -36.81
N THR P 221 -30.18 -9.44 -37.38
CA THR P 221 -30.44 -9.19 -38.77
C THR P 221 -29.43 -9.93 -39.61
N LYS P 222 -29.89 -10.35 -40.78
CA LYS P 222 -29.09 -11.05 -41.77
C LYS P 222 -29.90 -10.86 -43.03
N VAL P 223 -29.30 -10.30 -44.06
CA VAL P 223 -30.01 -10.06 -45.31
C VAL P 223 -29.09 -10.27 -46.50
N ASP P 224 -29.68 -10.63 -47.63
CA ASP P 224 -28.91 -10.82 -48.84
C ASP P 224 -29.76 -10.21 -49.94
N LYS P 225 -29.19 -9.25 -50.64
CA LYS P 225 -29.88 -8.56 -51.71
C LYS P 225 -29.17 -8.89 -53.01
N LYS P 226 -29.92 -9.33 -54.02
CA LYS P 226 -29.32 -9.66 -55.30
C LYS P 226 -29.15 -8.34 -56.04
N VAL P 227 -28.00 -8.16 -56.69
CA VAL P 227 -27.72 -6.94 -57.43
C VAL P 227 -27.59 -7.25 -58.93
N GLU P 228 -28.35 -6.53 -59.75
CA GLU P 228 -28.32 -6.74 -61.19
C GLU P 228 -28.39 -5.39 -61.87
N PRO P 229 -27.96 -5.32 -63.16
CA PRO P 229 -27.95 -4.10 -63.98
C PRO P 229 -29.35 -3.55 -64.28
#